data_5ZAB
#
_entry.id   5ZAB
#
_cell.length_a   91.800
_cell.length_b   97.550
_cell.length_c   121.840
_cell.angle_alpha   77.620
_cell.angle_beta   73.060
_cell.angle_gamma   75.170
#
_symmetry.space_group_name_H-M   'P 1'
#
loop_
_entity.id
_entity.type
_entity.pdbx_description
1 polymer Aequorin-2
2 non-polymer (2S)-8-benzyl-2-hydroperoxy-6-(4-hydroxyphenyl)-2-{[4-(trifluoromethyl)phenyl]methyl}imidazo[1,2-a]pyrazin-3(2H)-one
3 water water
#
_entity_poly.entity_id   1
_entity_poly.type   'polypeptide(L)'
_entity_poly.pdbx_seq_one_letter_code
;ANSHHHHHHGKLTSDFDNPRWIGRHKHMFNFLDVNHNGKISLDEMVYKASDIVINNLGATPEQAKRHKDAVEAFFGGAGM
KYGVETDWPAYIEGWKKLATDELEKYAKNEPTLIRIWGDALFDIVDKDQNGAITLDEWKAYTKAAGIIQSSEDCEETFRV
CDIDESGQLDVDEMTRQHLGFWYTMDPACEKLYGGAVP
;
_entity_poly.pdbx_strand_id   A,B,C,D,E,F,G,H,I,J,K,L,M,N,O,P
#
loop_
_chem_comp.id
_chem_comp.type
_chem_comp.name
_chem_comp.formula
9A3 non-polymer (2S)-8-benzyl-2-hydroperoxy-6-(4-hydroxyphenyl)-2-{[4-(trifluoromethyl)phenyl]methyl}imidazo[1,2-a]pyrazin-3(2H)-one 'C27 H20 F3 N3 O4'
#
# COMPACT_ATOMS: atom_id res chain seq x y z
N HIS A 8 11.95 -58.65 28.87
CA HIS A 8 11.06 -57.50 29.01
C HIS A 8 9.77 -57.70 28.25
N HIS A 9 8.66 -57.55 28.95
CA HIS A 9 7.33 -57.78 28.37
C HIS A 9 6.41 -56.59 28.48
N GLY A 10 6.68 -55.65 29.37
CA GLY A 10 5.80 -54.53 29.56
C GLY A 10 6.34 -53.58 30.60
N LYS A 11 5.42 -52.78 31.14
CA LYS A 11 5.75 -51.73 32.10
C LYS A 11 4.58 -51.57 33.03
N LEU A 12 4.86 -51.50 34.32
CA LEU A 12 3.81 -51.42 35.34
C LEU A 12 3.97 -50.19 36.22
N THR A 13 4.82 -49.26 35.85
CA THR A 13 5.07 -48.08 36.66
C THR A 13 4.52 -46.84 35.96
N SER A 14 3.90 -45.97 36.73
CA SER A 14 3.35 -44.74 36.21
C SER A 14 4.48 -43.75 35.97
N ASP A 15 4.17 -42.65 35.29
CA ASP A 15 5.18 -41.65 34.95
C ASP A 15 4.50 -40.30 34.91
N PHE A 16 3.77 -39.98 36.00
CA PHE A 16 2.83 -38.87 36.00
C PHE A 16 3.49 -37.50 36.00
N ASP A 17 4.76 -37.40 36.37
CA ASP A 17 5.47 -36.12 36.32
C ASP A 17 6.18 -35.88 35.00
N ASN A 18 6.16 -36.84 34.08
CA ASN A 18 6.74 -36.65 32.76
C ASN A 18 5.91 -35.64 31.98
N PRO A 19 6.49 -34.52 31.53
CA PRO A 19 5.68 -33.53 30.78
C PRO A 19 5.05 -34.08 29.53
N ARG A 20 5.64 -35.10 28.92
CA ARG A 20 5.02 -35.72 27.76
C ARG A 20 3.81 -36.56 28.12
N TRP A 21 3.71 -37.05 29.36
CA TRP A 21 2.48 -37.75 29.72
C TRP A 21 1.35 -36.75 29.88
N ILE A 22 1.64 -35.63 30.53
CA ILE A 22 0.66 -34.58 30.73
C ILE A 22 0.24 -34.00 29.38
N GLY A 23 1.21 -33.79 28.48
CA GLY A 23 0.92 -33.19 27.18
C GLY A 23 0.20 -34.12 26.25
N ARG A 24 0.39 -35.43 26.41
CA ARG A 24 -0.39 -36.37 25.63
C ARG A 24 -1.86 -36.22 25.96
N HIS A 25 -2.18 -36.13 27.25
CA HIS A 25 -3.56 -35.96 27.66
C HIS A 25 -4.06 -34.55 27.51
N LYS A 26 -3.17 -33.55 27.45
CA LYS A 26 -3.63 -32.21 27.11
C LYS A 26 -4.06 -32.16 25.65
N HIS A 27 -3.30 -32.80 24.76
CA HIS A 27 -3.72 -32.92 23.37
C HIS A 27 -5.11 -33.56 23.26
N MET A 28 -5.36 -34.63 24.01
CA MET A 28 -6.65 -35.31 23.96
C MET A 28 -7.76 -34.47 24.59
N PHE A 29 -7.47 -33.78 25.70
CA PHE A 29 -8.46 -32.86 26.27
C PHE A 29 -8.88 -31.82 25.23
N ASN A 30 -7.90 -31.24 24.53
CA ASN A 30 -8.20 -30.24 23.50
C ASN A 30 -8.95 -30.86 22.32
N PHE A 31 -8.61 -32.09 21.95
CA PHE A 31 -9.33 -32.79 20.90
C PHE A 31 -10.77 -33.05 21.31
N LEU A 32 -10.99 -33.32 22.59
CA LEU A 32 -12.33 -33.55 23.11
C LEU A 32 -13.09 -32.25 23.33
N ASP A 33 -12.37 -31.16 23.60
CA ASP A 33 -13.01 -29.87 23.88
C ASP A 33 -13.28 -29.14 22.56
N VAL A 34 -14.24 -29.70 21.80
CA VAL A 34 -14.46 -29.24 20.42
C VAL A 34 -14.96 -27.80 20.36
N ASN A 35 -15.62 -27.31 21.41
CA ASN A 35 -16.15 -25.95 21.43
C ASN A 35 -15.24 -24.98 22.19
N HIS A 36 -14.04 -25.42 22.55
CA HIS A 36 -13.02 -24.59 23.18
C HIS A 36 -13.58 -23.87 24.41
N ASN A 37 -14.35 -24.61 25.21
CA ASN A 37 -14.86 -24.11 26.48
C ASN A 37 -13.86 -24.29 27.61
N GLY A 38 -12.77 -25.00 27.39
CA GLY A 38 -11.93 -25.34 28.52
C GLY A 38 -12.54 -26.31 29.50
N LYS A 39 -13.67 -26.93 29.16
CA LYS A 39 -14.29 -27.90 30.06
C LYS A 39 -15.14 -28.86 29.25
N ILE A 40 -15.18 -30.12 29.71
CA ILE A 40 -15.95 -31.18 29.06
C ILE A 40 -16.73 -31.94 30.12
N SER A 41 -17.78 -32.64 29.68
CA SER A 41 -18.67 -33.37 30.56
C SER A 41 -18.76 -34.83 30.15
N LEU A 42 -19.10 -35.68 31.13
CA LEU A 42 -19.34 -37.08 30.81
C LEU A 42 -20.48 -37.23 29.81
N ASP A 43 -21.45 -36.31 29.86
CA ASP A 43 -22.56 -36.33 28.91
C ASP A 43 -22.03 -36.29 27.49
N GLU A 44 -21.08 -35.37 27.21
CA GLU A 44 -20.54 -35.20 25.88
C GLU A 44 -19.72 -36.42 25.47
N MET A 45 -18.96 -36.99 26.41
CA MET A 45 -18.12 -38.14 26.08
C MET A 45 -18.98 -39.31 25.65
N VAL A 46 -20.03 -39.61 26.42
CA VAL A 46 -20.86 -40.75 26.03
C VAL A 46 -21.72 -40.40 24.81
N TYR A 47 -22.05 -39.12 24.59
CA TYR A 47 -22.75 -38.75 23.36
C TYR A 47 -21.86 -39.04 22.16
N LYS A 48 -20.62 -38.53 22.20
CA LYS A 48 -19.66 -38.75 21.13
C LYS A 48 -19.47 -40.23 20.83
N ALA A 49 -19.28 -41.05 21.88
CA ALA A 49 -19.04 -42.48 21.68
C ALA A 49 -20.19 -43.14 20.93
N SER A 50 -21.42 -42.87 21.38
CA SER A 50 -22.58 -43.48 20.71
C SER A 50 -22.85 -42.86 19.34
N ASP A 51 -22.57 -41.55 19.20
CA ASP A 51 -22.72 -40.92 17.89
C ASP A 51 -21.84 -41.61 16.86
N ILE A 52 -20.59 -41.90 17.22
CA ILE A 52 -19.65 -42.53 16.28
C ILE A 52 -20.14 -43.92 15.88
N VAL A 53 -20.42 -44.78 16.86
CA VAL A 53 -20.64 -46.19 16.54
C VAL A 53 -22.00 -46.40 15.88
N ILE A 54 -23.02 -45.66 16.32
CA ILE A 54 -24.34 -45.80 15.71
C ILE A 54 -24.39 -45.13 14.35
N ASN A 55 -23.94 -43.87 14.26
CA ASN A 55 -24.14 -43.08 13.05
C ASN A 55 -23.02 -43.22 12.03
N ASN A 56 -21.85 -43.73 12.41
CA ASN A 56 -20.79 -43.88 11.44
C ASN A 56 -20.37 -45.32 11.23
N LEU A 57 -20.60 -46.21 12.19
CA LEU A 57 -20.04 -47.56 12.15
C LEU A 57 -21.10 -48.66 12.17
N GLY A 58 -22.37 -48.31 12.07
CA GLY A 58 -23.44 -49.30 11.92
C GLY A 58 -23.64 -50.24 13.09
N ALA A 59 -23.45 -49.74 14.31
CA ALA A 59 -23.65 -50.58 15.49
C ALA A 59 -25.14 -50.75 15.78
N THR A 60 -25.50 -51.92 16.31
CA THR A 60 -26.86 -52.18 16.79
C THR A 60 -27.10 -51.45 18.12
N PRO A 61 -28.36 -51.30 18.53
CA PRO A 61 -28.62 -50.67 19.84
C PRO A 61 -27.94 -51.38 20.99
N GLU A 62 -27.90 -52.72 20.97
CA GLU A 62 -27.29 -53.51 22.04
C GLU A 62 -25.77 -53.31 22.07
N GLN A 63 -25.14 -53.35 20.89
CA GLN A 63 -23.73 -53.03 20.78
C GLN A 63 -23.42 -51.61 21.25
N ALA A 64 -24.29 -50.65 20.90
CA ALA A 64 -24.06 -49.26 21.29
C ALA A 64 -24.17 -49.10 22.80
N LYS A 65 -25.12 -49.80 23.41
CA LYS A 65 -25.27 -49.83 24.86
C LYS A 65 -24.05 -50.41 25.54
N ARG A 66 -23.52 -51.52 25.01
CA ARG A 66 -22.32 -52.11 25.60
C ARG A 66 -21.14 -51.15 25.49
N HIS A 67 -20.96 -50.55 24.30
CA HIS A 67 -19.89 -49.58 24.08
C HIS A 67 -20.06 -48.35 24.94
N LYS A 68 -21.30 -47.87 25.10
CA LYS A 68 -21.52 -46.71 25.96
C LYS A 68 -21.14 -47.01 27.41
N ASP A 69 -21.55 -48.17 27.93
CA ASP A 69 -21.20 -48.52 29.30
C ASP A 69 -19.68 -48.56 29.49
N ALA A 70 -18.96 -49.06 28.49
CA ALA A 70 -17.50 -49.09 28.60
C ALA A 70 -16.92 -47.68 28.62
N VAL A 71 -17.38 -46.80 27.71
CA VAL A 71 -16.88 -45.43 27.68
C VAL A 71 -17.26 -44.69 28.95
N GLU A 72 -18.49 -44.90 29.42
CA GLU A 72 -18.94 -44.26 30.66
C GLU A 72 -18.05 -44.62 31.84
N ALA A 73 -17.73 -45.91 31.98
CA ALA A 73 -16.89 -46.33 33.09
C ALA A 73 -15.47 -45.79 32.96
N PHE A 74 -14.96 -45.69 31.72
CA PHE A 74 -13.61 -45.18 31.47
C PHE A 74 -13.47 -43.72 31.89
N PHE A 75 -14.28 -42.80 31.32
CA PHE A 75 -14.17 -41.39 31.74
C PHE A 75 -14.70 -41.19 33.15
N GLY A 76 -15.65 -42.02 33.60
CA GLY A 76 -16.03 -41.97 35.00
C GLY A 76 -14.87 -42.32 35.92
N GLY A 77 -13.98 -43.21 35.48
CA GLY A 77 -12.80 -43.53 36.26
C GLY A 77 -11.82 -42.39 36.39
N ALA A 78 -11.90 -41.41 35.49
CA ALA A 78 -11.07 -40.22 35.61
C ALA A 78 -11.78 -39.11 36.36
N GLY A 79 -12.87 -39.43 37.07
CA GLY A 79 -13.57 -38.47 37.88
C GLY A 79 -14.65 -37.67 37.17
N MET A 80 -14.88 -37.91 35.89
CA MET A 80 -15.93 -37.18 35.18
C MET A 80 -17.30 -37.74 35.54
N LYS A 81 -18.29 -36.87 35.62
CA LYS A 81 -19.64 -37.22 36.03
C LYS A 81 -20.67 -36.55 35.13
N TYR A 82 -21.85 -37.14 35.09
CA TYR A 82 -22.96 -36.54 34.35
C TYR A 82 -23.38 -35.24 34.99
N GLY A 83 -23.65 -34.24 34.16
CA GLY A 83 -24.03 -32.92 34.62
C GLY A 83 -22.92 -32.09 35.23
N VAL A 84 -21.66 -32.53 35.13
CA VAL A 84 -20.53 -31.80 35.70
C VAL A 84 -19.58 -31.42 34.57
N GLU A 85 -19.13 -30.18 34.59
CA GLU A 85 -18.13 -29.75 33.61
C GLU A 85 -16.75 -29.89 34.25
N THR A 86 -15.89 -30.65 33.58
CA THR A 86 -14.57 -30.99 34.06
C THR A 86 -13.56 -30.11 33.33
N ASP A 87 -12.83 -29.27 34.08
CA ASP A 87 -11.83 -28.43 33.43
C ASP A 87 -10.51 -29.18 33.31
N TRP A 88 -9.52 -28.52 32.71
CA TRP A 88 -8.25 -29.21 32.46
C TRP A 88 -7.55 -29.67 33.73
N PRO A 89 -7.37 -28.84 34.78
CA PRO A 89 -6.74 -29.36 36.02
C PRO A 89 -7.50 -30.49 36.67
N ALA A 90 -8.84 -30.42 36.67
CA ALA A 90 -9.60 -31.56 37.19
C ALA A 90 -9.44 -32.79 36.31
N TYR A 91 -9.26 -32.59 35.00
CA TYR A 91 -9.12 -33.71 34.09
C TYR A 91 -7.81 -34.46 34.31
N ILE A 92 -6.68 -33.74 34.35
CA ILE A 92 -5.40 -34.43 34.46
C ILE A 92 -5.22 -35.02 35.86
N GLU A 93 -5.76 -34.37 36.88
CA GLU A 93 -5.73 -34.97 38.21
C GLU A 93 -6.58 -36.23 38.26
N GLY A 94 -7.75 -36.22 37.63
CA GLY A 94 -8.56 -37.42 37.59
C GLY A 94 -7.92 -38.52 36.79
N TRP A 95 -7.14 -38.16 35.77
CA TRP A 95 -6.42 -39.17 34.98
C TRP A 95 -5.31 -39.84 35.76
N LYS A 96 -4.70 -39.15 36.75
CA LYS A 96 -3.77 -39.85 37.63
C LYS A 96 -4.47 -40.97 38.39
N LYS A 97 -5.70 -40.69 38.88
CA LYS A 97 -6.49 -41.71 39.57
C LYS A 97 -6.89 -42.84 38.63
N LEU A 98 -7.36 -42.49 37.41
CA LEU A 98 -7.73 -43.53 36.45
C LEU A 98 -6.54 -44.40 36.11
N ALA A 99 -5.39 -43.79 35.80
CA ALA A 99 -4.20 -44.56 35.46
C ALA A 99 -3.74 -45.42 36.65
N THR A 100 -3.83 -44.89 37.87
CA THR A 100 -3.43 -45.69 39.03
C THR A 100 -4.37 -46.88 39.23
N ASP A 101 -5.69 -46.64 39.15
CA ASP A 101 -6.61 -47.74 39.33
C ASP A 101 -6.50 -48.78 38.22
N GLU A 102 -6.22 -48.32 36.99
CA GLU A 102 -6.03 -49.26 35.90
C GLU A 102 -4.77 -50.11 36.08
N LEU A 103 -3.66 -49.48 36.51
CA LEU A 103 -2.42 -50.23 36.70
C LEU A 103 -2.53 -51.25 37.83
N GLU A 104 -3.36 -51.00 38.84
CA GLU A 104 -3.61 -52.00 39.86
C GLU A 104 -4.37 -53.19 39.30
N LYS A 105 -5.45 -52.95 38.53
CA LYS A 105 -6.15 -54.05 37.88
C LYS A 105 -5.22 -54.80 36.95
N TYR A 106 -4.43 -54.04 36.17
CA TYR A 106 -3.46 -54.62 35.27
C TYR A 106 -2.53 -55.58 36.01
N ALA A 107 -1.99 -55.11 37.14
CA ALA A 107 -1.00 -55.88 37.91
C ALA A 107 -1.64 -57.07 38.65
N LYS A 108 -2.93 -56.97 38.97
CA LYS A 108 -3.68 -58.06 39.56
C LYS A 108 -4.24 -59.01 38.51
N ASN A 109 -3.86 -58.82 37.25
CA ASN A 109 -4.32 -59.63 36.12
C ASN A 109 -5.85 -59.64 36.01
N GLU A 110 -6.51 -58.43 36.35
CA GLU A 110 -7.93 -58.17 36.17
C GLU A 110 -8.18 -57.42 34.87
N PRO A 111 -9.33 -57.64 34.23
CA PRO A 111 -9.66 -56.84 33.02
C PRO A 111 -9.69 -55.35 33.32
N THR A 112 -8.87 -54.60 32.60
CA THR A 112 -8.82 -53.15 32.76
C THR A 112 -10.02 -52.50 32.06
N LEU A 113 -10.29 -51.25 32.45
CA LEU A 113 -11.35 -50.49 31.78
C LEU A 113 -11.04 -50.28 30.31
N ILE A 114 -9.77 -50.07 29.98
CA ILE A 114 -9.43 -49.85 28.57
C ILE A 114 -9.67 -51.13 27.76
N ARG A 115 -9.37 -52.28 28.35
CA ARG A 115 -9.63 -53.55 27.65
C ARG A 115 -11.13 -53.77 27.42
N ILE A 116 -11.94 -53.49 28.43
CA ILE A 116 -13.38 -53.65 28.29
C ILE A 116 -13.91 -52.71 27.20
N TRP A 117 -13.36 -51.50 27.11
CA TRP A 117 -13.73 -50.61 26.00
C TRP A 117 -13.35 -51.22 24.67
N GLY A 118 -12.13 -51.76 24.58
CA GLY A 118 -11.69 -52.37 23.33
C GLY A 118 -12.58 -53.51 22.87
N ASP A 119 -13.00 -54.38 23.80
CA ASP A 119 -13.89 -55.48 23.41
C ASP A 119 -15.18 -54.95 22.81
N ALA A 120 -15.81 -53.99 23.48
CA ALA A 120 -17.06 -53.44 23.01
C ALA A 120 -16.89 -52.74 21.66
N LEU A 121 -15.76 -52.06 21.46
CA LEU A 121 -15.54 -51.38 20.21
C LEU A 121 -15.21 -52.35 19.08
N PHE A 122 -14.33 -53.32 19.34
CA PHE A 122 -13.96 -54.27 18.28
C PHE A 122 -15.15 -55.09 17.81
N ASP A 123 -16.12 -55.36 18.68
CA ASP A 123 -17.31 -56.07 18.25
C ASP A 123 -18.09 -55.25 17.20
N ILE A 124 -17.98 -53.93 17.23
CA ILE A 124 -18.63 -53.09 16.22
C ILE A 124 -17.78 -52.95 14.98
N VAL A 125 -16.48 -52.67 15.17
CA VAL A 125 -15.62 -52.33 14.04
C VAL A 125 -15.27 -53.56 13.22
N ASP A 126 -15.06 -54.69 13.88
CA ASP A 126 -14.73 -55.93 13.20
C ASP A 126 -15.99 -56.56 12.61
N LYS A 127 -16.01 -56.69 11.29
CA LYS A 127 -17.21 -57.21 10.63
C LYS A 127 -17.41 -58.69 10.92
N ASP A 128 -16.32 -59.43 11.11
CA ASP A 128 -16.37 -60.84 11.50
C ASP A 128 -16.65 -61.03 12.99
N GLN A 129 -16.51 -59.98 13.78
CA GLN A 129 -16.86 -59.98 15.19
C GLN A 129 -16.08 -61.03 15.99
N ASN A 130 -14.81 -61.25 15.65
CA ASN A 130 -13.94 -62.11 16.44
C ASN A 130 -12.90 -61.34 17.23
N GLY A 131 -13.04 -60.02 17.36
CA GLY A 131 -12.06 -59.27 18.13
C GLY A 131 -10.78 -58.89 17.44
N ALA A 132 -10.78 -58.83 16.10
CA ALA A 132 -9.60 -58.39 15.37
C ALA A 132 -10.04 -57.52 14.21
N ILE A 133 -9.34 -56.39 14.00
CA ILE A 133 -9.76 -55.42 13.01
C ILE A 133 -8.70 -55.28 11.95
N THR A 134 -9.16 -55.00 10.73
CA THR A 134 -8.30 -54.76 9.59
C THR A 134 -7.81 -53.32 9.60
N LEU A 135 -6.88 -53.01 8.69
CA LEU A 135 -6.39 -51.66 8.58
C LEU A 135 -7.49 -50.69 8.12
N ASP A 136 -8.35 -51.14 7.19
CA ASP A 136 -9.47 -50.31 6.77
C ASP A 136 -10.44 -50.07 7.91
N GLU A 137 -10.64 -51.07 8.76
CA GLU A 137 -11.56 -50.92 9.88
C GLU A 137 -11.01 -49.96 10.93
N TRP A 138 -9.70 -49.98 11.15
CA TRP A 138 -9.07 -49.03 12.06
C TRP A 138 -9.09 -47.62 11.48
N LYS A 139 -8.90 -47.48 10.17
CA LYS A 139 -9.04 -46.17 9.55
C LYS A 139 -10.46 -45.64 9.73
N ALA A 140 -11.44 -46.50 9.53
CA ALA A 140 -12.82 -46.09 9.64
C ALA A 140 -13.17 -45.63 11.05
N TYR A 141 -12.68 -46.34 12.07
CA TYR A 141 -12.99 -45.93 13.44
C TYR A 141 -12.29 -44.61 13.77
N THR A 142 -10.97 -44.55 13.58
CA THR A 142 -10.23 -43.38 14.05
C THR A 142 -10.58 -42.13 13.25
N LYS A 143 -10.88 -42.26 11.96
CA LYS A 143 -11.24 -41.06 11.23
C LYS A 143 -12.64 -40.60 11.61
N ALA A 144 -13.54 -41.52 11.91
CA ALA A 144 -14.85 -41.10 12.40
C ALA A 144 -14.74 -40.40 13.75
N ALA A 145 -13.94 -40.96 14.67
CA ALA A 145 -13.74 -40.30 15.96
C ALA A 145 -12.95 -39.02 15.79
N GLY A 146 -12.10 -38.96 14.77
CA GLY A 146 -11.22 -37.83 14.55
C GLY A 146 -9.89 -37.92 15.27
N ILE A 147 -9.63 -38.99 16.02
CA ILE A 147 -8.36 -39.06 16.75
C ILE A 147 -7.21 -39.15 15.77
N ILE A 148 -7.43 -39.73 14.59
CA ILE A 148 -6.44 -39.72 13.52
C ILE A 148 -7.08 -39.11 12.28
N GLN A 149 -6.33 -38.28 11.57
CA GLN A 149 -6.81 -37.72 10.31
C GLN A 149 -6.21 -38.41 9.08
N SER A 150 -4.90 -38.64 9.04
CA SER A 150 -4.27 -39.21 7.85
C SER A 150 -4.13 -40.73 7.95
N SER A 151 -4.23 -41.38 6.79
CA SER A 151 -4.08 -42.82 6.74
C SER A 151 -2.68 -43.29 7.13
N GLU A 152 -1.66 -42.43 6.95
CA GLU A 152 -0.31 -42.82 7.31
C GLU A 152 -0.19 -43.09 8.80
N ASP A 153 -0.89 -42.30 9.61
CA ASP A 153 -0.87 -42.50 11.04
C ASP A 153 -1.54 -43.81 11.43
N CYS A 154 -2.62 -44.18 10.73
CA CYS A 154 -3.26 -45.46 10.99
C CYS A 154 -2.30 -46.61 10.73
N GLU A 155 -1.46 -46.47 9.72
CA GLU A 155 -0.47 -47.51 9.45
C GLU A 155 0.57 -47.59 10.56
N GLU A 156 0.89 -46.45 11.19
CA GLU A 156 1.86 -46.48 12.28
C GLU A 156 1.34 -47.33 13.44
N THR A 157 0.03 -47.38 13.62
CA THR A 157 -0.51 -48.25 14.66
C THR A 157 -0.13 -49.70 14.41
N PHE A 158 -0.25 -50.14 13.14
CA PHE A 158 0.12 -51.53 12.83
C PHE A 158 1.61 -51.74 12.97
N ARG A 159 2.41 -50.71 12.66
CA ARG A 159 3.85 -50.87 12.85
C ARG A 159 4.19 -50.98 14.33
N VAL A 160 3.52 -50.21 15.19
CA VAL A 160 3.84 -50.25 16.60
C VAL A 160 3.39 -51.56 17.24
N CYS A 161 2.27 -52.12 16.77
CA CYS A 161 1.78 -53.41 17.27
C CYS A 161 2.45 -54.62 16.61
N ASP A 162 3.46 -54.40 15.77
CA ASP A 162 4.16 -55.44 15.03
C ASP A 162 3.15 -56.40 14.36
N ILE A 163 2.25 -55.81 13.59
CA ILE A 163 1.31 -56.52 12.74
C ILE A 163 1.42 -55.93 11.33
N ASP A 164 1.43 -56.79 10.31
CA ASP A 164 1.50 -56.25 8.96
C ASP A 164 0.19 -55.55 8.62
N GLU A 165 0.26 -54.62 7.65
CA GLU A 165 -0.92 -53.84 7.30
C GLU A 165 -2.02 -54.70 6.70
N SER A 166 -1.67 -55.86 6.15
CA SER A 166 -2.65 -56.81 5.64
C SER A 166 -3.19 -57.74 6.73
N GLY A 167 -2.61 -57.72 7.92
CA GLY A 167 -3.05 -58.58 9.01
C GLY A 167 -4.17 -57.98 9.83
N GLN A 168 -4.49 -58.65 10.92
CA GLN A 168 -5.52 -58.23 11.85
C GLN A 168 -4.88 -57.63 13.11
N LEU A 169 -5.65 -56.81 13.82
CA LEU A 169 -5.19 -56.23 15.08
C LEU A 169 -6.11 -56.75 16.16
N ASP A 170 -5.56 -57.50 17.11
CA ASP A 170 -6.39 -58.09 18.13
C ASP A 170 -6.46 -57.19 19.35
N VAL A 171 -7.52 -57.39 20.15
CA VAL A 171 -7.68 -56.58 21.35
C VAL A 171 -6.52 -56.79 22.30
N ASP A 172 -5.96 -58.02 22.30
CA ASP A 172 -4.90 -58.37 23.24
C ASP A 172 -3.64 -57.53 22.98
N GLU A 173 -3.16 -57.50 21.74
CA GLU A 173 -1.97 -56.71 21.46
C GLU A 173 -2.27 -55.21 21.56
N MET A 174 -3.49 -54.81 21.19
CA MET A 174 -3.88 -53.41 21.25
C MET A 174 -3.98 -52.93 22.69
N THR A 175 -4.52 -53.79 23.57
CA THR A 175 -4.59 -53.42 24.98
C THR A 175 -3.20 -53.16 25.56
N ARG A 176 -2.24 -54.00 25.21
CA ARG A 176 -0.87 -53.80 25.70
C ARG A 176 -0.32 -52.45 25.29
N GLN A 177 -0.47 -52.11 24.01
CA GLN A 177 0.05 -50.84 23.50
C GLN A 177 -0.71 -49.66 24.09
N HIS A 178 -2.04 -49.79 24.26
CA HIS A 178 -2.83 -48.68 24.81
C HIS A 178 -2.54 -48.47 26.29
N LEU A 179 -2.34 -49.54 27.06
CA LEU A 179 -1.94 -49.37 28.45
C LEU A 179 -0.62 -48.61 28.53
N GLY A 180 0.34 -48.97 27.69
CA GLY A 180 1.62 -48.29 27.67
C GLY A 180 1.57 -46.89 27.10
N PHE A 181 0.63 -46.63 26.18
CA PHE A 181 0.58 -45.31 25.56
C PHE A 181 -0.11 -44.28 26.47
N TRP A 182 -1.23 -44.66 27.10
CA TRP A 182 -1.99 -43.73 27.91
C TRP A 182 -1.61 -43.76 29.39
N TYR A 183 -1.12 -44.88 29.91
CA TYR A 183 -0.92 -45.01 31.36
C TYR A 183 0.53 -44.92 31.79
N THR A 184 1.46 -45.60 31.12
CA THR A 184 2.80 -45.78 31.66
C THR A 184 3.91 -45.09 30.87
N MET A 185 3.60 -44.47 29.72
CA MET A 185 4.63 -43.87 28.87
C MET A 185 5.69 -44.91 28.49
N ASP A 186 5.24 -46.10 28.14
CA ASP A 186 6.10 -47.18 27.69
C ASP A 186 6.82 -46.79 26.42
N PRO A 187 8.16 -46.76 26.40
CA PRO A 187 8.90 -46.35 25.19
C PRO A 187 8.64 -47.25 24.00
N ALA A 188 8.24 -48.50 24.22
CA ALA A 188 7.92 -49.36 23.10
C ALA A 188 6.61 -49.00 22.42
N CYS A 189 5.79 -48.15 23.04
CA CYS A 189 4.48 -47.79 22.50
C CYS A 189 4.47 -46.41 21.88
N GLU A 190 5.62 -45.75 21.78
CA GLU A 190 5.65 -44.43 21.19
C GLU A 190 5.15 -44.52 19.75
N LYS A 191 4.55 -43.42 19.27
CA LYS A 191 4.03 -43.32 17.92
C LYS A 191 2.87 -44.28 17.63
N LEU A 192 2.16 -44.73 18.67
CA LEU A 192 1.03 -45.64 18.47
C LEU A 192 -0.05 -45.06 17.54
N TYR A 193 -0.23 -43.74 17.58
CA TYR A 193 -1.13 -43.03 16.68
C TYR A 193 -0.37 -42.21 15.63
N GLY A 194 0.82 -42.64 15.27
CA GLY A 194 1.57 -41.89 14.28
C GLY A 194 1.88 -40.49 14.77
N GLY A 195 1.67 -39.49 13.90
CA GLY A 195 1.88 -38.13 14.33
C GLY A 195 0.66 -37.45 14.89
N ALA A 196 -0.47 -38.17 14.99
CA ALA A 196 -1.72 -37.54 15.39
C ALA A 196 -1.76 -37.20 16.88
N VAL A 197 -1.09 -37.99 17.72
CA VAL A 197 -1.11 -37.76 19.17
C VAL A 197 0.31 -37.73 19.68
N PRO A 198 0.74 -36.68 20.40
CA PRO A 198 2.10 -36.61 20.91
C PRO A 198 2.32 -37.71 21.94
N HIS B 7 -47.15 -18.64 -10.95
CA HIS B 7 -48.31 -18.47 -10.07
C HIS B 7 -47.90 -18.70 -8.61
N HIS B 8 -47.57 -19.94 -8.26
CA HIS B 8 -47.12 -20.28 -6.91
C HIS B 8 -45.59 -20.31 -6.86
N HIS B 9 -45.03 -19.81 -5.74
CA HIS B 9 -43.59 -19.79 -5.53
C HIS B 9 -43.16 -20.48 -4.25
N GLY B 10 -44.08 -20.87 -3.39
CA GLY B 10 -43.72 -21.55 -2.15
C GLY B 10 -44.88 -21.61 -1.18
N LYS B 11 -44.54 -21.63 0.11
CA LYS B 11 -45.51 -21.80 1.18
C LYS B 11 -44.97 -21.08 2.42
N LEU B 12 -45.84 -20.30 3.05
CA LEU B 12 -45.49 -19.47 4.20
C LEU B 12 -46.37 -19.77 5.41
N THR B 13 -47.09 -20.87 5.38
CA THR B 13 -48.00 -21.25 6.44
C THR B 13 -47.50 -22.55 7.09
N SER B 14 -47.61 -22.63 8.39
CA SER B 14 -47.20 -23.83 9.12
C SER B 14 -48.26 -24.92 8.98
N ASP B 15 -47.91 -26.12 9.44
CA ASP B 15 -48.81 -27.26 9.33
C ASP B 15 -48.59 -28.18 10.53
N PHE B 16 -48.69 -27.62 11.74
CA PHE B 16 -48.24 -28.30 12.96
C PHE B 16 -49.15 -29.45 13.38
N ASP B 17 -50.39 -29.49 12.89
CA ASP B 17 -51.29 -30.60 13.19
C ASP B 17 -51.14 -31.73 12.19
N ASN B 18 -50.35 -31.53 11.15
CA ASN B 18 -50.05 -32.58 10.20
C ASN B 18 -49.24 -33.66 10.89
N PRO B 19 -49.74 -34.89 10.98
CA PRO B 19 -48.98 -35.96 11.65
C PRO B 19 -47.64 -36.24 11.00
N ARG B 20 -47.50 -35.96 9.70
CA ARG B 20 -46.23 -36.18 9.02
C ARG B 20 -45.19 -35.13 9.39
N TRP B 21 -45.60 -33.95 9.85
CA TRP B 21 -44.64 -32.99 10.38
C TRP B 21 -44.15 -33.46 11.74
N ILE B 22 -45.08 -33.97 12.55
CA ILE B 22 -44.74 -34.49 13.87
C ILE B 22 -43.77 -35.65 13.74
N GLY B 23 -44.08 -36.58 12.82
CA GLY B 23 -43.25 -37.77 12.69
C GLY B 23 -41.91 -37.47 12.07
N ARG B 24 -41.82 -36.43 11.25
CA ARG B 24 -40.56 -36.00 10.67
C ARG B 24 -39.59 -35.56 11.75
N HIS B 25 -40.06 -34.72 12.69
CA HIS B 25 -39.21 -34.25 13.77
C HIS B 25 -39.05 -35.29 14.87
N LYS B 26 -40.01 -36.21 15.04
CA LYS B 26 -39.78 -37.30 15.98
C LYS B 26 -38.68 -38.21 15.48
N HIS B 27 -38.65 -38.48 14.17
CA HIS B 27 -37.53 -39.22 13.60
C HIS B 27 -36.21 -38.56 13.93
N MET B 28 -36.14 -37.22 13.80
CA MET B 28 -34.89 -36.52 14.10
C MET B 28 -34.56 -36.55 15.59
N PHE B 29 -35.56 -36.39 16.44
CA PHE B 29 -35.33 -36.48 17.89
C PHE B 29 -34.69 -37.81 18.25
N ASN B 30 -35.24 -38.91 17.73
CA ASN B 30 -34.66 -40.22 18.02
C ASN B 30 -33.25 -40.35 17.44
N PHE B 31 -33.01 -39.75 16.27
CA PHE B 31 -31.67 -39.76 15.68
C PHE B 31 -30.69 -38.94 16.53
N LEU B 32 -31.16 -37.87 17.16
CA LEU B 32 -30.29 -37.07 18.00
C LEU B 32 -30.11 -37.68 19.38
N ASP B 33 -31.07 -38.48 19.84
CA ASP B 33 -31.03 -39.15 21.15
C ASP B 33 -30.29 -40.49 21.01
N VAL B 34 -28.98 -40.39 20.79
CA VAL B 34 -28.20 -41.56 20.43
C VAL B 34 -28.13 -42.58 21.56
N ASN B 35 -28.29 -42.15 22.82
CA ASN B 35 -28.25 -43.07 23.94
C ASN B 35 -29.62 -43.47 24.45
N HIS B 36 -30.70 -43.13 23.71
CA HIS B 36 -32.05 -43.55 24.08
C HIS B 36 -32.43 -43.05 25.46
N ASN B 37 -32.09 -41.81 25.79
CA ASN B 37 -32.47 -41.25 27.07
C ASN B 37 -33.87 -40.66 27.07
N GLY B 38 -34.52 -40.55 25.92
CA GLY B 38 -35.76 -39.81 25.90
C GLY B 38 -35.59 -38.32 26.12
N LYS B 39 -34.36 -37.81 26.10
CA LYS B 39 -34.13 -36.38 26.27
C LYS B 39 -32.77 -36.02 25.71
N ILE B 40 -32.65 -34.80 25.18
CA ILE B 40 -31.41 -34.29 24.61
C ILE B 40 -31.19 -32.87 25.11
N SER B 41 -29.94 -32.42 25.05
CA SER B 41 -29.58 -31.11 25.58
C SER B 41 -28.88 -30.28 24.50
N LEU B 42 -28.89 -28.95 24.71
CA LEU B 42 -28.19 -28.05 23.80
C LEU B 42 -26.68 -28.31 23.81
N ASP B 43 -26.14 -28.70 24.97
CA ASP B 43 -24.72 -29.07 25.04
C ASP B 43 -24.41 -30.17 24.03
N GLU B 44 -25.26 -31.18 23.96
CA GLU B 44 -25.01 -32.29 23.05
C GLU B 44 -25.12 -31.84 21.61
N MET B 45 -26.10 -30.98 21.31
CA MET B 45 -26.31 -30.53 19.94
C MET B 45 -25.10 -29.75 19.45
N VAL B 46 -24.63 -28.80 20.25
CA VAL B 46 -23.48 -28.02 19.81
C VAL B 46 -22.22 -28.87 19.84
N TYR B 47 -22.13 -29.86 20.75
CA TYR B 47 -20.99 -30.77 20.70
C TYR B 47 -20.98 -31.57 19.41
N LYS B 48 -22.12 -32.18 19.07
CA LYS B 48 -22.20 -32.94 17.82
C LYS B 48 -21.81 -32.08 16.61
N ALA B 49 -22.34 -30.86 16.56
CA ALA B 49 -22.09 -29.97 15.42
C ALA B 49 -20.59 -29.69 15.26
N SER B 50 -19.94 -29.32 16.35
CA SER B 50 -18.52 -28.99 16.29
C SER B 50 -17.66 -30.24 16.13
N ASP B 51 -18.07 -31.36 16.71
CA ASP B 51 -17.36 -32.62 16.48
C ASP B 51 -17.35 -32.96 14.99
N ILE B 52 -18.48 -32.84 14.31
CA ILE B 52 -18.52 -33.15 12.87
C ILE B 52 -17.59 -32.21 12.10
N VAL B 53 -17.75 -30.90 12.26
CA VAL B 53 -17.04 -30.06 11.30
C VAL B 53 -15.54 -30.05 11.60
N ILE B 54 -15.17 -30.08 12.87
CA ILE B 54 -13.74 -30.07 13.21
C ILE B 54 -13.11 -31.42 12.95
N ASN B 55 -13.73 -32.50 13.43
CA ASN B 55 -13.06 -33.80 13.41
C ASN B 55 -13.29 -34.59 12.13
N ASN B 56 -14.30 -34.25 11.34
CA ASN B 56 -14.55 -34.96 10.10
C ASN B 56 -14.40 -34.10 8.85
N LEU B 57 -14.63 -32.78 8.93
CA LEU B 57 -14.69 -31.94 7.74
C LEU B 57 -13.60 -30.89 7.69
N GLY B 58 -12.64 -30.96 8.61
CA GLY B 58 -11.47 -30.09 8.58
C GLY B 58 -11.73 -28.61 8.78
N ALA B 59 -12.68 -28.26 9.62
CA ALA B 59 -12.96 -26.85 9.85
C ALA B 59 -11.82 -26.22 10.66
N THR B 60 -11.53 -24.96 10.36
CA THR B 60 -10.63 -24.18 11.17
C THR B 60 -11.35 -23.77 12.45
N PRO B 61 -10.61 -23.34 13.49
CA PRO B 61 -11.30 -22.88 14.72
C PRO B 61 -12.27 -21.71 14.48
N GLU B 62 -11.94 -20.78 13.59
CA GLU B 62 -12.87 -19.68 13.32
C GLU B 62 -14.13 -20.18 12.61
N GLN B 63 -13.96 -21.05 11.61
CA GLN B 63 -15.13 -21.63 10.94
C GLN B 63 -16.00 -22.40 11.92
N ALA B 64 -15.37 -23.17 12.83
CA ALA B 64 -16.15 -23.97 13.77
C ALA B 64 -16.93 -23.09 14.75
N LYS B 65 -16.31 -21.98 15.19
CA LYS B 65 -17.02 -21.01 16.03
C LYS B 65 -18.23 -20.40 15.31
N ARG B 66 -18.06 -20.00 14.05
CA ARG B 66 -19.21 -19.48 13.32
C ARG B 66 -20.30 -20.55 13.20
N HIS B 67 -19.89 -21.79 12.88
CA HIS B 67 -20.84 -22.88 12.76
C HIS B 67 -21.51 -23.16 14.10
N LYS B 68 -20.74 -23.10 15.19
CA LYS B 68 -21.29 -23.35 16.53
C LYS B 68 -22.35 -22.32 16.91
N ASP B 69 -22.06 -21.04 16.63
CA ASP B 69 -23.04 -20.01 16.95
C ASP B 69 -24.35 -20.22 16.21
N ALA B 70 -24.26 -20.66 14.95
CA ALA B 70 -25.45 -20.89 14.15
C ALA B 70 -26.25 -22.07 14.69
N VAL B 71 -25.57 -23.18 14.99
CA VAL B 71 -26.30 -24.32 15.53
C VAL B 71 -26.92 -23.96 16.87
N GLU B 72 -26.16 -23.22 17.68
CA GLU B 72 -26.66 -22.82 18.99
C GLU B 72 -27.94 -22.02 18.83
N ALA B 73 -27.92 -21.05 17.91
CA ALA B 73 -29.10 -20.24 17.70
C ALA B 73 -30.27 -21.09 17.22
N PHE B 74 -30.00 -22.05 16.32
CA PHE B 74 -31.06 -22.86 15.75
C PHE B 74 -31.79 -23.66 16.82
N PHE B 75 -31.07 -24.55 17.55
CA PHE B 75 -31.76 -25.36 18.56
C PHE B 75 -32.20 -24.54 19.76
N GLY B 76 -31.45 -23.47 20.08
CA GLY B 76 -31.90 -22.57 21.12
C GLY B 76 -33.21 -21.89 20.75
N GLY B 77 -33.39 -21.59 19.47
CA GLY B 77 -34.66 -21.08 19.01
C GLY B 77 -35.79 -22.07 19.15
N ALA B 78 -35.47 -23.35 19.29
CA ALA B 78 -36.48 -24.36 19.58
C ALA B 78 -36.65 -24.59 21.07
N GLY B 79 -36.11 -23.71 21.91
CA GLY B 79 -36.30 -23.79 23.35
C GLY B 79 -35.26 -24.59 24.12
N MET B 80 -34.27 -25.15 23.44
CA MET B 80 -33.22 -25.92 24.12
C MET B 80 -32.22 -24.98 24.78
N LYS B 81 -31.68 -25.40 25.93
CA LYS B 81 -30.79 -24.55 26.72
C LYS B 81 -29.61 -25.35 27.24
N TYR B 82 -28.51 -24.66 27.52
CA TYR B 82 -27.35 -25.33 28.10
C TYR B 82 -27.69 -25.79 29.51
N GLY B 83 -27.27 -27.01 29.83
CA GLY B 83 -27.54 -27.59 31.13
C GLY B 83 -28.96 -28.05 31.37
N VAL B 84 -29.80 -28.05 30.34
CA VAL B 84 -31.19 -28.48 30.44
C VAL B 84 -31.40 -29.63 29.47
N GLU B 85 -32.12 -30.63 29.92
CA GLU B 85 -32.50 -31.79 29.13
C GLU B 85 -33.90 -31.56 28.57
N THR B 86 -34.05 -31.72 27.25
CA THR B 86 -35.31 -31.48 26.57
C THR B 86 -35.92 -32.82 26.17
N ASP B 87 -37.07 -33.15 26.73
CA ASP B 87 -37.72 -34.39 26.33
C ASP B 87 -38.56 -34.15 25.08
N TRP B 88 -39.20 -35.21 24.57
CA TRP B 88 -39.93 -35.09 23.32
C TRP B 88 -41.10 -34.11 23.40
N PRO B 89 -41.97 -34.14 24.41
CA PRO B 89 -43.04 -33.13 24.45
C PRO B 89 -42.52 -31.70 24.50
N ALA B 90 -41.46 -31.44 25.27
CA ALA B 90 -40.88 -30.09 25.25
C ALA B 90 -40.22 -29.79 23.92
N TYR B 91 -39.70 -30.81 23.26
CA TYR B 91 -38.98 -30.60 22.00
C TYR B 91 -39.94 -30.16 20.88
N ILE B 92 -41.03 -30.91 20.68
CA ILE B 92 -41.96 -30.60 19.59
C ILE B 92 -42.73 -29.32 19.89
N GLU B 93 -43.00 -29.04 21.16
CA GLU B 93 -43.59 -27.75 21.51
C GLU B 93 -42.60 -26.62 21.22
N GLY B 94 -41.32 -26.82 21.50
CA GLY B 94 -40.34 -25.83 21.12
C GLY B 94 -40.16 -25.69 19.62
N TRP B 95 -40.35 -26.78 18.88
CA TRP B 95 -40.21 -26.69 17.43
C TRP B 95 -41.33 -25.89 16.78
N LYS B 96 -42.53 -25.88 17.37
CA LYS B 96 -43.58 -25.01 16.87
C LYS B 96 -43.17 -23.55 16.97
N LYS B 97 -42.53 -23.17 18.08
CA LYS B 97 -42.05 -21.79 18.20
C LYS B 97 -40.88 -21.54 17.25
N LEU B 98 -39.99 -22.50 17.08
CA LEU B 98 -38.89 -22.29 16.13
C LEU B 98 -39.43 -22.06 14.73
N ALA B 99 -40.35 -22.92 14.28
CA ALA B 99 -40.90 -22.81 12.94
C ALA B 99 -41.66 -21.50 12.75
N THR B 100 -42.39 -21.04 13.78
CA THR B 100 -43.10 -19.77 13.68
C THR B 100 -42.13 -18.61 13.57
N ASP B 101 -41.06 -18.60 14.38
CA ASP B 101 -40.10 -17.51 14.30
C ASP B 101 -39.36 -17.51 12.99
N GLU B 102 -39.07 -18.69 12.44
CA GLU B 102 -38.39 -18.77 11.16
C GLU B 102 -39.30 -18.27 10.04
N LEU B 103 -40.59 -18.62 10.09
CA LEU B 103 -41.50 -18.14 9.05
C LEU B 103 -41.69 -16.63 9.12
N GLU B 104 -41.59 -16.03 10.31
CA GLU B 104 -41.64 -14.57 10.41
C GLU B 104 -40.41 -13.93 9.76
N LYS B 105 -39.21 -14.44 10.05
CA LYS B 105 -38.03 -13.95 9.34
C LYS B 105 -38.15 -14.19 7.84
N TYR B 106 -38.58 -15.39 7.46
CA TYR B 106 -38.73 -15.75 6.06
C TYR B 106 -39.63 -14.74 5.34
N ALA B 107 -40.77 -14.42 5.95
CA ALA B 107 -41.74 -13.51 5.36
C ALA B 107 -41.25 -12.07 5.40
N LYS B 108 -40.41 -11.73 6.36
CA LYS B 108 -39.84 -10.39 6.40
C LYS B 108 -38.62 -10.29 5.51
N ASN B 109 -38.32 -11.34 4.74
CA ASN B 109 -37.17 -11.37 3.83
C ASN B 109 -35.87 -11.10 4.59
N GLU B 110 -35.80 -11.55 5.84
CA GLU B 110 -34.73 -11.57 6.84
C GLU B 110 -33.99 -12.90 6.80
N PRO B 111 -32.67 -12.93 6.99
CA PRO B 111 -31.97 -14.22 7.03
C PRO B 111 -32.53 -15.10 8.14
N THR B 112 -32.98 -16.29 7.77
CA THR B 112 -33.48 -17.26 8.72
C THR B 112 -32.32 -17.93 9.45
N LEU B 113 -32.64 -18.52 10.60
CA LEU B 113 -31.60 -19.28 11.33
C LEU B 113 -31.07 -20.44 10.49
N ILE B 114 -31.94 -21.11 9.73
CA ILE B 114 -31.49 -22.24 8.94
C ILE B 114 -30.54 -21.78 7.84
N ARG B 115 -30.81 -20.60 7.25
CA ARG B 115 -29.88 -20.05 6.27
C ARG B 115 -28.53 -19.74 6.89
N ILE B 116 -28.53 -19.10 8.05
CA ILE B 116 -27.27 -18.72 8.70
C ILE B 116 -26.42 -19.96 9.00
N TRP B 117 -27.07 -21.05 9.43
CA TRP B 117 -26.38 -22.32 9.61
C TRP B 117 -25.81 -22.83 8.28
N GLY B 118 -26.60 -22.76 7.20
CA GLY B 118 -26.11 -23.20 5.91
C GLY B 118 -24.89 -22.43 5.44
N ASP B 119 -24.90 -21.11 5.63
CA ASP B 119 -23.72 -20.30 5.30
C ASP B 119 -22.51 -20.79 6.08
N ALA B 120 -22.67 -20.98 7.39
CA ALA B 120 -21.53 -21.42 8.19
C ALA B 120 -21.05 -22.79 7.75
N LEU B 121 -21.99 -23.69 7.44
CA LEU B 121 -21.60 -25.06 7.09
C LEU B 121 -20.98 -25.15 5.70
N PHE B 122 -21.57 -24.45 4.72
CA PHE B 122 -21.06 -24.55 3.36
C PHE B 122 -19.67 -23.94 3.24
N ASP B 123 -19.39 -22.92 4.04
CA ASP B 123 -18.03 -22.39 4.06
C ASP B 123 -17.04 -23.47 4.49
N ILE B 124 -17.46 -24.43 5.31
CA ILE B 124 -16.58 -25.53 5.67
C ILE B 124 -16.61 -26.62 4.59
N VAL B 125 -17.80 -27.00 4.16
CA VAL B 125 -17.94 -28.17 3.29
C VAL B 125 -17.38 -27.88 1.90
N ASP B 126 -17.56 -26.65 1.41
CA ASP B 126 -17.06 -26.27 0.09
C ASP B 126 -15.58 -25.95 0.15
N LYS B 127 -14.75 -26.74 -0.54
CA LYS B 127 -13.30 -26.57 -0.44
C LYS B 127 -12.81 -25.33 -1.16
N ASP B 128 -13.44 -24.98 -2.28
CA ASP B 128 -13.11 -23.77 -3.03
C ASP B 128 -13.76 -22.51 -2.46
N GLN B 129 -14.71 -22.67 -1.54
CA GLN B 129 -15.38 -21.54 -0.89
C GLN B 129 -16.22 -20.72 -1.85
N ASN B 130 -16.97 -21.42 -2.70
CA ASN B 130 -17.91 -20.79 -3.61
C ASN B 130 -19.30 -20.74 -3.00
N GLY B 131 -19.44 -21.12 -1.72
CA GLY B 131 -20.75 -21.15 -1.11
C GLY B 131 -21.62 -22.20 -1.75
N ALA B 132 -21.00 -23.13 -2.51
CA ALA B 132 -21.65 -24.18 -3.27
C ALA B 132 -20.87 -25.47 -3.15
N ILE B 133 -21.60 -26.57 -2.94
CA ILE B 133 -21.00 -27.85 -2.63
C ILE B 133 -21.30 -28.84 -3.73
N THR B 134 -20.36 -29.76 -3.91
CA THR B 134 -20.56 -30.85 -4.85
C THR B 134 -21.37 -31.94 -4.17
N LEU B 135 -21.74 -32.97 -4.95
CA LEU B 135 -22.48 -34.09 -4.40
C LEU B 135 -21.63 -34.91 -3.43
N ASP B 136 -20.34 -35.09 -3.72
CA ASP B 136 -19.44 -35.83 -2.83
C ASP B 136 -19.29 -35.13 -1.49
N GLU B 137 -19.26 -33.79 -1.50
CA GLU B 137 -19.17 -33.02 -0.27
C GLU B 137 -20.45 -33.12 0.55
N TRP B 138 -21.60 -33.15 -0.12
CA TRP B 138 -22.86 -33.39 0.57
C TRP B 138 -22.90 -34.80 1.15
N LYS B 139 -22.35 -35.78 0.43
CA LYS B 139 -22.25 -37.13 0.99
C LYS B 139 -21.36 -37.12 2.22
N ALA B 140 -20.22 -36.44 2.15
CA ALA B 140 -19.28 -36.46 3.27
C ALA B 140 -19.89 -35.80 4.50
N TYR B 141 -20.59 -34.67 4.32
CA TYR B 141 -21.24 -34.04 5.47
C TYR B 141 -22.38 -34.91 6.01
N THR B 142 -23.34 -35.30 5.15
CA THR B 142 -24.53 -35.98 5.68
C THR B 142 -24.18 -37.34 6.27
N LYS B 143 -23.20 -38.04 5.71
CA LYS B 143 -22.78 -39.32 6.28
C LYS B 143 -21.96 -39.13 7.56
N ALA B 144 -21.15 -38.07 7.65
CA ALA B 144 -20.46 -37.80 8.91
C ALA B 144 -21.46 -37.46 10.02
N ALA B 145 -22.48 -36.65 9.70
CA ALA B 145 -23.52 -36.35 10.68
C ALA B 145 -24.40 -37.56 10.96
N GLY B 146 -24.50 -38.48 10.01
CA GLY B 146 -25.41 -39.61 10.13
C GLY B 146 -26.83 -39.33 9.66
N ILE B 147 -27.14 -38.11 9.22
CA ILE B 147 -28.54 -37.81 8.85
C ILE B 147 -28.94 -38.61 7.62
N ILE B 148 -27.99 -38.91 6.74
CA ILE B 148 -28.20 -39.79 5.61
C ILE B 148 -27.14 -40.88 5.67
N GLN B 149 -27.53 -42.13 5.42
CA GLN B 149 -26.58 -43.22 5.38
C GLN B 149 -26.23 -43.65 3.95
N SER B 150 -27.21 -43.77 3.04
CA SER B 150 -26.94 -44.30 1.71
C SER B 150 -26.63 -43.19 0.72
N SER B 151 -25.73 -43.49 -0.23
CA SER B 151 -25.38 -42.50 -1.24
C SER B 151 -26.55 -42.17 -2.16
N GLU B 152 -27.46 -43.12 -2.39
CA GLU B 152 -28.59 -42.82 -3.29
C GLU B 152 -29.53 -41.78 -2.68
N ASP B 153 -29.67 -41.78 -1.36
CA ASP B 153 -30.48 -40.75 -0.71
C ASP B 153 -29.83 -39.35 -0.87
N CYS B 154 -28.49 -39.29 -0.81
CA CYS B 154 -27.79 -38.03 -1.06
C CYS B 154 -28.01 -37.55 -2.49
N GLU B 155 -28.08 -38.48 -3.44
CA GLU B 155 -28.34 -38.14 -4.82
C GLU B 155 -29.74 -37.57 -5.01
N GLU B 156 -30.69 -38.02 -4.19
CA GLU B 156 -32.02 -37.45 -4.30
C GLU B 156 -32.05 -35.97 -3.92
N THR B 157 -31.17 -35.54 -3.01
CA THR B 157 -31.12 -34.12 -2.67
C THR B 157 -30.82 -33.25 -3.90
N PHE B 158 -29.88 -33.69 -4.73
CA PHE B 158 -29.47 -32.93 -5.90
C PHE B 158 -30.55 -32.93 -6.97
N ARG B 159 -31.43 -33.94 -7.00
CA ARG B 159 -32.61 -33.92 -7.85
C ARG B 159 -33.67 -32.96 -7.32
N VAL B 160 -33.93 -32.97 -6.02
CA VAL B 160 -35.00 -32.14 -5.49
C VAL B 160 -34.61 -30.67 -5.48
N CYS B 161 -33.34 -30.38 -5.19
CA CYS B 161 -32.92 -28.99 -5.13
C CYS B 161 -32.61 -28.49 -6.52
N ASP B 162 -32.61 -27.18 -6.70
CA ASP B 162 -32.32 -26.66 -8.03
C ASP B 162 -30.83 -26.37 -8.12
N ILE B 163 -30.08 -27.41 -8.49
CA ILE B 163 -28.63 -27.30 -8.66
C ILE B 163 -28.28 -26.47 -9.89
N ASP B 164 -27.15 -25.77 -9.77
CA ASP B 164 -26.58 -24.91 -10.80
C ASP B 164 -26.05 -25.75 -11.97
N GLU B 165 -25.70 -25.06 -13.05
CA GLU B 165 -25.26 -25.75 -14.27
C GLU B 165 -23.95 -26.52 -14.11
N SER B 166 -23.16 -26.24 -13.09
CA SER B 166 -21.96 -27.02 -12.81
C SER B 166 -22.25 -28.27 -11.99
N GLY B 167 -23.48 -28.47 -11.55
CA GLY B 167 -23.82 -29.63 -10.75
C GLY B 167 -23.73 -29.41 -9.26
N GLN B 168 -23.48 -28.17 -8.83
CA GLN B 168 -23.27 -27.83 -7.43
C GLN B 168 -24.51 -27.19 -6.81
N LEU B 169 -24.54 -27.20 -5.48
CA LEU B 169 -25.68 -26.70 -4.75
C LEU B 169 -25.24 -25.60 -3.78
N ASP B 170 -25.84 -24.42 -3.90
CA ASP B 170 -25.53 -23.27 -3.06
C ASP B 170 -26.58 -23.16 -1.94
N VAL B 171 -26.28 -22.30 -0.95
CA VAL B 171 -27.19 -22.12 0.18
C VAL B 171 -28.56 -21.58 -0.26
N ASP B 172 -28.59 -20.70 -1.27
CA ASP B 172 -29.85 -20.10 -1.68
C ASP B 172 -30.84 -21.18 -2.12
N GLU B 173 -30.41 -22.10 -2.97
CA GLU B 173 -31.32 -23.17 -3.37
C GLU B 173 -31.66 -24.16 -2.26
N MET B 174 -30.73 -24.49 -1.38
CA MET B 174 -31.08 -25.44 -0.32
C MET B 174 -32.00 -24.84 0.72
N THR B 175 -31.83 -23.54 1.02
CA THR B 175 -32.67 -22.91 2.03
C THR B 175 -34.15 -23.03 1.66
N ARG B 176 -34.49 -22.82 0.39
CA ARG B 176 -35.87 -22.96 -0.05
C ARG B 176 -36.41 -24.37 0.23
N GLN B 177 -35.65 -25.40 -0.10
CA GLN B 177 -36.13 -26.76 0.15
C GLN B 177 -36.22 -27.04 1.64
N HIS B 178 -35.28 -26.50 2.42
CA HIS B 178 -35.23 -26.81 3.85
C HIS B 178 -36.38 -26.16 4.61
N LEU B 179 -36.73 -24.93 4.24
CA LEU B 179 -37.88 -24.29 4.85
C LEU B 179 -39.14 -25.10 4.62
N GLY B 180 -39.32 -25.62 3.39
CA GLY B 180 -40.49 -26.44 3.12
C GLY B 180 -40.41 -27.81 3.78
N PHE B 181 -39.20 -28.34 3.95
CA PHE B 181 -39.05 -29.69 4.51
C PHE B 181 -39.21 -29.67 6.03
N TRP B 182 -38.60 -28.72 6.71
CA TRP B 182 -38.64 -28.71 8.16
C TRP B 182 -39.78 -27.89 8.74
N TYR B 183 -40.26 -26.86 8.02
CA TYR B 183 -41.16 -25.88 8.60
C TYR B 183 -42.60 -25.96 8.08
N THR B 184 -42.80 -26.07 6.77
CA THR B 184 -44.13 -25.86 6.20
C THR B 184 -44.76 -27.10 5.59
N MET B 185 -44.03 -28.20 5.48
CA MET B 185 -44.53 -29.43 4.82
C MET B 185 -44.95 -29.15 3.37
N ASP B 186 -44.16 -28.35 2.67
CA ASP B 186 -44.37 -28.11 1.25
C ASP B 186 -44.24 -29.42 0.49
N PRO B 187 -45.28 -29.86 -0.23
CA PRO B 187 -45.19 -31.13 -0.97
C PRO B 187 -44.09 -31.13 -2.02
N ALA B 188 -43.70 -29.97 -2.54
CA ALA B 188 -42.62 -29.91 -3.51
C ALA B 188 -41.26 -30.22 -2.89
N CYS B 189 -41.15 -30.21 -1.56
CA CYS B 189 -39.87 -30.41 -0.88
C CYS B 189 -39.72 -31.82 -0.32
N GLU B 190 -40.68 -32.70 -0.60
CA GLU B 190 -40.57 -34.08 -0.15
C GLU B 190 -39.36 -34.75 -0.79
N LYS B 191 -38.88 -35.78 -0.12
CA LYS B 191 -37.74 -36.58 -0.55
C LYS B 191 -36.43 -35.80 -0.58
N LEU B 192 -36.36 -34.66 0.14
CA LEU B 192 -35.14 -33.86 0.16
C LEU B 192 -33.94 -34.67 0.66
N TYR B 193 -34.16 -35.58 1.62
CA TYR B 193 -33.12 -36.49 2.10
C TYR B 193 -33.33 -37.91 1.58
N GLY B 194 -34.01 -38.04 0.43
CA GLY B 194 -34.31 -39.36 -0.09
C GLY B 194 -35.22 -40.09 0.87
N GLY B 195 -34.92 -41.36 1.08
CA GLY B 195 -35.68 -42.11 2.07
C GLY B 195 -35.12 -42.06 3.48
N ALA B 196 -34.06 -41.28 3.73
CA ALA B 196 -33.43 -41.30 5.04
C ALA B 196 -34.30 -40.64 6.11
N VAL B 197 -35.06 -39.62 5.74
CA VAL B 197 -35.88 -38.87 6.69
C VAL B 197 -37.32 -38.84 6.20
N PRO B 198 -38.31 -39.23 7.01
CA PRO B 198 -39.74 -39.26 6.67
C PRO B 198 -40.28 -37.85 6.44
N HIS C 8 -50.80 -15.47 10.28
CA HIS C 8 -50.54 -15.11 8.90
C HIS C 8 -49.21 -14.40 8.72
N HIS C 9 -48.30 -15.04 8.00
CA HIS C 9 -46.94 -14.56 7.81
C HIS C 9 -46.76 -13.82 6.49
N GLY C 10 -47.34 -14.31 5.42
CA GLY C 10 -47.24 -13.63 4.14
C GLY C 10 -47.80 -14.48 3.03
N LYS C 11 -47.35 -14.18 1.83
CA LYS C 11 -47.94 -14.73 0.64
C LYS C 11 -46.83 -14.86 -0.40
N LEU C 12 -46.79 -15.99 -1.09
CA LEU C 12 -45.73 -16.21 -2.08
C LEU C 12 -46.30 -16.42 -3.47
N THR C 13 -47.59 -16.18 -3.68
CA THR C 13 -48.18 -16.42 -4.99
C THR C 13 -48.59 -15.09 -5.62
N SER C 14 -48.28 -14.95 -6.89
CA SER C 14 -48.60 -13.73 -7.63
C SER C 14 -50.08 -13.71 -7.98
N ASP C 15 -50.54 -12.54 -8.46
CA ASP C 15 -51.96 -12.35 -8.76
C ASP C 15 -52.09 -11.33 -9.89
N PHE C 16 -51.41 -11.59 -11.00
CA PHE C 16 -51.24 -10.61 -12.04
C PHE C 16 -52.53 -10.35 -12.84
N ASP C 17 -53.51 -11.24 -12.79
CA ASP C 17 -54.80 -11.02 -13.44
C ASP C 17 -55.80 -10.30 -12.56
N ASN C 18 -55.47 -10.06 -11.30
CA ASN C 18 -56.32 -9.28 -10.42
C ASN C 18 -56.35 -7.85 -10.94
N PRO C 19 -57.51 -7.31 -11.33
CA PRO C 19 -57.54 -5.93 -11.86
C PRO C 19 -57.05 -4.89 -10.87
N ARG C 20 -57.13 -5.16 -9.56
CA ARG C 20 -56.62 -4.20 -8.60
C ARG C 20 -55.09 -4.16 -8.56
N TRP C 21 -54.43 -5.23 -8.99
CA TRP C 21 -52.98 -5.19 -9.13
C TRP C 21 -52.60 -4.36 -10.33
N ILE C 22 -53.33 -4.54 -11.42
CA ILE C 22 -53.07 -3.75 -12.61
C ILE C 22 -53.29 -2.28 -12.29
N GLY C 23 -54.37 -2.00 -11.53
CA GLY C 23 -54.70 -0.63 -11.20
C GLY C 23 -53.76 0.01 -10.19
N ARG C 24 -53.21 -0.79 -9.27
CA ARG C 24 -52.24 -0.26 -8.33
C ARG C 24 -51.00 0.24 -9.05
N HIS C 25 -50.49 -0.54 -9.99
CA HIS C 25 -49.31 -0.09 -10.72
C HIS C 25 -49.66 0.91 -11.82
N LYS C 26 -50.91 0.93 -12.30
CA LYS C 26 -51.35 1.98 -13.21
C LYS C 26 -51.40 3.33 -12.50
N HIS C 27 -51.87 3.34 -11.26
CA HIS C 27 -51.80 4.55 -10.45
C HIS C 27 -50.36 5.03 -10.33
N MET C 28 -49.44 4.11 -10.03
CA MET C 28 -48.04 4.49 -9.88
C MET C 28 -47.44 4.93 -11.21
N PHE C 29 -47.78 4.27 -12.31
CA PHE C 29 -47.31 4.72 -13.62
C PHE C 29 -47.73 6.16 -13.90
N ASN C 30 -49.00 6.49 -13.62
CA ASN C 30 -49.48 7.86 -13.81
C ASN C 30 -48.78 8.83 -12.86
N PHE C 31 -48.50 8.38 -11.64
CA PHE C 31 -47.79 9.23 -10.68
C PHE C 31 -46.39 9.51 -11.18
N LEU C 32 -45.77 8.52 -11.84
CA LEU C 32 -44.42 8.71 -12.35
C LEU C 32 -44.40 9.48 -13.66
N ASP C 33 -45.47 9.40 -14.45
CA ASP C 33 -45.56 10.07 -15.75
C ASP C 33 -46.05 11.50 -15.53
N VAL C 34 -45.17 12.29 -14.92
CA VAL C 34 -45.55 13.62 -14.44
C VAL C 34 -45.85 14.56 -15.60
N ASN C 35 -45.27 14.33 -16.77
CA ASN C 35 -45.49 15.20 -17.91
C ASN C 35 -46.49 14.62 -18.90
N HIS C 36 -47.21 13.57 -18.52
CA HIS C 36 -48.26 12.97 -19.36
C HIS C 36 -47.74 12.59 -20.74
N ASN C 37 -46.53 12.03 -20.80
CA ASN C 37 -45.99 11.53 -22.04
C ASN C 37 -46.48 10.12 -22.37
N GLY C 38 -47.19 9.46 -21.46
CA GLY C 38 -47.53 8.07 -21.67
C GLY C 38 -46.34 7.11 -21.64
N LYS C 39 -45.15 7.59 -21.27
CA LYS C 39 -43.98 6.74 -21.24
C LYS C 39 -42.97 7.34 -20.25
N ILE C 40 -42.23 6.47 -19.59
CA ILE C 40 -41.22 6.88 -18.62
C ILE C 40 -39.93 6.14 -18.93
N SER C 41 -38.81 6.69 -18.48
CA SER C 41 -37.49 6.15 -18.77
C SER C 41 -36.74 5.87 -17.48
N LEU C 42 -35.75 4.97 -17.56
CA LEU C 42 -34.94 4.73 -16.36
C LEU C 42 -34.18 5.99 -15.97
N ASP C 43 -33.81 6.82 -16.95
CA ASP C 43 -33.13 8.08 -16.63
C ASP C 43 -33.97 8.89 -15.66
N GLU C 44 -35.28 8.96 -15.89
CA GLU C 44 -36.14 9.75 -15.03
C GLU C 44 -36.29 9.14 -13.65
N MET C 45 -36.37 7.81 -13.57
CA MET C 45 -36.54 7.16 -12.27
C MET C 45 -35.34 7.40 -11.38
N VAL C 46 -34.12 7.20 -11.91
CA VAL C 46 -32.94 7.40 -11.09
C VAL C 46 -32.72 8.89 -10.84
N TYR C 47 -33.14 9.76 -11.77
CA TYR C 47 -33.06 11.20 -11.48
C TYR C 47 -33.94 11.56 -10.30
N LYS C 48 -35.20 11.14 -10.32
CA LYS C 48 -36.13 11.42 -9.24
C LYS C 48 -35.61 10.92 -7.90
N ALA C 49 -35.12 9.68 -7.87
CA ALA C 49 -34.68 9.07 -6.60
C ALA C 49 -33.54 9.87 -5.97
N SER C 50 -32.54 10.20 -6.77
CA SER C 50 -31.41 10.96 -6.25
C SER C 50 -31.79 12.40 -5.93
N ASP C 51 -32.72 12.99 -6.69
CA ASP C 51 -33.20 14.34 -6.37
C ASP C 51 -33.83 14.37 -4.97
N ILE C 52 -34.69 13.41 -4.68
CA ILE C 52 -35.37 13.36 -3.38
C ILE C 52 -34.34 13.27 -2.25
N VAL C 53 -33.42 12.30 -2.34
CA VAL C 53 -32.56 12.01 -1.19
C VAL C 53 -31.47 13.08 -1.02
N ILE C 54 -30.91 13.57 -2.12
CA ILE C 54 -29.87 14.60 -2.04
C ILE C 54 -30.48 15.96 -1.70
N ASN C 55 -31.51 16.37 -2.45
CA ASN C 55 -32.02 17.74 -2.34
C ASN C 55 -33.09 17.91 -1.27
N ASN C 56 -33.71 16.82 -0.79
CA ASN C 56 -34.73 16.97 0.24
C ASN C 56 -34.41 16.28 1.54
N LEU C 57 -33.58 15.24 1.54
CA LEU C 57 -33.38 14.40 2.73
C LEU C 57 -31.94 14.41 3.24
N GLY C 58 -31.06 15.23 2.69
CA GLY C 58 -29.72 15.38 3.25
C GLY C 58 -28.85 14.14 3.13
N ALA C 59 -28.94 13.42 2.02
CA ALA C 59 -28.12 12.25 1.80
C ALA C 59 -26.71 12.69 1.44
N THR C 60 -25.73 11.92 1.93
CA THR C 60 -24.35 12.11 1.51
C THR C 60 -24.19 11.54 0.11
N PRO C 61 -23.13 11.94 -0.62
CA PRO C 61 -22.93 11.38 -1.96
C PRO C 61 -22.86 9.85 -1.96
N GLU C 62 -22.24 9.26 -0.94
CA GLU C 62 -22.14 7.80 -0.85
C GLU C 62 -23.51 7.18 -0.58
N GLN C 63 -24.27 7.75 0.37
CA GLN C 63 -25.64 7.29 0.59
C GLN C 63 -26.47 7.39 -0.68
N ALA C 64 -26.30 8.47 -1.43
CA ALA C 64 -27.06 8.68 -2.67
C ALA C 64 -26.67 7.67 -3.74
N LYS C 65 -25.39 7.33 -3.84
CA LYS C 65 -24.91 6.32 -4.79
C LYS C 65 -25.52 4.95 -4.52
N ARG C 66 -25.50 4.53 -3.25
CA ARG C 66 -26.09 3.24 -2.87
C ARG C 66 -27.58 3.25 -3.15
N HIS C 67 -28.27 4.35 -2.80
CA HIS C 67 -29.70 4.45 -3.06
C HIS C 67 -29.96 4.42 -4.55
N LYS C 68 -29.13 5.11 -5.33
CA LYS C 68 -29.33 5.14 -6.77
C LYS C 68 -29.14 3.76 -7.39
N ASP C 69 -28.11 3.03 -6.96
CA ASP C 69 -27.91 1.69 -7.50
C ASP C 69 -29.11 0.80 -7.21
N ALA C 70 -29.70 0.95 -6.03
CA ALA C 70 -30.86 0.15 -5.65
C ALA C 70 -32.07 0.51 -6.51
N VAL C 71 -32.34 1.80 -6.70
CA VAL C 71 -33.47 2.20 -7.53
C VAL C 71 -33.26 1.73 -8.97
N GLU C 72 -32.03 1.87 -9.47
CA GLU C 72 -31.69 1.43 -10.81
C GLU C 72 -31.96 -0.06 -11.01
N ALA C 73 -31.57 -0.90 -10.05
CA ALA C 73 -31.82 -2.34 -10.16
C ALA C 73 -33.31 -2.65 -10.07
N PHE C 74 -34.02 -1.93 -9.22
CA PHE C 74 -35.45 -2.17 -9.04
C PHE C 74 -36.22 -1.92 -10.35
N PHE C 75 -36.11 -0.72 -10.92
CA PHE C 75 -36.83 -0.46 -12.15
C PHE C 75 -36.20 -1.16 -13.34
N GLY C 76 -34.88 -1.38 -13.31
CA GLY C 76 -34.26 -2.21 -14.33
C GLY C 76 -34.82 -3.63 -14.32
N GLY C 77 -35.18 -4.14 -13.14
CA GLY C 77 -35.84 -5.44 -13.04
C GLY C 77 -37.21 -5.49 -13.67
N ALA C 78 -37.85 -4.35 -13.87
CA ALA C 78 -39.13 -4.29 -14.58
C ALA C 78 -38.94 -4.03 -16.07
N GLY C 79 -37.71 -4.14 -16.57
CA GLY C 79 -37.43 -4.00 -17.98
C GLY C 79 -37.10 -2.60 -18.47
N MET C 80 -37.07 -1.59 -17.59
CA MET C 80 -36.72 -0.23 -17.99
C MET C 80 -35.23 -0.09 -18.21
N LYS C 81 -34.85 0.75 -19.17
CA LYS C 81 -33.45 0.92 -19.52
C LYS C 81 -33.14 2.39 -19.75
N TYR C 82 -31.86 2.73 -19.61
CA TYR C 82 -31.43 4.10 -19.87
C TYR C 82 -31.61 4.45 -21.33
N GLY C 83 -32.08 5.67 -21.59
CA GLY C 83 -32.28 6.09 -22.96
C GLY C 83 -33.45 5.43 -23.66
N VAL C 84 -34.27 4.68 -22.93
CA VAL C 84 -35.40 3.96 -23.49
C VAL C 84 -36.68 4.42 -22.80
N GLU C 85 -37.72 4.66 -23.59
CA GLU C 85 -39.02 5.08 -23.09
C GLU C 85 -39.93 3.87 -22.94
N THR C 86 -40.49 3.71 -21.75
CA THR C 86 -41.30 2.54 -21.42
C THR C 86 -42.76 2.98 -21.38
N ASP C 87 -43.57 2.48 -22.31
CA ASP C 87 -44.98 2.84 -22.28
C ASP C 87 -45.71 1.94 -21.30
N TRP C 88 -47.01 2.20 -21.13
CA TRP C 88 -47.77 1.46 -20.13
C TRP C 88 -47.80 -0.04 -20.39
N PRO C 89 -48.13 -0.52 -21.61
CA PRO C 89 -48.11 -1.98 -21.81
C PRO C 89 -46.76 -2.61 -21.55
N ALA C 90 -45.66 -1.98 -22.00
CA ALA C 90 -44.34 -2.54 -21.70
C ALA C 90 -44.03 -2.47 -20.21
N TYR C 91 -44.58 -1.46 -19.51
CA TYR C 91 -44.32 -1.28 -18.10
C TYR C 91 -45.00 -2.37 -17.27
N ILE C 92 -46.28 -2.60 -17.51
CA ILE C 92 -47.01 -3.55 -16.68
C ILE C 92 -46.57 -4.98 -16.99
N GLU C 93 -46.20 -5.27 -18.24
CA GLU C 93 -45.68 -6.60 -18.54
C GLU C 93 -44.32 -6.80 -17.89
N GLY C 94 -43.47 -5.77 -17.92
CA GLY C 94 -42.19 -5.87 -17.24
C GLY C 94 -42.35 -6.01 -15.74
N TRP C 95 -43.43 -5.46 -15.18
CA TRP C 95 -43.67 -5.58 -13.76
C TRP C 95 -44.08 -7.00 -13.36
N LYS C 96 -44.73 -7.74 -14.25
CA LYS C 96 -44.95 -9.15 -13.95
C LYS C 96 -43.63 -9.88 -13.81
N LYS C 97 -42.67 -9.56 -14.67
CA LYS C 97 -41.36 -10.16 -14.58
C LYS C 97 -40.64 -9.72 -13.32
N LEU C 98 -40.69 -8.43 -12.99
CA LEU C 98 -40.03 -7.99 -11.75
C LEU C 98 -40.59 -8.73 -10.55
N ALA C 99 -41.93 -8.77 -10.43
CA ALA C 99 -42.56 -9.39 -9.28
C ALA C 99 -42.26 -10.89 -9.21
N THR C 100 -42.21 -11.55 -10.38
CA THR C 100 -41.88 -12.98 -10.42
C THR C 100 -40.43 -13.22 -10.00
N ASP C 101 -39.50 -12.41 -10.52
CA ASP C 101 -38.11 -12.58 -10.10
C ASP C 101 -37.95 -12.28 -8.61
N GLU C 102 -38.68 -11.29 -8.10
CA GLU C 102 -38.61 -10.93 -6.68
C GLU C 102 -39.15 -12.05 -5.80
N LEU C 103 -40.26 -12.68 -6.22
CA LEU C 103 -40.85 -13.76 -5.43
C LEU C 103 -39.95 -15.00 -5.42
N GLU C 104 -39.15 -15.19 -6.46
CA GLU C 104 -38.17 -16.26 -6.46
C GLU C 104 -37.08 -15.99 -5.41
N LYS C 105 -36.55 -14.76 -5.37
CA LYS C 105 -35.60 -14.41 -4.32
C LYS C 105 -36.26 -14.51 -2.94
N TYR C 106 -37.48 -14.00 -2.84
CA TYR C 106 -38.23 -14.06 -1.60
C TYR C 106 -38.33 -15.50 -1.10
N ALA C 107 -38.71 -16.42 -2.01
CA ALA C 107 -38.93 -17.81 -1.62
C ALA C 107 -37.62 -18.51 -1.27
N LYS C 108 -36.52 -18.06 -1.85
CA LYS C 108 -35.21 -18.60 -1.52
C LYS C 108 -34.55 -17.91 -0.33
N ASN C 109 -35.29 -17.03 0.36
CA ASN C 109 -34.73 -16.30 1.51
C ASN C 109 -33.50 -15.50 1.10
N GLU C 110 -33.50 -14.96 -0.21
CA GLU C 110 -32.48 -14.05 -0.69
C GLU C 110 -32.97 -12.61 -0.57
N PRO C 111 -32.08 -11.64 -0.34
CA PRO C 111 -32.52 -10.23 -0.30
C PRO C 111 -33.17 -9.83 -1.61
N THR C 112 -34.40 -9.36 -1.52
CA THR C 112 -35.12 -8.87 -2.70
C THR C 112 -34.60 -7.49 -3.08
N LEU C 113 -34.87 -7.11 -4.34
CA LEU C 113 -34.49 -5.77 -4.79
C LEU C 113 -35.17 -4.70 -3.95
N ILE C 114 -36.42 -4.95 -3.56
CA ILE C 114 -37.15 -3.95 -2.81
C ILE C 114 -36.55 -3.78 -1.42
N ARG C 115 -36.11 -4.88 -0.81
CA ARG C 115 -35.45 -4.80 0.49
C ARG C 115 -34.15 -4.00 0.41
N ILE C 116 -33.35 -4.26 -0.62
CA ILE C 116 -32.08 -3.56 -0.81
C ILE C 116 -32.29 -2.06 -1.00
N TRP C 117 -33.36 -1.69 -1.71
CA TRP C 117 -33.74 -0.28 -1.80
C TRP C 117 -34.09 0.27 -0.43
N GLY C 118 -34.92 -0.47 0.31
CA GLY C 118 -35.31 -0.03 1.64
C GLY C 118 -34.12 0.16 2.57
N ASP C 119 -33.13 -0.76 2.49
CA ASP C 119 -31.92 -0.58 3.29
C ASP C 119 -31.25 0.74 2.95
N ALA C 120 -31.10 1.01 1.65
CA ALA C 120 -30.41 2.23 1.23
C ALA C 120 -31.18 3.48 1.65
N LEU C 121 -32.51 3.41 1.56
CA LEU C 121 -33.35 4.57 1.87
C LEU C 121 -33.41 4.82 3.36
N PHE C 122 -33.60 3.75 4.14
CA PHE C 122 -33.71 3.92 5.59
C PHE C 122 -32.42 4.45 6.19
N ASP C 123 -31.27 4.13 5.59
CA ASP C 123 -30.02 4.69 6.09
C ASP C 123 -30.01 6.20 6.00
N ILE C 124 -30.71 6.77 5.02
CA ILE C 124 -30.79 8.21 4.81
C ILE C 124 -31.83 8.83 5.70
N VAL C 125 -33.02 8.25 5.70
CA VAL C 125 -34.17 8.84 6.37
C VAL C 125 -34.05 8.73 7.88
N ASP C 126 -33.48 7.63 8.37
CA ASP C 126 -33.32 7.48 9.81
C ASP C 126 -32.11 8.27 10.29
N LYS C 127 -32.33 9.22 11.21
CA LYS C 127 -31.20 10.02 11.69
C LYS C 127 -30.21 9.17 12.49
N ASP C 128 -30.71 8.15 13.21
CA ASP C 128 -29.85 7.25 13.96
C ASP C 128 -29.22 6.17 13.10
N GLN C 129 -29.72 5.98 11.88
CA GLN C 129 -29.15 5.05 10.91
C GLN C 129 -29.09 3.62 11.46
N ASN C 130 -30.12 3.22 12.23
CA ASN C 130 -30.27 1.85 12.71
C ASN C 130 -31.33 1.09 11.92
N GLY C 131 -31.80 1.64 10.81
CA GLY C 131 -32.79 0.96 9.97
C GLY C 131 -34.23 1.04 10.43
N ALA C 132 -34.59 2.01 11.25
CA ALA C 132 -35.97 2.18 11.70
C ALA C 132 -36.31 3.66 11.64
N ILE C 133 -37.52 3.98 11.19
CA ILE C 133 -37.88 5.37 10.97
C ILE C 133 -39.08 5.76 11.81
N THR C 134 -39.07 7.01 12.24
CA THR C 134 -40.18 7.56 12.98
C THR C 134 -41.28 8.01 12.00
N LEU C 135 -42.42 8.41 12.58
CA LEU C 135 -43.53 8.86 11.75
C LEU C 135 -43.19 10.14 11.01
N ASP C 136 -42.46 11.05 11.66
CA ASP C 136 -42.06 12.28 11.00
C ASP C 136 -41.12 11.99 9.84
N GLU C 137 -40.25 10.99 10.00
CA GLU C 137 -39.33 10.62 8.94
C GLU C 137 -40.05 9.94 7.78
N TRP C 138 -41.08 9.15 8.08
CA TRP C 138 -41.87 8.57 7.00
C TRP C 138 -42.67 9.66 6.27
N LYS C 139 -43.15 10.65 7.02
CA LYS C 139 -43.80 11.81 6.41
C LYS C 139 -42.85 12.56 5.49
N ALA C 140 -41.61 12.78 5.94
CA ALA C 140 -40.66 13.55 5.15
C ALA C 140 -40.34 12.86 3.82
N TYR C 141 -40.11 11.55 3.86
CA TYR C 141 -39.79 10.85 2.62
C TYR C 141 -41.00 10.82 1.68
N THR C 142 -42.13 10.33 2.18
CA THR C 142 -43.27 10.11 1.27
C THR C 142 -43.81 11.44 0.71
N LYS C 143 -43.78 12.51 1.48
CA LYS C 143 -44.24 13.80 0.96
C LYS C 143 -43.23 14.41 0.00
N ALA C 144 -41.93 14.19 0.23
CA ALA C 144 -40.94 14.66 -0.74
C ALA C 144 -41.06 13.89 -2.05
N ALA C 145 -41.21 12.56 -1.96
CA ALA C 145 -41.37 11.76 -3.17
C ALA C 145 -42.70 12.05 -3.84
N GLY C 146 -43.71 12.46 -3.07
CA GLY C 146 -45.05 12.65 -3.55
C GLY C 146 -45.94 11.42 -3.52
N ILE C 147 -45.42 10.27 -3.06
CA ILE C 147 -46.26 9.08 -3.09
C ILE C 147 -47.41 9.19 -2.09
N ILE C 148 -47.21 9.95 -1.02
CA ILE C 148 -48.28 10.27 -0.06
C ILE C 148 -48.34 11.80 0.07
N GLN C 149 -49.56 12.36 0.13
CA GLN C 149 -49.74 13.80 0.29
C GLN C 149 -50.21 14.20 1.69
N SER C 150 -51.21 13.53 2.24
CA SER C 150 -51.76 13.89 3.55
C SER C 150 -51.10 13.08 4.65
N SER C 151 -50.95 13.73 5.82
CA SER C 151 -50.34 13.07 6.98
C SER C 151 -51.18 11.91 7.50
N GLU C 152 -52.50 11.95 7.28
CA GLU C 152 -53.35 10.86 7.77
C GLU C 152 -53.03 9.56 7.06
N ASP C 153 -52.65 9.64 5.78
CA ASP C 153 -52.22 8.45 5.06
C ASP C 153 -50.87 7.93 5.56
N CYS C 154 -49.96 8.83 5.94
CA CYS C 154 -48.70 8.38 6.54
C CYS C 154 -48.97 7.66 7.86
N GLU C 155 -49.97 8.11 8.61
CA GLU C 155 -50.35 7.42 9.83
C GLU C 155 -50.92 6.05 9.55
N GLU C 156 -51.59 5.90 8.41
CA GLU C 156 -52.17 4.61 8.04
C GLU C 156 -51.12 3.54 7.85
N THR C 157 -49.94 3.94 7.39
CA THR C 157 -48.84 3.00 7.23
C THR C 157 -48.48 2.34 8.55
N PHE C 158 -48.37 3.13 9.62
CA PHE C 158 -48.04 2.58 10.92
C PHE C 158 -49.15 1.69 11.46
N ARG C 159 -50.40 1.99 11.12
CA ARG C 159 -51.50 1.13 11.51
C ARG C 159 -51.44 -0.21 10.79
N VAL C 160 -51.05 -0.22 9.51
CA VAL C 160 -50.99 -1.48 8.76
C VAL C 160 -49.82 -2.35 9.23
N CYS C 161 -48.70 -1.74 9.60
CA CYS C 161 -47.53 -2.46 10.10
C CYS C 161 -47.65 -2.81 11.58
N ASP C 162 -48.80 -2.47 12.18
CA ASP C 162 -49.12 -2.68 13.59
C ASP C 162 -47.98 -2.17 14.47
N ILE C 163 -47.60 -0.92 14.26
CA ILE C 163 -46.63 -0.20 15.08
C ILE C 163 -47.29 1.09 15.54
N ASP C 164 -47.17 1.42 16.82
CA ASP C 164 -47.79 2.65 17.29
C ASP C 164 -47.09 3.85 16.67
N GLU C 165 -47.86 4.94 16.49
CA GLU C 165 -47.37 6.12 15.82
C GLU C 165 -46.24 6.82 16.57
N SER C 166 -46.10 6.55 17.87
CA SER C 166 -44.97 7.07 18.62
C SER C 166 -43.74 6.18 18.50
N GLY C 167 -43.86 4.98 17.93
CA GLY C 167 -42.74 4.08 17.79
C GLY C 167 -42.04 4.20 16.45
N GLN C 168 -41.08 3.33 16.22
CA GLN C 168 -40.32 3.30 14.98
C GLN C 168 -40.76 2.14 14.09
N LEU C 169 -40.45 2.30 12.81
CA LEU C 169 -40.86 1.38 11.77
C LEU C 169 -39.60 0.82 11.10
N ASP C 170 -39.41 -0.50 11.20
CA ASP C 170 -38.17 -1.10 10.75
C ASP C 170 -38.28 -1.60 9.31
N VAL C 171 -37.11 -1.77 8.70
CA VAL C 171 -37.06 -2.23 7.32
C VAL C 171 -37.63 -3.64 7.17
N ASP C 172 -37.44 -4.48 8.19
CA ASP C 172 -37.90 -5.88 8.13
C ASP C 172 -39.42 -5.95 8.01
N GLU C 173 -40.15 -5.25 8.88
CA GLU C 173 -41.60 -5.29 8.80
C GLU C 173 -42.09 -4.61 7.53
N MET C 174 -41.41 -3.53 7.12
CA MET C 174 -41.82 -2.77 5.94
C MET C 174 -41.65 -3.60 4.67
N THR C 175 -40.55 -4.38 4.61
CA THR C 175 -40.34 -5.25 3.48
C THR C 175 -41.48 -6.24 3.36
N ARG C 176 -41.94 -6.81 4.48
CA ARG C 176 -43.07 -7.75 4.42
C ARG C 176 -44.32 -7.08 3.84
N GLN C 177 -44.63 -5.86 4.30
CA GLN C 177 -45.81 -5.15 3.81
C GLN C 177 -45.66 -4.76 2.35
N HIS C 178 -44.46 -4.36 1.93
CA HIS C 178 -44.28 -3.92 0.55
C HIS C 178 -44.35 -5.10 -0.41
N LEU C 179 -43.80 -6.26 -0.03
CA LEU C 179 -43.96 -7.43 -0.88
C LEU C 179 -45.43 -7.78 -1.06
N GLY C 180 -46.21 -7.73 0.02
CA GLY C 180 -47.62 -8.05 -0.08
C GLY C 180 -48.43 -6.99 -0.81
N PHE C 181 -48.00 -5.72 -0.73
CA PHE C 181 -48.76 -4.64 -1.35
C PHE C 181 -48.49 -4.56 -2.84
N TRP C 182 -47.22 -4.64 -3.24
CA TRP C 182 -46.81 -4.44 -4.63
C TRP C 182 -46.73 -5.73 -5.44
N TYR C 183 -46.47 -6.88 -4.82
CA TYR C 183 -46.20 -8.11 -5.57
C TYR C 183 -47.35 -9.10 -5.56
N THR C 184 -47.95 -9.36 -4.41
CA THR C 184 -48.84 -10.51 -4.27
C THR C 184 -50.31 -10.16 -4.01
N MET C 185 -50.62 -8.88 -3.80
CA MET C 185 -51.98 -8.45 -3.46
C MET C 185 -52.45 -9.13 -2.18
N ASP C 186 -51.54 -9.27 -1.22
CA ASP C 186 -51.90 -9.81 0.08
C ASP C 186 -52.94 -8.90 0.71
N PRO C 187 -54.14 -9.40 1.00
CA PRO C 187 -55.18 -8.54 1.60
C PRO C 187 -54.79 -7.95 2.94
N ALA C 188 -53.87 -8.58 3.67
CA ALA C 188 -53.45 -8.02 4.95
C ALA C 188 -52.64 -6.75 4.80
N CYS C 189 -52.18 -6.42 3.60
CA CYS C 189 -51.34 -5.26 3.35
C CYS C 189 -52.13 -4.09 2.76
N GLU C 190 -53.45 -4.19 2.69
CA GLU C 190 -54.24 -3.11 2.12
C GLU C 190 -54.10 -1.84 2.95
N LYS C 191 -54.30 -0.70 2.29
CA LYS C 191 -54.23 0.62 2.92
C LYS C 191 -52.83 0.93 3.45
N LEU C 192 -51.80 0.27 2.91
CA LEU C 192 -50.44 0.52 3.39
C LEU C 192 -50.04 1.98 3.24
N TYR C 193 -50.54 2.64 2.19
CA TYR C 193 -50.35 4.07 2.00
C TYR C 193 -51.65 4.84 2.25
N GLY C 194 -52.53 4.30 3.08
CA GLY C 194 -53.81 4.98 3.29
C GLY C 194 -54.60 5.06 2.00
N GLY C 195 -55.18 6.24 1.76
CA GLY C 195 -55.91 6.45 0.52
C GLY C 195 -55.08 6.93 -0.64
N ALA C 196 -53.77 7.06 -0.48
CA ALA C 196 -52.95 7.65 -1.53
C ALA C 196 -52.75 6.70 -2.71
N VAL C 197 -52.70 5.39 -2.47
CA VAL C 197 -52.44 4.39 -3.49
C VAL C 197 -53.54 3.33 -3.46
N PRO C 198 -54.22 3.04 -4.58
CA PRO C 198 -55.28 2.03 -4.65
C PRO C 198 -54.75 0.62 -4.46
N HIS D 8 -30.53 55.04 -11.51
CA HIS D 8 -30.36 53.77 -12.21
C HIS D 8 -31.47 52.77 -11.84
N HIS D 9 -31.71 51.83 -12.74
CA HIS D 9 -32.85 50.92 -12.66
C HIS D 9 -32.50 49.47 -12.90
N GLY D 10 -31.42 49.18 -13.62
CA GLY D 10 -31.05 47.82 -13.91
C GLY D 10 -29.81 47.79 -14.78
N LYS D 11 -29.49 46.60 -15.26
CA LYS D 11 -28.29 46.36 -16.04
C LYS D 11 -28.71 45.57 -17.27
N LEU D 12 -28.21 45.97 -18.43
CA LEU D 12 -28.59 45.33 -19.69
C LEU D 12 -27.37 44.81 -20.43
N THR D 13 -26.21 44.79 -19.79
CA THR D 13 -24.96 44.38 -20.42
C THR D 13 -24.52 43.07 -19.82
N SER D 14 -24.05 42.15 -20.68
CA SER D 14 -23.62 40.84 -20.25
C SER D 14 -22.21 40.91 -19.64
N ASP D 15 -21.83 39.82 -18.99
CA ASP D 15 -20.55 39.74 -18.28
C ASP D 15 -20.07 38.29 -18.29
N PHE D 16 -20.02 37.68 -19.48
CA PHE D 16 -19.84 36.25 -19.59
C PHE D 16 -18.43 35.78 -19.22
N ASP D 17 -17.45 36.68 -19.22
CA ASP D 17 -16.08 36.35 -18.83
C ASP D 17 -15.83 36.56 -17.35
N ASN D 18 -16.81 37.03 -16.61
CA ASN D 18 -16.70 37.15 -15.17
C ASN D 18 -16.57 35.75 -14.57
N PRO D 19 -15.49 35.45 -13.86
CA PRO D 19 -15.36 34.11 -13.27
C PRO D 19 -16.49 33.77 -12.31
N ARG D 20 -17.11 34.79 -11.68
CA ARG D 20 -18.21 34.56 -10.77
C ARG D 20 -19.50 34.20 -11.50
N TRP D 21 -19.65 34.62 -12.75
CA TRP D 21 -20.79 34.17 -13.54
C TRP D 21 -20.63 32.72 -13.97
N ILE D 22 -19.41 32.33 -14.35
CA ILE D 22 -19.16 30.95 -14.75
C ILE D 22 -19.40 30.02 -13.58
N GLY D 23 -18.88 30.40 -12.41
CA GLY D 23 -19.00 29.54 -11.23
C GLY D 23 -20.40 29.49 -10.68
N ARG D 24 -21.17 30.55 -10.90
CA ARG D 24 -22.57 30.57 -10.48
C ARG D 24 -23.35 29.49 -11.19
N HIS D 25 -23.16 29.37 -12.50
CA HIS D 25 -23.84 28.35 -13.27
C HIS D 25 -23.21 26.97 -13.14
N LYS D 26 -21.93 26.88 -12.76
CA LYS D 26 -21.39 25.54 -12.50
C LYS D 26 -21.92 24.99 -11.18
N HIS D 27 -22.08 25.84 -10.15
CA HIS D 27 -22.80 25.39 -8.96
C HIS D 27 -24.16 24.84 -9.34
N MET D 28 -24.88 25.54 -10.23
CA MET D 28 -26.20 25.06 -10.65
C MET D 28 -26.10 23.79 -11.49
N PHE D 29 -25.08 23.71 -12.38
CA PHE D 29 -24.91 22.48 -13.15
C PHE D 29 -24.68 21.29 -12.24
N ASN D 30 -23.81 21.43 -11.24
CA ASN D 30 -23.53 20.34 -10.31
C ASN D 30 -24.76 20.00 -9.47
N PHE D 31 -25.54 21.03 -9.09
CA PHE D 31 -26.79 20.82 -8.36
C PHE D 31 -27.82 20.11 -9.22
N LEU D 32 -27.84 20.37 -10.52
CA LEU D 32 -28.79 19.70 -11.39
C LEU D 32 -28.31 18.29 -11.75
N ASP D 33 -27.00 18.08 -11.74
CA ASP D 33 -26.38 16.79 -12.08
C ASP D 33 -26.42 15.91 -10.83
N VAL D 34 -27.62 15.47 -10.49
CA VAL D 34 -27.87 14.85 -9.20
C VAL D 34 -27.15 13.50 -9.05
N ASN D 35 -26.90 12.80 -10.16
CA ASN D 35 -26.19 11.51 -10.12
C ASN D 35 -24.74 11.63 -10.54
N HIS D 36 -24.24 12.84 -10.70
CA HIS D 36 -22.84 13.10 -11.01
C HIS D 36 -22.42 12.36 -12.27
N ASN D 37 -23.26 12.44 -13.31
CA ASN D 37 -22.96 11.90 -14.63
C ASN D 37 -22.15 12.87 -15.49
N GLY D 38 -21.87 14.08 -14.99
CA GLY D 38 -21.22 15.11 -15.77
C GLY D 38 -22.03 15.66 -16.91
N LYS D 39 -23.29 15.25 -17.06
CA LYS D 39 -24.15 15.75 -18.13
C LYS D 39 -25.61 15.57 -17.73
N ILE D 40 -26.46 16.47 -18.25
CA ILE D 40 -27.89 16.48 -17.95
C ILE D 40 -28.66 16.61 -19.25
N SER D 41 -29.94 16.26 -19.20
CA SER D 41 -30.80 16.29 -20.37
C SER D 41 -32.03 17.15 -20.12
N LEU D 42 -32.61 17.65 -21.22
CA LEU D 42 -33.85 18.39 -21.10
C LEU D 42 -34.95 17.53 -20.48
N ASP D 43 -34.94 16.23 -20.78
CA ASP D 43 -35.90 15.31 -20.18
C ASP D 43 -35.87 15.41 -18.67
N GLU D 44 -34.67 15.44 -18.10
CA GLU D 44 -34.56 15.45 -16.64
C GLU D 44 -35.03 16.78 -16.06
N MET D 45 -34.74 17.89 -16.75
CA MET D 45 -35.11 19.22 -16.25
C MET D 45 -36.61 19.37 -16.19
N VAL D 46 -37.30 19.03 -17.28
CA VAL D 46 -38.76 19.16 -17.27
C VAL D 46 -39.36 18.14 -16.32
N TYR D 47 -38.75 16.96 -16.18
CA TYR D 47 -39.25 16.01 -15.19
C TYR D 47 -39.12 16.60 -13.79
N LYS D 48 -37.95 17.13 -13.46
CA LYS D 48 -37.78 17.72 -12.14
C LYS D 48 -38.80 18.83 -11.91
N ALA D 49 -38.95 19.73 -12.91
CA ALA D 49 -39.86 20.87 -12.74
C ALA D 49 -41.28 20.40 -12.47
N SER D 50 -41.76 19.43 -13.25
CA SER D 50 -43.12 18.94 -13.04
C SER D 50 -43.23 18.11 -11.77
N ASP D 51 -42.18 17.35 -11.42
CA ASP D 51 -42.24 16.60 -10.16
C ASP D 51 -42.46 17.53 -8.98
N ILE D 52 -41.71 18.63 -8.93
CA ILE D 52 -41.86 19.59 -7.84
C ILE D 52 -43.28 20.15 -7.78
N VAL D 53 -43.78 20.69 -8.89
CA VAL D 53 -45.03 21.43 -8.76
C VAL D 53 -46.21 20.48 -8.60
N ILE D 54 -46.17 19.31 -9.23
CA ILE D 54 -47.27 18.37 -9.07
C ILE D 54 -47.18 17.66 -7.71
N ASN D 55 -46.01 17.10 -7.39
CA ASN D 55 -45.92 16.20 -6.24
C ASN D 55 -45.62 16.89 -4.91
N ASN D 56 -45.10 18.10 -4.93
CA ASN D 56 -44.76 18.86 -3.72
C ASN D 56 -45.57 20.14 -3.53
N LEU D 57 -46.09 20.76 -4.59
CA LEU D 57 -46.72 22.07 -4.47
C LEU D 57 -48.19 22.09 -4.88
N GLY D 58 -48.80 20.93 -5.15
CA GLY D 58 -50.23 20.88 -5.39
C GLY D 58 -50.72 21.61 -6.61
N ALA D 59 -49.96 21.59 -7.70
CA ALA D 59 -50.40 22.24 -8.92
C ALA D 59 -51.46 21.39 -9.61
N THR D 60 -52.42 22.07 -10.25
CA THR D 60 -53.39 21.39 -11.10
C THR D 60 -52.71 20.98 -12.40
N PRO D 61 -53.32 20.05 -13.15
CA PRO D 61 -52.73 19.67 -14.45
C PRO D 61 -52.55 20.86 -15.38
N GLU D 62 -53.47 21.82 -15.37
CA GLU D 62 -53.33 23.00 -16.22
C GLU D 62 -52.15 23.84 -15.77
N GLN D 63 -52.03 24.07 -14.47
CA GLN D 63 -50.89 24.82 -13.95
C GLN D 63 -49.56 24.12 -14.29
N ALA D 64 -49.54 22.79 -14.20
CA ALA D 64 -48.30 22.05 -14.42
C ALA D 64 -47.84 22.12 -15.88
N LYS D 65 -48.76 22.00 -16.82
CA LYS D 65 -48.41 22.08 -18.24
C LYS D 65 -47.90 23.47 -18.60
N ARG D 66 -48.56 24.51 -18.07
CA ARG D 66 -48.06 25.87 -18.29
C ARG D 66 -46.65 26.01 -17.72
N HIS D 67 -46.43 25.47 -16.51
CA HIS D 67 -45.10 25.51 -15.90
C HIS D 67 -44.11 24.68 -16.71
N LYS D 68 -44.54 23.52 -17.18
CA LYS D 68 -43.65 22.65 -17.95
C LYS D 68 -43.20 23.33 -19.24
N ASP D 69 -44.12 23.97 -19.95
CA ASP D 69 -43.74 24.68 -21.16
C ASP D 69 -42.73 25.78 -20.85
N ALA D 70 -42.92 26.48 -19.73
CA ALA D 70 -41.98 27.55 -19.38
C ALA D 70 -40.60 27.00 -19.08
N VAL D 71 -40.53 25.94 -18.26
CA VAL D 71 -39.24 25.35 -17.96
C VAL D 71 -38.61 24.79 -19.23
N GLU D 72 -39.43 24.16 -20.08
CA GLU D 72 -38.94 23.59 -21.33
C GLU D 72 -38.30 24.65 -22.22
N ALA D 73 -38.98 25.78 -22.39
CA ALA D 73 -38.43 26.84 -23.23
C ALA D 73 -37.17 27.43 -22.58
N PHE D 74 -37.16 27.53 -21.26
CA PHE D 74 -36.01 28.11 -20.57
C PHE D 74 -34.75 27.30 -20.84
N PHE D 75 -34.76 26.01 -20.50
CA PHE D 75 -33.56 25.22 -20.75
C PHE D 75 -33.37 24.95 -22.23
N GLY D 76 -34.45 24.85 -23.00
CA GLY D 76 -34.29 24.77 -24.44
C GLY D 76 -33.59 26.00 -24.99
N GLY D 77 -33.85 27.16 -24.41
CA GLY D 77 -33.15 28.36 -24.82
C GLY D 77 -31.68 28.34 -24.52
N ALA D 78 -31.24 27.47 -23.61
CA ALA D 78 -29.82 27.28 -23.33
C ALA D 78 -29.21 26.15 -24.14
N GLY D 79 -29.90 25.66 -25.15
CA GLY D 79 -29.38 24.64 -26.01
C GLY D 79 -29.66 23.20 -25.60
N MET D 80 -30.38 22.97 -24.50
CA MET D 80 -30.71 21.62 -24.10
C MET D 80 -31.86 21.07 -24.96
N LYS D 81 -31.81 19.77 -25.26
CA LYS D 81 -32.80 19.15 -26.14
C LYS D 81 -33.24 17.80 -25.57
N TYR D 82 -34.43 17.36 -25.98
CA TYR D 82 -34.92 16.06 -25.53
C TYR D 82 -34.08 14.94 -26.13
N GLY D 83 -33.76 13.94 -25.31
CA GLY D 83 -32.94 12.84 -25.78
C GLY D 83 -31.48 13.17 -26.02
N VAL D 84 -31.01 14.33 -25.57
CA VAL D 84 -29.62 14.75 -25.73
C VAL D 84 -29.01 15.01 -24.37
N GLU D 85 -27.78 14.55 -24.17
CA GLU D 85 -27.04 14.77 -22.93
C GLU D 85 -26.14 15.98 -23.11
N THR D 86 -26.24 16.92 -22.18
CA THR D 86 -25.48 18.17 -22.25
C THR D 86 -24.40 18.14 -21.20
N ASP D 87 -23.14 18.14 -21.63
CA ASP D 87 -22.05 18.20 -20.68
C ASP D 87 -21.82 19.65 -20.28
N TRP D 88 -20.87 19.86 -19.38
CA TRP D 88 -20.61 21.20 -18.86
C TRP D 88 -20.17 22.18 -19.93
N PRO D 89 -19.21 21.87 -20.82
CA PRO D 89 -18.83 22.86 -21.84
C PRO D 89 -19.99 23.27 -22.75
N ALA D 90 -20.81 22.31 -23.19
CA ALA D 90 -21.96 22.68 -24.01
C ALA D 90 -23.01 23.42 -23.19
N TYR D 91 -23.09 23.15 -21.89
CA TYR D 91 -24.08 23.82 -21.05
C TYR D 91 -23.73 25.30 -20.88
N ILE D 92 -22.48 25.59 -20.52
CA ILE D 92 -22.12 26.98 -20.26
C ILE D 92 -22.07 27.77 -21.56
N GLU D 93 -21.74 27.12 -22.66
CA GLU D 93 -21.81 27.77 -23.96
C GLU D 93 -23.24 28.09 -24.33
N GLY D 94 -24.15 27.16 -24.07
CA GLY D 94 -25.55 27.41 -24.32
C GLY D 94 -26.15 28.47 -23.41
N TRP D 95 -25.58 28.64 -22.21
CA TRP D 95 -26.10 29.66 -21.32
C TRP D 95 -25.73 31.06 -21.78
N LYS D 96 -24.58 31.20 -22.45
CA LYS D 96 -24.26 32.49 -23.03
C LYS D 96 -25.29 32.87 -24.07
N LYS D 97 -25.74 31.91 -24.89
CA LYS D 97 -26.78 32.23 -25.87
C LYS D 97 -28.12 32.48 -25.18
N LEU D 98 -28.46 31.71 -24.14
CA LEU D 98 -29.71 31.96 -23.42
C LEU D 98 -29.74 33.38 -22.84
N ALA D 99 -28.68 33.76 -22.14
CA ALA D 99 -28.59 35.09 -21.53
C ALA D 99 -28.63 36.19 -22.58
N THR D 100 -28.01 35.96 -23.74
CA THR D 100 -28.00 36.96 -24.80
C THR D 100 -29.40 37.18 -25.36
N ASP D 101 -30.12 36.09 -25.64
CA ASP D 101 -31.49 36.24 -26.17
C ASP D 101 -32.44 36.81 -25.13
N GLU D 102 -32.24 36.47 -23.86
CA GLU D 102 -33.09 37.02 -22.81
C GLU D 102 -32.86 38.51 -22.68
N LEU D 103 -31.60 38.96 -22.77
CA LEU D 103 -31.29 40.37 -22.68
C LEU D 103 -31.83 41.13 -23.88
N GLU D 104 -31.90 40.48 -25.04
CA GLU D 104 -32.56 41.08 -26.20
C GLU D 104 -34.05 41.25 -25.95
N LYS D 105 -34.70 40.21 -25.42
CA LYS D 105 -36.10 40.35 -25.04
C LYS D 105 -36.27 41.42 -23.96
N TYR D 106 -35.38 41.41 -22.96
CA TYR D 106 -35.43 42.40 -21.87
C TYR D 106 -35.40 43.83 -22.43
N ALA D 107 -34.46 44.09 -23.34
CA ALA D 107 -34.29 45.44 -23.89
C ALA D 107 -35.45 45.83 -24.79
N LYS D 108 -36.10 44.86 -25.42
CA LYS D 108 -37.27 45.11 -26.24
C LYS D 108 -38.55 45.15 -25.42
N ASN D 109 -38.44 45.07 -24.10
CA ASN D 109 -39.61 45.08 -23.23
C ASN D 109 -40.59 43.96 -23.60
N GLU D 110 -40.02 42.74 -24.13
CA GLU D 110 -40.78 41.53 -24.37
C GLU D 110 -40.71 40.65 -23.13
N PRO D 111 -41.72 39.83 -22.87
CA PRO D 111 -41.63 38.89 -21.73
C PRO D 111 -40.45 37.95 -21.89
N THR D 112 -39.54 37.95 -20.92
CA THR D 112 -38.41 37.04 -20.94
C THR D 112 -38.84 35.63 -20.55
N LEU D 113 -38.04 34.65 -20.96
CA LEU D 113 -38.37 33.26 -20.61
C LEU D 113 -38.38 33.06 -19.10
N ILE D 114 -37.49 33.76 -18.38
CA ILE D 114 -37.46 33.63 -16.93
C ILE D 114 -38.71 34.25 -16.31
N ARG D 115 -39.21 35.37 -16.86
CA ARG D 115 -40.46 35.94 -16.37
C ARG D 115 -41.62 34.99 -16.57
N ILE D 116 -41.74 34.42 -17.78
CA ILE D 116 -42.84 33.50 -18.07
C ILE D 116 -42.79 32.31 -17.12
N TRP D 117 -41.59 31.84 -16.79
CA TRP D 117 -41.46 30.80 -15.78
C TRP D 117 -41.96 31.30 -14.43
N GLY D 118 -41.56 32.53 -14.05
CA GLY D 118 -42.01 33.09 -12.79
C GLY D 118 -43.52 33.21 -12.70
N ASP D 119 -44.16 33.65 -13.79
CA ASP D 119 -45.61 33.72 -13.81
C ASP D 119 -46.23 32.34 -13.62
N ALA D 120 -45.73 31.35 -14.36
CA ALA D 120 -46.30 30.01 -14.24
C ALA D 120 -46.08 29.45 -12.84
N LEU D 121 -44.90 29.69 -12.25
CA LEU D 121 -44.59 29.13 -10.93
C LEU D 121 -45.33 29.87 -9.82
N PHE D 122 -45.38 31.21 -9.89
CA PHE D 122 -46.07 31.95 -8.84
C PHE D 122 -47.56 31.66 -8.82
N ASP D 123 -48.14 31.37 -9.98
CA ASP D 123 -49.55 31.00 -10.00
C ASP D 123 -49.79 29.73 -9.19
N ILE D 124 -48.79 28.85 -9.10
CA ILE D 124 -48.90 27.63 -8.31
C ILE D 124 -48.59 27.91 -6.85
N VAL D 125 -47.50 28.64 -6.60
CA VAL D 125 -47.00 28.81 -5.23
C VAL D 125 -47.89 29.73 -4.42
N ASP D 126 -48.43 30.76 -5.06
CA ASP D 126 -49.25 31.74 -4.38
C ASP D 126 -50.65 31.19 -4.18
N LYS D 127 -51.08 31.10 -2.93
CA LYS D 127 -52.41 30.58 -2.65
C LYS D 127 -53.48 31.54 -3.17
N ASP D 128 -53.19 32.84 -3.19
CA ASP D 128 -54.13 33.83 -3.71
C ASP D 128 -54.12 33.91 -5.23
N GLN D 129 -53.09 33.37 -5.88
CA GLN D 129 -52.93 33.32 -7.34
C GLN D 129 -53.00 34.72 -7.97
N ASN D 130 -52.50 35.72 -7.24
CA ASN D 130 -52.37 37.08 -7.75
C ASN D 130 -50.92 37.48 -8.03
N GLY D 131 -50.00 36.53 -8.11
CA GLY D 131 -48.63 36.86 -8.46
C GLY D 131 -47.73 37.39 -7.37
N ALA D 132 -48.02 37.10 -6.10
CA ALA D 132 -47.14 37.50 -5.01
C ALA D 132 -47.05 36.36 -4.01
N ILE D 133 -45.84 36.08 -3.52
CA ILE D 133 -45.64 34.93 -2.64
C ILE D 133 -45.11 35.37 -1.29
N THR D 134 -45.52 34.65 -0.25
CA THR D 134 -45.08 34.94 1.11
C THR D 134 -43.73 34.27 1.37
N LEU D 135 -43.16 34.52 2.55
CA LEU D 135 -41.91 33.87 2.89
C LEU D 135 -42.11 32.37 3.07
N ASP D 136 -43.24 31.96 3.66
CA ASP D 136 -43.50 30.53 3.80
C ASP D 136 -43.64 29.86 2.45
N GLU D 137 -44.25 30.54 1.49
CA GLU D 137 -44.40 29.93 0.17
C GLU D 137 -43.06 29.86 -0.55
N TRP D 138 -42.20 30.87 -0.37
CA TRP D 138 -40.87 30.84 -0.99
C TRP D 138 -40.00 29.75 -0.38
N LYS D 139 -40.12 29.54 0.93
CA LYS D 139 -39.43 28.42 1.56
C LYS D 139 -39.92 27.09 1.00
N ALA D 140 -41.25 26.97 0.82
CA ALA D 140 -41.80 25.70 0.36
C ALA D 140 -41.28 25.34 -1.02
N TYR D 141 -41.23 26.32 -1.93
CA TYR D 141 -40.73 26.06 -3.28
C TYR D 141 -39.24 25.79 -3.30
N THR D 142 -38.44 26.69 -2.73
CA THR D 142 -37.01 26.55 -2.88
C THR D 142 -36.49 25.30 -2.17
N LYS D 143 -37.13 24.92 -1.06
CA LYS D 143 -36.68 23.71 -0.39
C LYS D 143 -37.14 22.45 -1.12
N ALA D 144 -38.31 22.47 -1.76
CA ALA D 144 -38.74 21.32 -2.53
C ALA D 144 -37.82 21.10 -3.72
N ALA D 145 -37.44 22.18 -4.40
CA ALA D 145 -36.49 22.10 -5.49
C ALA D 145 -35.10 21.77 -5.00
N GLY D 146 -34.79 22.15 -3.77
CA GLY D 146 -33.46 21.99 -3.23
C GLY D 146 -32.50 23.12 -3.53
N ILE D 147 -32.93 24.17 -4.24
CA ILE D 147 -31.99 25.23 -4.59
C ILE D 147 -31.54 25.98 -3.33
N ILE D 148 -32.40 26.06 -2.31
CA ILE D 148 -32.05 26.57 -0.99
C ILE D 148 -32.39 25.51 0.06
N GLN D 149 -31.49 25.33 1.02
CA GLN D 149 -31.70 24.37 2.11
C GLN D 149 -32.12 25.05 3.42
N SER D 150 -31.43 26.09 3.84
CA SER D 150 -31.68 26.71 5.13
C SER D 150 -32.69 27.84 5.01
N SER D 151 -33.50 28.01 6.06
CA SER D 151 -34.52 29.05 6.08
C SER D 151 -33.92 30.45 6.04
N GLU D 152 -32.71 30.61 6.57
CA GLU D 152 -32.08 31.93 6.58
C GLU D 152 -31.73 32.40 5.17
N ASP D 153 -31.34 31.49 4.29
CA ASP D 153 -31.09 31.90 2.91
C ASP D 153 -32.37 32.34 2.23
N CYS D 154 -33.49 31.68 2.53
CA CYS D 154 -34.77 32.12 1.97
C CYS D 154 -35.11 33.54 2.44
N GLU D 155 -34.78 33.85 3.70
CA GLU D 155 -35.03 35.19 4.21
C GLU D 155 -34.15 36.25 3.53
N GLU D 156 -32.94 35.88 3.11
CA GLU D 156 -32.07 36.84 2.43
C GLU D 156 -32.65 37.28 1.10
N THR D 157 -33.43 36.41 0.45
CA THR D 157 -34.10 36.79 -0.78
C THR D 157 -35.01 37.98 -0.54
N PHE D 158 -35.74 37.96 0.59
CA PHE D 158 -36.65 39.06 0.92
C PHE D 158 -35.90 40.34 1.26
N ARG D 159 -34.72 40.22 1.87
CA ARG D 159 -33.92 41.42 2.12
C ARG D 159 -33.36 41.98 0.83
N VAL D 160 -32.95 41.12 -0.11
CA VAL D 160 -32.41 41.62 -1.37
C VAL D 160 -33.52 42.26 -2.21
N CYS D 161 -34.74 41.74 -2.16
CA CYS D 161 -35.84 42.35 -2.88
C CYS D 161 -36.47 43.50 -2.13
N ASP D 162 -36.02 43.73 -0.89
CA ASP D 162 -36.49 44.81 -0.02
C ASP D 162 -37.99 44.70 0.24
N ILE D 163 -38.38 43.55 0.79
CA ILE D 163 -39.72 43.32 1.30
C ILE D 163 -39.57 42.74 2.70
N ASP D 164 -40.32 43.24 3.67
CA ASP D 164 -40.19 42.67 4.99
C ASP D 164 -40.81 41.27 5.01
N GLU D 165 -40.40 40.46 5.99
CA GLU D 165 -40.77 39.05 6.05
C GLU D 165 -42.26 38.82 6.22
N SER D 166 -43.00 39.80 6.73
CA SER D 166 -44.46 39.69 6.81
C SER D 166 -45.13 40.08 5.50
N GLY D 167 -44.38 40.59 4.52
CA GLY D 167 -44.93 41.00 3.25
C GLY D 167 -44.77 39.94 2.18
N GLN D 168 -45.37 40.20 1.04
CA GLN D 168 -45.33 39.29 -0.10
C GLN D 168 -44.33 39.78 -1.14
N LEU D 169 -43.97 38.86 -2.02
CA LEU D 169 -42.94 39.10 -3.03
C LEU D 169 -43.59 38.93 -4.39
N ASP D 170 -43.54 39.96 -5.22
CA ASP D 170 -44.20 39.96 -6.52
C ASP D 170 -43.25 39.47 -7.61
N VAL D 171 -43.86 38.97 -8.70
CA VAL D 171 -43.10 38.46 -9.84
C VAL D 171 -42.27 39.57 -10.48
N ASP D 172 -42.79 40.80 -10.48
CA ASP D 172 -42.12 41.90 -11.17
C ASP D 172 -40.76 42.22 -10.54
N GLU D 173 -40.71 42.43 -9.23
CA GLU D 173 -39.43 42.70 -8.59
C GLU D 173 -38.54 41.45 -8.61
N MET D 174 -39.16 40.28 -8.49
CA MET D 174 -38.39 39.04 -8.54
C MET D 174 -37.72 38.89 -9.90
N THR D 175 -38.42 39.24 -10.96
CA THR D 175 -37.83 39.13 -12.28
C THR D 175 -36.58 40.01 -12.42
N ARG D 176 -36.64 41.24 -11.92
CA ARG D 176 -35.47 42.12 -11.98
C ARG D 176 -34.28 41.53 -11.25
N GLN D 177 -34.49 41.01 -10.04
CA GLN D 177 -33.37 40.45 -9.29
C GLN D 177 -32.80 39.23 -9.98
N HIS D 178 -33.66 38.40 -10.58
CA HIS D 178 -33.19 37.19 -11.23
C HIS D 178 -32.43 37.50 -12.51
N LEU D 179 -32.88 38.50 -13.26
CA LEU D 179 -32.13 38.90 -14.45
C LEU D 179 -30.72 39.34 -14.07
N GLY D 180 -30.58 40.15 -13.01
CA GLY D 180 -29.26 40.58 -12.61
C GLY D 180 -28.45 39.46 -11.99
N PHE D 181 -29.12 38.50 -11.34
CA PHE D 181 -28.39 37.40 -10.68
C PHE D 181 -27.92 36.36 -11.69
N TRP D 182 -28.77 35.98 -12.65
CA TRP D 182 -28.42 34.90 -13.56
C TRP D 182 -27.79 35.37 -14.86
N TYR D 183 -28.09 36.60 -15.31
CA TYR D 183 -27.69 37.07 -16.63
C TYR D 183 -26.60 38.12 -16.63
N THR D 184 -26.66 39.14 -15.77
CA THR D 184 -25.80 40.31 -15.90
C THR D 184 -24.79 40.50 -14.78
N MET D 185 -24.85 39.69 -13.72
CA MET D 185 -23.99 39.87 -12.56
C MET D 185 -24.19 41.26 -11.95
N ASP D 186 -25.43 41.68 -11.89
CA ASP D 186 -25.76 42.95 -11.27
C ASP D 186 -25.37 42.92 -9.79
N PRO D 187 -24.44 43.76 -9.35
CA PRO D 187 -24.02 43.70 -7.94
C PRO D 187 -25.14 43.96 -6.97
N ALA D 188 -26.20 44.66 -7.40
CA ALA D 188 -27.34 44.89 -6.55
C ALA D 188 -28.14 43.61 -6.29
N CYS D 189 -27.88 42.55 -7.05
CA CYS D 189 -28.63 41.32 -6.95
C CYS D 189 -27.87 40.22 -6.20
N GLU D 190 -26.73 40.55 -5.60
CA GLU D 190 -25.98 39.56 -4.84
C GLU D 190 -26.79 39.05 -3.66
N LYS D 191 -26.48 37.82 -3.23
CA LYS D 191 -27.14 37.17 -2.10
C LYS D 191 -28.64 36.94 -2.33
N LEU D 192 -29.07 36.88 -3.59
CA LEU D 192 -30.50 36.66 -3.85
C LEU D 192 -30.95 35.32 -3.26
N TYR D 193 -30.08 34.31 -3.30
CA TYR D 193 -30.34 33.04 -2.64
C TYR D 193 -29.49 32.87 -1.38
N GLY D 194 -29.08 33.98 -0.76
CA GLY D 194 -28.28 33.88 0.45
C GLY D 194 -26.97 33.18 0.15
N GLY D 195 -26.59 32.24 1.03
CA GLY D 195 -25.38 31.48 0.80
C GLY D 195 -25.55 30.22 0.00
N ALA D 196 -26.77 29.91 -0.45
CA ALA D 196 -27.02 28.66 -1.18
C ALA D 196 -26.43 28.70 -2.58
N VAL D 197 -26.40 29.85 -3.23
CA VAL D 197 -25.86 29.93 -4.59
C VAL D 197 -24.80 31.01 -4.64
N PRO D 198 -23.58 30.71 -5.10
CA PRO D 198 -22.46 31.66 -5.17
C PRO D 198 -22.78 32.79 -6.16
N HIS E 8 48.27 -71.96 -2.69
CA HIS E 8 47.39 -70.81 -2.48
C HIS E 8 46.08 -70.99 -3.22
N HIS E 9 44.97 -70.85 -2.50
CA HIS E 9 43.65 -71.07 -3.06
C HIS E 9 42.69 -69.91 -2.89
N GLY E 10 42.96 -68.98 -1.98
CA GLY E 10 42.12 -67.80 -1.85
C GLY E 10 42.59 -66.91 -0.74
N LYS E 11 41.73 -65.96 -0.38
CA LYS E 11 42.02 -64.98 0.67
C LYS E 11 40.86 -64.97 1.64
N LEU E 12 41.16 -64.99 2.94
CA LEU E 12 40.14 -64.99 3.97
C LEU E 12 40.28 -63.80 4.90
N THR E 13 41.07 -62.82 4.51
CA THR E 13 41.31 -61.65 5.33
C THR E 13 40.71 -60.41 4.68
N SER E 14 40.10 -59.57 5.49
CA SER E 14 39.51 -58.33 5.03
C SER E 14 40.60 -57.30 4.82
N ASP E 15 40.23 -56.18 4.20
CA ASP E 15 41.17 -55.13 3.84
C ASP E 15 40.43 -53.79 3.88
N PHE E 16 39.78 -53.49 5.02
CA PHE E 16 38.83 -52.38 5.07
C PHE E 16 39.47 -51.01 5.03
N ASP E 17 40.77 -50.88 5.34
CA ASP E 17 41.43 -49.59 5.25
C ASP E 17 42.05 -49.33 3.89
N ASN E 18 42.00 -50.29 2.99
CA ASN E 18 42.50 -50.06 1.64
C ASN E 18 41.58 -49.07 0.93
N PRO E 19 42.06 -47.89 0.52
CA PRO E 19 41.18 -46.93 -0.17
C PRO E 19 40.57 -47.48 -1.44
N ARG E 20 41.17 -48.49 -2.07
CA ARG E 20 40.52 -49.07 -3.23
C ARG E 20 39.32 -49.92 -2.84
N TRP E 21 39.27 -50.46 -1.63
CA TRP E 21 38.06 -51.14 -1.18
C TRP E 21 36.97 -50.15 -0.90
N ILE E 22 37.34 -49.07 -0.23
CA ILE E 22 36.39 -48.01 0.07
C ILE E 22 35.87 -47.41 -1.24
N GLY E 23 36.78 -47.18 -2.20
CA GLY E 23 36.40 -46.56 -3.46
C GLY E 23 35.58 -47.47 -4.35
N ARG E 24 35.76 -48.77 -4.20
CA ARG E 24 34.95 -49.74 -4.93
C ARG E 24 33.50 -49.66 -4.49
N HIS E 25 33.27 -49.61 -3.18
CA HIS E 25 31.90 -49.51 -2.71
C HIS E 25 31.33 -48.11 -2.80
N LYS E 26 32.17 -47.08 -2.84
CA LYS E 26 31.68 -45.74 -3.14
C LYS E 26 31.20 -45.65 -4.59
N HIS E 27 31.95 -46.26 -5.51
CA HIS E 27 31.45 -46.32 -6.88
C HIS E 27 30.06 -46.97 -6.92
N MET E 28 29.88 -48.08 -6.20
CA MET E 28 28.60 -48.78 -6.20
C MET E 28 27.51 -47.96 -5.50
N PHE E 29 27.86 -47.27 -4.42
CA PHE E 29 26.89 -46.40 -3.77
C PHE E 29 26.37 -45.34 -4.75
N ASN E 30 27.29 -44.70 -5.48
CA ASN E 30 26.87 -43.69 -6.44
C ASN E 30 26.05 -44.30 -7.57
N PHE E 31 26.40 -45.50 -8.01
CA PHE E 31 25.63 -46.19 -9.03
C PHE E 31 24.23 -46.54 -8.54
N LEU E 32 24.10 -46.90 -7.26
CA LEU E 32 22.78 -47.21 -6.70
C LEU E 32 21.97 -45.94 -6.38
N ASP E 33 22.66 -44.83 -6.12
CA ASP E 33 22.03 -43.55 -5.79
C ASP E 33 21.68 -42.80 -7.08
N VAL E 34 20.70 -43.36 -7.82
CA VAL E 34 20.45 -42.87 -9.18
C VAL E 34 19.93 -41.42 -9.20
N ASN E 35 19.30 -40.95 -8.13
CA ASN E 35 18.79 -39.59 -8.07
C ASN E 35 19.70 -38.62 -7.30
N HIS E 36 20.92 -39.04 -7.00
CA HIS E 36 21.94 -38.18 -6.36
C HIS E 36 21.39 -37.50 -5.10
N ASN E 37 20.69 -38.29 -4.29
CA ASN E 37 20.18 -37.83 -3.00
C ASN E 37 21.21 -37.98 -1.90
N GLY E 38 22.35 -38.62 -2.17
CA GLY E 38 23.27 -38.93 -1.10
C GLY E 38 22.80 -40.01 -0.14
N LYS E 39 21.70 -40.69 -0.45
CA LYS E 39 21.18 -41.73 0.44
C LYS E 39 20.32 -42.72 -0.34
N ILE E 40 20.32 -43.98 0.12
CA ILE E 40 19.55 -45.05 -0.50
C ILE E 40 18.84 -45.85 0.59
N SER E 41 17.77 -46.55 0.18
CA SER E 41 16.93 -47.32 1.11
C SER E 41 16.83 -48.78 0.67
N LEU E 42 16.54 -49.64 1.64
CA LEU E 42 16.30 -51.04 1.31
C LEU E 42 15.11 -51.18 0.37
N ASP E 43 14.10 -50.31 0.50
CA ASP E 43 12.98 -50.31 -0.44
C ASP E 43 13.47 -50.20 -1.88
N GLU E 44 14.39 -49.27 -2.13
CA GLU E 44 14.86 -49.04 -3.49
C GLU E 44 15.70 -50.21 -4.00
N MET E 45 16.54 -50.79 -3.14
CA MET E 45 17.38 -51.89 -3.58
C MET E 45 16.53 -53.06 -4.01
N VAL E 46 15.55 -53.39 -3.17
CA VAL E 46 14.65 -54.50 -3.41
C VAL E 46 13.71 -54.20 -4.58
N TYR E 47 13.34 -52.93 -4.78
CA TYR E 47 12.56 -52.60 -5.98
C TYR E 47 13.38 -52.86 -7.23
N LYS E 48 14.62 -52.34 -7.26
CA LYS E 48 15.50 -52.50 -8.43
C LYS E 48 15.71 -53.97 -8.78
N ALA E 49 16.00 -54.79 -7.77
CA ALA E 49 16.26 -56.21 -8.01
C ALA E 49 15.06 -56.88 -8.68
N SER E 50 13.85 -56.66 -8.16
CA SER E 50 12.67 -57.28 -8.74
C SER E 50 12.27 -56.64 -10.05
N ASP E 51 12.51 -55.33 -10.19
CA ASP E 51 12.26 -54.68 -11.48
C ASP E 51 13.09 -55.33 -12.58
N ILE E 52 14.39 -55.55 -12.30
CA ILE E 52 15.28 -56.15 -13.30
C ILE E 52 14.79 -57.56 -13.67
N VAL E 53 14.54 -58.40 -12.68
CA VAL E 53 14.32 -59.81 -13.02
C VAL E 53 12.93 -60.02 -13.63
N ILE E 54 11.93 -59.31 -13.15
CA ILE E 54 10.57 -59.47 -13.67
C ILE E 54 10.41 -58.75 -15.00
N ASN E 55 10.82 -57.49 -15.08
CA ASN E 55 10.54 -56.69 -16.27
C ASN E 55 11.62 -56.79 -17.35
N ASN E 56 12.80 -57.27 -17.03
CA ASN E 56 13.85 -57.39 -18.03
C ASN E 56 14.32 -58.81 -18.31
N LEU E 57 14.21 -59.73 -17.34
CA LEU E 57 14.79 -61.06 -17.48
C LEU E 57 13.73 -62.17 -17.42
N GLY E 58 12.45 -61.81 -17.41
CA GLY E 58 11.39 -62.82 -17.52
C GLY E 58 11.30 -63.78 -16.36
N ALA E 59 11.51 -63.30 -15.14
CA ALA E 59 11.42 -64.15 -13.96
C ALA E 59 9.96 -64.49 -13.66
N THR E 60 9.74 -65.69 -13.14
CA THR E 60 8.43 -66.04 -12.62
C THR E 60 8.24 -65.35 -11.27
N PRO E 61 7.00 -65.25 -10.81
CA PRO E 61 6.80 -64.66 -9.46
C PRO E 61 7.56 -65.38 -8.37
N GLU E 62 7.67 -66.71 -8.45
CA GLU E 62 8.39 -67.46 -7.42
C GLU E 62 9.90 -67.25 -7.54
N GLN E 63 10.43 -67.28 -8.77
CA GLN E 63 11.85 -66.96 -8.95
C GLN E 63 12.15 -65.56 -8.45
N ALA E 64 11.26 -64.61 -8.73
CA ALA E 64 11.47 -63.23 -8.31
C ALA E 64 11.41 -63.09 -6.79
N LYS E 65 10.51 -63.84 -6.14
CA LYS E 65 10.41 -63.79 -4.69
C LYS E 65 11.68 -64.34 -4.03
N ARG E 66 12.18 -65.46 -4.54
CA ARG E 66 13.44 -66.04 -4.04
C ARG E 66 14.59 -65.07 -4.26
N HIS E 67 14.62 -64.43 -5.43
CA HIS E 67 15.65 -63.44 -5.74
C HIS E 67 15.54 -62.23 -4.82
N LYS E 68 14.31 -61.78 -4.57
CA LYS E 68 14.09 -60.64 -3.69
C LYS E 68 14.57 -60.94 -2.29
N ASP E 69 14.26 -62.14 -1.77
CA ASP E 69 14.71 -62.52 -0.43
C ASP E 69 16.22 -62.51 -0.33
N ALA E 70 16.90 -62.96 -1.38
CA ALA E 70 18.37 -62.98 -1.38
C ALA E 70 18.96 -61.56 -1.38
N VAL E 71 18.42 -60.66 -2.22
CA VAL E 71 18.90 -59.28 -2.23
C VAL E 71 18.56 -58.57 -0.93
N GLU E 72 17.37 -58.82 -0.39
CA GLU E 72 16.98 -58.22 0.87
C GLU E 72 17.94 -58.60 1.99
N ALA E 73 18.31 -59.89 2.07
CA ALA E 73 19.26 -60.33 3.10
C ALA E 73 20.65 -59.74 2.85
N PHE E 74 21.05 -59.59 1.58
CA PHE E 74 22.36 -59.03 1.25
C PHE E 74 22.47 -57.59 1.73
N PHE E 75 21.59 -56.70 1.26
CA PHE E 75 21.67 -55.31 1.70
C PHE E 75 21.23 -55.12 3.15
N GLY E 76 20.35 -55.99 3.65
CA GLY E 76 20.06 -55.98 5.07
C GLY E 76 21.28 -56.34 5.91
N GLY E 77 22.15 -57.22 5.42
CA GLY E 77 23.38 -57.53 6.14
C GLY E 77 24.33 -56.34 6.21
N ALA E 78 24.15 -55.37 5.32
CA ALA E 78 24.91 -54.14 5.36
C ALA E 78 24.22 -53.07 6.18
N GLY E 79 23.21 -53.43 6.97
CA GLY E 79 22.57 -52.48 7.83
C GLY E 79 21.44 -51.70 7.20
N MET E 80 21.10 -51.95 5.94
CA MET E 80 19.98 -51.24 5.33
C MET E 80 18.65 -51.83 5.81
N LYS E 81 17.64 -50.97 5.93
CA LYS E 81 16.34 -51.34 6.46
C LYS E 81 15.23 -50.68 5.65
N TYR E 82 14.05 -51.28 5.71
CA TYR E 82 12.89 -50.71 5.06
C TYR E 82 12.50 -49.42 5.77
N GLY E 83 12.16 -48.39 4.99
CA GLY E 83 11.78 -47.10 5.52
C GLY E 83 12.92 -46.27 6.08
N VAL E 84 14.17 -46.68 5.90
CA VAL E 84 15.33 -45.98 6.43
C VAL E 84 16.20 -45.53 5.26
N GLU E 85 16.66 -44.29 5.30
CA GLU E 85 17.57 -43.82 4.27
C GLU E 85 19.00 -43.96 4.78
N THR E 86 19.85 -44.65 4.02
CA THR E 86 21.23 -44.95 4.40
C THR E 86 22.13 -43.96 3.65
N ASP E 87 22.85 -43.11 4.40
CA ASP E 87 23.78 -42.21 3.74
C ASP E 87 25.13 -42.91 3.54
N TRP E 88 26.08 -42.22 2.91
CA TRP E 88 27.34 -42.90 2.58
C TRP E 88 28.10 -43.38 3.82
N PRO E 89 28.31 -42.56 4.87
CA PRO E 89 29.01 -43.11 6.06
C PRO E 89 28.31 -44.30 6.69
N ALA E 90 26.97 -44.30 6.77
CA ALA E 90 26.28 -45.49 7.27
C ALA E 90 26.43 -46.66 6.34
N TYR E 91 26.56 -46.40 5.04
CA TYR E 91 26.66 -47.48 4.08
C TYR E 91 28.00 -48.22 4.21
N ILE E 92 29.11 -47.48 4.21
CA ILE E 92 30.41 -48.15 4.19
C ILE E 92 30.70 -48.78 5.55
N GLU E 93 30.20 -48.20 6.63
CA GLU E 93 30.33 -48.84 7.94
C GLU E 93 29.49 -50.11 7.99
N GLY E 94 28.29 -50.06 7.37
CA GLY E 94 27.48 -51.26 7.28
C GLY E 94 28.13 -52.33 6.42
N TRP E 95 28.90 -51.92 5.40
CA TRP E 95 29.56 -52.90 4.54
C TRP E 95 30.72 -53.61 5.24
N LYS E 96 31.37 -52.95 6.20
CA LYS E 96 32.39 -53.67 6.98
C LYS E 96 31.74 -54.81 7.75
N LYS E 97 30.58 -54.56 8.35
CA LYS E 97 29.87 -55.61 9.07
C LYS E 97 29.41 -56.72 8.14
N LEU E 98 28.86 -56.37 6.97
CA LEU E 98 28.46 -57.39 6.00
C LEU E 98 29.66 -58.21 5.57
N ALA E 99 30.76 -57.53 5.20
CA ALA E 99 31.94 -58.25 4.75
C ALA E 99 32.50 -59.14 5.86
N THR E 100 32.43 -58.66 7.11
CA THR E 100 32.89 -59.48 8.22
C THR E 100 32.00 -60.71 8.40
N ASP E 101 30.68 -60.52 8.36
CA ASP E 101 29.76 -61.65 8.51
C ASP E 101 29.87 -62.62 7.33
N GLU E 102 30.11 -62.10 6.13
CA GLU E 102 30.28 -62.98 4.99
C GLU E 102 31.58 -63.77 5.08
N LEU E 103 32.67 -63.15 5.53
CA LEU E 103 33.93 -63.87 5.65
C LEU E 103 33.86 -64.94 6.71
N GLU E 104 33.04 -64.73 7.74
CA GLU E 104 32.80 -65.75 8.76
C GLU E 104 32.06 -66.95 8.18
N LYS E 105 30.98 -66.71 7.41
CA LYS E 105 30.31 -67.82 6.74
C LYS E 105 31.24 -68.51 5.77
N TYR E 106 32.02 -67.73 5.02
CA TYR E 106 32.99 -68.27 4.07
C TYR E 106 33.98 -69.21 4.76
N ALA E 107 34.54 -68.78 5.89
CA ALA E 107 35.56 -69.56 6.60
C ALA E 107 34.98 -70.80 7.28
N LYS E 108 33.70 -70.77 7.66
CA LYS E 108 33.01 -71.93 8.19
C LYS E 108 32.42 -72.79 7.09
N ASN E 109 32.71 -72.46 5.82
CA ASN E 109 32.21 -73.22 4.68
C ASN E 109 30.68 -73.28 4.66
N GLU E 110 29.99 -72.15 5.13
CA GLU E 110 28.54 -71.99 5.01
C GLU E 110 28.23 -71.19 3.76
N PRO E 111 27.06 -71.41 3.14
CA PRO E 111 26.67 -70.58 2.00
C PRO E 111 26.65 -69.11 2.38
N THR E 112 27.41 -68.31 1.65
CA THR E 112 27.44 -66.87 1.84
C THR E 112 26.19 -66.22 1.23
N LEU E 113 25.87 -65.01 1.71
CA LEU E 113 24.73 -64.29 1.16
C LEU E 113 24.92 -64.00 -0.32
N ILE E 114 26.14 -63.72 -0.74
CA ILE E 114 26.41 -63.45 -2.14
C ILE E 114 26.19 -64.71 -2.98
N ARG E 115 26.53 -65.88 -2.43
CA ARG E 115 26.26 -67.14 -3.12
C ARG E 115 24.76 -67.42 -3.23
N ILE E 116 24.00 -67.17 -2.16
CA ILE E 116 22.56 -67.39 -2.18
C ILE E 116 21.91 -66.48 -3.23
N TRP E 117 22.37 -65.23 -3.33
CA TRP E 117 21.90 -64.32 -4.39
C TRP E 117 22.23 -64.88 -5.76
N GLY E 118 23.47 -65.34 -5.96
CA GLY E 118 23.84 -65.89 -7.26
C GLY E 118 22.99 -67.08 -7.68
N ASP E 119 22.69 -67.99 -6.74
CA ASP E 119 21.81 -69.11 -7.06
C ASP E 119 20.45 -68.60 -7.55
N ALA E 120 19.86 -67.65 -6.82
CA ALA E 120 18.56 -67.13 -7.21
C ALA E 120 18.64 -66.41 -8.56
N LEU E 121 19.72 -65.69 -8.80
CA LEU E 121 19.82 -64.96 -10.06
C LEU E 121 20.13 -65.89 -11.22
N PHE E 122 21.08 -66.82 -11.03
CA PHE E 122 21.43 -67.71 -12.15
C PHE E 122 20.25 -68.60 -12.53
N ASP E 123 19.38 -68.92 -11.58
CA ASP E 123 18.16 -69.67 -11.90
C ASP E 123 17.28 -68.91 -12.88
N ILE E 124 17.33 -67.57 -12.85
CA ILE E 124 16.57 -66.75 -13.77
C ILE E 124 17.33 -66.55 -15.07
N VAL E 125 18.62 -66.23 -14.97
CA VAL E 125 19.38 -65.83 -16.13
C VAL E 125 19.69 -67.02 -17.03
N ASP E 126 19.95 -68.18 -16.42
CA ASP E 126 20.29 -69.39 -17.14
C ASP E 126 19.04 -70.06 -17.69
N LYS E 127 18.97 -70.21 -19.02
CA LYS E 127 17.80 -70.81 -19.65
C LYS E 127 17.70 -72.31 -19.35
N ASP E 128 18.83 -73.00 -19.23
CA ASP E 128 18.89 -74.43 -18.92
C ASP E 128 18.73 -74.73 -17.44
N GLN E 129 18.64 -73.71 -16.60
CA GLN E 129 18.35 -73.86 -15.17
C GLN E 129 19.42 -74.61 -14.39
N ASN E 130 20.61 -74.83 -14.96
CA ASN E 130 21.60 -75.65 -14.27
C ASN E 130 22.69 -74.82 -13.59
N GLY E 131 22.48 -73.51 -13.43
CA GLY E 131 23.44 -72.74 -12.67
C GLY E 131 24.69 -72.32 -13.40
N ALA E 132 24.64 -72.22 -14.72
CA ALA E 132 25.77 -71.72 -15.48
C ALA E 132 25.23 -70.79 -16.54
N ILE E 133 25.90 -69.67 -16.76
CA ILE E 133 25.37 -68.67 -17.68
C ILE E 133 26.35 -68.47 -18.83
N THR E 134 25.79 -68.16 -20.00
CA THR E 134 26.59 -67.88 -21.16
C THR E 134 27.04 -66.42 -21.15
N LEU E 135 27.90 -66.06 -22.12
CA LEU E 135 28.35 -64.68 -22.20
C LEU E 135 27.21 -63.73 -22.56
N ASP E 136 26.31 -64.16 -23.45
CA ASP E 136 25.15 -63.34 -23.75
C ASP E 136 24.26 -63.17 -22.53
N GLU E 137 24.16 -64.20 -21.69
CA GLU E 137 23.31 -64.09 -20.52
C GLU E 137 23.90 -63.13 -19.49
N TRP E 138 25.23 -63.13 -19.34
CA TRP E 138 25.86 -62.19 -18.43
C TRP E 138 25.72 -60.77 -18.95
N LYS E 139 25.78 -60.58 -20.27
CA LYS E 139 25.53 -59.26 -20.85
C LYS E 139 24.12 -58.79 -20.54
N ALA E 140 23.13 -59.67 -20.67
CA ALA E 140 21.74 -59.29 -20.45
C ALA E 140 21.51 -58.85 -19.01
N TYR E 141 22.07 -59.58 -18.05
CA TYR E 141 21.87 -59.18 -16.66
C TYR E 141 22.59 -57.87 -16.37
N THR E 142 23.89 -57.80 -16.67
CA THR E 142 24.67 -56.65 -16.23
C THR E 142 24.26 -55.37 -16.96
N LYS E 143 23.83 -55.45 -18.21
CA LYS E 143 23.35 -54.26 -18.89
C LYS E 143 21.97 -53.86 -18.39
N ALA E 144 21.13 -54.83 -18.03
CA ALA E 144 19.84 -54.49 -17.45
C ALA E 144 19.99 -53.82 -16.08
N ALA E 145 20.87 -54.37 -15.23
CA ALA E 145 21.16 -53.75 -13.94
C ALA E 145 21.93 -52.46 -14.12
N GLY E 146 22.72 -52.36 -15.18
CA GLY E 146 23.57 -51.21 -15.38
C GLY E 146 24.93 -51.29 -14.75
N ILE E 147 25.26 -52.38 -14.04
CA ILE E 147 26.56 -52.42 -13.38
C ILE E 147 27.67 -52.44 -14.42
N ILE E 148 27.38 -52.98 -15.61
CA ILE E 148 28.27 -52.94 -16.77
C ILE E 148 27.48 -52.37 -17.93
N GLN E 149 28.12 -51.50 -18.71
CA GLN E 149 27.53 -50.91 -19.92
C GLN E 149 28.08 -51.50 -21.21
N SER E 150 29.41 -51.61 -21.35
CA SER E 150 30.00 -52.07 -22.60
C SER E 150 30.22 -53.58 -22.57
N SER E 151 30.09 -54.20 -23.76
CA SER E 151 30.26 -55.65 -23.89
C SER E 151 31.70 -56.09 -23.63
N GLU E 152 32.67 -55.22 -23.88
CA GLU E 152 34.05 -55.57 -23.61
C GLU E 152 34.26 -55.87 -22.13
N ASP E 153 33.59 -55.11 -21.26
CA ASP E 153 33.71 -55.33 -19.83
C ASP E 153 33.06 -56.66 -19.43
N CYS E 154 31.95 -57.00 -20.07
CA CYS E 154 31.33 -58.29 -19.80
C CYS E 154 32.25 -59.44 -20.18
N GLU E 155 32.99 -59.30 -21.29
CA GLU E 155 33.92 -60.34 -21.71
C GLU E 155 35.06 -60.48 -20.71
N GLU E 156 35.43 -59.35 -20.09
CA GLU E 156 36.51 -59.32 -19.13
C GLU E 156 36.19 -60.15 -17.89
N THR E 157 34.90 -60.26 -17.56
CA THR E 157 34.48 -61.15 -16.48
C THR E 157 34.85 -62.59 -16.79
N PHE E 158 34.63 -63.03 -18.04
CA PHE E 158 34.99 -64.38 -18.43
C PHE E 158 36.49 -64.56 -18.46
N ARG E 159 37.24 -63.51 -18.79
CA ARG E 159 38.68 -63.63 -18.77
C ARG E 159 39.19 -63.84 -17.35
N VAL E 160 38.60 -63.14 -16.37
CA VAL E 160 39.03 -63.27 -14.98
C VAL E 160 38.59 -64.60 -14.38
N CYS E 161 37.43 -65.10 -14.77
CA CYS E 161 36.99 -66.40 -14.26
C CYS E 161 37.58 -67.56 -15.03
N ASP E 162 38.56 -67.28 -15.89
CA ASP E 162 39.26 -68.27 -16.73
C ASP E 162 38.28 -69.19 -17.45
N ILE E 163 37.35 -68.57 -18.18
CA ILE E 163 36.38 -69.25 -19.01
C ILE E 163 36.46 -68.67 -20.42
N ASP E 164 36.38 -69.53 -21.44
CA ASP E 164 36.36 -69.01 -22.80
C ASP E 164 35.05 -68.26 -23.03
N GLU E 165 35.08 -67.32 -23.97
CA GLU E 165 33.89 -66.52 -24.24
C GLU E 165 32.75 -67.37 -24.79
N SER E 166 33.07 -68.51 -25.40
CA SER E 166 32.06 -69.44 -25.87
C SER E 166 31.59 -70.41 -24.80
N GLY E 167 32.29 -70.50 -23.66
CA GLY E 167 31.92 -71.42 -22.61
C GLY E 167 30.91 -70.82 -21.65
N GLN E 168 30.49 -71.65 -20.70
CA GLN E 168 29.56 -71.19 -19.68
C GLN E 168 30.31 -70.94 -18.38
N LEU E 169 29.70 -70.13 -17.54
CA LEU E 169 30.31 -69.65 -16.31
C LEU E 169 29.42 -70.01 -15.13
N ASP E 170 29.97 -70.80 -14.20
CA ASP E 170 29.19 -71.38 -13.10
C ASP E 170 29.21 -70.52 -11.85
N VAL E 171 28.23 -70.79 -10.98
CA VAL E 171 28.10 -70.04 -9.73
C VAL E 171 29.31 -70.28 -8.83
N ASP E 172 29.90 -71.48 -8.87
CA ASP E 172 31.04 -71.79 -7.99
C ASP E 172 32.22 -70.87 -8.27
N GLU E 173 32.62 -70.77 -9.54
CA GLU E 173 33.73 -69.91 -9.89
C GLU E 173 33.40 -68.44 -9.69
N MET E 174 32.14 -68.06 -9.95
CA MET E 174 31.74 -66.67 -9.79
C MET E 174 31.77 -66.26 -8.34
N THR E 175 31.28 -67.13 -7.44
CA THR E 175 31.30 -66.82 -6.02
C THR E 175 32.73 -66.58 -5.55
N ARG E 176 33.67 -67.41 -6.00
CA ARG E 176 35.06 -67.21 -5.61
C ARG E 176 35.53 -65.82 -6.01
N GLN E 177 35.22 -65.41 -7.25
CA GLN E 177 35.67 -64.10 -7.72
C GLN E 177 34.94 -62.97 -7.02
N HIS E 178 33.64 -63.14 -6.76
CA HIS E 178 32.87 -62.08 -6.11
C HIS E 178 33.28 -61.90 -4.66
N LEU E 179 33.57 -62.99 -3.95
CA LEU E 179 34.08 -62.84 -2.60
C LEU E 179 35.37 -62.03 -2.60
N GLY E 180 36.27 -62.33 -3.54
CA GLY E 180 37.54 -61.60 -3.60
C GLY E 180 37.40 -60.17 -4.11
N PHE E 181 36.40 -59.91 -4.96
CA PHE E 181 36.24 -58.56 -5.52
C PHE E 181 35.55 -57.64 -4.52
N TRP E 182 34.51 -58.13 -3.83
CA TRP E 182 33.74 -57.26 -2.95
C TRP E 182 34.22 -57.28 -1.50
N TYR E 183 34.79 -58.39 -1.03
CA TYR E 183 35.08 -58.55 0.40
C TYR E 183 36.55 -58.45 0.76
N THR E 184 37.45 -59.06 0.00
CA THR E 184 38.83 -59.23 0.46
C THR E 184 39.85 -58.43 -0.32
N MET E 185 39.47 -57.79 -1.43
CA MET E 185 40.41 -57.10 -2.32
C MET E 185 41.49 -58.07 -2.81
N ASP E 186 41.07 -59.28 -3.12
CA ASP E 186 41.96 -60.31 -3.66
C ASP E 186 42.51 -59.82 -4.99
N PRO E 187 43.84 -59.68 -5.10
CA PRO E 187 44.43 -59.15 -6.35
C PRO E 187 44.15 -60.01 -7.58
N ALA E 188 43.86 -61.29 -7.41
CA ALA E 188 43.50 -62.16 -8.53
C ALA E 188 42.11 -61.87 -9.09
N CYS E 189 41.29 -61.08 -8.40
CA CYS E 189 39.93 -60.80 -8.84
C CYS E 189 39.79 -59.42 -9.46
N GLU E 190 40.90 -58.71 -9.65
CA GLU E 190 40.84 -57.39 -10.25
C GLU E 190 40.30 -57.49 -11.67
N LYS E 191 39.67 -56.41 -12.11
CA LYS E 191 39.07 -56.30 -13.45
C LYS E 191 37.91 -57.29 -13.65
N LEU E 192 37.31 -57.77 -12.55
CA LEU E 192 36.20 -58.71 -12.67
C LEU E 192 35.06 -58.12 -13.49
N TYR E 193 34.82 -56.82 -13.33
CA TYR E 193 33.85 -56.10 -14.13
C TYR E 193 34.51 -55.21 -15.16
N GLY E 194 35.73 -55.56 -15.58
CA GLY E 194 36.42 -54.77 -16.57
C GLY E 194 36.70 -53.38 -16.04
N GLY E 195 36.45 -52.38 -16.89
CA GLY E 195 36.63 -51.00 -16.49
C GLY E 195 35.39 -50.36 -15.88
N ALA E 196 34.30 -51.11 -15.75
CA ALA E 196 33.05 -50.54 -15.26
C ALA E 196 33.06 -50.30 -13.75
N VAL E 197 33.79 -51.11 -12.97
CA VAL E 197 33.83 -50.97 -11.54
C VAL E 197 35.35 -50.93 -11.12
N PRO E 198 35.80 -49.90 -10.43
CA PRO E 198 37.19 -49.79 -10.00
C PRO E 198 37.51 -50.86 -8.94
N HIS F 7 -14.04 -34.11 -38.46
CA HIS F 7 -13.86 -32.75 -37.97
C HIS F 7 -13.79 -32.72 -36.44
N HIS F 8 -13.78 -33.93 -35.85
CA HIS F 8 -13.48 -34.11 -34.44
C HIS F 8 -11.97 -34.28 -34.29
N HIS F 9 -11.39 -33.62 -33.27
CA HIS F 9 -9.95 -33.61 -33.12
C HIS F 9 -9.44 -34.30 -31.85
N GLY F 10 -10.33 -34.67 -30.93
CA GLY F 10 -9.92 -35.29 -29.70
C GLY F 10 -11.02 -35.19 -28.67
N LYS F 11 -10.69 -35.63 -27.45
CA LYS F 11 -11.65 -35.76 -26.37
C LYS F 11 -11.12 -35.03 -25.14
N LEU F 12 -11.98 -34.24 -24.52
CA LEU F 12 -11.62 -33.41 -23.38
C LEU F 12 -12.46 -33.73 -22.15
N THR F 13 -13.17 -34.85 -22.18
CA THR F 13 -14.05 -35.26 -21.10
C THR F 13 -13.51 -36.54 -20.47
N SER F 14 -13.54 -36.60 -19.15
CA SER F 14 -13.05 -37.75 -18.40
C SER F 14 -14.09 -38.86 -18.43
N ASP F 15 -13.70 -40.02 -17.94
CA ASP F 15 -14.59 -41.18 -17.95
C ASP F 15 -14.23 -42.09 -16.77
N PHE F 16 -14.23 -41.52 -15.56
CA PHE F 16 -13.66 -42.20 -14.40
C PHE F 16 -14.50 -43.40 -13.93
N ASP F 17 -15.76 -43.47 -14.34
CA ASP F 17 -16.61 -44.60 -14.01
C ASP F 17 -16.51 -45.72 -15.05
N ASN F 18 -15.79 -45.50 -16.15
CA ASN F 18 -15.61 -46.54 -17.15
C ASN F 18 -14.79 -47.69 -16.55
N PRO F 19 -15.32 -48.92 -16.51
CA PRO F 19 -14.56 -50.02 -15.91
C PRO F 19 -13.24 -50.30 -16.61
N ARG F 20 -13.11 -50.03 -17.90
CA ARG F 20 -11.84 -50.27 -18.55
C ARG F 20 -10.79 -49.21 -18.22
N TRP F 21 -11.22 -48.02 -17.80
CA TRP F 21 -10.26 -47.04 -17.30
C TRP F 21 -9.75 -47.49 -15.95
N ILE F 22 -10.64 -48.03 -15.12
CA ILE F 22 -10.25 -48.55 -13.82
C ILE F 22 -9.27 -49.70 -13.99
N GLY F 23 -9.57 -50.61 -14.91
CA GLY F 23 -8.71 -51.77 -15.13
C GLY F 23 -7.42 -51.43 -15.84
N ARG F 24 -7.42 -50.39 -16.66
CA ARG F 24 -6.18 -49.97 -17.31
C ARG F 24 -5.15 -49.53 -16.29
N HIS F 25 -5.55 -48.70 -15.33
CA HIS F 25 -4.61 -48.24 -14.32
C HIS F 25 -4.40 -49.30 -13.24
N LYS F 26 -5.34 -50.24 -13.09
CA LYS F 26 -5.10 -51.37 -12.21
C LYS F 26 -4.02 -52.27 -12.78
N HIS F 27 -3.99 -52.47 -14.10
CA HIS F 27 -2.88 -53.18 -14.71
C HIS F 27 -1.56 -52.49 -14.40
N MET F 28 -1.52 -51.17 -14.55
CA MET F 28 -0.27 -50.43 -14.34
C MET F 28 0.15 -50.47 -12.87
N PHE F 29 -0.81 -50.37 -11.95
CA PHE F 29 -0.51 -50.47 -10.53
C PHE F 29 0.16 -51.81 -10.22
N ASN F 30 -0.40 -52.90 -10.76
CA ASN F 30 0.20 -54.22 -10.56
C ASN F 30 1.57 -54.30 -11.21
N PHE F 31 1.73 -53.67 -12.37
CA PHE F 31 3.04 -53.64 -13.03
C PHE F 31 4.06 -52.85 -12.22
N LEU F 32 3.63 -51.78 -11.54
CA LEU F 32 4.56 -50.98 -10.75
C LEU F 32 4.87 -51.63 -9.41
N ASP F 33 3.95 -52.45 -8.90
CA ASP F 33 4.11 -53.15 -7.62
C ASP F 33 4.88 -54.46 -7.84
N VAL F 34 6.17 -54.32 -8.15
CA VAL F 34 6.96 -55.48 -8.59
C VAL F 34 7.12 -56.52 -7.48
N ASN F 35 7.02 -56.13 -6.22
CA ASN F 35 7.15 -57.10 -5.14
C ASN F 35 5.82 -57.51 -4.54
N HIS F 36 4.72 -57.13 -5.19
CA HIS F 36 3.38 -57.57 -4.80
C HIS F 36 3.10 -57.20 -3.34
N ASN F 37 3.43 -55.96 -3.00
CA ASN F 37 3.16 -55.40 -1.67
C ASN F 37 1.78 -54.79 -1.54
N GLY F 38 1.03 -54.68 -2.62
CA GLY F 38 -0.22 -53.95 -2.53
C GLY F 38 -0.06 -52.45 -2.31
N LYS F 39 1.16 -51.93 -2.36
CA LYS F 39 1.36 -50.50 -2.15
C LYS F 39 2.64 -50.10 -2.85
N ILE F 40 2.67 -48.87 -3.34
CA ILE F 40 3.83 -48.28 -4.01
C ILE F 40 4.05 -46.88 -3.44
N SER F 41 5.27 -46.38 -3.62
CA SER F 41 5.67 -45.08 -3.10
C SER F 41 6.25 -44.23 -4.21
N LEU F 42 6.20 -42.91 -4.01
CA LEU F 42 6.85 -42.00 -4.94
C LEU F 42 8.35 -42.26 -5.01
N ASP F 43 8.96 -42.67 -3.88
CA ASP F 43 10.38 -43.03 -3.87
C ASP F 43 10.68 -44.09 -4.91
N GLU F 44 9.84 -45.12 -5.00
CA GLU F 44 10.07 -46.20 -5.95
C GLU F 44 9.87 -45.73 -7.39
N MET F 45 8.85 -44.91 -7.63
CA MET F 45 8.55 -44.47 -8.99
C MET F 45 9.69 -43.64 -9.56
N VAL F 46 10.17 -42.70 -8.77
CA VAL F 46 11.26 -41.86 -9.21
C VAL F 46 12.57 -42.65 -9.30
N TYR F 47 12.74 -43.65 -8.43
CA TYR F 47 13.92 -44.50 -8.55
C TYR F 47 13.88 -45.28 -9.87
N LYS F 48 12.74 -45.92 -10.15
CA LYS F 48 12.60 -46.67 -11.39
C LYS F 48 12.89 -45.78 -12.59
N ALA F 49 12.35 -44.56 -12.61
CA ALA F 49 12.52 -43.66 -13.75
C ALA F 49 13.99 -43.31 -13.96
N SER F 50 14.70 -42.93 -12.90
CA SER F 50 16.11 -42.58 -13.10
C SER F 50 16.96 -43.80 -13.38
N ASP F 51 16.65 -44.95 -12.76
CA ASP F 51 17.35 -46.19 -13.06
C ASP F 51 17.26 -46.52 -14.55
N ILE F 52 16.06 -46.40 -15.15
CA ILE F 52 15.92 -46.69 -16.56
C ILE F 52 16.80 -45.78 -17.41
N VAL F 53 16.65 -44.46 -17.26
CA VAL F 53 17.31 -43.59 -18.23
C VAL F 53 18.83 -43.50 -17.95
N ILE F 54 19.26 -43.58 -16.71
CA ILE F 54 20.70 -43.49 -16.48
C ILE F 54 21.39 -44.81 -16.83
N ASN F 55 20.84 -45.93 -16.35
CA ASN F 55 21.52 -47.22 -16.45
C ASN F 55 21.20 -47.99 -17.71
N ASN F 56 20.11 -47.67 -18.38
CA ASN F 56 19.77 -48.39 -19.59
C ASN F 56 19.80 -47.51 -20.84
N LEU F 57 19.58 -46.20 -20.73
CA LEU F 57 19.40 -45.33 -21.88
C LEU F 57 20.47 -44.25 -21.98
N GLY F 58 21.48 -44.29 -21.12
CA GLY F 58 22.62 -43.40 -21.29
C GLY F 58 22.33 -41.92 -21.15
N ALA F 59 21.46 -41.54 -20.22
CA ALA F 59 21.16 -40.13 -20.02
C ALA F 59 22.30 -39.46 -19.26
N THR F 60 22.56 -38.20 -19.60
CA THR F 60 23.49 -37.40 -18.83
C THR F 60 22.85 -37.04 -17.49
N PRO F 61 23.64 -36.63 -16.51
CA PRO F 61 23.03 -36.22 -15.22
C PRO F 61 21.99 -35.12 -15.34
N GLU F 62 22.17 -34.17 -16.27
CA GLU F 62 21.16 -33.13 -16.43
C GLU F 62 19.89 -33.68 -17.07
N GLN F 63 20.04 -34.52 -18.09
CA GLN F 63 18.89 -35.17 -18.70
C GLN F 63 18.12 -36.00 -17.69
N ALA F 64 18.85 -36.73 -16.82
CA ALA F 64 18.20 -37.54 -15.80
C ALA F 64 17.50 -36.67 -14.76
N LYS F 65 18.10 -35.53 -14.39
CA LYS F 65 17.47 -34.62 -13.44
C LYS F 65 16.18 -34.05 -14.00
N ARG F 66 16.21 -33.60 -15.24
CA ARG F 66 15.00 -33.09 -15.87
C ARG F 66 13.93 -34.19 -15.94
N HIS F 67 14.33 -35.39 -16.34
CA HIS F 67 13.38 -36.50 -16.40
C HIS F 67 12.82 -36.81 -15.01
N LYS F 68 13.68 -36.75 -13.99
CA LYS F 68 13.25 -37.05 -12.63
C LYS F 68 12.21 -36.04 -12.16
N ASP F 69 12.44 -34.74 -12.42
CA ASP F 69 11.45 -33.73 -12.04
C ASP F 69 10.11 -33.98 -12.72
N ALA F 70 10.13 -34.40 -13.98
CA ALA F 70 8.88 -34.64 -14.70
C ALA F 70 8.13 -35.84 -14.13
N VAL F 71 8.83 -36.95 -13.90
CA VAL F 71 8.17 -38.12 -13.34
C VAL F 71 7.65 -37.83 -11.94
N GLU F 72 8.45 -37.07 -11.18
CA GLU F 72 8.05 -36.69 -9.82
C GLU F 72 6.75 -35.89 -9.82
N ALA F 73 6.65 -34.92 -10.73
CA ALA F 73 5.44 -34.11 -10.81
C ALA F 73 4.25 -34.96 -11.24
N PHE F 74 4.49 -35.89 -12.15
CA PHE F 74 3.43 -36.74 -12.68
C PHE F 74 2.80 -37.61 -11.60
N PHE F 75 3.60 -38.46 -10.92
CA PHE F 75 3.01 -39.31 -9.88
C PHE F 75 2.63 -38.54 -8.63
N GLY F 76 3.34 -37.45 -8.32
CA GLY F 76 2.89 -36.57 -7.25
C GLY F 76 1.55 -35.92 -7.56
N GLY F 77 1.30 -35.63 -8.85
CA GLY F 77 0.00 -35.11 -9.23
C GLY F 77 -1.13 -36.11 -9.00
N ALA F 78 -0.79 -37.39 -8.90
CA ALA F 78 -1.75 -38.42 -8.54
C ALA F 78 -1.81 -38.63 -7.04
N GLY F 79 -1.21 -37.74 -6.26
CA GLY F 79 -1.26 -37.83 -4.81
C GLY F 79 -0.16 -38.64 -4.15
N MET F 80 0.80 -39.18 -4.90
CA MET F 80 1.87 -39.95 -4.28
C MET F 80 2.90 -39.02 -3.64
N LYS F 81 3.50 -39.47 -2.53
CA LYS F 81 4.42 -38.66 -1.74
C LYS F 81 5.65 -39.44 -1.30
N TYR F 82 6.75 -38.74 -1.09
CA TYR F 82 7.97 -39.39 -0.61
C TYR F 82 7.75 -39.92 0.80
N GLY F 83 8.22 -41.13 1.05
CA GLY F 83 8.07 -41.76 2.35
C GLY F 83 6.67 -42.20 2.68
N VAL F 84 5.74 -42.14 1.74
CA VAL F 84 4.36 -42.56 1.96
C VAL F 84 4.04 -43.68 0.98
N GLU F 85 3.38 -44.70 1.49
CA GLU F 85 2.95 -45.85 0.70
C GLU F 85 1.52 -45.67 0.22
N THR F 86 1.31 -45.79 -1.08
CA THR F 86 0.01 -45.60 -1.71
C THR F 86 -0.53 -46.95 -2.10
N ASP F 87 -1.63 -47.38 -1.47
CA ASP F 87 -2.25 -48.62 -1.90
C ASP F 87 -3.19 -48.33 -3.08
N TRP F 88 -3.82 -49.38 -3.61
CA TRP F 88 -4.65 -49.23 -4.81
C TRP F 88 -5.85 -48.30 -4.62
N PRO F 89 -6.65 -48.40 -3.54
CA PRO F 89 -7.75 -47.45 -3.39
C PRO F 89 -7.28 -46.00 -3.35
N ALA F 90 -6.19 -45.71 -2.65
CA ALA F 90 -5.66 -44.36 -2.67
C ALA F 90 -5.09 -44.03 -4.05
N TYR F 91 -4.59 -45.04 -4.76
CA TYR F 91 -3.98 -44.80 -6.05
C TYR F 91 -5.01 -44.40 -7.10
N ILE F 92 -6.09 -45.18 -7.21
CA ILE F 92 -7.07 -44.87 -8.27
C ILE F 92 -7.84 -43.61 -7.94
N GLU F 93 -8.08 -43.33 -6.65
CA GLU F 93 -8.71 -42.06 -6.30
C GLU F 93 -7.80 -40.88 -6.62
N GLY F 94 -6.50 -41.03 -6.34
CA GLY F 94 -5.57 -39.98 -6.70
C GLY F 94 -5.43 -39.79 -8.20
N TRP F 95 -5.60 -40.88 -8.97
CA TRP F 95 -5.50 -40.76 -10.43
C TRP F 95 -6.69 -39.99 -11.02
N LYS F 96 -7.84 -40.04 -10.35
CA LYS F 96 -8.95 -39.21 -10.80
C LYS F 96 -8.59 -37.74 -10.71
N LYS F 97 -7.93 -37.33 -9.61
CA LYS F 97 -7.49 -35.96 -9.45
C LYS F 97 -6.41 -35.60 -10.46
N LEU F 98 -5.49 -36.52 -10.72
CA LEU F 98 -4.46 -36.25 -11.72
C LEU F 98 -5.07 -36.01 -13.10
N ALA F 99 -5.97 -36.90 -13.53
CA ALA F 99 -6.57 -36.77 -14.86
C ALA F 99 -7.34 -35.47 -14.99
N THR F 100 -8.04 -35.08 -13.92
CA THR F 100 -8.81 -33.84 -13.92
C THR F 100 -7.90 -32.62 -14.03
N ASP F 101 -6.81 -32.58 -13.25
CA ASP F 101 -5.89 -31.45 -13.34
C ASP F 101 -5.21 -31.40 -14.70
N GLU F 102 -4.90 -32.56 -15.26
CA GLU F 102 -4.29 -32.60 -16.58
C GLU F 102 -5.25 -32.09 -17.65
N LEU F 103 -6.54 -32.46 -17.55
CA LEU F 103 -7.51 -32.04 -18.56
C LEU F 103 -7.78 -30.54 -18.50
N GLU F 104 -7.68 -29.93 -17.32
CA GLU F 104 -7.77 -28.48 -17.23
C GLU F 104 -6.59 -27.83 -17.95
N LYS F 105 -5.37 -28.32 -17.69
CA LYS F 105 -4.22 -27.82 -18.44
C LYS F 105 -4.42 -28.09 -19.92
N TYR F 106 -4.92 -29.28 -20.25
CA TYR F 106 -5.16 -29.62 -21.65
C TYR F 106 -6.07 -28.59 -22.31
N ALA F 107 -7.18 -28.27 -21.63
CA ALA F 107 -8.21 -27.38 -22.18
C ALA F 107 -7.74 -25.93 -22.22
N LYS F 108 -6.87 -25.53 -21.31
CA LYS F 108 -6.29 -24.20 -21.32
C LYS F 108 -5.09 -24.11 -22.24
N ASN F 109 -4.82 -25.14 -23.04
CA ASN F 109 -3.66 -25.13 -23.94
C ASN F 109 -2.35 -24.90 -23.18
N GLU F 110 -2.27 -25.41 -21.90
CA GLU F 110 -1.05 -25.42 -21.10
C GLU F 110 -0.32 -26.75 -21.23
N PRO F 111 1.01 -26.76 -21.16
CA PRO F 111 1.72 -28.05 -21.22
C PRO F 111 1.26 -28.94 -20.07
N THR F 112 0.79 -30.14 -20.43
CA THR F 112 0.40 -31.11 -19.41
C THR F 112 1.64 -31.77 -18.79
N LEU F 113 1.45 -32.34 -17.62
CA LEU F 113 2.55 -33.06 -16.96
C LEU F 113 3.04 -34.21 -17.83
N ILE F 114 2.12 -34.92 -18.49
CA ILE F 114 2.53 -36.03 -19.34
C ILE F 114 3.35 -35.53 -20.53
N ARG F 115 3.00 -34.36 -21.08
CA ARG F 115 3.82 -33.79 -22.15
C ARG F 115 5.21 -33.44 -21.63
N ILE F 116 5.29 -32.79 -20.46
CA ILE F 116 6.58 -32.39 -19.91
C ILE F 116 7.47 -33.61 -19.67
N TRP F 117 6.86 -34.71 -19.22
CA TRP F 117 7.58 -35.98 -19.13
C TRP F 117 8.05 -36.43 -20.50
N GLY F 118 7.16 -36.36 -21.50
CA GLY F 118 7.54 -36.79 -22.84
C GLY F 118 8.71 -36.02 -23.40
N ASP F 119 8.72 -34.69 -23.20
CA ASP F 119 9.87 -33.89 -23.63
C ASP F 119 11.15 -34.37 -22.97
N ALA F 120 11.10 -34.59 -21.65
CA ALA F 120 12.31 -35.03 -20.96
C ALA F 120 12.73 -36.40 -21.45
N LEU F 121 11.77 -37.30 -21.68
CA LEU F 121 12.15 -38.65 -22.08
C LEU F 121 12.63 -38.69 -23.52
N PHE F 122 11.94 -38.00 -24.43
CA PHE F 122 12.34 -38.02 -25.84
C PHE F 122 13.71 -37.39 -26.05
N ASP F 123 14.08 -36.40 -25.22
CA ASP F 123 15.42 -35.83 -25.31
C ASP F 123 16.48 -36.86 -24.95
N ILE F 124 16.14 -37.84 -24.11
CA ILE F 124 17.08 -38.90 -23.76
C ILE F 124 17.07 -39.98 -24.83
N VAL F 125 15.87 -40.41 -25.22
CA VAL F 125 15.72 -41.59 -26.08
C VAL F 125 16.14 -41.29 -27.52
N ASP F 126 15.79 -40.12 -28.04
CA ASP F 126 16.13 -39.76 -29.43
C ASP F 126 17.58 -39.26 -29.49
N LYS F 127 18.42 -39.97 -30.24
CA LYS F 127 19.83 -39.62 -30.26
C LYS F 127 20.12 -38.32 -31.02
N ASP F 128 19.44 -38.08 -32.14
CA ASP F 128 19.65 -36.83 -32.87
C ASP F 128 18.82 -35.66 -32.32
N GLN F 129 17.85 -35.97 -31.46
CA GLN F 129 17.05 -34.96 -30.76
C GLN F 129 16.27 -34.05 -31.73
N ASN F 130 15.34 -34.70 -32.44
CA ASN F 130 14.33 -34.11 -33.30
C ASN F 130 12.99 -34.13 -32.58
N GLY F 131 12.98 -34.53 -31.31
CA GLY F 131 11.75 -34.62 -30.56
C GLY F 131 10.91 -35.77 -31.06
N ALA F 132 11.53 -36.67 -31.81
CA ALA F 132 10.89 -37.82 -32.42
C ALA F 132 11.83 -39.00 -32.30
N ILE F 133 11.29 -40.15 -31.99
CA ILE F 133 12.09 -41.33 -31.70
C ILE F 133 11.78 -42.39 -32.75
N THR F 134 12.77 -43.23 -33.01
CA THR F 134 12.60 -44.31 -33.96
C THR F 134 11.84 -45.46 -33.32
N LEU F 135 11.52 -46.45 -34.15
CA LEU F 135 10.86 -47.65 -33.63
C LEU F 135 11.81 -48.42 -32.72
N ASP F 136 13.10 -48.50 -33.08
CA ASP F 136 14.06 -49.18 -32.25
C ASP F 136 14.21 -48.48 -30.90
N GLU F 137 14.18 -47.15 -30.91
CA GLU F 137 14.32 -46.38 -29.68
C GLU F 137 13.08 -46.53 -28.79
N TRP F 138 11.90 -46.64 -29.39
CA TRP F 138 10.71 -46.89 -28.60
C TRP F 138 10.73 -48.28 -27.99
N LYS F 139 11.23 -49.27 -28.74
CA LYS F 139 11.38 -50.61 -28.17
C LYS F 139 12.37 -50.61 -27.02
N ALA F 140 13.51 -49.91 -27.20
CA ALA F 140 14.53 -49.89 -26.15
C ALA F 140 13.99 -49.27 -24.88
N TYR F 141 13.23 -48.19 -24.99
CA TYR F 141 12.67 -47.58 -23.78
C TYR F 141 11.62 -48.47 -23.14
N THR F 142 10.61 -48.88 -23.91
CA THR F 142 9.50 -49.59 -23.28
C THR F 142 9.93 -50.94 -22.73
N LYS F 143 10.89 -51.60 -23.38
CA LYS F 143 11.37 -52.88 -22.88
C LYS F 143 12.23 -52.70 -21.65
N ALA F 144 13.03 -51.63 -21.61
CA ALA F 144 13.81 -51.32 -20.42
C ALA F 144 12.90 -51.03 -19.24
N ALA F 145 11.83 -50.26 -19.48
CA ALA F 145 10.83 -50.02 -18.43
C ALA F 145 10.00 -51.27 -18.14
N GLY F 146 9.81 -52.14 -19.14
CA GLY F 146 8.94 -53.29 -18.97
C GLY F 146 7.47 -53.06 -19.27
N ILE F 147 7.06 -51.85 -19.66
CA ILE F 147 5.65 -51.61 -19.95
C ILE F 147 5.22 -52.37 -21.21
N ILE F 148 6.16 -52.62 -22.12
CA ILE F 148 5.94 -53.52 -23.25
C ILE F 148 7.06 -54.54 -23.26
N GLN F 149 6.71 -55.80 -23.50
CA GLN F 149 7.70 -56.87 -23.61
C GLN F 149 7.95 -57.28 -25.06
N SER F 150 6.91 -57.50 -25.84
CA SER F 150 7.06 -58.03 -27.20
C SER F 150 7.16 -56.90 -28.22
N SER F 151 7.99 -57.12 -29.25
CA SER F 151 8.20 -56.14 -30.31
C SER F 151 6.93 -55.87 -31.10
N GLU F 152 6.01 -56.82 -31.16
CA GLU F 152 4.81 -56.58 -31.95
C GLU F 152 3.97 -55.45 -31.34
N ASP F 153 3.94 -55.40 -30.01
CA ASP F 153 3.20 -54.33 -29.33
C ASP F 153 3.84 -52.97 -29.57
N CYS F 154 5.17 -52.91 -29.62
CA CYS F 154 5.82 -51.64 -29.94
C CYS F 154 5.45 -51.19 -31.33
N GLU F 155 5.38 -52.13 -32.29
CA GLU F 155 4.99 -51.76 -33.65
C GLU F 155 3.55 -51.28 -33.70
N GLU F 156 2.70 -51.82 -32.82
CA GLU F 156 1.30 -51.40 -32.74
C GLU F 156 1.18 -49.94 -32.28
N THR F 157 2.12 -49.46 -31.46
CA THR F 157 2.12 -48.06 -31.05
C THR F 157 2.23 -47.12 -32.24
N PHE F 158 3.09 -47.46 -33.19
CA PHE F 158 3.25 -46.64 -34.38
C PHE F 158 2.02 -46.69 -35.26
N ARG F 159 1.27 -47.80 -35.24
CA ARG F 159 0.04 -47.85 -36.01
C ARG F 159 -1.04 -46.95 -35.40
N VAL F 160 -1.12 -46.89 -34.08
CA VAL F 160 -2.15 -46.08 -33.43
C VAL F 160 -1.84 -44.59 -33.56
N CYS F 161 -0.57 -44.22 -33.53
CA CYS F 161 -0.13 -42.85 -33.72
C CYS F 161 0.03 -42.51 -35.20
N ASP F 162 0.25 -41.22 -35.46
CA ASP F 162 0.59 -40.75 -36.79
C ASP F 162 2.10 -40.77 -36.86
N ILE F 163 2.65 -41.29 -37.96
CA ILE F 163 4.09 -41.33 -38.11
C ILE F 163 4.48 -40.47 -39.31
N ASP F 164 5.43 -39.58 -39.08
CA ASP F 164 5.96 -38.81 -40.19
C ASP F 164 6.84 -39.75 -41.02
N GLU F 165 7.20 -39.27 -42.21
CA GLU F 165 7.92 -40.04 -43.23
C GLU F 165 9.26 -40.54 -42.80
N SER F 166 9.86 -39.95 -41.80
CA SER F 166 11.13 -40.47 -41.37
C SER F 166 10.97 -41.75 -40.55
N GLY F 167 9.75 -42.26 -40.47
CA GLY F 167 9.48 -43.44 -39.69
C GLY F 167 9.54 -43.17 -38.21
N GLN F 168 9.67 -41.90 -37.83
CA GLN F 168 9.83 -41.47 -36.45
C GLN F 168 8.50 -40.96 -35.89
N LEU F 169 8.45 -40.93 -34.57
CA LEU F 169 7.25 -40.56 -33.83
C LEU F 169 7.59 -39.39 -32.92
N ASP F 170 6.92 -38.26 -33.11
CA ASP F 170 7.24 -37.04 -32.38
C ASP F 170 6.39 -36.92 -31.12
N VAL F 171 6.86 -36.08 -30.20
CA VAL F 171 6.18 -35.91 -28.92
C VAL F 171 4.76 -35.34 -29.08
N ASP F 172 4.55 -34.50 -30.09
CA ASP F 172 3.23 -33.90 -30.25
C ASP F 172 2.16 -34.97 -30.50
N GLU F 173 2.42 -35.87 -31.44
CA GLU F 173 1.45 -36.92 -31.72
C GLU F 173 1.31 -37.88 -30.55
N MET F 174 2.43 -38.15 -29.87
CA MET F 174 2.38 -39.09 -28.77
C MET F 174 1.62 -38.52 -27.59
N THR F 175 1.78 -37.21 -27.33
CA THR F 175 1.05 -36.59 -26.24
C THR F 175 -0.45 -36.73 -26.44
N ARG F 176 -0.90 -36.52 -27.67
CA ARG F 176 -2.34 -36.64 -27.94
C ARG F 176 -2.82 -38.06 -27.68
N GLN F 177 -2.09 -39.07 -28.15
CA GLN F 177 -2.54 -40.44 -27.92
C GLN F 177 -2.49 -40.81 -26.44
N HIS F 178 -1.47 -40.34 -25.71
CA HIS F 178 -1.36 -40.69 -24.31
C HIS F 178 -2.45 -40.05 -23.47
N LEU F 179 -2.81 -38.80 -23.79
CA LEU F 179 -3.94 -38.18 -23.09
C LEU F 179 -5.21 -38.97 -23.29
N GLY F 180 -5.44 -39.44 -24.52
CA GLY F 180 -6.63 -40.23 -24.77
C GLY F 180 -6.55 -41.60 -24.15
N PHE F 181 -5.33 -42.14 -24.02
CA PHE F 181 -5.18 -43.48 -23.49
C PHE F 181 -5.26 -43.51 -21.96
N TRP F 182 -4.62 -42.55 -21.28
CA TRP F 182 -4.58 -42.61 -19.82
C TRP F 182 -5.68 -41.81 -19.15
N TYR F 183 -6.18 -40.76 -19.78
CA TYR F 183 -7.07 -39.83 -19.11
C TYR F 183 -8.53 -39.93 -19.56
N THR F 184 -8.79 -40.04 -20.87
CA THR F 184 -10.14 -39.86 -21.38
C THR F 184 -10.78 -41.12 -21.98
N MET F 185 -10.03 -42.22 -22.12
CA MET F 185 -10.55 -43.43 -22.75
C MET F 185 -11.06 -43.16 -24.17
N ASP F 186 -10.32 -42.35 -24.91
CA ASP F 186 -10.62 -42.06 -26.30
C ASP F 186 -10.53 -43.34 -27.13
N PRO F 187 -11.61 -43.75 -27.81
CA PRO F 187 -11.54 -45.00 -28.61
C PRO F 187 -10.52 -44.94 -29.73
N ALA F 188 -10.16 -43.75 -30.22
CA ALA F 188 -9.15 -43.68 -31.26
C ALA F 188 -7.75 -44.03 -30.74
N CYS F 189 -7.58 -44.11 -29.42
CA CYS F 189 -6.30 -44.37 -28.79
C CYS F 189 -6.15 -45.80 -28.27
N GLU F 190 -7.09 -46.69 -28.58
CA GLU F 190 -6.97 -48.07 -28.13
C GLU F 190 -5.76 -48.76 -28.75
N LYS F 191 -5.26 -49.78 -28.05
CA LYS F 191 -4.08 -50.55 -28.46
C LYS F 191 -2.82 -49.71 -28.63
N LEU F 192 -2.73 -48.59 -27.91
CA LEU F 192 -1.52 -47.77 -27.95
C LEU F 192 -0.29 -48.58 -27.50
N TYR F 193 -0.47 -49.49 -26.56
CA TYR F 193 0.55 -50.44 -26.14
C TYR F 193 0.26 -51.86 -26.60
N GLY F 194 -0.53 -52.01 -27.68
CA GLY F 194 -0.85 -53.33 -28.17
C GLY F 194 -1.62 -54.14 -27.15
N GLY F 195 -1.22 -55.40 -26.98
CA GLY F 195 -1.84 -56.19 -25.96
C GLY F 195 -1.18 -56.09 -24.60
N ALA F 196 -0.14 -55.25 -24.49
CA ALA F 196 0.62 -55.16 -23.23
C ALA F 196 -0.17 -54.45 -22.13
N VAL F 197 -1.01 -53.48 -22.50
CA VAL F 197 -1.81 -52.76 -21.51
C VAL F 197 -3.27 -52.80 -21.96
N PRO F 198 -4.21 -53.26 -21.12
CA PRO F 198 -5.63 -53.28 -21.47
C PRO F 198 -6.15 -51.86 -21.58
N HIS G 9 -14.56 -30.37 -19.99
CA HIS G 9 -13.57 -29.31 -19.78
C HIS G 9 -13.56 -28.30 -20.93
N GLY G 10 -13.66 -28.80 -22.16
CA GLY G 10 -13.67 -27.91 -23.29
C GLY G 10 -14.25 -28.58 -24.52
N LYS G 11 -14.02 -27.94 -25.67
CA LYS G 11 -14.57 -28.42 -26.93
C LYS G 11 -13.42 -28.57 -27.92
N LEU G 12 -13.39 -29.69 -28.63
CA LEU G 12 -12.34 -29.96 -29.61
C LEU G 12 -12.87 -30.22 -31.00
N THR G 13 -14.15 -29.94 -31.25
CA THR G 13 -14.76 -30.22 -32.53
C THR G 13 -15.14 -28.91 -33.23
N SER G 14 -14.88 -28.86 -34.53
CA SER G 14 -15.21 -27.67 -35.28
C SER G 14 -16.72 -27.63 -35.59
N ASP G 15 -17.18 -26.47 -36.04
CA ASP G 15 -18.59 -26.23 -36.31
C ASP G 15 -18.72 -25.22 -37.44
N PHE G 16 -18.04 -25.50 -38.57
CA PHE G 16 -17.86 -24.55 -39.65
C PHE G 16 -19.13 -24.28 -40.44
N ASP G 17 -20.14 -25.14 -40.34
CA ASP G 17 -21.40 -24.90 -41.01
C ASP G 17 -22.38 -24.13 -40.14
N ASN G 18 -22.02 -23.85 -38.90
CA ASN G 18 -22.87 -23.04 -38.05
C ASN G 18 -22.88 -21.64 -38.66
N PRO G 19 -24.03 -21.11 -39.09
CA PRO G 19 -24.05 -19.75 -39.64
C PRO G 19 -23.57 -18.72 -38.65
N ARG G 20 -23.68 -18.98 -37.35
CA ARG G 20 -23.15 -17.98 -36.42
C ARG G 20 -21.62 -18.00 -36.38
N TRP G 21 -20.99 -19.11 -36.76
CA TRP G 21 -19.54 -19.11 -36.91
C TRP G 21 -19.13 -18.30 -38.11
N ILE G 22 -19.85 -18.47 -39.21
CA ILE G 22 -19.58 -17.72 -40.42
C ILE G 22 -19.83 -16.23 -40.18
N GLY G 23 -20.91 -15.90 -39.46
CA GLY G 23 -21.23 -14.51 -39.21
C GLY G 23 -20.30 -13.84 -38.22
N ARG G 24 -19.73 -14.59 -37.29
CA ARG G 24 -18.75 -14.04 -36.36
C ARG G 24 -17.52 -13.55 -37.12
N HIS G 25 -17.01 -14.38 -38.03
CA HIS G 25 -15.85 -13.98 -38.80
C HIS G 25 -16.18 -13.03 -39.95
N LYS G 26 -17.43 -12.98 -40.41
CA LYS G 26 -17.79 -11.93 -41.37
C LYS G 26 -17.77 -10.57 -40.70
N HIS G 27 -18.25 -10.50 -39.46
CA HIS G 27 -18.17 -9.26 -38.69
C HIS G 27 -16.73 -8.78 -38.61
N MET G 28 -15.78 -9.70 -38.33
CA MET G 28 -14.37 -9.35 -38.22
C MET G 28 -13.78 -8.98 -39.57
N PHE G 29 -14.18 -9.70 -40.64
CA PHE G 29 -13.73 -9.30 -41.97
C PHE G 29 -14.14 -7.85 -42.27
N ASN G 30 -15.38 -7.49 -41.96
CA ASN G 30 -15.81 -6.11 -42.19
C ASN G 30 -15.10 -5.14 -41.25
N PHE G 31 -14.83 -5.58 -40.02
CA PHE G 31 -14.08 -4.72 -39.11
C PHE G 31 -12.67 -4.47 -39.63
N LEU G 32 -12.08 -5.47 -40.28
CA LEU G 32 -10.74 -5.32 -40.82
C LEU G 32 -10.72 -4.58 -42.15
N ASP G 33 -11.79 -4.69 -42.95
CA ASP G 33 -11.87 -4.03 -44.26
C ASP G 33 -12.36 -2.59 -44.07
N VAL G 34 -11.48 -1.77 -43.49
CA VAL G 34 -11.88 -0.44 -43.06
C VAL G 34 -12.21 0.48 -44.24
N ASN G 35 -11.65 0.18 -45.41
CA ASN G 35 -11.86 0.99 -46.61
C ASN G 35 -12.88 0.38 -47.56
N HIS G 36 -13.61 -0.65 -47.11
CA HIS G 36 -14.68 -1.27 -47.90
C HIS G 36 -14.18 -1.69 -49.27
N ASN G 37 -12.98 -2.27 -49.31
CA ASN G 37 -12.44 -2.78 -50.56
C ASN G 37 -12.91 -4.19 -50.89
N GLY G 38 -13.62 -4.85 -49.98
CA GLY G 38 -13.99 -6.25 -50.17
C GLY G 38 -12.82 -7.22 -50.13
N LYS G 39 -11.64 -6.75 -49.77
CA LYS G 39 -10.45 -7.58 -49.71
C LYS G 39 -9.45 -6.91 -48.76
N ILE G 40 -8.68 -7.74 -48.07
CA ILE G 40 -7.65 -7.29 -47.13
C ILE G 40 -6.36 -8.06 -47.41
N SER G 41 -5.24 -7.49 -46.98
CA SER G 41 -3.92 -8.07 -47.23
C SER G 41 -3.18 -8.34 -45.92
N LEU G 42 -2.22 -9.27 -45.97
CA LEU G 42 -1.38 -9.48 -44.79
C LEU G 42 -0.59 -8.22 -44.44
N ASP G 43 -0.20 -7.43 -45.46
CA ASP G 43 0.48 -6.17 -45.22
C ASP G 43 -0.31 -5.28 -44.27
N GLU G 44 -1.63 -5.19 -44.48
CA GLU G 44 -2.48 -4.35 -43.64
C GLU G 44 -2.63 -4.93 -42.23
N MET G 45 -2.76 -6.27 -42.11
CA MET G 45 -2.94 -6.87 -40.80
C MET G 45 -1.73 -6.64 -39.90
N VAL G 46 -0.53 -6.91 -40.42
CA VAL G 46 0.64 -6.68 -39.58
C VAL G 46 0.87 -5.19 -39.40
N TYR G 47 0.49 -4.36 -40.39
CA TYR G 47 0.62 -2.92 -40.18
C TYR G 47 -0.27 -2.49 -39.02
N LYS G 48 -1.54 -2.89 -39.05
CA LYS G 48 -2.45 -2.55 -37.95
C LYS G 48 -1.90 -3.07 -36.61
N ALA G 49 -1.40 -4.31 -36.58
CA ALA G 49 -0.93 -4.89 -35.32
C ALA G 49 0.19 -4.06 -34.72
N SER G 50 1.20 -3.72 -35.54
CA SER G 50 2.32 -2.96 -35.02
C SER G 50 1.96 -1.52 -34.74
N ASP G 51 1.05 -0.94 -35.54
CA ASP G 51 0.61 0.43 -35.26
C ASP G 51 -0.04 0.52 -33.89
N ILE G 52 -0.88 -0.45 -33.56
CA ILE G 52 -1.54 -0.44 -32.24
C ILE G 52 -0.51 -0.54 -31.11
N VAL G 53 0.41 -1.49 -31.18
CA VAL G 53 1.26 -1.72 -30.00
C VAL G 53 2.32 -0.63 -29.86
N ILE G 54 2.88 -0.15 -30.98
CA ILE G 54 3.91 0.88 -30.91
C ILE G 54 3.28 2.24 -30.61
N ASN G 55 2.25 2.62 -31.38
CA ASN G 55 1.76 3.99 -31.30
C ASN G 55 0.67 4.18 -30.23
N ASN G 56 0.05 3.11 -29.74
CA ASN G 56 -0.98 3.26 -28.72
C ASN G 56 -0.64 2.61 -27.38
N LEU G 57 0.20 1.57 -27.35
CA LEU G 57 0.38 0.77 -26.13
C LEU G 57 1.83 0.80 -25.64
N GLY G 58 2.69 1.63 -26.22
CA GLY G 58 4.04 1.82 -25.72
C GLY G 58 4.97 0.64 -25.83
N ALA G 59 4.87 -0.13 -26.91
CA ALA G 59 5.73 -1.29 -27.09
C ALA G 59 7.15 -0.87 -27.43
N THR G 60 8.13 -1.64 -26.95
CA THR G 60 9.50 -1.48 -27.38
C THR G 60 9.67 -2.07 -28.77
N PRO G 61 10.74 -1.73 -29.47
CA PRO G 61 10.93 -2.35 -30.78
C PRO G 61 10.97 -3.86 -30.72
N GLU G 62 11.58 -4.43 -29.67
CA GLU G 62 11.65 -5.88 -29.51
C GLU G 62 10.28 -6.47 -29.24
N GLN G 63 9.52 -5.86 -28.32
CA GLN G 63 8.16 -6.32 -28.06
C GLN G 63 7.31 -6.29 -29.33
N ALA G 64 7.47 -5.24 -30.13
CA ALA G 64 6.70 -5.13 -31.37
C ALA G 64 7.08 -6.20 -32.38
N LYS G 65 8.37 -6.54 -32.45
CA LYS G 65 8.82 -7.62 -33.36
C LYS G 65 8.20 -8.96 -32.98
N ARG G 66 8.22 -9.31 -31.70
CA ARG G 66 7.60 -10.55 -31.26
C ARG G 66 6.11 -10.56 -31.54
N HIS G 67 5.44 -9.43 -31.25
CA HIS G 67 4.01 -9.34 -31.52
C HIS G 67 3.73 -9.44 -33.01
N LYS G 68 4.57 -8.84 -33.83
CA LYS G 68 4.41 -8.90 -35.28
C LYS G 68 4.50 -10.33 -35.81
N ASP G 69 5.51 -11.08 -35.36
CA ASP G 69 5.65 -12.45 -35.82
C ASP G 69 4.42 -13.29 -35.47
N ALA G 70 3.87 -13.09 -34.28
CA ALA G 70 2.70 -13.85 -33.87
C ALA G 70 1.48 -13.53 -34.75
N VAL G 71 1.25 -12.23 -35.01
CA VAL G 71 0.14 -11.83 -35.87
C VAL G 71 0.35 -12.30 -37.30
N GLU G 72 1.59 -12.19 -37.79
CA GLU G 72 1.91 -12.70 -39.12
C GLU G 72 1.59 -14.19 -39.23
N ALA G 73 1.97 -14.97 -38.21
CA ALA G 73 1.71 -16.39 -38.25
C ALA G 73 0.22 -16.69 -38.19
N PHE G 74 -0.52 -15.90 -37.42
CA PHE G 74 -1.95 -16.11 -37.23
C PHE G 74 -2.73 -15.93 -38.54
N PHE G 75 -2.61 -14.74 -39.17
CA PHE G 75 -3.33 -14.51 -40.41
C PHE G 75 -2.70 -15.26 -41.58
N GLY G 76 -1.38 -15.50 -41.53
CA GLY G 76 -0.76 -16.37 -42.52
C GLY G 76 -1.32 -17.78 -42.48
N GLY G 77 -1.66 -18.26 -41.28
CA GLY G 77 -2.30 -19.55 -41.15
C GLY G 77 -3.70 -19.61 -41.74
N ALA G 78 -4.32 -18.45 -41.95
CA ALA G 78 -5.60 -18.39 -42.65
C ALA G 78 -5.43 -18.16 -44.12
N GLY G 79 -4.21 -18.33 -44.65
CA GLY G 79 -3.96 -18.20 -46.07
C GLY G 79 -3.63 -16.81 -46.57
N MET G 80 -3.57 -15.81 -45.70
CA MET G 80 -3.22 -14.47 -46.13
C MET G 80 -1.72 -14.35 -46.38
N LYS G 81 -1.36 -13.54 -47.38
CA LYS G 81 0.03 -13.43 -47.80
C LYS G 81 0.39 -11.97 -48.07
N TYR G 82 1.68 -11.68 -47.98
CA TYR G 82 2.18 -10.35 -48.32
C TYR G 82 1.97 -10.07 -49.81
N GLY G 83 1.52 -8.86 -50.12
CA GLY G 83 1.27 -8.49 -51.49
C GLY G 83 0.07 -9.14 -52.14
N VAL G 84 -0.77 -9.84 -51.36
CA VAL G 84 -1.94 -10.53 -51.88
C VAL G 84 -3.19 -9.97 -51.21
N GLU G 85 -4.22 -9.74 -52.01
CA GLU G 85 -5.52 -9.29 -51.53
C GLU G 85 -6.41 -10.51 -51.33
N THR G 86 -6.96 -10.65 -50.12
CA THR G 86 -7.80 -11.78 -49.77
C THR G 86 -9.24 -11.31 -49.71
N ASP G 87 -10.08 -11.83 -50.61
CA ASP G 87 -11.48 -11.45 -50.58
C ASP G 87 -12.20 -12.31 -49.55
N TRP G 88 -13.48 -12.04 -49.35
CA TRP G 88 -14.21 -12.73 -48.29
C TRP G 88 -14.28 -14.23 -48.52
N PRO G 89 -14.57 -14.74 -49.72
CA PRO G 89 -14.57 -16.21 -49.90
C PRO G 89 -13.21 -16.85 -49.64
N ALA G 90 -12.12 -16.23 -50.10
CA ALA G 90 -10.81 -16.77 -49.77
C ALA G 90 -10.54 -16.66 -48.28
N TYR G 91 -11.10 -15.64 -47.63
CA TYR G 91 -10.87 -15.42 -46.20
C TYR G 91 -11.54 -16.50 -45.36
N ILE G 92 -12.85 -16.73 -45.59
CA ILE G 92 -13.57 -17.67 -44.73
C ILE G 92 -13.08 -19.10 -44.99
N GLU G 93 -12.68 -19.37 -46.23
CA GLU G 93 -12.06 -20.65 -46.54
C GLU G 93 -10.73 -20.83 -45.82
N GLY G 94 -9.90 -19.78 -45.82
CA GLY G 94 -8.65 -19.86 -45.10
C GLY G 94 -8.87 -20.02 -43.61
N TRP G 95 -9.97 -19.46 -43.08
CA TRP G 95 -10.22 -19.57 -41.65
C TRP G 95 -10.64 -20.98 -41.25
N LYS G 96 -11.28 -21.76 -42.13
CA LYS G 96 -11.51 -23.16 -41.82
C LYS G 96 -10.20 -23.92 -41.68
N LYS G 97 -9.24 -23.61 -42.55
CA LYS G 97 -7.90 -24.18 -42.44
C LYS G 97 -7.20 -23.74 -41.15
N LEU G 98 -7.28 -22.45 -40.81
CA LEU G 98 -6.66 -21.96 -39.59
C LEU G 98 -7.28 -22.64 -38.37
N ALA G 99 -8.62 -22.69 -38.30
CA ALA G 99 -9.27 -23.31 -37.15
C ALA G 99 -8.94 -24.80 -37.05
N THR G 100 -8.88 -25.50 -38.20
CA THR G 100 -8.55 -26.92 -38.21
C THR G 100 -7.13 -27.16 -37.72
N ASP G 101 -6.17 -26.36 -38.22
CA ASP G 101 -4.79 -26.52 -37.78
C ASP G 101 -4.64 -26.15 -36.31
N GLU G 102 -5.35 -25.12 -35.87
CA GLU G 102 -5.26 -24.72 -34.47
C GLU G 102 -5.80 -25.80 -33.54
N LEU G 103 -6.91 -26.43 -33.94
CA LEU G 103 -7.48 -27.51 -33.15
C LEU G 103 -6.57 -28.74 -33.16
N GLU G 104 -5.79 -28.93 -34.22
CA GLU G 104 -4.77 -29.98 -34.25
C GLU G 104 -3.67 -29.69 -33.24
N LYS G 105 -3.15 -28.46 -33.23
CA LYS G 105 -2.20 -28.09 -32.18
C LYS G 105 -2.84 -28.23 -30.79
N TYR G 106 -4.07 -27.75 -30.66
CA TYR G 106 -4.79 -27.81 -29.39
C TYR G 106 -4.87 -29.24 -28.85
N ALA G 107 -5.26 -30.19 -29.72
CA ALA G 107 -5.43 -31.58 -29.31
C ALA G 107 -4.10 -32.28 -29.06
N LYS G 108 -3.03 -31.83 -29.72
CA LYS G 108 -1.69 -32.33 -29.50
C LYS G 108 -0.98 -31.66 -28.35
N ASN G 109 -1.69 -30.82 -27.58
CA ASN G 109 -1.15 -30.10 -26.42
C ASN G 109 0.05 -29.23 -26.80
N GLU G 110 0.06 -28.65 -28.04
CA GLU G 110 1.04 -27.68 -28.50
C GLU G 110 0.52 -26.26 -28.29
N PRO G 111 1.41 -25.29 -28.10
CA PRO G 111 0.97 -23.88 -28.05
C PRO G 111 0.30 -23.51 -29.36
N THR G 112 -0.96 -23.08 -29.27
CA THR G 112 -1.67 -22.64 -30.46
C THR G 112 -1.17 -21.26 -30.90
N LEU G 113 -1.41 -20.93 -32.17
CA LEU G 113 -0.99 -19.60 -32.64
C LEU G 113 -1.66 -18.49 -31.86
N ILE G 114 -2.91 -18.69 -31.46
CA ILE G 114 -3.63 -17.68 -30.72
C ILE G 114 -3.00 -17.49 -29.33
N ARG G 115 -2.56 -18.59 -28.71
CA ARG G 115 -1.86 -18.46 -27.44
C ARG G 115 -0.56 -17.69 -27.62
N ILE G 116 0.19 -18.00 -28.69
CA ILE G 116 1.46 -17.34 -28.98
C ILE G 116 1.25 -15.84 -29.20
N TRP G 117 0.16 -15.47 -29.88
CA TRP G 117 -0.20 -14.07 -30.02
C TRP G 117 -0.51 -13.46 -28.66
N GLY G 118 -1.31 -14.15 -27.86
CA GLY G 118 -1.65 -13.65 -26.54
C GLY G 118 -0.42 -13.42 -25.68
N ASP G 119 0.57 -14.31 -25.78
CA ASP G 119 1.81 -14.12 -25.03
C ASP G 119 2.51 -12.83 -25.44
N ALA G 120 2.65 -12.62 -26.74
CA ALA G 120 3.34 -11.44 -27.23
C ALA G 120 2.59 -10.18 -26.84
N LEU G 121 1.26 -10.24 -26.90
CA LEU G 121 0.43 -9.07 -26.63
C LEU G 121 0.37 -8.74 -25.14
N PHE G 122 0.20 -9.76 -24.29
CA PHE G 122 0.12 -9.52 -22.84
C PHE G 122 1.44 -8.99 -22.29
N ASP G 123 2.57 -9.37 -22.93
CA ASP G 123 3.86 -8.83 -22.54
C ASP G 123 3.92 -7.32 -22.71
N ILE G 124 3.18 -6.78 -23.69
CA ILE G 124 3.11 -5.34 -23.95
C ILE G 124 2.08 -4.66 -23.05
N VAL G 125 0.89 -5.26 -22.98
CA VAL G 125 -0.26 -4.61 -22.35
C VAL G 125 -0.14 -4.58 -20.84
N ASP G 126 0.45 -5.62 -20.24
CA ASP G 126 0.58 -5.68 -18.80
C ASP G 126 1.73 -4.81 -18.32
N LYS G 127 1.43 -3.87 -17.41
CA LYS G 127 2.47 -2.97 -16.91
C LYS G 127 3.50 -3.71 -16.08
N ASP G 128 3.09 -4.73 -15.32
CA ASP G 128 4.01 -5.55 -14.54
C ASP G 128 4.65 -6.65 -15.37
N GLN G 129 4.12 -6.95 -16.55
CA GLN G 129 4.70 -7.89 -17.51
C GLN G 129 4.85 -9.33 -16.99
N ASN G 130 3.85 -9.82 -16.26
CA ASN G 130 3.81 -11.24 -15.90
C ASN G 130 2.79 -12.03 -16.70
N GLY G 131 2.22 -11.45 -17.76
CA GLY G 131 1.24 -12.16 -18.56
C GLY G 131 -0.18 -12.16 -18.06
N ALA G 132 -0.56 -11.18 -17.23
CA ALA G 132 -1.95 -11.06 -16.78
C ALA G 132 -2.31 -9.59 -16.81
N ILE G 133 -3.52 -9.28 -17.28
CA ILE G 133 -3.92 -7.90 -17.52
C ILE G 133 -5.13 -7.55 -16.67
N THR G 134 -5.19 -6.30 -16.27
CA THR G 134 -6.34 -5.76 -15.53
C THR G 134 -7.44 -5.38 -16.52
N LEU G 135 -8.60 -4.96 -15.98
CA LEU G 135 -9.70 -4.49 -16.82
C LEU G 135 -9.34 -3.20 -17.55
N ASP G 136 -8.61 -2.29 -16.91
CA ASP G 136 -8.21 -1.06 -17.60
C ASP G 136 -7.26 -1.36 -18.76
N GLU G 137 -6.38 -2.35 -18.60
CA GLU G 137 -5.47 -2.70 -19.69
C GLU G 137 -6.20 -3.41 -20.83
N TRP G 138 -7.22 -4.22 -20.52
CA TRP G 138 -8.01 -4.83 -21.57
C TRP G 138 -8.80 -3.77 -22.34
N LYS G 139 -9.31 -2.76 -21.62
CA LYS G 139 -9.97 -1.65 -22.28
C LYS G 139 -9.03 -0.91 -23.21
N ALA G 140 -7.79 -0.65 -22.76
CA ALA G 140 -6.86 0.11 -23.57
C ALA G 140 -6.54 -0.63 -24.87
N TYR G 141 -6.32 -1.94 -24.79
CA TYR G 141 -6.00 -2.66 -26.01
C TYR G 141 -7.21 -2.70 -26.95
N THR G 142 -8.35 -3.20 -26.47
CA THR G 142 -9.45 -3.46 -27.40
C THR G 142 -9.99 -2.16 -28.00
N LYS G 143 -9.97 -1.05 -27.24
CA LYS G 143 -10.39 0.22 -27.81
C LYS G 143 -9.34 0.76 -28.79
N ALA G 144 -8.06 0.52 -28.52
CA ALA G 144 -7.06 0.93 -29.48
C ALA G 144 -7.20 0.13 -30.77
N ALA G 145 -7.42 -1.18 -30.66
CA ALA G 145 -7.62 -2.00 -31.85
C ALA G 145 -8.92 -1.68 -32.57
N GLY G 146 -9.94 -1.24 -31.82
CA GLY G 146 -11.29 -1.07 -32.30
C GLY G 146 -12.18 -2.29 -32.18
N ILE G 147 -11.66 -3.43 -31.69
CA ILE G 147 -12.52 -4.62 -31.64
C ILE G 147 -13.66 -4.44 -30.62
N ILE G 148 -13.46 -3.62 -29.58
CA ILE G 148 -14.51 -3.25 -28.65
C ILE G 148 -14.56 -1.73 -28.58
N GLN G 149 -15.76 -1.17 -28.52
CA GLN G 149 -15.95 0.27 -28.40
C GLN G 149 -16.40 0.71 -27.01
N SER G 150 -17.39 0.05 -26.42
CA SER G 150 -17.92 0.47 -25.13
C SER G 150 -17.26 -0.28 -23.99
N SER G 151 -17.08 0.42 -22.88
CA SER G 151 -16.47 -0.21 -21.70
C SER G 151 -17.33 -1.34 -21.16
N GLU G 152 -18.65 -1.29 -21.37
CA GLU G 152 -19.53 -2.34 -20.85
C GLU G 152 -19.20 -3.68 -21.47
N ASP G 153 -18.84 -3.70 -22.76
CA ASP G 153 -18.45 -4.96 -23.40
C ASP G 153 -17.13 -5.49 -22.85
N CYS G 154 -16.19 -4.59 -22.56
CA CYS G 154 -14.90 -5.02 -21.98
C CYS G 154 -15.11 -5.69 -20.63
N GLU G 155 -16.03 -5.17 -19.83
CA GLU G 155 -16.36 -5.76 -18.55
C GLU G 155 -16.99 -7.12 -18.73
N GLU G 156 -17.73 -7.32 -19.82
CA GLU G 156 -18.34 -8.61 -20.08
C GLU G 156 -17.29 -9.68 -20.34
N THR G 157 -16.13 -9.29 -20.91
CA THR G 157 -15.06 -10.26 -21.09
C THR G 157 -14.66 -10.87 -19.74
N PHE G 158 -14.54 -10.03 -18.70
CA PHE G 158 -14.15 -10.53 -17.40
C PHE G 158 -15.23 -11.40 -16.77
N ARG G 159 -16.50 -11.14 -17.07
CA ARG G 159 -17.57 -11.99 -16.58
C ARG G 159 -17.55 -13.36 -17.27
N VAL G 160 -17.22 -13.39 -18.56
CA VAL G 160 -17.19 -14.67 -19.28
C VAL G 160 -16.00 -15.52 -18.83
N CYS G 161 -14.87 -14.88 -18.53
CA CYS G 161 -13.70 -15.63 -18.07
C CYS G 161 -13.75 -15.95 -16.58
N ASP G 162 -14.73 -15.40 -15.86
CA ASP G 162 -14.90 -15.59 -14.42
C ASP G 162 -13.68 -15.06 -13.64
N ILE G 163 -13.45 -13.76 -13.79
CA ILE G 163 -12.44 -13.04 -13.04
C ILE G 163 -13.07 -11.74 -12.54
N ASP G 164 -12.76 -11.35 -11.31
CA ASP G 164 -13.29 -10.10 -10.79
C ASP G 164 -12.71 -8.92 -11.58
N GLU G 165 -13.48 -7.83 -11.66
CA GLU G 165 -13.06 -6.67 -12.44
C GLU G 165 -11.86 -6.00 -11.82
N SER G 166 -11.65 -6.16 -10.52
CA SER G 166 -10.40 -5.70 -9.90
C SER G 166 -9.30 -6.73 -10.03
N GLY G 167 -9.66 -7.98 -10.43
CA GLY G 167 -8.69 -9.03 -10.62
C GLY G 167 -8.11 -8.98 -12.01
N GLN G 168 -7.10 -9.82 -12.24
CA GLN G 168 -6.42 -9.85 -13.52
C GLN G 168 -6.85 -11.07 -14.35
N LEU G 169 -6.60 -10.97 -15.64
CA LEU G 169 -6.96 -11.98 -16.62
C LEU G 169 -5.70 -12.47 -17.30
N ASP G 170 -5.38 -13.74 -17.14
CA ASP G 170 -4.13 -14.30 -17.65
C ASP G 170 -4.32 -14.94 -19.01
N VAL G 171 -3.19 -15.16 -19.70
CA VAL G 171 -3.20 -15.76 -21.03
C VAL G 171 -3.81 -17.16 -21.01
N ASP G 172 -3.64 -17.91 -19.90
CA ASP G 172 -4.17 -19.27 -19.84
C ASP G 172 -5.69 -19.28 -19.91
N GLU G 173 -6.34 -18.51 -19.06
CA GLU G 173 -7.80 -18.46 -19.06
C GLU G 173 -8.30 -17.79 -20.34
N MET G 174 -7.59 -16.78 -20.83
CA MET G 174 -8.01 -16.09 -22.03
C MET G 174 -7.89 -17.01 -23.25
N THR G 175 -6.85 -17.84 -23.30
CA THR G 175 -6.67 -18.75 -24.43
C THR G 175 -7.84 -19.73 -24.55
N ARG G 176 -8.29 -20.28 -23.43
CA ARG G 176 -9.42 -21.22 -23.46
C ARG G 176 -10.65 -20.58 -24.07
N GLN G 177 -10.99 -19.36 -23.62
CA GLN G 177 -12.18 -18.70 -24.10
C GLN G 177 -12.05 -18.35 -25.59
N HIS G 178 -10.84 -17.95 -26.01
CA HIS G 178 -10.64 -17.59 -27.41
C HIS G 178 -10.73 -18.80 -28.32
N LEU G 179 -10.22 -19.94 -27.87
CA LEU G 179 -10.39 -21.16 -28.65
C LEU G 179 -11.87 -21.49 -28.85
N GLY G 180 -12.67 -21.35 -27.79
CA GLY G 180 -14.09 -21.64 -27.92
C GLY G 180 -14.87 -20.59 -28.69
N PHE G 181 -14.44 -19.33 -28.63
CA PHE G 181 -15.17 -18.26 -29.29
C PHE G 181 -14.88 -18.21 -30.78
N TRP G 182 -13.61 -18.39 -31.18
CA TRP G 182 -13.23 -18.24 -32.59
C TRP G 182 -13.24 -19.54 -33.37
N TYR G 183 -13.02 -20.70 -32.73
CA TYR G 183 -12.79 -21.95 -33.43
C TYR G 183 -13.95 -22.95 -33.36
N THR G 184 -14.54 -23.15 -32.17
CA THR G 184 -15.45 -24.26 -31.92
C THR G 184 -16.88 -23.87 -31.62
N MET G 185 -17.19 -22.57 -31.50
CA MET G 185 -18.52 -22.12 -31.12
C MET G 185 -18.97 -22.76 -29.80
N ASP G 186 -18.03 -22.85 -28.86
CA ASP G 186 -18.30 -23.37 -27.52
C ASP G 186 -19.34 -22.49 -26.84
N PRO G 187 -20.47 -23.02 -26.41
CA PRO G 187 -21.50 -22.17 -25.78
C PRO G 187 -21.03 -21.45 -24.55
N ALA G 188 -20.04 -22.00 -23.84
CA ALA G 188 -19.51 -21.38 -22.64
C ALA G 188 -18.68 -20.13 -22.92
N CYS G 189 -18.30 -19.89 -24.18
CA CYS G 189 -17.48 -18.74 -24.55
C CYS G 189 -18.27 -17.61 -25.19
N GLU G 190 -19.60 -17.74 -25.27
CA GLU G 190 -20.41 -16.68 -25.87
C GLU G 190 -20.26 -15.38 -25.09
N LYS G 191 -20.55 -14.27 -25.78
CA LYS G 191 -20.48 -12.94 -25.18
C LYS G 191 -19.07 -12.57 -24.70
N LEU G 192 -18.04 -13.24 -25.25
CA LEU G 192 -16.67 -12.96 -24.82
C LEU G 192 -16.29 -11.52 -25.04
N TYR G 193 -16.83 -10.88 -26.10
CA TYR G 193 -16.66 -9.47 -26.36
C TYR G 193 -17.92 -8.68 -26.09
N GLY G 194 -18.80 -9.19 -25.22
CA GLY G 194 -20.05 -8.48 -24.99
C GLY G 194 -20.85 -8.46 -26.28
N GLY G 195 -21.42 -7.30 -26.59
CA GLY G 195 -22.16 -7.14 -27.82
C GLY G 195 -21.33 -6.69 -28.98
N ALA G 196 -20.02 -6.54 -28.81
CA ALA G 196 -19.16 -6.00 -29.86
C ALA G 196 -18.97 -7.00 -30.99
N VAL G 197 -18.95 -8.29 -30.70
CA VAL G 197 -18.74 -9.31 -31.72
C VAL G 197 -19.86 -10.33 -31.61
N PRO G 198 -20.60 -10.62 -32.71
CA PRO G 198 -21.70 -11.60 -32.75
C PRO G 198 -21.21 -13.01 -32.54
N HIS H 8 3.36 40.78 -42.60
CA HIS H 8 4.00 39.47 -42.53
C HIS H 8 3.01 38.38 -42.10
N HIS H 9 2.28 37.84 -43.08
CA HIS H 9 1.13 36.97 -42.85
C HIS H 9 1.44 35.49 -43.03
N GLY H 10 2.45 35.15 -43.83
CA GLY H 10 2.87 33.77 -43.96
C GLY H 10 4.16 33.66 -44.75
N LYS H 11 4.43 32.46 -45.26
CA LYS H 11 5.66 32.17 -45.98
C LYS H 11 5.32 31.30 -47.19
N LEU H 12 5.90 31.62 -48.34
CA LEU H 12 5.56 30.91 -49.58
C LEU H 12 6.77 30.32 -50.29
N THR H 13 7.93 30.27 -49.65
CA THR H 13 9.15 29.79 -50.30
C THR H 13 9.55 28.45 -49.67
N SER H 14 10.02 27.54 -50.51
CA SER H 14 10.43 26.23 -50.06
C SER H 14 11.81 26.30 -49.40
N ASP H 15 12.18 25.22 -48.73
CA ASP H 15 13.42 25.18 -47.98
C ASP H 15 13.92 23.74 -47.96
N PHE H 16 14.00 23.13 -49.15
CA PHE H 16 14.20 21.68 -49.24
C PHE H 16 15.62 21.23 -48.89
N ASP H 17 16.59 22.13 -48.93
CA ASP H 17 17.97 21.81 -48.57
C ASP H 17 18.24 22.00 -47.08
N ASN H 18 17.25 22.46 -46.34
CA ASN H 18 17.36 22.60 -44.90
C ASN H 18 17.47 21.22 -44.25
N PRO H 19 18.55 20.93 -43.52
CA PRO H 19 18.64 19.61 -42.87
C PRO H 19 17.50 19.38 -41.88
N ARG H 20 16.96 20.46 -41.31
CA ARG H 20 15.85 20.33 -40.37
C ARG H 20 14.54 20.00 -41.07
N TRP H 21 14.41 20.35 -42.37
CA TRP H 21 13.23 19.94 -43.12
C TRP H 21 13.31 18.47 -43.50
N ILE H 22 14.50 18.02 -43.93
CA ILE H 22 14.72 16.61 -44.25
C ILE H 22 14.54 15.74 -43.02
N GLY H 23 15.09 16.19 -41.89
CA GLY H 23 14.98 15.38 -40.68
C GLY H 23 13.58 15.36 -40.11
N ARG H 24 12.80 16.41 -40.38
CA ARG H 24 11.40 16.43 -39.95
C ARG H 24 10.62 15.32 -40.63
N HIS H 25 10.80 15.19 -41.94
CA HIS H 25 10.10 14.13 -42.65
C HIS H 25 10.75 12.77 -42.48
N LYS H 26 12.03 12.70 -42.13
CA LYS H 26 12.62 11.40 -41.78
C LYS H 26 12.03 10.86 -40.50
N HIS H 27 11.84 11.72 -39.50
CA HIS H 27 11.14 11.29 -38.30
C HIS H 27 9.76 10.73 -38.62
N MET H 28 9.00 11.41 -39.50
CA MET H 28 7.66 10.95 -39.86
C MET H 28 7.71 9.65 -40.63
N PHE H 29 8.69 9.52 -41.54
CA PHE H 29 8.85 8.27 -42.29
C PHE H 29 9.08 7.11 -41.34
N ASN H 30 9.98 7.28 -40.36
CA ASN H 30 10.24 6.21 -39.39
C ASN H 30 9.01 5.96 -38.54
N PHE H 31 8.28 7.01 -38.19
CA PHE H 31 7.03 6.83 -37.43
C PHE H 31 6.00 6.05 -38.22
N LEU H 32 5.96 6.23 -39.55
CA LEU H 32 4.99 5.53 -40.36
C LEU H 32 5.42 4.09 -40.65
N ASP H 33 6.72 3.83 -40.65
CA ASP H 33 7.30 2.52 -40.96
C ASP H 33 7.33 1.67 -39.68
N VAL H 34 6.12 1.28 -39.25
CA VAL H 34 5.99 0.67 -37.93
C VAL H 34 6.69 -0.67 -37.85
N ASN H 35 6.89 -1.36 -38.97
CA ASN H 35 7.53 -2.67 -38.99
C ASN H 35 8.99 -2.63 -39.44
N HIS H 36 9.60 -1.44 -39.52
CA HIS H 36 11.02 -1.33 -39.84
C HIS H 36 11.37 -2.03 -41.15
N ASN H 37 10.52 -1.85 -42.15
CA ASN H 37 10.81 -2.39 -43.46
C ASN H 37 11.66 -1.45 -44.31
N GLY H 38 11.87 -0.22 -43.86
CA GLY H 38 12.53 0.74 -44.73
C GLY H 38 11.70 1.17 -45.92
N LYS H 39 10.42 0.79 -45.98
CA LYS H 39 9.57 1.18 -47.08
C LYS H 39 8.11 1.12 -46.64
N ILE H 40 7.30 2.02 -47.20
CA ILE H 40 5.87 2.11 -46.92
C ILE H 40 5.11 2.23 -48.23
N SER H 41 3.82 1.91 -48.16
CA SER H 41 2.94 1.90 -49.32
C SER H 41 1.73 2.78 -49.07
N LEU H 42 1.10 3.21 -50.16
CA LEU H 42 -0.13 3.98 -50.03
C LEU H 42 -1.20 3.16 -49.33
N ASP H 43 -1.21 1.84 -49.58
CA ASP H 43 -2.19 0.96 -48.93
C ASP H 43 -2.14 1.12 -47.42
N GLU H 44 -0.94 1.16 -46.85
CA GLU H 44 -0.81 1.24 -45.40
C GLU H 44 -1.25 2.60 -44.87
N MET H 45 -0.93 3.67 -45.62
CA MET H 45 -1.30 5.03 -45.19
C MET H 45 -2.81 5.17 -45.14
N VAL H 46 -3.48 4.74 -46.20
CA VAL H 46 -4.93 4.85 -46.25
C VAL H 46 -5.57 3.89 -45.27
N TYR H 47 -4.94 2.73 -45.03
CA TYR H 47 -5.47 1.84 -44.01
C TYR H 47 -5.40 2.51 -42.64
N LYS H 48 -4.23 3.05 -42.29
CA LYS H 48 -4.05 3.72 -41.00
C LYS H 48 -5.06 4.84 -40.82
N ALA H 49 -5.23 5.67 -41.87
CA ALA H 49 -6.13 6.82 -41.76
C ALA H 49 -7.54 6.38 -41.43
N SER H 50 -8.04 5.37 -42.14
CA SER H 50 -9.40 4.91 -41.88
C SER H 50 -9.51 4.13 -40.57
N ASP H 51 -8.47 3.38 -40.21
CA ASP H 51 -8.50 2.67 -38.92
C ASP H 51 -8.68 3.66 -37.78
N ILE H 52 -7.93 4.75 -37.80
CA ILE H 52 -8.04 5.76 -36.74
C ILE H 52 -9.45 6.36 -36.69
N VAL H 53 -9.97 6.81 -37.82
CA VAL H 53 -11.22 7.58 -37.73
C VAL H 53 -12.40 6.64 -37.50
N ILE H 54 -12.38 5.46 -38.09
CA ILE H 54 -13.48 4.54 -37.89
C ILE H 54 -13.42 3.87 -36.52
N ASN H 55 -12.25 3.31 -36.17
CA ASN H 55 -12.17 2.45 -34.99
C ASN H 55 -11.83 3.18 -33.69
N ASN H 56 -11.31 4.40 -33.77
CA ASN H 56 -10.96 5.16 -32.57
C ASN H 56 -11.76 6.44 -32.40
N LEU H 57 -12.25 7.05 -33.49
CA LEU H 57 -12.89 8.37 -33.44
C LEU H 57 -14.35 8.37 -33.88
N GLY H 58 -14.95 7.21 -34.13
CA GLY H 58 -16.38 7.13 -34.37
C GLY H 58 -16.90 7.80 -35.64
N ALA H 59 -16.15 7.74 -36.72
CA ALA H 59 -16.56 8.35 -37.97
C ALA H 59 -17.65 7.53 -38.65
N THR H 60 -18.58 8.22 -39.31
CA THR H 60 -19.56 7.56 -40.16
C THR H 60 -18.89 7.08 -41.43
N PRO H 61 -19.54 6.17 -42.17
CA PRO H 61 -18.95 5.71 -43.44
C PRO H 61 -18.69 6.84 -44.42
N GLU H 62 -19.59 7.83 -44.47
CA GLU H 62 -19.42 8.96 -45.37
C GLU H 62 -18.24 9.81 -44.95
N GLN H 63 -18.15 10.12 -43.65
CA GLN H 63 -17.01 10.86 -43.12
C GLN H 63 -15.71 10.11 -43.37
N ALA H 64 -15.73 8.77 -43.21
CA ALA H 64 -14.52 7.98 -43.42
C ALA H 64 -14.11 7.96 -44.88
N LYS H 65 -15.10 7.84 -45.78
CA LYS H 65 -14.83 7.92 -47.20
C LYS H 65 -14.22 9.27 -47.57
N ARG H 66 -14.78 10.36 -47.05
CA ARG H 66 -14.23 11.68 -47.33
C ARG H 66 -12.81 11.82 -46.81
N HIS H 67 -12.57 11.35 -45.59
CA HIS H 67 -11.24 11.40 -45.00
C HIS H 67 -10.28 10.52 -45.80
N LYS H 68 -10.74 9.36 -46.24
CA LYS H 68 -9.89 8.47 -47.01
C LYS H 68 -9.44 9.12 -48.30
N ASP H 69 -10.36 9.78 -49.00
CA ASP H 69 -10.00 10.43 -50.25
C ASP H 69 -8.94 11.50 -50.03
N ALA H 70 -9.07 12.28 -48.97
CA ALA H 70 -8.09 13.34 -48.72
C ALA H 70 -6.70 12.78 -48.41
N VAL H 71 -6.63 11.76 -47.54
CA VAL H 71 -5.34 11.15 -47.20
C VAL H 71 -4.72 10.50 -48.42
N GLU H 72 -5.55 9.82 -49.22
CA GLU H 72 -5.07 9.20 -50.44
C GLU H 72 -4.44 10.22 -51.39
N ALA H 73 -5.12 11.37 -51.57
CA ALA H 73 -4.57 12.39 -52.45
C ALA H 73 -3.30 12.98 -51.87
N PHE H 74 -3.27 13.13 -50.55
CA PHE H 74 -2.12 13.73 -49.89
C PHE H 74 -0.86 12.90 -50.14
N PHE H 75 -0.87 11.63 -49.76
CA PHE H 75 0.32 10.81 -49.98
C PHE H 75 0.50 10.48 -51.45
N GLY H 76 -0.59 10.42 -52.21
CA GLY H 76 -0.45 10.31 -53.66
C GLY H 76 0.28 11.50 -54.27
N GLY H 77 0.08 12.69 -53.71
CA GLY H 77 0.84 13.84 -54.19
C GLY H 77 2.33 13.75 -53.90
N ALA H 78 2.72 12.96 -52.91
CA ALA H 78 4.13 12.72 -52.64
C ALA H 78 4.67 11.52 -53.41
N GLY H 79 3.93 11.04 -54.42
CA GLY H 79 4.40 9.99 -55.29
C GLY H 79 4.08 8.57 -54.86
N MET H 80 3.40 8.38 -53.74
CA MET H 80 3.06 7.03 -53.31
C MET H 80 1.88 6.49 -54.10
N LYS H 81 1.89 5.16 -54.33
CA LYS H 81 0.87 4.52 -55.15
C LYS H 81 0.43 3.22 -54.48
N TYR H 82 -0.78 2.78 -54.83
CA TYR H 82 -1.28 1.52 -54.31
C TYR H 82 -0.47 0.34 -54.86
N GLY H 83 -0.16 -0.61 -54.00
CA GLY H 83 0.62 -1.76 -54.43
C GLY H 83 2.07 -1.47 -54.72
N VAL H 84 2.57 -0.29 -54.36
CA VAL H 84 3.96 0.10 -54.56
C VAL H 84 4.58 0.45 -53.22
N GLU H 85 5.80 -0.04 -52.98
CA GLU H 85 6.54 0.23 -51.76
C GLU H 85 7.48 1.40 -51.99
N THR H 86 7.39 2.41 -51.14
CA THR H 86 8.20 3.63 -51.26
C THR H 86 9.26 3.63 -50.18
N ASP H 87 10.52 3.58 -50.58
CA ASP H 87 11.59 3.66 -49.59
C ASP H 87 11.89 5.11 -49.26
N TRP H 88 12.83 5.33 -48.35
CA TRP H 88 13.13 6.69 -47.91
C TRP H 88 13.63 7.58 -49.05
N PRO H 89 14.59 7.17 -49.89
CA PRO H 89 15.03 8.08 -50.96
C PRO H 89 13.91 8.47 -51.92
N ALA H 90 13.04 7.52 -52.30
CA ALA H 90 11.90 7.89 -53.14
C ALA H 90 10.89 8.73 -52.37
N TYR H 91 10.78 8.52 -51.05
CA TYR H 91 9.81 9.24 -50.23
C TYR H 91 10.18 10.71 -50.10
N ILE H 92 11.43 11.00 -49.74
CA ILE H 92 11.80 12.39 -49.53
C ILE H 92 11.82 13.12 -50.87
N GLU H 93 12.13 12.41 -51.96
CA GLU H 93 12.08 13.04 -53.28
C GLU H 93 10.64 13.37 -53.67
N GLY H 94 9.71 12.46 -53.39
CA GLY H 94 8.30 12.74 -53.65
C GLY H 94 7.75 13.84 -52.75
N TRP H 95 8.30 13.97 -51.55
CA TRP H 95 7.83 15.03 -50.67
C TRP H 95 8.27 16.40 -51.17
N LYS H 96 9.41 16.49 -51.85
CA LYS H 96 9.76 17.76 -52.48
C LYS H 96 8.74 18.14 -53.53
N LYS H 97 8.28 17.17 -54.33
CA LYS H 97 7.28 17.48 -55.35
C LYS H 97 5.94 17.82 -54.71
N LEU H 98 5.54 17.09 -53.66
CA LEU H 98 4.29 17.41 -52.95
C LEU H 98 4.32 18.83 -52.42
N ALA H 99 5.38 19.19 -51.70
CA ALA H 99 5.47 20.52 -51.13
C ALA H 99 5.47 21.59 -52.23
N THR H 100 6.08 21.31 -53.37
CA THR H 100 6.06 22.28 -54.46
C THR H 100 4.65 22.47 -54.99
N ASP H 101 3.94 21.38 -55.25
CA ASP H 101 2.57 21.49 -55.77
C ASP H 101 1.62 22.11 -54.75
N GLU H 102 1.83 21.83 -53.46
CA GLU H 102 0.99 22.45 -52.43
C GLU H 102 1.25 23.95 -52.35
N LEU H 103 2.52 24.38 -52.47
CA LEU H 103 2.83 25.79 -52.41
C LEU H 103 2.26 26.53 -53.62
N GLU H 104 2.16 25.83 -54.75
CA GLU H 104 1.51 26.39 -55.93
C GLU H 104 0.02 26.59 -55.69
N LYS H 105 -0.65 25.59 -55.12
CA LYS H 105 -2.06 25.76 -54.78
C LYS H 105 -2.26 26.88 -53.77
N TYR H 106 -1.42 26.92 -52.74
CA TYR H 106 -1.48 27.94 -51.72
C TYR H 106 -1.39 29.34 -52.35
N ALA H 107 -0.41 29.53 -53.23
CA ALA H 107 -0.19 30.85 -53.83
C ALA H 107 -1.29 31.23 -54.82
N LYS H 108 -1.91 30.24 -55.44
CA LYS H 108 -3.03 30.53 -56.33
C LYS H 108 -4.34 30.64 -55.58
N ASN H 109 -4.28 30.60 -54.25
CA ASN H 109 -5.47 30.64 -53.40
C ASN H 109 -6.44 29.51 -53.74
N GLU H 110 -5.86 28.25 -54.11
CA GLU H 110 -6.64 27.03 -54.28
C GLU H 110 -6.60 26.20 -53.00
N PRO H 111 -7.63 25.42 -52.71
CA PRO H 111 -7.57 24.54 -51.52
C PRO H 111 -6.40 23.58 -51.62
N THR H 112 -5.54 23.60 -50.62
CA THR H 112 -4.42 22.66 -50.56
C THR H 112 -4.93 21.28 -50.14
N LEU H 113 -4.15 20.26 -50.50
CA LEU H 113 -4.48 18.91 -50.09
C LEU H 113 -4.52 18.78 -48.58
N ILE H 114 -3.62 19.50 -47.88
CA ILE H 114 -3.58 19.45 -46.42
C ILE H 114 -4.82 20.10 -45.81
N ARG H 115 -5.33 21.17 -46.43
CA ARG H 115 -6.57 21.77 -45.96
C ARG H 115 -7.74 20.81 -46.13
N ILE H 116 -7.83 20.17 -47.29
CA ILE H 116 -8.90 19.21 -47.57
C ILE H 116 -8.85 18.05 -46.57
N TRP H 117 -7.65 17.61 -46.23
CA TRP H 117 -7.51 16.65 -45.15
C TRP H 117 -7.99 17.25 -43.83
N GLY H 118 -7.58 18.49 -43.54
CA GLY H 118 -8.02 19.11 -42.30
C GLY H 118 -9.52 19.24 -42.19
N ASP H 119 -10.19 19.66 -43.28
CA ASP H 119 -11.64 19.73 -43.29
C ASP H 119 -12.27 18.38 -43.02
N ALA H 120 -11.82 17.34 -43.72
CA ALA H 120 -12.40 16.01 -43.53
C ALA H 120 -12.16 15.49 -42.11
N LEU H 121 -10.98 15.75 -41.55
CA LEU H 121 -10.68 15.22 -40.22
C LEU H 121 -11.43 15.97 -39.14
N PHE H 122 -11.45 17.30 -39.24
CA PHE H 122 -12.12 18.12 -38.23
C PHE H 122 -13.61 17.84 -38.18
N ASP H 123 -14.19 17.46 -39.32
CA ASP H 123 -15.61 17.08 -39.31
C ASP H 123 -15.85 15.83 -38.46
N ILE H 124 -14.86 14.95 -38.34
CA ILE H 124 -14.97 13.77 -37.50
C ILE H 124 -14.62 14.11 -36.06
N VAL H 125 -13.52 14.85 -35.87
CA VAL H 125 -12.97 15.10 -34.55
C VAL H 125 -13.84 16.09 -33.79
N ASP H 126 -14.38 17.10 -34.47
CA ASP H 126 -15.20 18.10 -33.81
C ASP H 126 -16.61 17.55 -33.59
N LYS H 127 -16.99 17.41 -32.32
CA LYS H 127 -18.28 16.83 -31.99
C LYS H 127 -19.43 17.76 -32.39
N ASP H 128 -19.23 19.07 -32.35
CA ASP H 128 -20.21 20.05 -32.83
C ASP H 128 -20.18 20.20 -34.34
N GLN H 129 -19.13 19.70 -34.99
CA GLN H 129 -18.98 19.72 -36.45
C GLN H 129 -19.02 21.15 -37.00
N ASN H 130 -18.40 22.06 -36.26
CA ASN H 130 -18.27 23.48 -36.58
C ASN H 130 -16.89 23.79 -37.13
N GLY H 131 -16.08 22.77 -37.40
CA GLY H 131 -14.77 23.00 -37.96
C GLY H 131 -13.77 23.55 -36.98
N ALA H 132 -14.00 23.35 -35.67
CA ALA H 132 -13.09 23.79 -34.63
C ALA H 132 -13.05 22.72 -33.55
N ILE H 133 -11.86 22.38 -33.08
CA ILE H 133 -11.72 21.25 -32.17
C ILE H 133 -11.16 21.73 -30.84
N THR H 134 -11.59 21.06 -29.78
CA THR H 134 -11.08 21.38 -28.47
C THR H 134 -9.75 20.69 -28.23
N LEU H 135 -9.12 21.02 -27.10
CA LEU H 135 -7.87 20.36 -26.74
C LEU H 135 -8.10 18.88 -26.48
N ASP H 136 -9.23 18.52 -25.86
CA ASP H 136 -9.50 17.10 -25.65
C ASP H 136 -9.62 16.36 -26.97
N GLU H 137 -10.25 16.99 -27.96
CA GLU H 137 -10.40 16.34 -29.26
C GLU H 137 -9.06 16.25 -29.97
N TRP H 138 -8.19 17.27 -29.81
CA TRP H 138 -6.86 17.21 -30.40
C TRP H 138 -6.02 16.12 -29.73
N LYS H 139 -6.19 15.94 -28.43
CA LYS H 139 -5.54 14.84 -27.73
C LYS H 139 -6.03 13.49 -28.26
N ALA H 140 -7.34 13.36 -28.46
CA ALA H 140 -7.91 12.10 -28.91
C ALA H 140 -7.39 11.70 -30.30
N TYR H 141 -7.32 12.66 -31.22
CA TYR H 141 -6.84 12.35 -32.56
C TYR H 141 -5.35 12.04 -32.56
N THR H 142 -4.54 12.95 -32.05
CA THR H 142 -3.10 12.81 -32.20
C THR H 142 -2.58 11.60 -31.44
N LYS H 143 -3.19 11.27 -30.31
CA LYS H 143 -2.73 10.09 -29.59
C LYS H 143 -3.18 8.80 -30.25
N ALA H 144 -4.38 8.78 -30.85
CA ALA H 144 -4.81 7.60 -31.58
C ALA H 144 -3.91 7.35 -32.79
N ALA H 145 -3.55 8.42 -33.50
CA ALA H 145 -2.63 8.28 -34.62
C ALA H 145 -1.23 7.93 -34.16
N GLY H 146 -0.86 8.33 -32.94
CA GLY H 146 0.48 8.17 -32.41
C GLY H 146 1.44 9.30 -32.75
N ILE H 147 1.00 10.32 -33.50
CA ILE H 147 1.95 11.37 -33.88
C ILE H 147 2.38 12.16 -32.64
N ILE H 148 1.52 12.26 -31.63
CA ILE H 148 1.84 12.84 -30.33
C ILE H 148 1.47 11.82 -29.26
N GLN H 149 2.36 11.67 -28.26
CA GLN H 149 2.13 10.77 -27.13
C GLN H 149 1.73 11.51 -25.86
N SER H 150 2.46 12.55 -25.49
CA SER H 150 2.24 13.23 -24.21
C SER H 150 1.24 14.37 -24.33
N SER H 151 0.46 14.56 -23.27
CA SER H 151 -0.53 15.64 -23.28
C SER H 151 0.12 17.01 -23.34
N GLU H 152 1.34 17.16 -22.81
CA GLU H 152 1.99 18.47 -22.83
C GLU H 152 2.29 18.92 -24.26
N ASP H 153 2.63 17.98 -25.14
CA ASP H 153 2.86 18.31 -26.54
C ASP H 153 1.55 18.73 -27.23
N CYS H 154 0.44 18.09 -26.87
CA CYS H 154 -0.86 18.48 -27.43
C CYS H 154 -1.20 19.92 -27.06
N GLU H 155 -0.86 20.32 -25.83
CA GLU H 155 -1.09 21.68 -25.38
C GLU H 155 -0.18 22.68 -26.09
N GLU H 156 1.03 22.25 -26.47
CA GLU H 156 1.94 23.17 -27.16
C GLU H 156 1.40 23.56 -28.52
N THR H 157 0.64 22.68 -29.18
CA THR H 157 -0.01 23.05 -30.43
C THR H 157 -0.91 24.26 -30.24
N PHE H 158 -1.64 24.30 -29.11
CA PHE H 158 -2.50 25.43 -28.81
C PHE H 158 -1.71 26.70 -28.51
N ARG H 159 -0.53 26.55 -27.90
CA ARG H 159 0.32 27.70 -27.65
C ARG H 159 0.83 28.27 -28.97
N VAL H 160 1.20 27.39 -29.92
CA VAL H 160 1.71 27.87 -31.20
C VAL H 160 0.58 28.52 -32.00
N CYS H 161 -0.64 27.99 -31.92
CA CYS H 161 -1.75 28.58 -32.67
C CYS H 161 -2.40 29.78 -32.00
N ASP H 162 -1.85 30.26 -30.88
CA ASP H 162 -2.35 31.45 -30.18
C ASP H 162 -3.82 31.31 -29.81
N ILE H 163 -4.18 30.12 -29.31
CA ILE H 163 -5.51 29.83 -28.80
C ILE H 163 -5.35 29.31 -27.38
N ASP H 164 -6.21 29.77 -26.45
CA ASP H 164 -6.15 29.25 -25.09
C ASP H 164 -6.63 27.80 -25.07
N GLU H 165 -6.21 27.07 -24.03
CA GLU H 165 -6.54 25.64 -23.95
C GLU H 165 -8.04 25.38 -23.77
N SER H 166 -8.79 26.34 -23.22
CA SER H 166 -10.23 26.16 -23.08
C SER H 166 -10.97 26.51 -24.36
N GLY H 167 -10.29 27.12 -25.34
CA GLY H 167 -10.93 27.48 -26.59
C GLY H 167 -10.75 26.40 -27.63
N GLN H 168 -11.34 26.63 -28.78
CA GLN H 168 -11.30 25.68 -29.87
C GLN H 168 -10.28 26.11 -30.92
N LEU H 169 -9.88 25.15 -31.76
CA LEU H 169 -8.86 25.36 -32.76
C LEU H 169 -9.46 25.07 -34.13
N ASP H 170 -9.50 26.08 -35.00
CA ASP H 170 -10.19 25.91 -36.29
C ASP H 170 -9.22 25.51 -37.40
N VAL H 171 -9.80 24.95 -38.46
CA VAL H 171 -9.01 24.43 -39.58
C VAL H 171 -8.21 25.53 -40.24
N ASP H 172 -8.76 26.76 -40.29
CA ASP H 172 -8.07 27.85 -40.98
C ASP H 172 -6.73 28.16 -40.33
N GLU H 173 -6.72 28.39 -39.02
CA GLU H 173 -5.46 28.67 -38.36
C GLU H 173 -4.54 27.45 -38.37
N MET H 174 -5.12 26.26 -38.24
CA MET H 174 -4.29 25.06 -38.24
C MET H 174 -3.65 24.84 -39.61
N THR H 175 -4.41 25.15 -40.67
CA THR H 175 -3.88 24.99 -42.02
C THR H 175 -2.64 25.86 -42.23
N ARG H 176 -2.69 27.10 -41.76
CA ARG H 176 -1.53 27.97 -41.89
C ARG H 176 -0.33 27.42 -41.12
N GLN H 177 -0.56 26.96 -39.89
CA GLN H 177 0.58 26.44 -39.12
C GLN H 177 1.13 25.19 -39.78
N HIS H 178 0.25 24.36 -40.35
CA HIS H 178 0.72 23.11 -40.95
C HIS H 178 1.48 23.35 -42.24
N LEU H 179 1.04 24.32 -43.05
CA LEU H 179 1.79 24.65 -44.24
C LEU H 179 3.20 25.08 -43.89
N GLY H 180 3.34 25.90 -42.84
CA GLY H 180 4.66 26.34 -42.43
C GLY H 180 5.48 25.25 -41.78
N PHE H 181 4.82 24.30 -41.11
CA PHE H 181 5.56 23.27 -40.41
C PHE H 181 6.06 22.20 -41.37
N TRP H 182 5.20 21.78 -42.31
CA TRP H 182 5.52 20.67 -43.20
C TRP H 182 6.16 21.08 -44.51
N TYR H 183 5.89 22.29 -45.00
CA TYR H 183 6.29 22.70 -46.34
C TYR H 183 7.43 23.71 -46.38
N THR H 184 7.38 24.76 -45.55
CA THR H 184 8.29 25.91 -45.69
C THR H 184 9.26 26.09 -44.53
N MET H 185 9.15 25.32 -43.46
CA MET H 185 9.99 25.52 -42.28
C MET H 185 9.83 26.93 -41.73
N ASP H 186 8.60 27.40 -41.69
CA ASP H 186 8.30 28.71 -41.14
C ASP H 186 8.71 28.74 -39.67
N PRO H 187 9.63 29.63 -39.27
CA PRO H 187 10.08 29.66 -37.87
C PRO H 187 8.96 29.97 -36.89
N ALA H 188 7.88 30.63 -37.34
CA ALA H 188 6.74 30.89 -36.47
C ALA H 188 5.94 29.62 -36.17
N CYS H 189 6.17 28.54 -36.89
CA CYS H 189 5.39 27.33 -36.70
C CYS H 189 6.17 26.26 -35.93
N GLU H 190 7.36 26.57 -35.43
CA GLU H 190 8.12 25.59 -34.67
C GLU H 190 7.35 25.15 -33.43
N LYS H 191 7.66 23.93 -32.97
CA LYS H 191 7.02 23.31 -31.82
C LYS H 191 5.52 23.10 -32.02
N LEU H 192 5.05 23.03 -33.27
CA LEU H 192 3.62 22.81 -33.52
C LEU H 192 3.15 21.50 -32.89
N TYR H 193 4.01 20.48 -32.87
CA TYR H 193 3.72 19.21 -32.19
C TYR H 193 4.53 19.05 -30.91
N GLY H 194 4.94 20.16 -30.31
CA GLY H 194 5.73 20.07 -29.09
C GLY H 194 7.05 19.37 -29.39
N GLY H 195 7.43 18.45 -28.51
CA GLY H 195 8.64 17.68 -28.72
C GLY H 195 8.45 16.38 -29.48
N ALA H 196 7.22 16.09 -29.91
CA ALA H 196 6.95 14.82 -30.58
C ALA H 196 7.50 14.81 -32.00
N VAL H 197 7.57 15.96 -32.66
CA VAL H 197 8.10 15.99 -34.02
C VAL H 197 9.18 17.05 -34.06
N PRO H 198 10.38 16.72 -34.55
CA PRO H 198 11.52 17.66 -34.65
C PRO H 198 11.24 18.80 -35.65
N HIS I 8 32.58 -24.88 -2.34
CA HIS I 8 31.99 -25.73 -1.28
C HIS I 8 32.58 -25.45 0.11
N HIS I 9 31.79 -24.81 0.98
CA HIS I 9 32.29 -24.28 2.24
C HIS I 9 31.57 -24.81 3.48
N GLY I 10 30.43 -25.47 3.33
CA GLY I 10 29.70 -25.93 4.48
C GLY I 10 28.34 -26.45 4.06
N LYS I 11 27.48 -26.61 5.06
CA LYS I 11 26.18 -27.22 4.89
C LYS I 11 25.18 -26.44 5.75
N LEU I 12 24.03 -26.11 5.17
CA LEU I 12 23.01 -25.36 5.88
C LEU I 12 21.68 -26.08 5.96
N THR I 13 21.64 -27.36 5.63
CA THR I 13 20.38 -28.10 5.59
C THR I 13 20.39 -29.12 6.71
N SER I 14 19.24 -29.28 7.36
CA SER I 14 19.07 -30.23 8.44
C SER I 14 18.90 -31.64 7.86
N ASP I 15 19.00 -32.64 8.73
CA ASP I 15 18.95 -34.03 8.28
C ASP I 15 18.34 -34.88 9.38
N PHE I 16 17.15 -34.48 9.86
CA PHE I 16 16.61 -35.02 11.11
C PHE I 16 16.12 -36.47 11.01
N ASP I 17 15.88 -36.98 9.81
CA ASP I 17 15.47 -38.37 9.64
C ASP I 17 16.66 -39.31 9.44
N ASN I 18 17.87 -38.78 9.40
CA ASN I 18 19.04 -39.63 9.29
C ASN I 18 19.24 -40.38 10.60
N PRO I 19 19.19 -41.72 10.60
CA PRO I 19 19.41 -42.46 11.86
C PRO I 19 20.77 -42.21 12.48
N ARG I 20 21.76 -41.79 11.69
CA ARG I 20 23.04 -41.48 12.30
C ARG I 20 23.00 -40.17 13.08
N TRP I 21 22.11 -39.24 12.70
CA TRP I 21 21.89 -38.03 13.49
C TRP I 21 21.15 -38.36 14.78
N ILE I 22 20.14 -39.21 14.68
CA ILE I 22 19.41 -39.64 15.86
C ILE I 22 20.34 -40.42 16.80
N GLY I 23 21.18 -41.30 16.24
CA GLY I 23 22.07 -42.11 17.05
C GLY I 23 23.21 -41.33 17.67
N ARG I 24 23.61 -40.25 17.02
CA ARG I 24 24.63 -39.37 17.57
C ARG I 24 24.14 -38.73 18.86
N HIS I 25 22.90 -38.22 18.85
CA HIS I 25 22.32 -37.60 20.04
C HIS I 25 21.81 -38.60 21.04
N LYS I 26 21.46 -39.82 20.61
CA LYS I 26 21.16 -40.87 21.58
C LYS I 26 22.42 -41.25 22.36
N HIS I 27 23.55 -41.37 21.66
CA HIS I 27 24.81 -41.62 22.35
C HIS I 27 25.08 -40.53 23.39
N MET I 28 24.84 -39.27 23.02
CA MET I 28 25.08 -38.17 23.95
C MET I 28 24.08 -38.19 25.10
N PHE I 29 22.82 -38.50 24.80
CA PHE I 29 21.82 -38.63 25.85
C PHE I 29 22.23 -39.70 26.86
N ASN I 30 22.70 -40.85 26.37
CA ASN I 30 23.14 -41.89 27.29
C ASN I 30 24.37 -41.45 28.07
N PHE I 31 25.26 -40.68 27.44
CA PHE I 31 26.45 -40.18 28.14
C PHE I 31 26.06 -39.22 29.26
N LEU I 32 25.03 -38.40 29.02
CA LEU I 32 24.55 -37.43 30.00
C LEU I 32 23.68 -38.08 31.07
N ASP I 33 23.03 -39.19 30.75
CA ASP I 33 22.18 -39.93 31.68
C ASP I 33 23.04 -40.87 32.53
N VAL I 34 23.87 -40.27 33.40
CA VAL I 34 24.90 -41.04 34.11
C VAL I 34 24.32 -42.07 35.08
N ASN I 35 23.10 -41.88 35.60
CA ASN I 35 22.48 -42.84 36.49
C ASN I 35 21.46 -43.72 35.81
N HIS I 36 21.40 -43.70 34.47
CA HIS I 36 20.55 -44.62 33.70
C HIS I 36 19.08 -44.52 34.14
N ASN I 37 18.62 -43.31 34.39
CA ASN I 37 17.23 -43.07 34.73
C ASN I 37 16.33 -42.90 33.50
N GLY I 38 16.88 -42.88 32.30
CA GLY I 38 16.05 -42.53 31.15
C GLY I 38 15.60 -41.08 31.10
N LYS I 39 16.14 -40.21 31.95
CA LYS I 39 15.70 -38.82 31.94
C LYS I 39 16.82 -37.95 32.51
N ILE I 40 16.93 -36.72 31.99
CA ILE I 40 17.90 -35.75 32.48
C ILE I 40 17.19 -34.41 32.63
N SER I 41 17.79 -33.53 33.44
CA SER I 41 17.22 -32.23 33.75
C SER I 41 18.22 -31.12 33.43
N LEU I 42 17.68 -29.91 33.19
CA LEU I 42 18.56 -28.77 33.00
C LEU I 42 19.44 -28.51 34.22
N ASP I 43 18.92 -28.79 35.42
CA ASP I 43 19.71 -28.64 36.63
C ASP I 43 20.99 -29.44 36.53
N GLU I 44 20.88 -30.67 36.04
CA GLU I 44 22.06 -31.54 35.99
C GLU I 44 23.04 -31.06 34.95
N MET I 45 22.55 -30.59 33.79
CA MET I 45 23.46 -30.16 32.73
C MET I 45 24.29 -29.00 33.20
N VAL I 46 23.63 -28.04 33.83
CA VAL I 46 24.27 -26.83 34.34
C VAL I 46 25.16 -27.17 35.55
N TYR I 47 24.78 -28.15 36.36
CA TYR I 47 25.69 -28.60 37.41
C TYR I 47 26.96 -29.20 36.79
N LYS I 48 26.79 -30.10 35.83
CA LYS I 48 27.94 -30.72 35.19
C LYS I 48 28.87 -29.67 34.57
N ALA I 49 28.31 -28.71 33.82
CA ALA I 49 29.13 -27.70 33.15
C ALA I 49 29.99 -26.94 34.16
N SER I 50 29.37 -26.46 35.23
CA SER I 50 30.12 -25.69 36.22
C SER I 50 31.05 -26.58 37.06
N ASP I 51 30.64 -27.82 37.35
CA ASP I 51 31.54 -28.74 38.07
C ASP I 51 32.84 -28.94 37.29
N ILE I 52 32.74 -29.16 35.98
CA ILE I 52 33.95 -29.35 35.17
C ILE I 52 34.83 -28.11 35.21
N VAL I 53 34.26 -26.93 34.88
CA VAL I 53 35.14 -25.77 34.65
C VAL I 53 35.69 -25.24 35.97
N ILE I 54 34.92 -25.28 37.06
CA ILE I 54 35.44 -24.81 38.34
C ILE I 54 36.36 -25.86 38.99
N ASN I 55 35.91 -27.12 39.06
CA ASN I 55 36.64 -28.12 39.85
C ASN I 55 37.72 -28.86 39.07
N ASN I 56 37.70 -28.83 37.75
CA ASN I 56 38.72 -29.51 36.97
C ASN I 56 39.62 -28.57 36.15
N LEU I 57 39.13 -27.38 35.77
CA LEU I 57 39.82 -26.53 34.79
C LEU I 57 40.19 -25.16 35.34
N GLY I 58 40.02 -24.93 36.64
CA GLY I 58 40.48 -23.71 37.30
C GLY I 58 39.80 -22.44 36.84
N ALA I 59 38.51 -22.51 36.53
CA ALA I 59 37.78 -21.33 36.10
C ALA I 59 37.50 -20.43 37.29
N THR I 60 37.55 -19.11 37.05
CA THR I 60 37.13 -18.14 38.06
C THR I 60 35.60 -18.15 38.17
N PRO I 61 35.06 -17.59 39.26
CA PRO I 61 33.59 -17.54 39.36
C PRO I 61 32.94 -16.80 38.20
N GLU I 62 33.57 -15.72 37.72
CA GLU I 62 33.02 -14.97 36.60
C GLU I 62 33.05 -15.78 35.32
N GLN I 63 34.19 -16.42 35.03
CA GLN I 63 34.27 -17.30 33.86
C GLN I 63 33.23 -18.43 33.95
N ALA I 64 33.06 -19.00 35.15
CA ALA I 64 32.11 -20.10 35.29
C ALA I 64 30.66 -19.64 35.05
N LYS I 65 30.33 -18.44 35.51
CA LYS I 65 29.00 -17.88 35.25
C LYS I 65 28.74 -17.68 33.76
N ARG I 66 29.71 -17.12 33.04
CA ARG I 66 29.55 -16.93 31.60
C ARG I 66 29.36 -18.26 30.88
N HIS I 67 30.16 -19.27 31.26
CA HIS I 67 30.03 -20.61 30.70
C HIS I 67 28.69 -21.23 31.08
N LYS I 68 28.25 -21.02 32.31
CA LYS I 68 26.97 -21.55 32.75
C LYS I 68 25.81 -20.95 31.94
N ASP I 69 25.85 -19.62 31.71
CA ASP I 69 24.81 -19.00 30.89
C ASP I 69 24.77 -19.60 29.48
N ALA I 70 25.92 -19.86 28.88
CA ALA I 70 25.92 -20.45 27.54
C ALA I 70 25.38 -21.88 27.55
N VAL I 71 25.80 -22.70 28.51
CA VAL I 71 25.30 -24.06 28.58
C VAL I 71 23.81 -24.04 28.86
N GLU I 72 23.37 -23.14 29.73
CA GLU I 72 21.95 -23.00 30.02
C GLU I 72 21.17 -22.66 28.76
N ALA I 73 21.68 -21.72 27.97
CA ALA I 73 20.96 -21.36 26.75
C ALA I 73 20.96 -22.51 25.77
N PHE I 74 22.06 -23.27 25.70
CA PHE I 74 22.18 -24.35 24.71
C PHE I 74 21.13 -25.43 24.98
N PHE I 75 21.18 -26.08 26.16
CA PHE I 75 20.22 -27.12 26.46
C PHE I 75 18.81 -26.57 26.66
N GLY I 76 18.70 -25.31 27.13
CA GLY I 76 17.40 -24.65 27.16
C GLY I 76 16.83 -24.47 25.76
N GLY I 77 17.68 -24.25 24.77
CA GLY I 77 17.17 -24.19 23.40
C GLY I 77 16.62 -25.50 22.90
N ALA I 78 17.00 -26.61 23.54
CA ALA I 78 16.48 -27.93 23.21
C ALA I 78 15.27 -28.30 24.05
N GLY I 79 14.68 -27.33 24.74
CA GLY I 79 13.47 -27.59 25.50
C GLY I 79 13.67 -28.04 26.94
N MET I 80 14.91 -28.15 27.42
CA MET I 80 15.12 -28.56 28.81
C MET I 80 14.83 -27.39 29.73
N LYS I 81 14.31 -27.70 30.91
CA LYS I 81 13.92 -26.67 31.87
C LYS I 81 14.37 -27.08 33.26
N TYR I 82 14.54 -26.06 34.11
CA TYR I 82 14.87 -26.33 35.50
C TYR I 82 13.68 -27.01 36.15
N GLY I 83 13.98 -28.02 36.97
CA GLY I 83 12.95 -28.77 37.66
C GLY I 83 12.15 -29.70 36.81
N VAL I 84 12.54 -29.94 35.56
CA VAL I 84 11.81 -30.80 34.65
C VAL I 84 12.73 -31.92 34.20
N GLU I 85 12.22 -33.16 34.20
CA GLU I 85 12.98 -34.30 33.73
C GLU I 85 12.62 -34.56 32.27
N THR I 86 13.63 -34.57 31.41
CA THR I 86 13.47 -34.72 29.96
C THR I 86 13.84 -36.14 29.57
N ASP I 87 12.87 -36.91 29.04
CA ASP I 87 13.18 -38.27 28.61
C ASP I 87 13.71 -38.25 27.18
N TRP I 88 14.02 -39.44 26.65
CA TRP I 88 14.66 -39.50 25.34
C TRP I 88 13.78 -38.94 24.22
N PRO I 89 12.50 -39.32 24.07
CA PRO I 89 11.69 -38.70 22.99
C PRO I 89 11.56 -37.20 23.14
N ALA I 90 11.42 -36.70 24.36
CA ALA I 90 11.37 -35.25 24.54
C ALA I 90 12.70 -34.61 24.16
N TYR I 91 13.79 -35.33 24.42
CA TYR I 91 15.13 -34.80 24.14
C TYR I 91 15.36 -34.66 22.63
N ILE I 92 15.08 -35.72 21.87
CA ILE I 92 15.39 -35.67 20.44
C ILE I 92 14.42 -34.74 19.71
N GLU I 93 13.17 -34.64 20.18
CA GLU I 93 12.25 -33.67 19.58
C GLU I 93 12.70 -32.24 19.88
N GLY I 94 13.14 -31.99 21.11
CA GLY I 94 13.64 -30.67 21.42
C GLY I 94 14.90 -30.35 20.67
N TRP I 95 15.69 -31.38 20.33
CA TRP I 95 16.91 -31.14 19.57
C TRP I 95 16.61 -30.76 18.11
N LYS I 96 15.51 -31.27 17.54
CA LYS I 96 15.14 -30.79 16.20
C LYS I 96 14.87 -29.30 16.24
N LYS I 97 14.21 -28.83 17.31
CA LYS I 97 13.95 -27.41 17.45
C LYS I 97 15.24 -26.62 17.67
N LEU I 98 16.15 -27.11 18.53
CA LEU I 98 17.41 -26.42 18.75
C LEU I 98 18.22 -26.31 17.46
N ALA I 99 18.36 -27.41 16.74
CA ALA I 99 19.14 -27.40 15.50
C ALA I 99 18.51 -26.47 14.47
N THR I 100 17.17 -26.45 14.41
CA THR I 100 16.48 -25.56 13.47
C THR I 100 16.75 -24.11 13.82
N ASP I 101 16.61 -23.75 15.10
CA ASP I 101 16.87 -22.37 15.52
C ASP I 101 18.34 -22.02 15.32
N GLU I 102 19.24 -22.98 15.56
CA GLU I 102 20.66 -22.70 15.34
C GLU I 102 20.95 -22.48 13.86
N LEU I 103 20.35 -23.29 12.99
CA LEU I 103 20.59 -23.16 11.56
C LEU I 103 20.04 -21.85 11.01
N GLU I 104 18.95 -21.33 11.59
CA GLU I 104 18.46 -20.00 11.21
C GLU I 104 19.46 -18.93 11.61
N LYS I 105 19.97 -18.98 12.85
CA LYS I 105 21.00 -18.02 13.24
C LYS I 105 22.23 -18.16 12.34
N TYR I 106 22.64 -19.39 12.08
CA TYR I 106 23.78 -19.66 11.22
C TYR I 106 23.59 -19.02 9.86
N ALA I 107 22.43 -19.26 9.25
CA ALA I 107 22.16 -18.76 7.90
C ALA I 107 22.00 -17.23 7.87
N LYS I 108 21.57 -16.63 8.98
CA LYS I 108 21.48 -15.18 9.08
C LYS I 108 22.79 -14.55 9.55
N ASN I 109 23.86 -15.34 9.65
CA ASN I 109 25.16 -14.86 10.08
C ASN I 109 25.11 -14.22 11.47
N GLU I 110 24.18 -14.76 12.41
CA GLU I 110 24.10 -14.37 13.82
C GLU I 110 24.94 -15.34 14.65
N PRO I 111 25.52 -14.90 15.77
CA PRO I 111 26.26 -15.84 16.64
C PRO I 111 25.36 -16.97 17.13
N THR I 112 25.76 -18.21 16.83
CA THR I 112 25.01 -19.38 17.28
C THR I 112 25.27 -19.66 18.77
N LEU I 113 24.33 -20.37 19.40
CA LEU I 113 24.48 -20.74 20.81
C LEU I 113 25.72 -21.61 21.01
N ILE I 114 26.03 -22.47 20.05
CA ILE I 114 27.19 -23.33 20.17
C ILE I 114 28.47 -22.50 20.12
N ARG I 115 28.48 -21.46 19.29
CA ARG I 115 29.63 -20.56 19.25
C ARG I 115 29.79 -19.81 20.56
N ILE I 116 28.69 -19.28 21.10
CA ILE I 116 28.76 -18.55 22.36
C ILE I 116 29.29 -19.45 23.48
N TRP I 117 28.88 -20.72 23.48
CA TRP I 117 29.43 -21.69 24.44
C TRP I 117 30.93 -21.87 24.21
N GLY I 118 31.33 -22.06 22.97
CA GLY I 118 32.75 -22.23 22.70
C GLY I 118 33.60 -21.06 23.17
N ASP I 119 33.11 -19.82 22.95
CA ASP I 119 33.83 -18.64 23.43
C ASP I 119 34.02 -18.70 24.94
N ALA I 120 32.94 -18.99 25.66
CA ALA I 120 33.03 -19.02 27.11
C ALA I 120 33.96 -20.15 27.57
N LEU I 121 33.94 -21.28 26.89
CA LEU I 121 34.77 -22.41 27.30
C LEU I 121 36.23 -22.16 26.95
N PHE I 122 36.49 -21.69 25.73
CA PHE I 122 37.87 -21.44 25.31
C PHE I 122 38.55 -20.37 26.16
N ASP I 123 37.78 -19.42 26.70
CA ASP I 123 38.38 -18.47 27.63
C ASP I 123 38.87 -19.16 28.90
N ILE I 124 38.25 -20.28 29.29
CA ILE I 124 38.72 -21.05 30.45
C ILE I 124 39.84 -22.00 30.08
N VAL I 125 39.67 -22.73 28.99
CA VAL I 125 40.61 -23.80 28.64
C VAL I 125 41.92 -23.22 28.15
N ASP I 126 41.87 -22.13 27.40
CA ASP I 126 43.06 -21.48 26.88
C ASP I 126 43.66 -20.59 27.96
N LYS I 127 44.87 -20.92 28.42
CA LYS I 127 45.53 -20.11 29.45
C LYS I 127 45.94 -18.75 28.92
N ASP I 128 46.24 -18.65 27.63
CA ASP I 128 46.53 -17.35 27.05
C ASP I 128 45.26 -16.55 26.82
N GLN I 129 44.09 -17.22 26.87
CA GLN I 129 42.79 -16.56 26.71
C GLN I 129 42.73 -15.85 25.37
N ASN I 130 43.28 -16.50 24.34
CA ASN I 130 43.32 -16.01 22.98
C ASN I 130 42.29 -16.70 22.08
N GLY I 131 41.40 -17.51 22.65
CA GLY I 131 40.42 -18.16 21.81
C GLY I 131 40.96 -19.31 21.00
N ALA I 132 42.12 -19.86 21.38
CA ALA I 132 42.69 -21.02 20.72
C ALA I 132 43.29 -21.94 21.78
N ILE I 133 43.08 -23.24 21.62
CA ILE I 133 43.51 -24.21 22.63
C ILE I 133 44.48 -25.19 22.00
N THR I 134 45.42 -25.66 22.81
CA THR I 134 46.36 -26.68 22.39
C THR I 134 45.77 -28.08 22.52
N LEU I 135 46.52 -29.08 22.06
CA LEU I 135 46.06 -30.47 22.16
C LEU I 135 45.95 -30.93 23.61
N ASP I 136 46.90 -30.54 24.46
CA ASP I 136 46.78 -30.90 25.86
C ASP I 136 45.57 -30.24 26.49
N GLU I 137 45.26 -29.02 26.09
CA GLU I 137 44.11 -28.33 26.68
C GLU I 137 42.80 -28.97 26.23
N TRP I 138 42.72 -29.41 24.96
CA TRP I 138 41.53 -30.12 24.49
C TRP I 138 41.40 -31.48 25.18
N LYS I 139 42.53 -32.15 25.44
CA LYS I 139 42.49 -33.39 26.21
C LYS I 139 41.98 -33.13 27.62
N ALA I 140 42.46 -32.04 28.24
CA ALA I 140 42.05 -31.78 29.61
C ALA I 140 40.56 -31.54 29.71
N TYR I 141 40.01 -30.74 28.78
CA TYR I 141 38.56 -30.50 28.82
C TYR I 141 37.79 -31.76 28.51
N THR I 142 38.07 -32.41 27.37
CA THR I 142 37.23 -33.52 26.95
C THR I 142 37.33 -34.72 27.88
N LYS I 143 38.48 -34.94 28.51
CA LYS I 143 38.56 -36.04 29.46
C LYS I 143 37.87 -35.73 30.78
N ALA I 144 37.90 -34.46 31.21
CA ALA I 144 37.18 -34.07 32.42
C ALA I 144 35.68 -34.17 32.20
N ALA I 145 35.18 -33.74 31.03
CA ALA I 145 33.78 -33.91 30.72
C ALA I 145 33.45 -35.38 30.53
N GLY I 146 34.43 -36.16 30.09
CA GLY I 146 34.21 -37.56 29.78
C GLY I 146 33.73 -37.83 28.37
N ILE I 147 33.53 -36.78 27.55
CA ILE I 147 32.99 -36.96 26.20
C ILE I 147 33.99 -37.72 25.32
N ILE I 148 35.28 -37.61 25.62
CA ILE I 148 36.32 -38.41 25.00
C ILE I 148 37.12 -39.05 26.13
N GLN I 149 37.47 -40.33 25.96
CA GLN I 149 38.32 -41.00 26.95
C GLN I 149 39.77 -41.16 26.51
N SER I 150 40.02 -41.59 25.27
CA SER I 150 41.38 -41.87 24.82
C SER I 150 42.01 -40.65 24.17
N SER I 151 43.32 -40.52 24.36
CA SER I 151 44.07 -39.42 23.75
C SER I 151 44.07 -39.53 22.22
N GLU I 152 43.98 -40.74 21.67
CA GLU I 152 43.92 -40.91 20.23
C GLU I 152 42.70 -40.23 19.62
N ASP I 153 41.55 -40.30 20.31
CA ASP I 153 40.34 -39.65 19.83
C ASP I 153 40.48 -38.14 19.86
N CYS I 154 41.14 -37.60 20.89
CA CYS I 154 41.40 -36.17 20.96
C CYS I 154 42.27 -35.73 19.79
N GLU I 155 43.23 -36.57 19.39
CA GLU I 155 44.08 -36.21 18.25
C GLU I 155 43.31 -36.16 16.94
N GLU I 156 42.27 -37.00 16.80
CA GLU I 156 41.49 -36.97 15.56
C GLU I 156 40.77 -35.65 15.39
N THR I 157 40.42 -35.00 16.50
CA THR I 157 39.77 -33.70 16.42
C THR I 157 40.64 -32.71 15.66
N PHE I 158 41.96 -32.73 15.93
CA PHE I 158 42.87 -31.84 15.23
C PHE I 158 43.01 -32.22 13.76
N ARG I 159 42.93 -33.51 13.46
CA ARG I 159 43.00 -33.91 12.05
C ARG I 159 41.77 -33.45 11.30
N VAL I 160 40.59 -33.54 11.94
CA VAL I 160 39.36 -33.16 11.24
C VAL I 160 39.32 -31.66 11.03
N CYS I 161 39.87 -30.88 11.96
CA CYS I 161 39.94 -29.43 11.78
C CYS I 161 41.12 -29.02 10.90
N ASP I 162 41.89 -30.00 10.40
CA ASP I 162 43.06 -29.75 9.56
C ASP I 162 44.08 -28.86 10.28
N ILE I 163 44.33 -29.16 11.55
CA ILE I 163 45.32 -28.49 12.38
C ILE I 163 46.33 -29.52 12.86
N ASP I 164 47.62 -29.19 12.82
CA ASP I 164 48.62 -30.11 13.33
C ASP I 164 48.49 -30.20 14.85
N GLU I 165 48.93 -31.33 15.41
CA GLU I 165 48.80 -31.55 16.85
C GLU I 165 49.64 -30.57 17.66
N SER I 166 50.68 -30.02 17.06
CA SER I 166 51.47 -29.02 17.76
C SER I 166 50.85 -27.63 17.66
N GLY I 167 49.84 -27.45 16.82
CA GLY I 167 49.18 -26.17 16.65
C GLY I 167 47.95 -26.04 17.53
N GLN I 168 47.29 -24.89 17.41
CA GLN I 168 46.10 -24.61 18.22
C GLN I 168 44.83 -24.70 17.39
N LEU I 169 43.71 -24.83 18.11
CA LEU I 169 42.39 -24.97 17.52
C LEU I 169 41.62 -23.72 17.90
N ASP I 170 41.18 -22.97 16.90
CA ASP I 170 40.51 -21.72 17.20
C ASP I 170 38.99 -21.94 17.25
N VAL I 171 38.28 -21.02 17.90
CA VAL I 171 36.83 -21.16 18.04
C VAL I 171 36.16 -21.14 16.69
N ASP I 172 36.68 -20.34 15.76
CA ASP I 172 36.02 -20.17 14.46
C ASP I 172 35.93 -21.50 13.71
N GLU I 173 37.06 -22.20 13.61
CA GLU I 173 37.06 -23.48 12.90
C GLU I 173 36.31 -24.56 13.66
N MET I 174 36.42 -24.55 14.99
CA MET I 174 35.72 -25.54 15.81
C MET I 174 34.22 -25.36 15.69
N THR I 175 33.76 -24.10 15.66
CA THR I 175 32.34 -23.82 15.49
C THR I 175 31.83 -24.42 14.18
N ARG I 176 32.60 -24.28 13.11
CA ARG I 176 32.21 -24.85 11.82
C ARG I 176 32.08 -26.37 11.91
N GLN I 177 33.06 -27.03 12.53
CA GLN I 177 33.01 -28.48 12.65
C GLN I 177 31.85 -28.91 13.54
N HIS I 178 31.56 -28.13 14.59
CA HIS I 178 30.50 -28.50 15.52
C HIS I 178 29.12 -28.32 14.91
N LEU I 179 28.91 -27.24 14.15
CA LEU I 179 27.64 -27.09 13.46
C LEU I 179 27.42 -28.27 12.53
N GLY I 180 28.46 -28.67 11.81
CA GLY I 180 28.34 -29.80 10.91
C GLY I 180 28.21 -31.12 11.64
N PHE I 181 28.81 -31.25 12.82
CA PHE I 181 28.75 -32.52 13.54
C PHE I 181 27.43 -32.68 14.29
N TRP I 182 26.97 -31.63 14.96
CA TRP I 182 25.78 -31.78 15.78
C TRP I 182 24.49 -31.43 15.06
N TYR I 183 24.53 -30.56 14.05
CA TYR I 183 23.32 -30.00 13.44
C TYR I 183 23.01 -30.54 12.06
N THR I 184 23.98 -30.65 11.16
CA THR I 184 23.66 -30.93 9.76
C THR I 184 24.15 -32.26 9.26
N MET I 185 24.92 -33.03 10.05
CA MET I 185 25.52 -34.26 9.57
C MET I 185 26.39 -33.99 8.33
N ASP I 186 27.16 -32.91 8.40
CA ASP I 186 28.11 -32.58 7.36
C ASP I 186 29.13 -33.70 7.23
N PRO I 187 29.23 -34.38 6.09
CA PRO I 187 30.15 -35.52 5.97
C PRO I 187 31.60 -35.16 6.20
N ALA I 188 31.97 -33.89 5.99
CA ALA I 188 33.33 -33.42 6.22
C ALA I 188 33.66 -33.38 7.70
N CYS I 189 32.66 -33.48 8.58
CA CYS I 189 32.87 -33.37 10.02
C CYS I 189 32.86 -34.71 10.74
N GLU I 190 32.80 -35.81 10.00
CA GLU I 190 32.79 -37.11 10.64
C GLU I 190 34.08 -37.33 11.43
N LYS I 191 33.97 -38.16 12.47
CA LYS I 191 35.09 -38.51 13.36
C LYS I 191 35.66 -37.30 14.11
N LEU I 192 34.85 -36.24 14.27
CA LEU I 192 35.31 -35.06 15.00
C LEU I 192 35.77 -35.40 16.41
N TYR I 193 35.14 -36.39 17.03
CA TYR I 193 35.56 -36.91 18.33
C TYR I 193 36.19 -38.29 18.21
N GLY I 194 36.76 -38.61 17.05
CA GLY I 194 37.35 -39.91 16.87
C GLY I 194 36.31 -41.00 16.99
N GLY I 195 36.66 -42.07 17.70
CA GLY I 195 35.70 -43.14 17.91
C GLY I 195 34.83 -42.97 19.13
N ALA I 196 34.97 -41.85 19.85
CA ALA I 196 34.20 -41.66 21.10
C ALA I 196 32.72 -41.34 20.84
N VAL I 197 32.40 -40.68 19.74
CA VAL I 197 31.01 -40.31 19.43
C VAL I 197 30.70 -40.77 18.02
N PRO I 198 29.67 -41.58 17.79
CA PRO I 198 29.32 -42.05 16.45
C PRO I 198 28.85 -40.89 15.60
N HIS J 8 16.21 -26.80 4.56
CA HIS J 8 17.06 -25.93 3.76
C HIS J 8 16.99 -24.48 4.25
N HIS J 9 18.10 -24.00 4.84
CA HIS J 9 18.13 -22.67 5.43
C HIS J 9 18.97 -21.66 4.66
N GLY J 10 19.73 -22.09 3.65
CA GLY J 10 20.62 -21.19 2.94
C GLY J 10 21.58 -21.95 2.03
N LYS J 11 22.60 -21.24 1.55
CA LYS J 11 23.48 -21.76 0.51
C LYS J 11 24.92 -21.41 0.85
N LEU J 12 25.82 -22.38 0.77
CA LEU J 12 27.21 -22.17 1.14
C LEU J 12 28.19 -22.52 0.02
N THR J 13 27.71 -22.72 -1.20
CA THR J 13 28.58 -23.07 -2.32
C THR J 13 28.62 -21.95 -3.33
N SER J 14 29.82 -21.65 -3.83
CA SER J 14 30.00 -20.58 -4.79
C SER J 14 29.57 -21.04 -6.19
N ASP J 15 29.47 -20.08 -7.10
CA ASP J 15 28.97 -20.35 -8.45
C ASP J 15 29.63 -19.36 -9.41
N PHE J 16 30.95 -19.28 -9.37
CA PHE J 16 31.68 -18.21 -10.03
C PHE J 16 31.69 -18.34 -11.54
N ASP J 17 31.39 -19.52 -12.08
CA ASP J 17 31.30 -19.74 -13.52
C ASP J 17 29.89 -19.51 -14.05
N ASN J 18 28.93 -19.25 -13.16
CA ASN J 18 27.58 -18.92 -13.60
C ASN J 18 27.63 -17.59 -14.33
N PRO J 19 27.18 -17.51 -15.60
CA PRO J 19 27.21 -16.21 -16.30
C PRO J 19 26.36 -15.15 -15.64
N ARG J 20 25.31 -15.54 -14.92
CA ARG J 20 24.46 -14.56 -14.25
C ARG J 20 25.13 -13.97 -13.03
N TRP J 21 26.10 -14.68 -12.42
CA TRP J 21 26.91 -14.10 -11.35
C TRP J 21 27.91 -13.10 -11.91
N ILE J 22 28.55 -13.45 -13.02
CA ILE J 22 29.49 -12.53 -13.65
C ILE J 22 28.77 -11.28 -14.13
N GLY J 23 27.60 -11.47 -14.74
CA GLY J 23 26.84 -10.33 -15.24
C GLY J 23 26.23 -9.50 -14.12
N ARG J 24 25.96 -10.12 -12.98
CA ARG J 24 25.44 -9.37 -11.85
C ARG J 24 26.47 -8.34 -11.38
N HIS J 25 27.72 -8.78 -11.24
CA HIS J 25 28.75 -7.87 -10.80
C HIS J 25 29.23 -6.95 -11.92
N LYS J 26 29.03 -7.33 -13.19
CA LYS J 26 29.33 -6.40 -14.28
C LYS J 26 28.35 -5.23 -14.28
N HIS J 27 27.07 -5.51 -14.01
CA HIS J 27 26.13 -4.41 -13.85
C HIS J 27 26.60 -3.47 -12.73
N MET J 28 27.04 -4.02 -11.59
CA MET J 28 27.48 -3.15 -10.51
C MET J 28 28.75 -2.40 -10.89
N PHE J 29 29.67 -3.07 -11.58
CA PHE J 29 30.88 -2.39 -12.03
C PHE J 29 30.54 -1.16 -12.87
N ASN J 30 29.63 -1.32 -13.84
CA ASN J 30 29.24 -0.19 -14.69
C ASN J 30 28.50 0.86 -13.88
N PHE J 31 27.69 0.43 -12.91
CA PHE J 31 27.00 1.39 -12.05
C PHE J 31 27.98 2.20 -11.21
N LEU J 32 29.07 1.56 -10.77
CA LEU J 32 30.05 2.24 -9.96
C LEU J 32 30.99 3.10 -10.82
N ASP J 33 31.20 2.72 -12.08
CA ASP J 33 32.07 3.43 -13.02
C ASP J 33 31.31 4.58 -13.69
N VAL J 34 30.98 5.59 -12.89
CA VAL J 34 30.09 6.66 -13.34
C VAL J 34 30.69 7.50 -14.47
N ASN J 35 32.02 7.56 -14.61
CA ASN J 35 32.64 8.33 -15.69
C ASN J 35 33.11 7.45 -16.85
N HIS J 36 32.77 6.16 -16.85
CA HIS J 36 33.10 5.24 -17.93
C HIS J 36 34.60 5.21 -18.22
N ASN J 37 35.40 5.17 -17.17
CA ASN J 37 36.84 5.05 -17.34
C ASN J 37 37.29 3.61 -17.54
N GLY J 38 36.38 2.63 -17.42
CA GLY J 38 36.78 1.24 -17.43
C GLY J 38 37.57 0.79 -16.23
N LYS J 39 37.70 1.64 -15.20
CA LYS J 39 38.44 1.27 -13.99
C LYS J 39 37.95 2.14 -12.84
N ILE J 40 37.96 1.57 -11.63
CA ILE J 40 37.52 2.26 -10.41
C ILE J 40 38.55 2.06 -9.31
N SER J 41 38.49 2.94 -8.32
CA SER J 41 39.45 2.91 -7.23
C SER J 41 38.76 2.81 -5.88
N LEU J 42 39.51 2.30 -4.90
CA LEU J 42 38.98 2.26 -3.54
C LEU J 42 38.69 3.66 -3.03
N ASP J 43 39.47 4.65 -3.47
CA ASP J 43 39.21 6.04 -3.09
C ASP J 43 37.79 6.45 -3.44
N GLU J 44 37.36 6.11 -4.66
CA GLU J 44 36.02 6.49 -5.12
C GLU J 44 34.94 5.76 -4.35
N MET J 45 35.15 4.47 -4.06
CA MET J 45 34.14 3.68 -3.36
C MET J 45 33.90 4.25 -1.97
N VAL J 46 34.99 4.53 -1.26
CA VAL J 46 34.88 5.09 0.09
C VAL J 46 34.40 6.53 0.03
N TYR J 47 34.78 7.27 -1.01
CA TYR J 47 34.19 8.60 -1.14
C TYR J 47 32.69 8.50 -1.34
N LYS J 48 32.26 7.64 -2.28
CA LYS J 48 30.83 7.51 -2.53
C LYS J 48 30.06 7.15 -1.26
N ALA J 49 30.59 6.18 -0.50
CA ALA J 49 29.88 5.66 0.68
C ALA J 49 29.64 6.77 1.69
N SER J 50 30.68 7.54 1.99
CA SER J 50 30.53 8.61 2.97
C SER J 50 29.72 9.78 2.43
N ASP J 51 29.82 10.07 1.13
CA ASP J 51 28.99 11.13 0.55
C ASP J 51 27.51 10.83 0.77
N ILE J 52 27.09 9.58 0.52
CA ILE J 52 25.69 9.20 0.71
C ILE J 52 25.27 9.38 2.16
N VAL J 53 26.01 8.77 3.09
CA VAL J 53 25.47 8.75 4.45
C VAL J 53 25.62 10.11 5.11
N ILE J 54 26.69 10.85 4.84
CA ILE J 54 26.82 12.16 5.45
C ILE J 54 25.89 13.17 4.78
N ASN J 55 25.91 13.24 3.44
CA ASN J 55 25.24 14.33 2.73
C ASN J 55 23.80 14.03 2.35
N ASN J 56 23.37 12.77 2.37
CA ASN J 56 22.00 12.43 2.04
C ASN J 56 21.22 11.85 3.19
N LEU J 57 21.88 11.19 4.17
CA LEU J 57 21.18 10.41 5.19
C LEU J 57 21.43 10.87 6.61
N GLY J 58 22.09 12.00 6.82
CA GLY J 58 22.24 12.56 8.15
C GLY J 58 23.06 11.75 9.13
N ALA J 59 24.16 11.15 8.69
CA ALA J 59 25.00 10.38 9.59
C ALA J 59 25.83 11.30 10.48
N THR J 60 26.03 10.87 11.73
CA THR J 60 26.96 11.57 12.61
C THR J 60 28.38 11.25 12.17
N PRO J 61 29.37 12.05 12.58
CA PRO J 61 30.75 11.72 12.20
C PRO J 61 31.17 10.31 12.63
N GLU J 62 30.72 9.86 13.81
CA GLU J 62 31.04 8.51 14.29
C GLU J 62 30.36 7.45 13.44
N GLN J 63 29.07 7.64 13.14
CA GLN J 63 28.38 6.71 12.26
C GLN J 63 29.06 6.62 10.90
N ALA J 64 29.49 7.76 10.36
CA ALA J 64 30.13 7.77 9.04
C ALA J 64 31.47 7.06 9.05
N LYS J 65 32.24 7.25 10.13
CA LYS J 65 33.52 6.56 10.27
C LYS J 65 33.33 5.06 10.35
N ARG J 66 32.36 4.60 11.14
CA ARG J 66 32.10 3.17 11.21
C ARG J 66 31.70 2.61 9.84
N HIS J 67 30.81 3.33 9.14
CA HIS J 67 30.37 2.92 7.81
C HIS J 67 31.53 2.93 6.82
N LYS J 68 32.38 3.96 6.89
CA LYS J 68 33.52 4.05 5.99
C LYS J 68 34.46 2.87 6.19
N ASP J 69 34.76 2.54 7.45
CA ASP J 69 35.62 1.39 7.70
C ASP J 69 35.02 0.12 7.11
N ALA J 70 33.70 -0.04 7.21
CA ALA J 70 33.08 -1.26 6.69
C ALA J 70 33.17 -1.33 5.17
N VAL J 71 32.88 -0.21 4.49
CA VAL J 71 32.95 -0.19 3.02
C VAL J 71 34.38 -0.39 2.56
N GLU J 72 35.33 0.24 3.25
CA GLU J 72 36.74 0.09 2.91
C GLU J 72 37.17 -1.38 2.97
N ALA J 73 36.77 -2.09 4.03
CA ALA J 73 37.11 -3.50 4.14
C ALA J 73 36.39 -4.33 3.08
N PHE J 74 35.15 -3.96 2.74
CA PHE J 74 34.39 -4.73 1.76
C PHE J 74 35.06 -4.71 0.39
N PHE J 75 35.24 -3.52 -0.17
CA PHE J 75 35.89 -3.45 -1.48
C PHE J 75 37.37 -3.78 -1.38
N GLY J 76 38.00 -3.48 -0.25
CA GLY J 76 39.37 -3.93 -0.05
C GLY J 76 39.50 -5.44 -0.08
N GLY J 77 38.49 -6.15 0.42
CA GLY J 77 38.48 -7.59 0.31
C GLY J 77 38.36 -8.09 -1.10
N ALA J 78 37.88 -7.24 -2.02
CA ALA J 78 37.87 -7.60 -3.43
C ALA J 78 39.13 -7.16 -4.15
N GLY J 79 40.17 -6.79 -3.39
CA GLY J 79 41.45 -6.44 -3.94
C GLY J 79 41.63 -4.98 -4.29
N MET J 80 40.63 -4.13 -4.07
CA MET J 80 40.78 -2.73 -4.40
C MET J 80 41.65 -2.04 -3.35
N LYS J 81 42.44 -1.07 -3.79
CA LYS J 81 43.41 -0.42 -2.93
C LYS J 81 43.37 1.08 -3.16
N TYR J 82 43.79 1.83 -2.15
CA TYR J 82 43.84 3.27 -2.31
C TYR J 82 44.91 3.66 -3.33
N GLY J 83 44.58 4.64 -4.18
CA GLY J 83 45.53 5.10 -5.18
C GLY J 83 45.78 4.13 -6.30
N VAL J 84 45.00 3.06 -6.39
CA VAL J 84 45.15 2.05 -7.44
C VAL J 84 43.84 1.98 -8.22
N GLU J 85 43.96 1.92 -9.54
CA GLU J 85 42.80 1.80 -10.41
C GLU J 85 42.56 0.33 -10.74
N THR J 86 41.32 -0.12 -10.54
CA THR J 86 40.92 -1.51 -10.74
C THR J 86 40.04 -1.60 -11.99
N ASP J 87 40.54 -2.28 -13.02
CA ASP J 87 39.74 -2.52 -14.21
C ASP J 87 38.84 -3.74 -14.00
N TRP J 88 37.99 -4.02 -15.01
CA TRP J 88 36.99 -5.06 -14.88
C TRP J 88 37.58 -6.46 -14.69
N PRO J 89 38.59 -6.90 -15.45
CA PRO J 89 39.17 -8.22 -15.17
C PRO J 89 39.74 -8.37 -13.78
N ALA J 90 40.48 -7.36 -13.27
CA ALA J 90 40.97 -7.47 -11.89
C ALA J 90 39.81 -7.39 -10.90
N TYR J 91 38.73 -6.71 -11.27
CA TYR J 91 37.58 -6.57 -10.38
C TYR J 91 36.86 -7.91 -10.21
N ILE J 92 36.55 -8.59 -11.32
CA ILE J 92 35.78 -9.81 -11.18
C ILE J 92 36.63 -10.91 -10.56
N GLU J 93 37.94 -10.88 -10.80
CA GLU J 93 38.88 -11.79 -10.15
C GLU J 93 38.97 -11.51 -8.64
N GLY J 94 39.00 -10.23 -8.27
CA GLY J 94 39.03 -9.92 -6.85
C GLY J 94 37.74 -10.28 -6.14
N TRP J 95 36.62 -10.25 -6.86
CA TRP J 95 35.34 -10.61 -6.27
C TRP J 95 35.23 -12.11 -6.00
N LYS J 96 35.90 -12.95 -6.80
CA LYS J 96 35.96 -14.36 -6.47
C LYS J 96 36.68 -14.56 -5.15
N LYS J 97 37.76 -13.81 -4.93
CA LYS J 97 38.46 -13.88 -3.65
C LYS J 97 37.60 -13.33 -2.52
N LEU J 98 36.91 -12.20 -2.74
CA LEU J 98 36.04 -11.64 -1.72
C LEU J 98 34.92 -12.61 -1.37
N ALA J 99 34.22 -13.13 -2.39
CA ALA J 99 33.12 -14.05 -2.12
C ALA J 99 33.62 -15.31 -1.42
N THR J 100 34.81 -15.81 -1.80
CA THR J 100 35.36 -16.99 -1.16
C THR J 100 35.70 -16.73 0.31
N ASP J 101 36.36 -15.61 0.59
CA ASP J 101 36.68 -15.31 1.98
C ASP J 101 35.42 -15.06 2.80
N GLU J 102 34.38 -14.50 2.17
CA GLU J 102 33.13 -14.27 2.87
C GLU J 102 32.42 -15.57 3.22
N LEU J 103 32.41 -16.54 2.30
CA LEU J 103 31.75 -17.81 2.57
C LEU J 103 32.49 -18.59 3.65
N GLU J 104 33.82 -18.44 3.72
CA GLU J 104 34.57 -19.06 4.80
C GLU J 104 34.19 -18.44 6.14
N LYS J 105 34.06 -17.11 6.20
CA LYS J 105 33.57 -16.49 7.44
C LYS J 105 32.15 -16.93 7.74
N TYR J 106 31.29 -16.92 6.73
CA TYR J 106 29.90 -17.32 6.87
C TYR J 106 29.80 -18.73 7.47
N ALA J 107 30.60 -19.65 6.93
CA ALA J 107 30.57 -21.04 7.36
C ALA J 107 31.16 -21.24 8.74
N LYS J 108 32.07 -20.37 9.16
CA LYS J 108 32.63 -20.43 10.50
C LYS J 108 31.80 -19.66 11.52
N ASN J 109 30.61 -19.18 11.12
CA ASN J 109 29.73 -18.40 12.00
C ASN J 109 30.44 -17.15 12.51
N GLU J 110 31.29 -16.57 11.69
CA GLU J 110 32.03 -15.34 11.92
C GLU J 110 31.33 -14.16 11.23
N PRO J 111 31.37 -12.94 11.78
CA PRO J 111 30.71 -11.80 11.09
C PRO J 111 31.32 -11.57 9.72
N THR J 112 30.47 -11.59 8.70
CA THR J 112 30.93 -11.33 7.34
C THR J 112 31.10 -9.82 7.11
N LEU J 113 31.93 -9.48 6.12
CA LEU J 113 32.14 -8.06 5.81
C LEU J 113 30.83 -7.40 5.40
N ILE J 114 29.99 -8.12 4.66
CA ILE J 114 28.70 -7.55 4.22
C ILE J 114 27.79 -7.34 5.43
N ARG J 115 27.87 -8.23 6.42
CA ARG J 115 27.12 -8.04 7.66
C ARG J 115 27.59 -6.78 8.40
N ILE J 116 28.90 -6.63 8.55
CA ILE J 116 29.44 -5.45 9.21
C ILE J 116 29.05 -4.18 8.46
N TRP J 117 29.03 -4.24 7.13
CA TRP J 117 28.53 -3.09 6.38
C TRP J 117 27.06 -2.80 6.73
N GLY J 118 26.23 -3.86 6.73
CA GLY J 118 24.82 -3.67 7.03
C GLY J 118 24.57 -3.09 8.41
N ASP J 119 25.31 -3.56 9.43
CA ASP J 119 25.15 -3.00 10.76
C ASP J 119 25.43 -1.50 10.77
N ALA J 120 26.54 -1.08 10.17
CA ALA J 120 26.88 0.34 10.18
C ALA J 120 25.85 1.16 9.40
N LEU J 121 25.36 0.61 8.28
CA LEU J 121 24.43 1.35 7.45
C LEU J 121 23.06 1.47 8.11
N PHE J 122 22.56 0.34 8.65
CA PHE J 122 21.24 0.38 9.27
C PHE J 122 21.21 1.27 10.51
N ASP J 123 22.33 1.35 11.25
CA ASP J 123 22.37 2.27 12.39
C ASP J 123 22.17 3.71 11.94
N ILE J 124 22.52 4.04 10.71
CA ILE J 124 22.29 5.39 10.17
C ILE J 124 20.88 5.53 9.62
N VAL J 125 20.45 4.54 8.83
CA VAL J 125 19.20 4.65 8.10
C VAL J 125 18.00 4.51 9.02
N ASP J 126 18.12 3.67 10.04
CA ASP J 126 17.03 3.43 10.97
C ASP J 126 16.93 4.59 11.97
N LYS J 127 15.77 5.27 11.99
CA LYS J 127 15.59 6.42 12.86
C LYS J 127 15.64 6.01 14.32
N ASP J 128 15.14 4.82 14.65
CA ASP J 128 15.20 4.29 16.00
C ASP J 128 16.56 3.69 16.33
N GLN J 129 17.39 3.45 15.31
CA GLN J 129 18.71 2.83 15.51
C GLN J 129 18.53 1.46 16.18
N ASN J 130 17.44 0.77 15.80
CA ASN J 130 17.07 -0.54 16.31
C ASN J 130 17.43 -1.67 15.37
N GLY J 131 18.20 -1.39 14.31
CA GLY J 131 18.64 -2.45 13.41
C GLY J 131 17.58 -2.95 12.45
N ALA J 132 16.52 -2.18 12.23
CA ALA J 132 15.47 -2.54 11.26
C ALA J 132 15.01 -1.28 10.56
N ILE J 133 14.80 -1.37 9.25
CA ILE J 133 14.48 -0.17 8.48
C ILE J 133 13.10 -0.31 7.84
N THR J 134 12.40 0.82 7.71
CA THR J 134 11.12 0.81 7.05
C THR J 134 11.32 0.84 5.54
N LEU J 135 10.21 0.73 4.80
CA LEU J 135 10.30 0.81 3.36
C LEU J 135 10.74 2.21 2.91
N ASP J 136 10.27 3.26 3.58
CA ASP J 136 10.70 4.60 3.23
C ASP J 136 12.19 4.78 3.46
N GLU J 137 12.71 4.17 4.51
CA GLU J 137 14.14 4.28 4.79
C GLU J 137 14.94 3.50 3.75
N TRP J 138 14.42 2.36 3.29
CA TRP J 138 15.10 1.62 2.24
C TRP J 138 15.03 2.37 0.90
N LYS J 139 13.89 3.01 0.60
CA LYS J 139 13.83 3.87 -0.57
C LYS J 139 14.80 5.03 -0.45
N ALA J 140 14.89 5.63 0.75
CA ALA J 140 15.78 6.78 0.91
C ALA J 140 17.23 6.39 0.68
N TYR J 141 17.66 5.25 1.23
CA TYR J 141 19.04 4.83 1.05
C TYR J 141 19.33 4.46 -0.40
N THR J 142 18.53 3.55 -0.97
CA THR J 142 18.87 3.00 -2.29
C THR J 142 18.73 4.06 -3.38
N LYS J 143 17.80 4.98 -3.23
CA LYS J 143 17.70 6.01 -4.25
C LYS J 143 18.85 7.00 -4.14
N ALA J 144 19.32 7.27 -2.92
CA ALA J 144 20.48 8.15 -2.78
C ALA J 144 21.71 7.53 -3.40
N ALA J 145 21.93 6.23 -3.14
CA ALA J 145 23.07 5.52 -3.73
C ALA J 145 22.90 5.36 -5.23
N GLY J 146 21.66 5.33 -5.71
CA GLY J 146 21.38 5.06 -7.10
C GLY J 146 21.26 3.59 -7.45
N ILE J 147 21.46 2.69 -6.49
CA ILE J 147 21.43 1.26 -6.81
C ILE J 147 20.01 0.86 -7.23
N ILE J 148 19.01 1.51 -6.67
CA ILE J 148 17.63 1.35 -7.12
C ILE J 148 17.09 2.74 -7.42
N GLN J 149 16.38 2.86 -8.55
CA GLN J 149 15.75 4.11 -8.98
C GLN J 149 14.24 4.12 -8.74
N SER J 150 13.53 3.05 -9.11
CA SER J 150 12.07 3.02 -9.03
C SER J 150 11.59 2.48 -7.69
N SER J 151 10.47 3.04 -7.21
CA SER J 151 9.94 2.63 -5.92
C SER J 151 9.43 1.20 -5.92
N GLU J 152 8.93 0.70 -7.05
CA GLU J 152 8.47 -0.69 -7.09
C GLU J 152 9.61 -1.67 -6.91
N ASP J 153 10.81 -1.31 -7.37
CA ASP J 153 11.97 -2.16 -7.12
C ASP J 153 12.31 -2.24 -5.64
N CYS J 154 12.16 -1.11 -4.91
CA CYS J 154 12.36 -1.14 -3.47
C CYS J 154 11.34 -2.04 -2.79
N GLU J 155 10.10 -2.04 -3.28
CA GLU J 155 9.06 -2.89 -2.69
C GLU J 155 9.34 -4.37 -2.92
N GLU J 156 10.01 -4.70 -4.04
CA GLU J 156 10.34 -6.09 -4.30
C GLU J 156 11.30 -6.64 -3.27
N THR J 157 12.18 -5.79 -2.72
CA THR J 157 13.08 -6.24 -1.67
C THR J 157 12.28 -6.77 -0.49
N PHE J 158 11.20 -6.07 -0.12
CA PHE J 158 10.35 -6.50 0.99
C PHE J 158 9.58 -7.77 0.64
N ARG J 159 9.20 -7.97 -0.62
CA ARG J 159 8.55 -9.22 -0.99
C ARG J 159 9.52 -10.38 -0.92
N VAL J 160 10.78 -10.16 -1.33
CA VAL J 160 11.75 -11.22 -1.32
C VAL J 160 12.16 -11.57 0.10
N CYS J 161 12.18 -10.60 1.01
CA CYS J 161 12.53 -10.85 2.40
C CYS J 161 11.35 -11.33 3.26
N ASP J 162 10.14 -11.40 2.71
CA ASP J 162 8.93 -11.81 3.44
C ASP J 162 8.66 -10.91 4.65
N ILE J 163 8.46 -9.63 4.37
CA ILE J 163 8.05 -8.64 5.36
C ILE J 163 6.99 -7.78 4.69
N ASP J 164 5.91 -7.47 5.41
CA ASP J 164 4.90 -6.63 4.80
C ASP J 164 5.47 -5.22 4.61
N GLU J 165 4.92 -4.49 3.62
CA GLU J 165 5.49 -3.19 3.30
C GLU J 165 5.32 -2.19 4.42
N SER J 166 4.37 -2.39 5.33
CA SER J 166 4.27 -1.56 6.53
C SER J 166 5.21 -2.00 7.64
N GLY J 167 5.86 -3.16 7.47
CA GLY J 167 6.79 -3.67 8.47
C GLY J 167 8.22 -3.22 8.20
N GLN J 168 9.10 -3.57 9.13
CA GLN J 168 10.50 -3.20 9.05
C GLN J 168 11.34 -4.38 8.57
N LEU J 169 12.54 -4.05 8.12
CA LEU J 169 13.47 -5.01 7.56
C LEU J 169 14.74 -4.98 8.39
N ASP J 170 15.08 -6.12 9.01
CA ASP J 170 16.22 -6.19 9.92
C ASP J 170 17.48 -6.65 9.19
N VAL J 171 18.65 -6.34 9.79
CA VAL J 171 19.92 -6.67 9.17
C VAL J 171 20.10 -8.19 9.05
N ASP J 172 19.59 -8.97 10.02
CA ASP J 172 19.80 -10.42 10.00
C ASP J 172 19.20 -11.04 8.76
N GLU J 173 17.93 -10.72 8.48
CA GLU J 173 17.28 -11.23 7.29
C GLU J 173 17.89 -10.68 6.01
N MET J 174 18.25 -9.39 6.02
CA MET J 174 18.86 -8.82 4.83
C MET J 174 20.24 -9.43 4.59
N THR J 175 21.01 -9.69 5.65
CA THR J 175 22.31 -10.32 5.46
C THR J 175 22.18 -11.67 4.75
N ARG J 176 21.19 -12.46 5.15
CA ARG J 176 20.93 -13.74 4.50
C ARG J 176 20.62 -13.54 3.03
N GLN J 177 19.76 -12.58 2.72
CA GLN J 177 19.39 -12.36 1.33
C GLN J 177 20.58 -11.86 0.52
N HIS J 178 21.43 -11.02 1.11
CA HIS J 178 22.54 -10.45 0.36
C HIS J 178 23.63 -11.45 0.08
N LEU J 179 23.92 -12.33 1.05
CA LEU J 179 24.87 -13.41 0.80
C LEU J 179 24.41 -14.29 -0.36
N GLY J 180 23.12 -14.59 -0.41
CA GLY J 180 22.62 -15.39 -1.51
C GLY J 180 22.61 -14.65 -2.82
N PHE J 181 22.39 -13.32 -2.78
CA PHE J 181 22.29 -12.54 -4.01
C PHE J 181 23.67 -12.22 -4.58
N TRP J 182 24.62 -11.83 -3.75
CA TRP J 182 25.93 -11.39 -4.23
C TRP J 182 26.97 -12.50 -4.30
N TYR J 183 26.86 -13.52 -3.44
CA TYR J 183 27.92 -14.50 -3.33
C TYR J 183 27.60 -15.86 -3.92
N THR J 184 26.40 -16.40 -3.70
CA THR J 184 26.12 -17.80 -4.01
C THR J 184 25.11 -18.02 -5.13
N MET J 185 24.47 -16.96 -5.65
CA MET J 185 23.41 -17.09 -6.66
C MET J 185 22.26 -17.95 -6.15
N ASP J 186 21.88 -17.74 -4.90
CA ASP J 186 20.76 -18.45 -4.31
C ASP J 186 19.49 -18.11 -5.07
N PRO J 187 18.80 -19.10 -5.66
CA PRO J 187 17.58 -18.79 -6.40
C PRO J 187 16.51 -18.15 -5.54
N ALA J 188 16.52 -18.40 -4.24
CA ALA J 188 15.52 -17.79 -3.36
C ALA J 188 15.71 -16.29 -3.19
N CYS J 189 16.86 -15.75 -3.60
CA CYS J 189 17.17 -14.34 -3.40
C CYS J 189 17.02 -13.53 -4.68
N GLU J 190 16.52 -14.14 -5.75
CA GLU J 190 16.34 -13.41 -6.99
C GLU J 190 15.38 -12.25 -6.79
N LYS J 191 15.53 -11.22 -7.62
CA LYS J 191 14.71 -10.02 -7.57
C LYS J 191 14.87 -9.27 -6.24
N LEU J 192 15.99 -9.48 -5.54
CA LEU J 192 16.22 -8.78 -4.28
C LEU J 192 16.21 -7.27 -4.50
N TYR J 193 16.70 -6.82 -5.66
CA TYR J 193 16.63 -5.41 -6.04
C TYR J 193 15.61 -5.16 -7.15
N GLY J 194 14.59 -6.02 -7.24
CA GLY J 194 13.60 -5.85 -8.29
C GLY J 194 14.25 -5.96 -9.65
N GLY J 195 13.86 -5.06 -10.55
CA GLY J 195 14.50 -5.07 -11.84
C GLY J 195 15.74 -4.23 -11.94
N ALA J 196 16.16 -3.57 -10.84
CA ALA J 196 17.29 -2.65 -10.87
C ALA J 196 18.63 -3.38 -11.05
N VAL J 197 18.77 -4.60 -10.55
CA VAL J 197 20.02 -5.34 -10.69
C VAL J 197 19.68 -6.72 -11.25
N PRO J 198 20.33 -7.17 -12.35
CA PRO J 198 20.09 -8.50 -12.93
C PRO J 198 20.59 -9.59 -12.00
N HIS K 8 25.39 50.32 -10.42
CA HIS K 8 26.16 49.26 -9.77
C HIS K 8 25.56 47.88 -10.12
N HIS K 9 26.18 47.21 -11.09
CA HIS K 9 25.66 45.96 -11.64
C HIS K 9 26.41 44.72 -11.15
N GLY K 10 27.53 44.90 -10.48
CA GLY K 10 28.26 43.74 -10.01
C GLY K 10 29.63 44.17 -9.54
N LYS K 11 30.48 43.17 -9.34
CA LYS K 11 31.77 43.41 -8.72
C LYS K 11 32.81 42.63 -9.52
N LEU K 12 33.92 43.28 -9.81
CA LEU K 12 34.98 42.65 -10.59
C LEU K 12 36.30 42.59 -9.83
N THR K 13 36.29 42.89 -8.54
CA THR K 13 37.51 42.90 -7.75
C THR K 13 37.45 41.79 -6.70
N SER K 14 38.57 41.09 -6.56
CA SER K 14 38.68 40.01 -5.60
C SER K 14 38.86 40.58 -4.18
N ASP K 15 38.75 39.70 -3.20
CA ASP K 15 38.79 40.08 -1.80
C ASP K 15 39.37 38.92 -1.00
N PHE K 16 40.55 38.44 -1.43
CA PHE K 16 41.12 37.20 -0.95
C PHE K 16 41.60 37.28 0.50
N ASP K 17 41.81 38.48 1.04
CA ASP K 17 42.19 38.63 2.44
C ASP K 17 41.01 38.76 3.38
N ASN K 18 39.79 38.81 2.86
CA ASN K 18 38.62 38.81 3.71
C ASN K 18 38.52 37.45 4.40
N PRO K 19 38.56 37.36 5.73
CA PRO K 19 38.45 36.03 6.37
C PRO K 19 37.15 35.34 6.03
N ARG K 20 36.11 36.08 5.63
CA ARG K 20 34.88 35.41 5.26
C ARG K 20 34.97 34.74 3.90
N TRP K 21 35.88 35.19 3.04
CA TRP K 21 36.10 34.47 1.79
C TRP K 21 36.86 33.18 2.04
N ILE K 22 37.88 33.25 2.88
CA ILE K 22 38.62 32.04 3.26
C ILE K 22 37.68 31.08 3.97
N GLY K 23 36.83 31.61 4.84
CA GLY K 23 35.95 30.74 5.60
C GLY K 23 34.83 30.14 4.77
N ARG K 24 34.41 30.83 3.72
CA ARG K 24 33.40 30.27 2.83
C ARG K 24 33.94 29.02 2.13
N HIS K 25 35.17 29.11 1.61
CA HIS K 25 35.79 27.99 0.93
C HIS K 25 36.34 26.97 1.89
N LYS K 26 36.57 27.34 3.14
CA LYS K 26 36.91 26.33 4.14
C LYS K 26 35.71 25.45 4.47
N HIS K 27 34.53 26.04 4.60
CA HIS K 27 33.32 25.27 4.76
C HIS K 27 33.13 24.28 3.60
N MET K 28 33.38 24.72 2.37
CA MET K 28 33.21 23.85 1.21
C MET K 28 34.25 22.75 1.18
N PHE K 29 35.49 23.09 1.53
CA PHE K 29 36.53 22.08 1.61
C PHE K 29 36.14 20.98 2.58
N ASN K 30 35.64 21.34 3.77
CA ASN K 30 35.22 20.31 4.72
C ASN K 30 34.02 19.54 4.24
N PHE K 31 33.12 20.22 3.50
CA PHE K 31 31.97 19.55 2.94
C PHE K 31 32.42 18.50 1.92
N LEU K 32 33.48 18.81 1.16
CA LEU K 32 33.99 17.90 0.14
C LEU K 32 34.86 16.81 0.74
N ASP K 33 35.52 17.09 1.86
CA ASP K 33 36.40 16.11 2.52
C ASP K 33 35.60 15.20 3.46
N VAL K 34 34.74 14.38 2.85
CA VAL K 34 33.77 13.61 3.63
C VAL K 34 34.46 12.58 4.54
N ASN K 35 35.66 12.15 4.19
CA ASN K 35 36.36 11.16 4.97
C ASN K 35 37.42 11.77 5.89
N HIS K 36 37.41 13.09 6.05
CA HIS K 36 38.31 13.77 6.97
C HIS K 36 39.77 13.39 6.73
N ASN K 37 40.15 13.34 5.45
CA ASN K 37 41.55 13.10 5.11
C ASN K 37 42.40 14.36 5.14
N GLY K 38 41.79 15.53 5.28
CA GLY K 38 42.57 16.75 5.12
C GLY K 38 43.03 17.00 3.70
N LYS K 39 42.56 16.21 2.74
CA LYS K 39 42.95 16.35 1.34
C LYS K 39 41.88 15.74 0.44
N ILE K 40 41.71 16.33 -0.75
CA ILE K 40 40.76 15.88 -1.74
C ILE K 40 41.45 15.84 -3.10
N SER K 41 40.89 15.04 -4.02
CA SER K 41 41.49 14.82 -5.34
C SER K 41 40.48 15.17 -6.44
N LEU K 42 41.00 15.47 -7.62
CA LEU K 42 40.09 15.73 -8.74
C LEU K 42 39.28 14.48 -9.07
N ASP K 43 39.87 13.30 -8.85
CA ASP K 43 39.13 12.05 -9.07
C ASP K 43 37.85 12.05 -8.27
N GLU K 44 37.92 12.45 -6.99
CA GLU K 44 36.74 12.46 -6.14
C GLU K 44 35.74 13.52 -6.57
N MET K 45 36.22 14.72 -6.98
CA MET K 45 35.32 15.79 -7.39
C MET K 45 34.53 15.39 -8.62
N VAL K 46 35.21 14.84 -9.62
CA VAL K 46 34.52 14.43 -10.85
C VAL K 46 33.67 13.18 -10.59
N TYR K 47 34.11 12.31 -9.67
CA TYR K 47 33.24 11.18 -9.29
C TYR K 47 31.95 11.68 -8.68
N LYS K 48 32.06 12.58 -7.71
CA LYS K 48 30.87 13.12 -7.05
C LYS K 48 29.91 13.76 -8.06
N ALA K 49 30.44 14.56 -8.99
CA ALA K 49 29.58 15.27 -9.93
C ALA K 49 28.77 14.30 -10.79
N SER K 50 29.43 13.28 -11.32
CA SER K 50 28.74 12.34 -12.20
C SER K 50 27.78 11.43 -11.43
N ASP K 51 28.16 11.04 -10.20
CA ASP K 51 27.28 10.24 -9.36
C ASP K 51 25.97 10.99 -9.09
N ILE K 52 26.05 12.28 -8.77
CA ILE K 52 24.83 13.05 -8.51
C ILE K 52 23.93 13.09 -9.74
N VAL K 53 24.48 13.46 -10.89
CA VAL K 53 23.59 13.72 -12.02
C VAL K 53 23.07 12.42 -12.64
N ILE K 54 23.89 11.39 -12.70
CA ILE K 54 23.47 10.12 -13.28
C ILE K 54 22.55 9.38 -12.32
N ASN K 55 22.99 9.24 -11.06
CA ASN K 55 22.28 8.38 -10.13
C ASN K 55 21.18 9.08 -9.35
N ASN K 56 21.18 10.41 -9.29
CA ASN K 56 20.13 11.08 -8.55
C ASN K 56 19.24 11.97 -9.43
N LEU K 57 19.74 12.47 -10.57
CA LEU K 57 19.04 13.47 -11.37
C LEU K 57 18.72 13.00 -12.78
N GLY K 58 18.96 11.73 -13.11
CA GLY K 58 18.51 11.21 -14.39
C GLY K 58 19.15 11.79 -15.63
N ALA K 59 20.46 12.03 -15.58
CA ALA K 59 21.17 12.57 -16.72
C ALA K 59 21.43 11.46 -17.75
N THR K 60 21.37 11.84 -19.02
CA THR K 60 21.80 10.93 -20.08
C THR K 60 23.31 10.83 -20.03
N PRO K 61 23.90 9.78 -20.62
CA PRO K 61 25.37 9.69 -20.63
C PRO K 61 26.01 10.90 -21.29
N GLU K 62 25.39 11.43 -22.34
CA GLU K 62 25.95 12.60 -23.00
C GLU K 62 25.83 13.84 -22.11
N GLN K 63 24.67 14.02 -21.47
CA GLN K 63 24.54 15.12 -20.51
C GLN K 63 25.56 14.97 -19.37
N ALA K 64 25.79 13.75 -18.92
CA ALA K 64 26.75 13.53 -17.85
C ALA K 64 28.16 13.86 -18.31
N LYS K 65 28.50 13.50 -19.55
CA LYS K 65 29.80 13.83 -20.11
C LYS K 65 30.02 15.33 -20.18
N ARG K 66 29.00 16.08 -20.62
CA ARG K 66 29.12 17.53 -20.65
C ARG K 66 29.31 18.09 -19.25
N HIS K 67 28.51 17.61 -18.30
CA HIS K 67 28.63 18.07 -16.92
C HIS K 67 30.01 17.73 -16.36
N LYS K 68 30.50 16.53 -16.68
CA LYS K 68 31.79 16.06 -16.18
C LYS K 68 32.92 16.97 -16.63
N ASP K 69 32.92 17.36 -17.92
CA ASP K 69 33.97 18.24 -18.43
C ASP K 69 33.97 19.58 -17.71
N ALA K 70 32.79 20.13 -17.44
CA ALA K 70 32.70 21.43 -16.76
C ALA K 70 33.23 21.35 -15.34
N VAL K 71 32.84 20.31 -14.59
CA VAL K 71 33.35 20.14 -13.23
C VAL K 71 34.86 19.92 -13.24
N GLU K 72 35.34 19.11 -14.19
CA GLU K 72 36.76 18.87 -14.36
C GLU K 72 37.53 20.17 -14.60
N ALA K 73 37.03 21.03 -15.50
CA ALA K 73 37.71 22.29 -15.81
C ALA K 73 37.66 23.24 -14.62
N PHE K 74 36.55 23.24 -13.89
CA PHE K 74 36.38 24.12 -12.74
C PHE K 74 37.39 23.79 -11.64
N PHE K 75 37.39 22.57 -11.13
CA PHE K 75 38.34 22.27 -10.06
C PHE K 75 39.78 22.18 -10.57
N GLY K 76 39.98 21.79 -11.83
CA GLY K 76 41.31 21.87 -12.42
C GLY K 76 41.83 23.29 -12.47
N GLY K 77 40.93 24.26 -12.71
CA GLY K 77 41.30 25.67 -12.66
C GLY K 77 41.71 26.12 -11.27
N ALA K 78 41.32 25.37 -10.24
CA ALA K 78 41.82 25.61 -8.90
C ALA K 78 43.07 24.79 -8.60
N GLY K 79 43.67 24.18 -9.61
CA GLY K 79 44.91 23.46 -9.41
C GLY K 79 44.80 21.99 -9.03
N MET K 80 43.58 21.44 -8.93
CA MET K 80 43.43 20.03 -8.60
C MET K 80 43.71 19.20 -9.84
N LYS K 81 44.31 18.02 -9.65
CA LYS K 81 44.68 17.16 -10.76
C LYS K 81 44.32 15.73 -10.43
N TYR K 82 44.13 14.93 -11.47
CA TYR K 82 43.86 13.52 -11.29
C TYR K 82 45.06 12.84 -10.66
N GLY K 83 44.79 11.91 -9.73
CA GLY K 83 45.89 11.23 -9.07
C GLY K 83 46.66 12.09 -8.10
N VAL K 84 46.19 13.28 -7.80
CA VAL K 84 46.87 14.16 -6.86
C VAL K 84 45.93 14.52 -5.72
N GLU K 85 46.46 14.50 -4.50
CA GLU K 85 45.72 14.90 -3.30
C GLU K 85 46.01 16.36 -2.99
N THR K 86 44.96 17.16 -2.87
CA THR K 86 45.10 18.58 -2.61
C THR K 86 44.75 18.83 -1.16
N ASP K 87 45.73 19.28 -0.37
CA ASP K 87 45.43 19.60 1.01
C ASP K 87 44.85 21.02 1.08
N TRP K 88 44.48 21.44 2.29
CA TRP K 88 43.80 22.71 2.45
C TRP K 88 44.64 23.91 2.01
N PRO K 89 45.92 24.05 2.40
CA PRO K 89 46.70 25.19 1.88
C PRO K 89 46.81 25.21 0.36
N ALA K 90 47.02 24.05 -0.29
CA ALA K 90 47.07 24.02 -1.75
C ALA K 90 45.72 24.33 -2.36
N TYR K 91 44.64 23.97 -1.66
CA TYR K 91 43.29 24.22 -2.15
C TYR K 91 42.95 25.71 -2.15
N ILE K 92 43.16 26.39 -1.02
CA ILE K 92 42.74 27.78 -0.94
C ILE K 92 43.65 28.66 -1.80
N GLU K 93 44.92 28.31 -1.93
CA GLU K 93 45.80 29.07 -2.80
C GLU K 93 45.39 28.86 -4.26
N GLY K 94 45.00 27.62 -4.61
CA GLY K 94 44.52 27.36 -5.95
C GLY K 94 43.21 28.06 -6.24
N TRP K 95 42.41 28.28 -5.19
CA TRP K 95 41.16 28.99 -5.37
C TRP K 95 41.39 30.47 -5.62
N LYS K 96 42.46 31.03 -5.08
CA LYS K 96 42.82 32.39 -5.46
C LYS K 96 43.13 32.44 -6.96
N LYS K 97 43.84 31.43 -7.46
CA LYS K 97 44.16 31.42 -8.89
C LYS K 97 42.89 31.23 -9.74
N LEU K 98 42.01 30.31 -9.33
CA LEU K 98 40.76 30.10 -10.07
C LEU K 98 39.94 31.38 -10.13
N ALA K 99 39.74 32.02 -8.98
CA ALA K 99 38.89 33.21 -8.94
C ALA K 99 39.47 34.31 -9.82
N THR K 100 40.80 34.47 -9.80
CA THR K 100 41.45 35.49 -10.61
C THR K 100 41.28 35.20 -12.10
N ASP K 101 41.49 33.94 -12.50
CA ASP K 101 41.31 33.56 -13.91
C ASP K 101 39.85 33.70 -14.34
N GLU K 102 38.90 33.39 -13.44
CA GLU K 102 37.49 33.55 -13.75
C GLU K 102 37.11 35.02 -13.89
N LEU K 103 37.62 35.87 -12.99
CA LEU K 103 37.33 37.29 -13.06
C LEU K 103 37.96 37.90 -14.30
N GLU K 104 39.06 37.33 -14.79
CA GLU K 104 39.64 37.77 -16.05
C GLU K 104 38.70 37.47 -17.21
N LYS K 105 38.16 36.25 -17.28
CA LYS K 105 37.15 35.96 -18.29
C LYS K 105 35.91 36.81 -18.11
N TYR K 106 35.47 36.98 -16.87
CA TYR K 106 34.31 37.80 -16.57
C TYR K 106 34.51 39.21 -17.14
N ALA K 107 35.69 39.78 -16.91
CA ALA K 107 35.95 41.15 -17.36
C ALA K 107 36.04 41.24 -18.88
N LYS K 108 36.44 40.17 -19.54
CA LYS K 108 36.49 40.14 -20.99
C LYS K 108 35.18 39.70 -21.61
N ASN K 109 34.13 39.54 -20.81
CA ASN K 109 32.83 39.08 -21.34
C ASN K 109 32.94 37.74 -22.06
N GLU K 110 33.84 36.87 -21.59
CA GLU K 110 34.01 35.49 -22.02
C GLU K 110 33.23 34.57 -21.07
N PRO K 111 32.73 33.43 -21.54
CA PRO K 111 32.05 32.50 -20.63
C PRO K 111 32.99 32.01 -19.55
N THR K 112 32.60 32.21 -18.29
CA THR K 112 33.36 31.73 -17.15
C THR K 112 33.15 30.22 -16.97
N LEU K 113 34.10 29.59 -16.27
CA LEU K 113 33.95 28.15 -15.99
C LEU K 113 32.69 27.86 -15.21
N ILE K 114 32.31 28.76 -14.28
CA ILE K 114 31.13 28.53 -13.46
C ILE K 114 29.85 28.61 -14.30
N ARG K 115 29.81 29.54 -15.28
CA ARG K 115 28.67 29.58 -16.18
C ARG K 115 28.56 28.28 -16.97
N ILE K 116 29.68 27.81 -17.52
CA ILE K 116 29.67 26.59 -18.33
C ILE K 116 29.21 25.39 -17.51
N TRP K 117 29.63 25.33 -16.24
CA TRP K 117 29.10 24.30 -15.36
C TRP K 117 27.59 24.47 -15.21
N GLY K 118 27.15 25.70 -14.96
CA GLY K 118 25.73 25.98 -14.83
C GLY K 118 24.92 25.59 -16.05
N ASP K 119 25.46 25.82 -17.25
CA ASP K 119 24.76 25.36 -18.45
C ASP K 119 24.59 23.86 -18.45
N ALA K 120 25.67 23.13 -18.18
CA ALA K 120 25.61 21.66 -18.20
C ALA K 120 24.66 21.14 -17.13
N LEU K 121 24.64 21.76 -15.96
CA LEU K 121 23.80 21.28 -14.87
C LEU K 121 22.33 21.61 -15.12
N PHE K 122 22.04 22.84 -15.54
CA PHE K 122 20.65 23.22 -15.79
C PHE K 122 20.03 22.40 -16.91
N ASP K 123 20.84 21.98 -17.88
CA ASP K 123 20.32 21.09 -18.91
C ASP K 123 19.85 19.77 -18.33
N ILE K 124 20.46 19.33 -17.24
CA ILE K 124 20.04 18.10 -16.58
C ILE K 124 18.88 18.35 -15.64
N VAL K 125 19.00 19.41 -14.83
CA VAL K 125 18.05 19.62 -13.74
C VAL K 125 16.72 20.14 -14.27
N ASP K 126 16.73 20.98 -15.29
CA ASP K 126 15.50 21.52 -15.87
C ASP K 126 14.87 20.45 -16.74
N LYS K 127 13.66 20.02 -16.37
CA LYS K 127 13.03 18.95 -17.15
C LYS K 127 12.62 19.42 -18.54
N ASP K 128 12.31 20.71 -18.70
CA ASP K 128 12.07 21.26 -20.04
C ASP K 128 13.36 21.53 -20.79
N GLN K 129 14.50 21.55 -20.08
CA GLN K 129 15.83 21.70 -20.69
C GLN K 129 15.96 23.03 -21.45
N ASN K 130 15.37 24.09 -20.90
CA ASN K 130 15.54 25.44 -21.42
C ASN K 130 16.43 26.33 -20.56
N GLY K 131 17.18 25.76 -19.62
CA GLY K 131 18.12 26.54 -18.83
C GLY K 131 17.56 27.37 -17.69
N ALA K 132 16.37 27.04 -17.18
CA ALA K 132 15.81 27.71 -16.02
C ALA K 132 15.16 26.66 -15.14
N ILE K 133 15.35 26.77 -13.83
CA ILE K 133 14.93 25.71 -12.93
C ILE K 133 13.91 26.20 -11.91
N THR K 134 13.01 25.30 -11.52
CA THR K 134 12.02 25.62 -10.51
C THR K 134 12.63 25.47 -9.11
N LEU K 135 11.87 25.86 -8.10
CA LEU K 135 12.32 25.69 -6.73
C LEU K 135 12.45 24.21 -6.37
N ASP K 136 11.52 23.37 -6.82
CA ASP K 136 11.66 21.95 -6.55
C ASP K 136 12.88 21.36 -7.24
N GLU K 137 13.21 21.83 -8.45
CA GLU K 137 14.39 21.33 -9.13
C GLU K 137 15.66 21.79 -8.43
N TRP K 138 15.65 23.01 -7.87
CA TRP K 138 16.81 23.46 -7.10
C TRP K 138 16.94 22.69 -5.79
N LYS K 139 15.82 22.36 -5.15
CA LYS K 139 15.87 21.50 -3.97
C LYS K 139 16.42 20.13 -4.34
N ALA K 140 15.95 19.56 -5.46
CA ALA K 140 16.41 18.23 -5.86
C ALA K 140 17.91 18.23 -6.07
N TYR K 141 18.45 19.25 -6.73
CA TYR K 141 19.89 19.26 -6.98
C TYR K 141 20.66 19.44 -5.68
N THR K 142 20.36 20.52 -4.93
CA THR K 142 21.19 20.84 -3.79
C THR K 142 21.09 19.79 -2.69
N LYS K 143 19.93 19.15 -2.50
CA LYS K 143 19.86 18.12 -1.49
C LYS K 143 20.59 16.86 -1.94
N ALA K 144 20.55 16.55 -3.24
CA ALA K 144 21.33 15.41 -3.73
C ALA K 144 22.83 15.66 -3.57
N ALA K 145 23.29 16.86 -3.92
CA ALA K 145 24.71 17.18 -3.73
C ALA K 145 25.06 17.29 -2.25
N GLY K 146 24.09 17.66 -1.42
CA GLY K 146 24.32 17.89 -0.02
C GLY K 146 24.75 19.30 0.33
N ILE K 147 24.90 20.20 -0.67
CA ILE K 147 25.37 21.53 -0.34
C ILE K 147 24.32 22.28 0.47
N ILE K 148 23.04 21.94 0.31
CA ILE K 148 21.96 22.47 1.13
C ILE K 148 21.17 21.28 1.66
N GLN K 149 20.76 21.35 2.93
CA GLN K 149 19.94 20.30 3.53
C GLN K 149 18.49 20.70 3.69
N SER K 150 18.22 21.89 4.21
CA SER K 150 16.86 22.30 4.53
C SER K 150 16.24 23.06 3.38
N SER K 151 14.93 22.85 3.20
CA SER K 151 14.20 23.50 2.12
C SER K 151 14.16 25.01 2.28
N GLU K 152 14.21 25.51 3.53
CA GLU K 152 14.15 26.95 3.73
C GLU K 152 15.38 27.66 3.14
N ASP K 153 16.55 27.01 3.20
CA ASP K 153 17.74 27.58 2.58
C ASP K 153 17.61 27.65 1.06
N CYS K 154 17.00 26.62 0.46
CA CYS K 154 16.76 26.61 -0.98
C CYS K 154 15.81 27.73 -1.37
N GLU K 155 14.80 27.99 -0.53
CA GLU K 155 13.88 29.09 -0.80
C GLU K 155 14.60 30.41 -0.71
N GLU K 156 15.62 30.48 0.14
CA GLU K 156 16.41 31.69 0.28
C GLU K 156 17.20 32.01 -0.99
N THR K 157 17.59 30.99 -1.77
CA THR K 157 18.28 31.22 -3.04
C THR K 157 17.41 32.05 -3.98
N PHE K 158 16.11 31.74 -4.02
CA PHE K 158 15.18 32.47 -4.87
C PHE K 158 14.95 33.89 -4.38
N ARG K 159 14.98 34.10 -3.06
CA ARG K 159 14.82 35.47 -2.56
C ARG K 159 16.05 36.32 -2.90
N VAL K 160 17.24 35.74 -2.83
CA VAL K 160 18.45 36.49 -3.12
C VAL K 160 18.54 36.81 -4.61
N CYS K 161 18.06 35.91 -5.46
CA CYS K 161 18.04 36.14 -6.91
C CYS K 161 16.83 36.94 -7.38
N ASP K 162 15.98 37.42 -6.46
CA ASP K 162 14.79 38.19 -6.78
C ASP K 162 13.85 37.46 -7.73
N ILE K 163 13.63 36.18 -7.47
CA ILE K 163 12.69 35.37 -8.23
C ILE K 163 11.65 34.80 -7.27
N ASP K 164 10.39 34.84 -7.67
CA ASP K 164 9.35 34.27 -6.82
C ASP K 164 9.49 32.74 -6.77
N GLU K 165 8.96 32.15 -5.69
CA GLU K 165 9.05 30.70 -5.52
C GLU K 165 8.26 29.96 -6.58
N SER K 166 7.27 30.61 -7.18
CA SER K 166 6.56 30.03 -8.31
C SER K 166 7.30 30.28 -9.62
N GLY K 167 8.33 31.16 -9.58
CA GLY K 167 9.11 31.49 -10.75
C GLY K 167 10.34 30.62 -10.87
N GLN K 168 10.99 30.73 -12.02
CA GLN K 168 12.17 29.95 -12.33
C GLN K 168 13.44 30.81 -12.28
N LEU K 169 14.58 30.11 -12.17
CA LEU K 169 15.91 30.71 -12.04
C LEU K 169 16.72 30.33 -13.27
N ASP K 170 17.14 31.33 -14.01
CA ASP K 170 17.90 31.10 -15.24
C ASP K 170 19.39 31.13 -14.91
N VAL K 171 20.21 30.54 -15.81
CA VAL K 171 21.65 30.50 -15.56
C VAL K 171 22.24 31.91 -15.53
N ASP K 172 21.68 32.85 -16.31
CA ASP K 172 22.27 34.19 -16.38
C ASP K 172 22.23 34.86 -15.01
N GLU K 173 21.06 34.90 -14.40
CA GLU K 173 20.97 35.53 -13.09
C GLU K 173 21.72 34.71 -12.05
N MET K 174 21.67 33.38 -12.17
CA MET K 174 22.36 32.55 -11.20
C MET K 174 23.87 32.74 -11.32
N THR K 175 24.37 32.88 -12.55
CA THR K 175 25.80 33.13 -12.75
C THR K 175 26.23 34.42 -12.05
N ARG K 176 25.45 35.49 -12.19
CA ARG K 176 25.81 36.75 -11.53
C ARG K 176 25.94 36.58 -10.01
N GLN K 177 24.98 35.87 -9.40
CA GLN K 177 25.01 35.66 -7.95
C GLN K 177 26.17 34.75 -7.55
N HIS K 178 26.47 33.73 -8.34
CA HIS K 178 27.55 32.81 -7.95
C HIS K 178 28.90 33.48 -8.05
N LEU K 179 29.11 34.30 -9.08
CA LEU K 179 30.36 35.06 -9.15
C LEU K 179 30.53 35.95 -7.93
N GLY K 180 29.46 36.62 -7.50
CA GLY K 180 29.59 37.47 -6.33
C GLY K 180 29.78 36.68 -5.05
N PHE K 181 29.18 35.49 -4.96
CA PHE K 181 29.24 34.70 -3.74
C PHE K 181 30.57 33.98 -3.58
N TRP K 182 31.06 33.36 -4.67
CA TRP K 182 32.25 32.54 -4.59
C TRP K 182 33.54 33.29 -4.91
N TYR K 183 33.48 34.36 -5.70
CA TYR K 183 34.69 35.02 -6.18
C TYR K 183 34.98 36.37 -5.56
N THR K 184 33.98 37.25 -5.41
CA THR K 184 34.25 38.65 -5.07
C THR K 184 33.73 39.10 -3.72
N MET K 185 33.01 38.25 -2.98
CA MET K 185 32.39 38.67 -1.71
C MET K 185 31.47 39.87 -1.89
N ASP K 186 30.71 39.86 -2.97
CA ASP K 186 29.74 40.91 -3.26
C ASP K 186 28.64 40.92 -2.20
N PRO K 187 28.44 42.03 -1.48
CA PRO K 187 27.43 42.04 -0.41
C PRO K 187 26.02 41.73 -0.90
N ALA K 188 25.73 42.01 -2.16
CA ALA K 188 24.39 41.74 -2.67
C ALA K 188 24.10 40.27 -2.85
N CYS K 189 25.12 39.40 -2.81
CA CYS K 189 24.96 37.98 -3.04
C CYS K 189 24.98 37.14 -1.77
N GLU K 190 25.00 37.78 -0.60
CA GLU K 190 25.01 37.05 0.66
C GLU K 190 23.74 36.21 0.79
N LYS K 191 23.85 35.14 1.58
CA LYS K 191 22.73 34.24 1.87
C LYS K 191 22.22 33.52 0.61
N LEU K 192 23.08 33.38 -0.42
CA LEU K 192 22.67 32.72 -1.65
C LEU K 192 22.25 31.28 -1.39
N TYR K 193 22.89 30.61 -0.43
CA TYR K 193 22.52 29.29 0.03
C TYR K 193 21.86 29.34 1.40
N GLY K 194 21.27 30.49 1.74
CA GLY K 194 20.68 30.62 3.06
C GLY K 194 21.73 30.47 4.15
N GLY K 195 21.39 29.69 5.19
CA GLY K 195 22.33 29.40 6.24
C GLY K 195 23.19 28.19 5.98
N ALA K 196 23.06 27.56 4.82
CA ALA K 196 23.82 26.35 4.55
C ALA K 196 25.29 26.65 4.30
N VAL K 197 25.60 27.82 3.72
CA VAL K 197 27.00 28.16 3.45
C VAL K 197 27.30 29.54 4.03
N PRO K 198 28.37 29.70 4.85
CA PRO K 198 28.79 30.96 5.46
C PRO K 198 29.29 31.96 4.43
N LYS L 11 35.57 47.21 -13.77
CA LYS L 11 34.53 48.21 -13.52
C LYS L 11 33.19 47.85 -14.16
N LEU L 12 32.14 47.85 -13.34
CA LEU L 12 30.78 47.49 -13.74
C LEU L 12 29.77 48.57 -13.39
N THR L 13 30.24 49.77 -13.09
CA THR L 13 29.37 50.87 -12.67
C THR L 13 29.38 51.97 -13.73
N SER L 14 28.20 52.52 -14.01
CA SER L 14 28.11 53.58 -15.01
C SER L 14 28.58 54.89 -14.40
N ASP L 15 28.73 55.89 -15.26
CA ASP L 15 29.25 57.20 -14.91
C ASP L 15 28.58 58.23 -15.83
N PHE L 16 27.24 58.23 -15.82
CA PHE L 16 26.49 59.01 -16.81
C PHE L 16 26.56 60.50 -16.55
N ASP L 17 26.93 60.92 -15.34
CA ASP L 17 27.10 62.33 -15.04
C ASP L 17 28.50 62.82 -15.34
N ASN L 18 29.39 61.93 -15.73
CA ASN L 18 30.73 62.35 -16.08
C ASN L 18 30.67 63.16 -17.37
N PRO L 19 31.11 64.42 -17.37
CA PRO L 19 31.11 65.19 -18.62
C PRO L 19 31.97 64.57 -19.71
N ARG L 20 32.99 63.78 -19.35
CA ARG L 20 33.81 63.14 -20.36
C ARG L 20 33.09 61.99 -21.05
N TRP L 21 32.09 61.39 -20.38
CA TRP L 21 31.24 60.39 -21.04
C TRP L 21 30.27 61.07 -22.00
N ILE L 22 29.73 62.23 -21.58
CA ILE L 22 28.82 63.00 -22.43
C ILE L 22 29.56 63.48 -23.68
N GLY L 23 30.77 63.99 -23.48
CA GLY L 23 31.52 64.51 -24.62
C GLY L 23 32.05 63.45 -25.54
N ARG L 24 32.31 62.25 -25.01
CA ARG L 24 32.73 61.15 -25.86
C ARG L 24 31.64 60.77 -26.84
N HIS L 25 30.41 60.61 -26.35
CA HIS L 25 29.31 60.28 -27.23
C HIS L 25 28.81 61.48 -28.02
N LYS L 26 29.08 62.70 -27.56
CA LYS L 26 28.78 63.87 -28.39
C LYS L 26 29.71 63.92 -29.59
N HIS L 27 31.00 63.63 -29.39
CA HIS L 27 31.91 63.51 -30.52
C HIS L 27 31.41 62.50 -31.53
N MET L 28 30.94 61.34 -31.06
CA MET L 28 30.45 60.31 -31.98
C MET L 28 29.16 60.74 -32.67
N PHE L 29 28.24 61.39 -31.94
CA PHE L 29 27.01 61.86 -32.56
C PHE L 29 27.33 62.78 -33.73
N ASN L 30 28.23 63.75 -33.53
CA ASN L 30 28.58 64.67 -34.61
C ASN L 30 29.31 63.96 -35.74
N PHE L 31 30.10 62.94 -35.41
CA PHE L 31 30.76 62.14 -36.42
C PHE L 31 29.74 61.37 -37.26
N LEU L 32 28.66 60.93 -36.63
CA LEU L 32 27.63 60.19 -37.34
C LEU L 32 26.69 61.11 -38.11
N ASP L 33 26.54 62.35 -37.65
CA ASP L 33 25.67 63.35 -38.28
C ASP L 33 26.44 64.07 -39.39
N VAL L 34 26.71 63.32 -40.47
CA VAL L 34 27.64 63.79 -41.50
C VAL L 34 27.12 65.02 -42.24
N ASN L 35 25.81 65.23 -42.29
CA ASN L 35 25.25 66.39 -42.95
C ASN L 35 24.84 67.49 -41.98
N HIS L 36 25.24 67.40 -40.70
CA HIS L 36 24.94 68.46 -39.73
C HIS L 36 23.43 68.73 -39.62
N ASN L 37 22.64 67.65 -39.58
CA ASN L 37 21.20 67.81 -39.40
C ASN L 37 20.80 67.93 -37.94
N GLY L 38 21.73 67.72 -37.00
CA GLY L 38 21.30 67.63 -35.62
C GLY L 38 20.49 66.39 -35.30
N LYS L 39 20.37 65.46 -36.25
CA LYS L 39 19.59 64.26 -36.02
C LYS L 39 20.06 63.15 -36.95
N ILE L 40 19.95 61.91 -36.46
CA ILE L 40 20.33 60.71 -37.19
C ILE L 40 19.23 59.67 -37.03
N SER L 41 19.23 58.68 -37.93
CA SER L 41 18.22 57.63 -37.96
C SER L 41 18.89 56.25 -37.91
N LEU L 42 18.13 55.25 -37.49
CA LEU L 42 18.67 53.89 -37.55
C LEU L 42 18.94 53.48 -38.99
N ASP L 43 18.12 53.96 -39.93
CA ASP L 43 18.34 53.67 -41.35
C ASP L 43 19.73 54.08 -41.76
N GLU L 44 20.15 55.27 -41.34
CA GLU L 44 21.47 55.73 -41.73
C GLU L 44 22.55 54.90 -41.07
N MET L 45 22.32 54.50 -39.82
CA MET L 45 23.32 53.73 -39.08
C MET L 45 23.56 52.39 -39.73
N VAL L 46 22.48 51.66 -40.06
CA VAL L 46 22.68 50.35 -40.68
C VAL L 46 23.15 50.50 -42.11
N TYR L 47 22.74 51.58 -42.80
CA TYR L 47 23.27 51.80 -44.14
C TYR L 47 24.77 51.98 -44.09
N LYS L 48 25.24 52.85 -43.20
CA LYS L 48 26.68 53.08 -43.08
C LYS L 48 27.41 51.78 -42.78
N ALA L 49 26.86 50.98 -41.86
CA ALA L 49 27.52 49.74 -41.47
C ALA L 49 27.69 48.78 -42.65
N SER L 50 26.63 48.55 -43.42
CA SER L 50 26.73 47.60 -44.53
C SER L 50 27.53 48.17 -45.70
N ASP L 51 27.42 49.48 -45.94
CA ASP L 51 28.23 50.12 -46.97
C ASP L 51 29.71 49.91 -46.70
N ILE L 52 30.13 50.11 -45.46
CA ILE L 52 31.54 49.88 -45.13
C ILE L 52 31.92 48.43 -45.42
N VAL L 53 31.18 47.46 -44.87
CA VAL L 53 31.71 46.09 -44.95
C VAL L 53 31.58 45.53 -46.36
N ILE L 54 30.53 45.90 -47.10
CA ILE L 54 30.37 45.37 -48.46
C ILE L 54 31.26 46.12 -49.44
N ASN L 55 31.23 47.46 -49.42
CA ASN L 55 31.89 48.23 -50.46
C ASN L 55 33.35 48.55 -50.16
N ASN L 56 33.78 48.43 -48.91
CA ASN L 56 35.17 48.69 -48.59
C ASN L 56 35.94 47.48 -48.10
N LEU L 57 35.28 46.49 -47.49
CA LEU L 57 36.01 45.41 -46.83
C LEU L 57 35.70 44.04 -47.43
N GLY L 58 34.95 43.99 -48.52
CA GLY L 58 34.71 42.74 -49.23
C GLY L 58 33.91 41.69 -48.51
N ALA L 59 32.90 42.09 -47.75
CA ALA L 59 32.05 41.15 -47.05
C ALA L 59 31.12 40.43 -48.02
N THR L 60 30.83 39.15 -47.71
CA THR L 60 29.78 38.41 -48.41
C THR L 60 28.41 38.90 -47.97
N PRO L 61 27.36 38.60 -48.73
CA PRO L 61 26.02 39.01 -48.27
C PRO L 61 25.62 38.38 -46.94
N GLU L 62 26.01 37.14 -46.68
CA GLU L 62 25.67 36.56 -45.39
C GLU L 62 26.44 37.25 -44.25
N GLN L 63 27.74 37.48 -44.45
CA GLN L 63 28.52 38.22 -43.45
C GLN L 63 27.92 39.59 -43.20
N ALA L 64 27.48 40.28 -44.26
CA ALA L 64 26.92 41.62 -44.11
C ALA L 64 25.60 41.58 -43.35
N LYS L 65 24.78 40.56 -43.62
CA LYS L 65 23.52 40.41 -42.89
C LYS L 65 23.79 40.20 -41.40
N ARG L 66 24.72 39.32 -41.07
CA ARG L 66 25.07 39.11 -39.66
C ARG L 66 25.57 40.41 -39.05
N HIS L 67 26.43 41.13 -39.78
CA HIS L 67 26.94 42.41 -39.27
C HIS L 67 25.81 43.41 -39.09
N LYS L 68 24.89 43.44 -40.05
CA LYS L 68 23.78 44.40 -39.99
C LYS L 68 22.89 44.14 -38.78
N ASP L 69 22.55 42.87 -38.53
CA ASP L 69 21.72 42.56 -37.37
C ASP L 69 22.38 43.02 -36.08
N ALA L 70 23.70 42.86 -35.98
CA ALA L 70 24.41 43.30 -34.78
C ALA L 70 24.38 44.82 -34.64
N VAL L 71 24.61 45.56 -35.74
CA VAL L 71 24.57 47.02 -35.65
C VAL L 71 23.15 47.49 -35.32
N GLU L 72 22.17 46.85 -35.94
CA GLU L 72 20.77 47.18 -35.68
C GLU L 72 20.43 47.00 -34.21
N ALA L 73 20.85 45.87 -33.63
CA ALA L 73 20.58 45.63 -32.21
C ALA L 73 21.30 46.65 -31.36
N PHE L 74 22.53 47.02 -31.74
CA PHE L 74 23.30 47.96 -30.93
C PHE L 74 22.64 49.33 -30.90
N PHE L 75 22.44 49.97 -32.06
CA PHE L 75 21.82 51.29 -32.06
C PHE L 75 20.35 51.24 -31.70
N GLY L 76 19.66 50.13 -32.02
CA GLY L 76 18.31 49.97 -31.52
C GLY L 76 18.27 49.90 -30.01
N GLY L 77 19.30 49.33 -29.38
CA GLY L 77 19.38 49.34 -27.94
C GLY L 77 19.54 50.72 -27.36
N ALA L 78 19.99 51.68 -28.16
CA ALA L 78 20.07 53.07 -27.73
C ALA L 78 18.82 53.87 -28.05
N GLY L 79 17.73 53.19 -28.42
CA GLY L 79 16.47 53.86 -28.68
C GLY L 79 16.26 54.31 -30.10
N MET L 80 17.21 54.07 -31.00
CA MET L 80 17.03 54.45 -32.39
C MET L 80 16.12 53.47 -33.10
N LYS L 81 15.31 53.98 -34.04
CA LYS L 81 14.31 53.17 -34.71
C LYS L 81 14.27 53.50 -36.19
N TYR L 82 13.82 52.54 -37.00
CA TYR L 82 13.71 52.78 -38.43
C TYR L 82 12.63 53.82 -38.70
N GLY L 83 12.91 54.72 -39.63
CA GLY L 83 11.96 55.75 -39.99
C GLY L 83 11.79 56.84 -38.95
N VAL L 84 12.65 56.88 -37.93
CA VAL L 84 12.56 57.87 -36.86
C VAL L 84 13.87 58.64 -36.78
N GLU L 85 13.77 59.94 -36.54
CA GLU L 85 14.93 60.80 -36.39
C GLU L 85 15.28 61.01 -34.93
N THR L 86 16.54 60.75 -34.57
CA THR L 86 17.00 60.84 -33.18
C THR L 86 17.86 62.10 -33.07
N ASP L 87 17.42 63.07 -32.28
CA ASP L 87 18.25 64.23 -32.06
C ASP L 87 19.21 63.96 -30.89
N TRP L 88 20.09 64.93 -30.62
CA TRP L 88 21.12 64.73 -29.61
C TRP L 88 20.54 64.45 -28.22
N PRO L 89 19.57 65.22 -27.71
CA PRO L 89 19.00 64.86 -26.40
C PRO L 89 18.38 63.47 -26.37
N ALA L 90 17.65 63.07 -27.42
CA ALA L 90 17.11 61.71 -27.42
C ALA L 90 18.22 60.67 -27.56
N TYR L 91 19.32 61.04 -28.20
CA TYR L 91 20.43 60.12 -28.40
C TYR L 91 21.15 59.81 -27.10
N ILE L 92 21.53 60.86 -26.35
CA ILE L 92 22.31 60.66 -25.13
C ILE L 92 21.45 60.02 -24.05
N GLU L 93 20.16 60.34 -24.03
CA GLU L 93 19.26 59.67 -23.11
C GLU L 93 19.13 58.19 -23.47
N GLY L 94 19.02 57.89 -24.77
CA GLY L 94 18.95 56.50 -25.17
C GLY L 94 20.24 55.76 -24.87
N TRP L 95 21.38 56.46 -24.92
CA TRP L 95 22.65 55.79 -24.65
C TRP L 95 22.81 55.39 -23.19
N LYS L 96 22.16 56.12 -22.27
CA LYS L 96 22.08 55.68 -20.89
C LYS L 96 21.35 54.35 -20.79
N LYS L 97 20.28 54.17 -21.56
CA LYS L 97 19.59 52.89 -21.54
C LYS L 97 20.46 51.78 -22.13
N LEU L 98 21.14 52.05 -23.24
CA LEU L 98 22.00 51.05 -23.86
C LEU L 98 23.14 50.64 -22.91
N ALA L 99 23.81 51.63 -22.31
CA ALA L 99 24.92 51.30 -21.42
C ALA L 99 24.45 50.48 -20.22
N THR L 100 23.29 50.84 -19.66
CA THR L 100 22.77 50.12 -18.51
C THR L 100 22.43 48.69 -18.88
N ASP L 101 21.78 48.48 -20.03
CA ASP L 101 21.45 47.11 -20.42
C ASP L 101 22.70 46.31 -20.74
N GLU L 102 23.72 46.94 -21.34
CA GLU L 102 24.95 46.21 -21.64
C GLU L 102 25.65 45.78 -20.37
N LEU L 103 25.68 46.66 -19.36
CA LEU L 103 26.32 46.34 -18.09
C LEU L 103 25.59 45.22 -17.38
N GLU L 104 24.26 45.13 -17.57
CA GLU L 104 23.51 44.02 -17.01
C GLU L 104 23.90 42.70 -17.67
N LYS L 105 24.00 42.68 -19.00
CA LYS L 105 24.49 41.49 -19.66
C LYS L 105 25.92 41.18 -19.24
N TYR L 106 26.76 42.21 -19.19
CA TYR L 106 28.16 42.07 -18.78
C TYR L 106 28.24 41.41 -17.41
N ALA L 107 27.44 41.92 -16.46
CA ALA L 107 27.46 41.41 -15.09
C ALA L 107 26.87 40.00 -14.98
N LYS L 108 25.93 39.66 -15.85
CA LYS L 108 25.41 38.29 -15.87
C LYS L 108 26.25 37.36 -16.72
N ASN L 109 27.40 37.83 -17.21
CA ASN L 109 28.31 37.00 -18.01
C ASN L 109 27.65 36.44 -19.27
N GLU L 110 26.65 37.23 -19.88
CA GLU L 110 26.09 36.94 -21.20
C GLU L 110 26.73 37.81 -22.28
N PRO L 111 26.76 37.35 -23.52
CA PRO L 111 27.34 38.17 -24.60
C PRO L 111 26.67 39.53 -24.70
N THR L 112 27.48 40.57 -24.63
CA THR L 112 27.00 41.93 -24.78
C THR L 112 26.71 42.19 -26.27
N LEU L 113 25.91 43.22 -26.52
CA LEU L 113 25.67 43.60 -27.91
C LEU L 113 26.97 44.04 -28.60
N ILE L 114 27.86 44.75 -27.89
CA ILE L 114 29.10 45.19 -28.52
C ILE L 114 29.98 44.01 -28.90
N ARG L 115 29.96 42.96 -28.06
CA ARG L 115 30.69 41.74 -28.40
C ARG L 115 30.12 41.10 -29.66
N ILE L 116 28.80 40.98 -29.73
CA ILE L 116 28.18 40.35 -30.91
C ILE L 116 28.52 41.12 -32.18
N TRP L 117 28.54 42.45 -32.09
CA TRP L 117 28.97 43.26 -33.23
C TRP L 117 30.42 42.96 -33.60
N GLY L 118 31.30 42.86 -32.59
CA GLY L 118 32.69 42.54 -32.87
C GLY L 118 32.87 41.20 -33.56
N ASP L 119 32.15 40.16 -33.10
CA ASP L 119 32.22 38.88 -33.80
C ASP L 119 31.83 39.05 -35.27
N ALA L 120 30.74 39.74 -35.54
CA ALA L 120 30.32 39.88 -36.93
C ALA L 120 31.33 40.71 -37.72
N LEU L 121 31.88 41.76 -37.11
CA LEU L 121 32.82 42.60 -37.86
C LEU L 121 34.16 41.91 -38.05
N PHE L 122 34.68 41.27 -36.99
CA PHE L 122 36.01 40.65 -37.11
C PHE L 122 36.01 39.49 -38.09
N ASP L 123 34.89 38.79 -38.25
CA ASP L 123 34.83 37.75 -39.27
C ASP L 123 35.06 38.30 -40.65
N ILE L 124 34.64 39.54 -40.90
CA ILE L 124 34.87 40.17 -42.20
C ILE L 124 36.27 40.77 -42.27
N VAL L 125 36.65 41.50 -41.23
CA VAL L 125 37.91 42.23 -41.24
C VAL L 125 39.10 41.28 -41.28
N ASP L 126 39.00 40.14 -40.62
CA ASP L 126 40.07 39.15 -40.56
C ASP L 126 40.08 38.26 -41.80
N LYS L 127 41.17 38.34 -42.58
CA LYS L 127 41.24 37.63 -43.85
C LYS L 127 41.33 36.12 -43.67
N ASP L 128 42.00 35.64 -42.62
CA ASP L 128 42.04 34.21 -42.35
C ASP L 128 40.79 33.74 -41.59
N GLN L 129 39.96 34.69 -41.14
CA GLN L 129 38.68 34.44 -40.44
C GLN L 129 38.87 33.67 -39.13
N ASN L 130 39.91 34.08 -38.37
CA ASN L 130 40.32 33.56 -37.08
C ASN L 130 39.83 34.44 -35.92
N GLY L 131 38.95 35.42 -36.21
CA GLY L 131 38.41 36.24 -35.14
C GLY L 131 39.45 37.13 -34.48
N ALA L 132 40.59 37.33 -35.16
CA ALA L 132 41.70 38.16 -34.71
C ALA L 132 42.22 38.94 -35.90
N ILE L 133 42.48 40.23 -35.70
CA ILE L 133 42.80 41.09 -36.82
C ILE L 133 44.19 41.68 -36.65
N THR L 134 44.85 41.91 -37.78
CA THR L 134 46.15 42.56 -37.72
C THR L 134 45.98 44.07 -37.59
N LEU L 135 47.10 44.75 -37.38
CA LEU L 135 47.08 46.20 -37.28
C LEU L 135 46.63 46.82 -38.60
N ASP L 136 47.08 46.27 -39.73
CA ASP L 136 46.68 46.80 -41.03
C ASP L 136 45.19 46.65 -41.25
N GLU L 137 44.62 45.55 -40.78
CA GLU L 137 43.19 45.32 -40.93
C GLU L 137 42.40 46.28 -40.05
N TRP L 138 42.92 46.59 -38.86
CA TRP L 138 42.27 47.58 -38.02
C TRP L 138 42.38 48.97 -38.63
N LYS L 139 43.52 49.27 -39.29
CA LYS L 139 43.62 50.53 -40.02
C LYS L 139 42.62 50.56 -41.17
N ALA L 140 42.46 49.43 -41.88
CA ALA L 140 41.55 49.43 -43.01
C ALA L 140 40.12 49.66 -42.53
N TYR L 141 39.73 49.02 -41.44
CA TYR L 141 38.37 49.18 -40.95
C TYR L 141 38.12 50.60 -40.44
N THR L 142 38.95 51.08 -39.50
CA THR L 142 38.64 52.34 -38.82
C THR L 142 38.73 53.53 -39.77
N LYS L 143 39.64 53.47 -40.76
CA LYS L 143 39.73 54.56 -41.73
C LYS L 143 38.60 54.52 -42.75
N ALA L 144 38.13 53.32 -43.12
CA ALA L 144 36.95 53.27 -43.99
C ALA L 144 35.74 53.81 -43.27
N ALA L 145 35.57 53.43 -42.00
CA ALA L 145 34.47 53.95 -41.21
C ALA L 145 34.64 55.44 -40.92
N GLY L 146 35.89 55.93 -40.87
CA GLY L 146 36.17 57.30 -40.50
C GLY L 146 36.31 57.54 -39.02
N ILE L 147 36.13 56.52 -38.17
CA ILE L 147 36.21 56.74 -36.73
C ILE L 147 37.65 57.09 -36.35
N ILE L 148 38.63 56.61 -37.11
CA ILE L 148 40.01 57.01 -36.95
C ILE L 148 40.52 57.45 -38.32
N GLN L 149 41.26 58.55 -38.34
CA GLN L 149 41.84 59.04 -39.59
C GLN L 149 43.33 58.74 -39.71
N SER L 150 44.11 58.96 -38.66
CA SER L 150 45.56 58.82 -38.73
C SER L 150 46.06 57.46 -38.25
N SER L 151 47.12 56.97 -38.91
CA SER L 151 47.69 55.68 -38.53
C SER L 151 48.27 55.69 -37.11
N GLU L 152 48.70 56.85 -36.60
CA GLU L 152 49.26 56.89 -35.25
C GLU L 152 48.23 56.47 -34.21
N ASP L 153 46.98 56.90 -34.39
CA ASP L 153 45.89 56.55 -33.48
C ASP L 153 45.54 55.07 -33.56
N CYS L 154 45.58 54.49 -34.76
CA CYS L 154 45.30 53.06 -34.90
C CYS L 154 46.34 52.23 -34.16
N GLU L 155 47.61 52.65 -34.19
CA GLU L 155 48.66 51.96 -33.47
C GLU L 155 48.44 52.05 -31.96
N GLU L 156 47.87 53.14 -31.47
CA GLU L 156 47.63 53.22 -30.04
C GLU L 156 46.66 52.16 -29.55
N THR L 157 45.69 51.76 -30.39
CA THR L 157 44.76 50.71 -30.01
C THR L 157 45.49 49.41 -29.66
N PHE L 158 46.47 49.03 -30.47
CA PHE L 158 47.22 47.81 -30.26
C PHE L 158 48.12 47.90 -29.05
N ARG L 159 48.53 49.11 -28.71
CA ARG L 159 49.27 49.29 -27.47
C ARG L 159 48.34 49.16 -26.26
N VAL L 160 47.11 49.71 -26.32
CA VAL L 160 46.20 49.68 -25.18
C VAL L 160 45.57 48.30 -24.97
N CYS L 161 45.26 47.58 -26.05
CA CYS L 161 44.65 46.29 -25.86
C CYS L 161 45.71 45.21 -25.60
N ASP L 162 45.27 44.10 -25.02
CA ASP L 162 46.12 42.95 -24.72
C ASP L 162 46.29 42.09 -25.97
N ILE L 163 47.11 42.64 -26.87
CA ILE L 163 47.54 41.99 -28.09
C ILE L 163 48.10 40.59 -27.85
N ASP L 164 47.70 39.64 -28.70
CA ASP L 164 48.21 38.27 -28.59
C ASP L 164 49.68 38.21 -29.05
N GLU L 165 50.25 37.00 -28.94
CA GLU L 165 51.67 36.77 -29.20
C GLU L 165 52.07 37.03 -30.64
N SER L 166 51.12 36.92 -31.56
CA SER L 166 51.36 37.22 -32.96
C SER L 166 51.18 38.70 -33.28
N GLY L 167 50.72 39.50 -32.31
CA GLY L 167 50.53 40.92 -32.58
C GLY L 167 49.15 41.28 -33.09
N GLN L 168 48.19 40.35 -33.00
CA GLN L 168 46.83 40.52 -33.48
C GLN L 168 45.89 40.72 -32.31
N LEU L 169 44.69 41.25 -32.61
CA LEU L 169 43.67 41.56 -31.61
C LEU L 169 42.40 40.76 -31.89
N ASP L 170 41.93 40.02 -30.89
CA ASP L 170 40.68 39.28 -31.02
C ASP L 170 39.55 40.04 -30.33
N VAL L 171 38.32 39.56 -30.54
CA VAL L 171 37.15 40.20 -29.92
C VAL L 171 37.23 40.13 -28.40
N ASP L 172 37.82 39.06 -27.85
CA ASP L 172 37.88 38.92 -26.39
C ASP L 172 38.61 40.11 -25.76
N GLU L 173 39.83 40.43 -26.22
CA GLU L 173 40.50 41.57 -25.60
C GLU L 173 39.90 42.91 -26.01
N MET L 174 39.43 43.04 -27.22
CA MET L 174 38.88 44.33 -27.59
C MET L 174 37.58 44.62 -26.84
N THR L 175 36.76 43.60 -26.57
CA THR L 175 35.50 43.82 -25.87
C THR L 175 35.71 44.49 -24.51
N ARG L 176 36.70 44.03 -23.74
CA ARG L 176 36.91 44.62 -22.41
C ARG L 176 37.25 46.10 -22.50
N GLN L 177 38.12 46.50 -23.43
CA GLN L 177 38.47 47.92 -23.56
C GLN L 177 37.27 48.75 -23.99
N HIS L 178 36.45 48.19 -24.89
CA HIS L 178 35.30 48.90 -25.44
C HIS L 178 34.22 49.10 -24.39
N LEU L 179 34.00 48.10 -23.54
CA LEU L 179 33.07 48.26 -22.44
C LEU L 179 33.53 49.41 -21.54
N GLY L 180 34.83 49.46 -21.23
CA GLY L 180 35.33 50.52 -20.40
C GLY L 180 35.36 51.86 -21.10
N PHE L 181 35.56 51.86 -22.42
CA PHE L 181 35.65 53.10 -23.18
C PHE L 181 34.29 53.73 -23.43
N TRP L 182 33.29 52.92 -23.79
CA TRP L 182 31.99 53.46 -24.19
C TRP L 182 30.96 53.46 -23.06
N TYR L 183 31.07 52.56 -22.08
CA TYR L 183 30.02 52.36 -21.09
C TYR L 183 30.39 52.89 -19.70
N THR L 184 31.60 52.64 -19.19
CA THR L 184 31.90 52.90 -17.79
C THR L 184 32.92 54.00 -17.54
N MET L 185 33.58 54.50 -18.58
CA MET L 185 34.67 55.48 -18.40
C MET L 185 35.80 54.92 -17.54
N ASP L 186 36.15 53.67 -17.77
CA ASP L 186 37.29 53.07 -17.10
C ASP L 186 38.57 53.80 -17.51
N PRO L 187 39.30 54.40 -16.57
CA PRO L 187 40.53 55.13 -16.95
C PRO L 187 41.60 54.25 -17.60
N ALA L 188 41.58 52.95 -17.36
CA ALA L 188 42.57 52.11 -18.01
C ALA L 188 42.32 51.96 -19.50
N CYS L 189 41.15 52.37 -19.99
CA CYS L 189 40.79 52.24 -21.39
C CYS L 189 40.94 53.52 -22.18
N GLU L 190 41.50 54.57 -21.58
CA GLU L 190 41.71 55.82 -22.30
C GLU L 190 42.68 55.58 -23.47
N LYS L 191 42.59 56.44 -24.48
CA LYS L 191 43.40 56.37 -25.70
C LYS L 191 43.16 55.10 -26.51
N LEU L 192 42.00 54.43 -26.33
CA LEU L 192 41.67 53.25 -27.11
C LEU L 192 41.65 53.56 -28.60
N TYR L 193 41.18 54.76 -28.96
CA TYR L 193 41.21 55.27 -30.34
C TYR L 193 42.24 56.38 -30.50
N GLY L 194 43.29 56.36 -29.69
CA GLY L 194 44.31 57.38 -29.77
C GLY L 194 43.75 58.75 -29.46
N GLY L 195 44.13 59.74 -30.28
CA GLY L 195 43.56 61.05 -30.13
C GLY L 195 42.30 61.27 -30.95
N ALA L 196 41.81 60.24 -31.66
CA ALA L 196 40.68 60.43 -32.57
C ALA L 196 39.36 60.61 -31.84
N VAL L 197 39.20 59.99 -30.69
CA VAL L 197 37.96 60.08 -29.91
C VAL L 197 38.32 60.50 -28.49
N PRO L 198 37.70 61.56 -27.95
CA PRO L 198 37.95 62.07 -26.59
C PRO L 198 37.45 61.09 -25.54
N HIS M 8 -4.24 -11.25 26.71
CA HIS M 8 -4.66 -12.12 27.81
C HIS M 8 -3.89 -11.83 29.10
N HIS M 9 -4.35 -10.83 29.86
CA HIS M 9 -3.67 -10.40 31.07
C HIS M 9 -4.31 -10.94 32.34
N GLY M 10 -5.44 -11.62 32.23
CA GLY M 10 -6.10 -12.12 33.43
C GLY M 10 -7.53 -12.57 33.12
N LYS M 11 -8.36 -12.54 34.17
CA LYS M 11 -9.69 -13.14 34.13
C LYS M 11 -10.59 -12.35 35.05
N LEU M 12 -11.78 -12.01 34.57
CA LEU M 12 -12.73 -11.21 35.33
C LEU M 12 -14.06 -11.91 35.49
N THR M 13 -14.14 -13.19 35.18
CA THR M 13 -15.39 -13.93 35.25
C THR M 13 -15.33 -14.98 36.35
N SER M 14 -16.43 -15.12 37.08
CA SER M 14 -16.50 -16.09 38.15
C SER M 14 -16.72 -17.49 37.56
N ASP M 15 -16.59 -18.51 38.41
CA ASP M 15 -16.70 -19.90 37.98
C ASP M 15 -17.28 -20.68 39.14
N PHE M 16 -18.42 -20.21 39.66
CA PHE M 16 -18.95 -20.72 40.93
C PHE M 16 -19.49 -22.13 40.84
N ASP M 17 -19.80 -22.63 39.64
CA ASP M 17 -20.25 -24.01 39.50
C ASP M 17 -19.13 -24.99 39.26
N ASN M 18 -17.90 -24.52 39.11
CA ASN M 18 -16.77 -25.42 38.98
C ASN M 18 -16.57 -26.18 40.28
N PRO M 19 -16.62 -27.52 40.28
CA PRO M 19 -16.40 -28.28 41.54
C PRO M 19 -15.04 -28.03 42.18
N ARG M 20 -14.03 -27.65 41.41
CA ARG M 20 -12.75 -27.32 42.04
C ARG M 20 -12.78 -25.96 42.73
N TRP M 21 -13.68 -25.06 42.33
CA TRP M 21 -13.82 -23.83 43.09
C TRP M 21 -14.48 -24.13 44.42
N ILE M 22 -15.49 -24.98 44.38
CA ILE M 22 -16.18 -25.39 45.60
C ILE M 22 -15.23 -26.17 46.50
N GLY M 23 -14.44 -27.08 45.90
CA GLY M 23 -13.52 -27.89 46.69
C GLY M 23 -12.32 -27.12 47.23
N ARG M 24 -11.90 -26.07 46.51
CA ARG M 24 -10.83 -25.23 47.02
C ARG M 24 -11.26 -24.57 48.32
N HIS M 25 -12.47 -24.00 48.34
CA HIS M 25 -12.96 -23.38 49.56
C HIS M 25 -13.46 -24.38 50.58
N LYS M 26 -13.83 -25.59 50.17
CA LYS M 26 -14.12 -26.60 51.16
C LYS M 26 -12.85 -27.02 51.89
N HIS M 27 -11.74 -27.18 51.17
CA HIS M 27 -10.47 -27.45 51.82
C HIS M 27 -10.14 -26.37 52.86
N MET M 28 -10.37 -25.10 52.50
CA MET M 28 -10.07 -24.02 53.43
C MET M 28 -11.04 -24.00 54.61
N PHE M 29 -12.32 -24.29 54.36
CA PHE M 29 -13.30 -24.33 55.44
C PHE M 29 -12.87 -25.36 56.49
N ASN M 30 -12.48 -26.57 56.04
CA ASN M 30 -12.03 -27.61 56.95
C ASN M 30 -10.74 -27.23 57.64
N PHE M 31 -9.86 -26.54 56.94
CA PHE M 31 -8.62 -26.07 57.54
C PHE M 31 -8.90 -25.07 58.65
N LEU M 32 -9.94 -24.25 58.47
CA LEU M 32 -10.33 -23.27 59.47
C LEU M 32 -11.14 -23.91 60.60
N ASP M 33 -11.82 -25.01 60.32
CA ASP M 33 -12.67 -25.70 61.29
C ASP M 33 -11.80 -26.66 62.12
N VAL M 34 -10.90 -26.08 62.92
CA VAL M 34 -9.86 -26.90 63.56
C VAL M 34 -10.45 -27.89 64.56
N ASN M 35 -11.61 -27.60 65.13
CA ASN M 35 -12.23 -28.52 66.07
C ASN M 35 -13.32 -29.36 65.43
N HIS M 36 -13.42 -29.33 64.10
CA HIS M 36 -14.33 -30.22 63.37
C HIS M 36 -15.76 -30.07 63.87
N ASN M 37 -16.17 -28.84 64.10
CA ASN M 37 -17.55 -28.58 64.50
C ASN M 37 -18.50 -28.48 63.32
N GLY M 38 -17.99 -28.49 62.09
CA GLY M 38 -18.88 -28.16 60.98
C GLY M 38 -19.31 -26.72 60.92
N LYS M 39 -18.71 -25.83 61.73
CA LYS M 39 -19.09 -24.42 61.68
C LYS M 39 -17.96 -23.56 62.22
N ILE M 40 -17.84 -22.34 61.67
CA ILE M 40 -16.84 -21.37 62.10
C ILE M 40 -17.48 -20.00 62.25
N SER M 41 -16.83 -19.16 63.06
CA SER M 41 -17.33 -17.83 63.39
C SER M 41 -16.28 -16.76 63.05
N LEU M 42 -16.77 -15.54 62.84
CA LEU M 42 -15.86 -14.44 62.62
C LEU M 42 -14.98 -14.20 63.84
N ASP M 43 -15.50 -14.47 65.05
CA ASP M 43 -14.67 -14.37 66.25
C ASP M 43 -13.41 -15.21 66.11
N GLU M 44 -13.55 -16.44 65.61
CA GLU M 44 -12.40 -17.31 65.49
C GLU M 44 -11.44 -16.83 64.40
N MET M 45 -11.98 -16.36 63.26
CA MET M 45 -11.12 -15.95 62.15
C MET M 45 -10.23 -14.79 62.57
N VAL M 46 -10.84 -13.79 63.20
CA VAL M 46 -10.14 -12.62 63.66
C VAL M 46 -9.22 -12.96 64.85
N TYR M 47 -9.60 -13.95 65.67
CA TYR M 47 -8.67 -14.42 66.70
C TYR M 47 -7.44 -15.06 66.08
N LYS M 48 -7.65 -15.99 65.14
CA LYS M 48 -6.52 -16.65 64.49
C LYS M 48 -5.58 -15.64 63.86
N ALA M 49 -6.15 -14.68 63.11
CA ALA M 49 -5.36 -13.68 62.40
C ALA M 49 -4.47 -12.88 63.36
N SER M 50 -5.04 -12.41 64.46
CA SER M 50 -4.23 -11.64 65.40
C SER M 50 -3.30 -12.54 66.22
N ASP M 51 -3.72 -13.76 66.54
CA ASP M 51 -2.81 -14.69 67.22
C ASP M 51 -1.55 -14.90 66.39
N ILE M 52 -1.72 -15.11 65.07
CA ILE M 52 -0.58 -15.33 64.19
C ILE M 52 0.36 -14.13 64.18
N VAL M 53 -0.17 -12.93 63.89
CA VAL M 53 0.75 -11.83 63.62
C VAL M 53 1.40 -11.32 64.91
N ILE M 54 0.69 -11.35 66.04
CA ILE M 54 1.24 -10.90 67.32
C ILE M 54 2.17 -11.96 67.91
N ASN M 55 1.71 -13.22 68.01
CA ASN M 55 2.44 -14.25 68.74
C ASN M 55 3.46 -15.01 67.89
N ASN M 56 3.37 -14.94 66.57
CA ASN M 56 4.36 -15.61 65.74
C ASN M 56 5.21 -14.68 64.89
N LEU M 57 4.71 -13.49 64.53
CA LEU M 57 5.39 -12.69 63.52
C LEU M 57 5.82 -11.32 64.04
N GLY M 58 5.74 -11.09 65.35
CA GLY M 58 6.27 -9.87 65.95
C GLY M 58 5.60 -8.60 65.51
N ALA M 59 4.28 -8.64 65.30
CA ALA M 59 3.56 -7.44 64.91
C ALA M 59 3.35 -6.54 66.11
N THR M 60 3.42 -5.24 65.89
CA THR M 60 3.05 -4.25 66.88
C THR M 60 1.53 -4.20 67.04
N PRO M 61 1.03 -3.62 68.14
CA PRO M 61 -0.43 -3.54 68.30
C PRO M 61 -1.13 -2.81 67.17
N GLU M 62 -0.55 -1.73 66.62
CA GLU M 62 -1.20 -1.03 65.53
C GLU M 62 -1.16 -1.83 64.24
N GLN M 63 -0.01 -2.44 63.94
CA GLN M 63 0.05 -3.33 62.78
C GLN M 63 -1.02 -4.43 62.88
N ALA M 64 -1.19 -4.97 64.09
CA ALA M 64 -2.14 -6.05 64.34
C ALA M 64 -3.58 -5.59 64.15
N LYS M 65 -3.89 -4.36 64.57
CA LYS M 65 -5.22 -3.79 64.38
C LYS M 65 -5.56 -3.61 62.91
N ARG M 66 -4.62 -3.05 62.13
CA ARG M 66 -4.85 -2.84 60.70
C ARG M 66 -5.06 -4.18 60.01
N HIS M 67 -4.26 -5.17 60.37
CA HIS M 67 -4.42 -6.53 59.84
C HIS M 67 -5.75 -7.13 60.28
N LYS M 68 -6.16 -6.87 61.52
CA LYS M 68 -7.43 -7.42 62.02
C LYS M 68 -8.60 -6.82 61.24
N ASP M 69 -8.58 -5.50 61.01
CA ASP M 69 -9.64 -4.87 60.25
C ASP M 69 -9.72 -5.45 58.85
N ALA M 70 -8.57 -5.70 58.21
CA ALA M 70 -8.60 -6.27 56.87
C ALA M 70 -9.16 -7.69 56.87
N VAL M 71 -8.72 -8.54 57.82
CA VAL M 71 -9.26 -9.90 57.88
C VAL M 71 -10.75 -9.86 58.22
N GLU M 72 -11.15 -8.96 59.13
CA GLU M 72 -12.56 -8.81 59.47
C GLU M 72 -13.41 -8.43 58.25
N ALA M 73 -12.94 -7.49 57.45
CA ALA M 73 -13.73 -7.11 56.29
C ALA M 73 -13.78 -8.27 55.28
N PHE M 74 -12.70 -9.03 55.19
CA PHE M 74 -12.64 -10.13 54.23
C PHE M 74 -13.70 -11.19 54.55
N PHE M 75 -13.65 -11.76 55.75
CA PHE M 75 -14.63 -12.82 56.05
C PHE M 75 -16.04 -12.26 56.27
N GLY M 76 -16.15 -11.02 56.74
CA GLY M 76 -17.45 -10.38 56.80
C GLY M 76 -18.09 -10.20 55.42
N GLY M 77 -17.26 -9.97 54.41
CA GLY M 77 -17.79 -9.92 53.05
C GLY M 77 -18.33 -11.25 52.58
N ALA M 78 -17.93 -12.35 53.22
CA ALA M 78 -18.52 -13.63 52.93
C ALA M 78 -19.69 -13.94 53.84
N GLY M 79 -20.22 -12.94 54.56
CA GLY M 79 -21.39 -13.14 55.37
C GLY M 79 -21.14 -13.60 56.79
N MET M 80 -19.89 -13.75 57.21
CA MET M 80 -19.63 -14.16 58.59
C MET M 80 -19.80 -12.98 59.54
N LYS M 81 -20.29 -13.27 60.73
CA LYS M 81 -20.57 -12.21 61.71
C LYS M 81 -20.12 -12.64 63.09
N TYR M 82 -19.86 -11.66 63.94
CA TYR M 82 -19.51 -11.94 65.32
C TYR M 82 -20.70 -12.56 66.02
N GLY M 83 -20.45 -13.58 66.82
CA GLY M 83 -21.48 -14.30 67.52
C GLY M 83 -22.34 -15.21 66.67
N VAL M 84 -21.96 -15.46 65.42
CA VAL M 84 -22.73 -16.34 64.53
C VAL M 84 -21.83 -17.51 64.12
N GLU M 85 -22.39 -18.72 64.17
CA GLU M 85 -21.68 -19.89 63.68
C GLU M 85 -22.09 -20.17 62.24
N THR M 86 -21.11 -20.17 61.34
CA THR M 86 -21.35 -20.30 59.91
C THR M 86 -21.06 -21.74 59.52
N ASP M 87 -22.09 -22.46 59.04
CA ASP M 87 -21.85 -23.82 58.61
C ASP M 87 -21.36 -23.80 57.16
N TRP M 88 -21.06 -24.97 56.62
CA TRP M 88 -20.46 -25.01 55.28
C TRP M 88 -21.39 -24.48 54.20
N PRO M 89 -22.67 -24.87 54.12
CA PRO M 89 -23.52 -24.28 53.06
C PRO M 89 -23.64 -22.75 53.17
N ALA M 90 -23.74 -22.21 54.39
CA ALA M 90 -23.74 -20.76 54.54
C ALA M 90 -22.40 -20.16 54.10
N TYR M 91 -21.30 -20.90 54.31
CA TYR M 91 -19.98 -20.37 53.98
C TYR M 91 -19.80 -20.24 52.47
N ILE M 92 -20.12 -21.30 51.73
CA ILE M 92 -19.87 -21.31 50.30
C ILE M 92 -20.83 -20.37 49.59
N GLU M 93 -22.05 -20.20 50.12
CA GLU M 93 -22.98 -19.22 49.60
C GLU M 93 -22.48 -17.80 49.82
N GLY M 94 -21.95 -17.52 51.01
CA GLY M 94 -21.38 -16.22 51.26
C GLY M 94 -20.15 -15.97 50.42
N TRP M 95 -19.41 -17.02 50.09
CA TRP M 95 -18.23 -16.81 49.25
C TRP M 95 -18.61 -16.44 47.82
N LYS M 96 -19.76 -16.92 47.32
CA LYS M 96 -20.19 -16.43 46.01
C LYS M 96 -20.42 -14.92 46.06
N LYS M 97 -21.01 -14.45 47.14
CA LYS M 97 -21.22 -13.01 47.30
C LYS M 97 -19.90 -12.27 47.47
N LEU M 98 -18.97 -12.80 48.29
CA LEU M 98 -17.67 -12.15 48.45
C LEU M 98 -16.93 -12.07 47.13
N ALA M 99 -16.86 -13.19 46.40
CA ALA M 99 -16.12 -13.18 45.14
C ALA M 99 -16.79 -12.22 44.14
N THR M 100 -18.12 -12.16 44.13
CA THR M 100 -18.79 -11.24 43.22
C THR M 100 -18.48 -9.79 43.56
N ASP M 101 -18.55 -9.42 44.86
CA ASP M 101 -18.21 -8.05 45.22
C ASP M 101 -16.75 -7.74 44.96
N GLU M 102 -15.87 -8.73 45.14
CA GLU M 102 -14.46 -8.49 44.85
C GLU M 102 -14.24 -8.29 43.36
N LEU M 103 -14.88 -9.09 42.52
CA LEU M 103 -14.68 -8.94 41.08
C LEU M 103 -15.24 -7.60 40.58
N GLU M 104 -16.26 -7.05 41.24
CA GLU M 104 -16.75 -5.71 40.90
C GLU M 104 -15.73 -4.64 41.26
N LYS M 105 -15.13 -4.70 42.45
CA LYS M 105 -14.03 -3.77 42.74
C LYS M 105 -12.89 -3.95 41.75
N TYR M 106 -12.52 -5.21 41.48
CA TYR M 106 -11.44 -5.51 40.56
C TYR M 106 -11.70 -4.88 39.19
N ALA M 107 -12.90 -5.08 38.65
CA ALA M 107 -13.21 -4.59 37.31
C ALA M 107 -13.34 -3.08 37.31
N LYS M 108 -13.72 -2.49 38.44
CA LYS M 108 -13.76 -1.05 38.59
C LYS M 108 -12.41 -0.51 38.99
N ASN M 109 -11.37 -1.33 39.01
CA ASN M 109 -10.00 -0.90 39.32
C ASN M 109 -9.90 -0.16 40.67
N GLU M 110 -10.70 -0.61 41.69
CA GLU M 110 -10.67 -0.21 43.10
C GLU M 110 -9.84 -1.20 43.90
N PRO M 111 -9.19 -0.79 44.99
CA PRO M 111 -8.46 -1.77 45.83
C PRO M 111 -9.38 -2.87 46.35
N THR M 112 -9.04 -4.10 46.05
CA THR M 112 -9.84 -5.22 46.54
C THR M 112 -9.56 -5.48 48.03
N LEU M 113 -10.50 -6.17 48.67
CA LEU M 113 -10.32 -6.51 50.08
C LEU M 113 -9.10 -7.41 50.28
N ILE M 114 -8.82 -8.31 49.34
CA ILE M 114 -7.66 -9.18 49.46
C ILE M 114 -6.36 -8.39 49.31
N ARG M 115 -6.36 -7.34 48.47
CA ARG M 115 -5.20 -6.46 48.38
C ARG M 115 -4.97 -5.75 49.71
N ILE M 116 -6.04 -5.21 50.29
CA ILE M 116 -5.95 -4.51 51.57
C ILE M 116 -5.44 -5.45 52.65
N TRP M 117 -5.88 -6.71 52.64
CA TRP M 117 -5.33 -7.69 53.58
C TRP M 117 -3.85 -7.89 53.31
N GLY M 118 -3.47 -8.06 52.05
CA GLY M 118 -2.06 -8.24 51.71
C GLY M 118 -1.19 -7.06 52.15
N ASP M 119 -1.66 -5.82 51.95
CA ASP M 119 -0.89 -4.67 52.42
C ASP M 119 -0.62 -4.75 53.92
N ALA M 120 -1.66 -5.03 54.70
CA ALA M 120 -1.51 -5.09 56.15
C ALA M 120 -0.60 -6.23 56.57
N LEU M 121 -0.68 -7.37 55.88
CA LEU M 121 0.16 -8.51 56.24
C LEU M 121 1.60 -8.30 55.82
N PHE M 122 1.82 -7.82 54.60
CA PHE M 122 3.19 -7.62 54.12
C PHE M 122 3.91 -6.56 54.94
N ASP M 123 3.17 -5.60 55.50
CA ASP M 123 3.83 -4.65 56.39
C ASP M 123 4.40 -5.34 57.63
N ILE M 124 3.80 -6.45 58.07
CA ILE M 124 4.29 -7.18 59.22
C ILE M 124 5.39 -8.17 58.82
N VAL M 125 5.15 -8.91 57.74
CA VAL M 125 6.04 -10.01 57.38
C VAL M 125 7.34 -9.48 56.80
N ASP M 126 7.28 -8.40 56.03
CA ASP M 126 8.46 -7.83 55.41
C ASP M 126 9.21 -6.98 56.43
N LYS M 127 10.47 -7.37 56.71
CA LYS M 127 11.26 -6.66 57.72
C LYS M 127 11.64 -5.26 57.27
N ASP M 128 11.83 -5.06 55.96
CA ASP M 128 12.06 -3.72 55.44
C ASP M 128 10.77 -2.92 55.31
N GLN M 129 9.63 -3.61 55.41
CA GLN M 129 8.31 -2.99 55.39
C GLN M 129 8.10 -2.19 54.10
N ASN M 130 8.60 -2.70 52.98
CA ASN M 130 8.39 -2.08 51.68
C ASN M 130 7.35 -2.82 50.83
N GLY M 131 6.59 -3.74 51.42
CA GLY M 131 5.56 -4.42 50.65
C GLY M 131 6.02 -5.55 49.77
N ALA M 132 7.19 -6.14 50.03
CA ALA M 132 7.68 -7.30 49.30
C ALA M 132 8.37 -8.25 50.29
N ILE M 133 8.13 -9.55 50.12
CA ILE M 133 8.61 -10.53 51.10
C ILE M 133 9.55 -11.52 50.44
N THR M 134 10.51 -12.02 51.22
CA THR M 134 11.42 -13.06 50.73
C THR M 134 10.78 -14.43 50.87
N LEU M 135 11.46 -15.46 50.36
CA LEU M 135 10.97 -16.83 50.49
C LEU M 135 10.92 -17.28 51.95
N ASP M 136 11.93 -16.90 52.75
CA ASP M 136 11.89 -17.24 54.17
C ASP M 136 10.75 -16.55 54.91
N GLU M 137 10.44 -15.31 54.55
CA GLU M 137 9.35 -14.63 55.22
C GLU M 137 8.01 -15.24 54.83
N TRP M 138 7.87 -15.70 53.58
CA TRP M 138 6.66 -16.37 53.13
C TRP M 138 6.52 -17.73 53.81
N LYS M 139 7.63 -18.44 53.99
CA LYS M 139 7.58 -19.68 54.75
C LYS M 139 7.11 -19.43 56.17
N ALA M 140 7.62 -18.37 56.80
CA ALA M 140 7.26 -18.10 58.18
C ALA M 140 5.78 -17.76 58.31
N TYR M 141 5.23 -16.97 57.39
CA TYR M 141 3.81 -16.66 57.50
C TYR M 141 2.97 -17.91 57.29
N THR M 142 3.16 -18.60 56.15
CA THR M 142 2.26 -19.67 55.79
C THR M 142 2.37 -20.85 56.75
N LYS M 143 3.57 -21.10 57.29
CA LYS M 143 3.70 -22.19 58.25
C LYS M 143 3.09 -21.83 59.60
N ALA M 144 3.19 -20.57 60.03
CA ALA M 144 2.51 -20.18 61.25
C ALA M 144 0.99 -20.24 61.10
N ALA M 145 0.48 -19.76 59.96
CA ALA M 145 -0.96 -19.85 59.70
C ALA M 145 -1.40 -21.29 59.53
N GLY M 146 -0.52 -22.16 59.01
CA GLY M 146 -0.83 -23.55 58.71
C GLY M 146 -1.36 -23.81 57.31
N ILE M 147 -1.52 -22.78 56.48
CA ILE M 147 -2.07 -22.97 55.13
C ILE M 147 -1.08 -23.75 54.25
N ILE M 148 0.22 -23.66 54.55
CA ILE M 148 1.25 -24.48 53.90
C ILE M 148 2.07 -25.16 55.01
N GLN M 149 2.39 -26.44 54.83
CA GLN M 149 3.24 -27.18 55.79
C GLN M 149 4.66 -27.41 55.28
N SER M 150 4.85 -27.84 54.02
CA SER M 150 6.17 -28.14 53.51
C SER M 150 6.75 -26.91 52.80
N SER M 151 8.06 -26.76 52.88
CA SER M 151 8.77 -25.64 52.29
C SER M 151 8.70 -25.64 50.77
N GLU M 152 8.63 -26.82 50.15
CA GLU M 152 8.60 -26.86 48.69
C GLU M 152 7.33 -26.24 48.15
N ASP M 153 6.21 -26.34 48.87
CA ASP M 153 4.99 -25.67 48.45
C ASP M 153 5.16 -24.16 48.49
N CYS M 154 5.91 -23.65 49.46
CA CYS M 154 6.23 -22.21 49.51
C CYS M 154 7.04 -21.80 48.29
N GLU M 155 7.95 -22.66 47.84
CA GLU M 155 8.72 -22.38 46.63
C GLU M 155 7.82 -22.36 45.41
N GLU M 156 6.77 -23.19 45.41
CA GLU M 156 5.84 -23.21 44.28
C GLU M 156 5.13 -21.87 44.14
N THR M 157 4.91 -21.17 45.26
CA THR M 157 4.32 -19.83 45.18
C THR M 157 5.18 -18.91 44.33
N PHE M 158 6.51 -18.96 44.51
CA PHE M 158 7.41 -18.14 43.72
C PHE M 158 7.45 -18.58 42.27
N ARG M 159 7.31 -19.88 42.00
CA ARG M 159 7.30 -20.31 40.61
C ARG M 159 6.07 -19.77 39.87
N VAL M 160 4.93 -19.74 40.56
CA VAL M 160 3.69 -19.29 39.93
C VAL M 160 3.70 -17.78 39.73
N CYS M 161 4.33 -17.03 40.64
CA CYS M 161 4.42 -15.58 40.49
C CYS M 161 5.56 -15.12 39.59
N ASP M 162 6.33 -16.04 39.02
CA ASP M 162 7.45 -15.72 38.14
C ASP M 162 8.50 -14.87 38.86
N ILE M 163 8.79 -15.21 40.11
CA ILE M 163 9.82 -14.54 40.89
C ILE M 163 10.84 -15.60 41.31
N ASP M 164 12.13 -15.28 41.18
CA ASP M 164 13.13 -16.24 41.63
C ASP M 164 13.12 -16.34 43.15
N GLU M 165 13.63 -17.47 43.66
CA GLU M 165 13.58 -17.70 45.10
C GLU M 165 14.45 -16.74 45.89
N SER M 166 15.46 -16.15 45.26
CA SER M 166 16.28 -15.15 45.92
C SER M 166 15.66 -13.76 45.85
N GLY M 167 14.59 -13.59 45.08
CA GLY M 167 13.92 -12.32 44.96
C GLY M 167 12.79 -12.20 45.96
N GLN M 168 12.09 -11.09 45.89
CA GLN M 168 10.98 -10.82 46.77
C GLN M 168 9.64 -10.93 46.05
N LEU M 169 8.58 -11.07 46.83
CA LEU M 169 7.23 -11.20 46.28
C LEU M 169 6.49 -9.93 46.68
N ASP M 170 6.05 -9.16 45.69
CA ASP M 170 5.40 -7.90 45.97
C ASP M 170 3.89 -8.10 46.05
N VAL M 171 3.23 -7.17 46.74
CA VAL M 171 1.77 -7.29 46.90
C VAL M 171 1.11 -7.22 45.54
N ASP M 172 1.69 -6.47 44.61
CA ASP M 172 1.08 -6.30 43.29
C ASP M 172 0.97 -7.63 42.55
N GLU M 173 2.06 -8.39 42.47
CA GLU M 173 1.96 -9.66 41.76
C GLU M 173 1.13 -10.68 42.53
N MET M 174 1.26 -10.70 43.87
CA MET M 174 0.51 -11.65 44.69
C MET M 174 -0.98 -11.39 44.63
N THR M 175 -1.39 -10.11 44.59
CA THR M 175 -2.81 -9.81 44.48
C THR M 175 -3.40 -10.43 43.22
N ARG M 176 -2.67 -10.32 42.11
CA ARG M 176 -3.15 -10.89 40.86
C ARG M 176 -3.33 -12.41 40.97
N GLN M 177 -2.34 -13.10 41.53
CA GLN M 177 -2.45 -14.55 41.63
C GLN M 177 -3.56 -14.94 42.61
N HIS M 178 -3.71 -14.18 43.69
CA HIS M 178 -4.72 -14.53 44.68
C HIS M 178 -6.13 -14.31 44.13
N LEU M 179 -6.35 -13.21 43.40
CA LEU M 179 -7.65 -13.01 42.80
C LEU M 179 -7.99 -14.17 41.88
N GLY M 180 -7.01 -14.61 41.10
CA GLY M 180 -7.25 -15.72 40.21
C GLY M 180 -7.38 -17.04 40.93
N PHE M 181 -6.71 -17.18 42.08
CA PHE M 181 -6.72 -18.47 42.78
C PHE M 181 -8.01 -18.65 43.58
N TRP M 182 -8.45 -17.62 44.28
CA TRP M 182 -9.62 -17.72 45.15
C TRP M 182 -10.94 -17.34 44.47
N TYR M 183 -10.92 -16.46 43.47
CA TYR M 183 -12.16 -15.90 42.95
C TYR M 183 -12.55 -16.43 41.58
N THR M 184 -11.62 -16.52 40.64
CA THR M 184 -11.99 -16.77 39.24
C THR M 184 -11.57 -18.12 38.70
N MET M 185 -10.79 -18.92 39.45
CA MET M 185 -10.26 -20.19 38.95
C MET M 185 -9.43 -19.99 37.68
N ASP M 186 -8.67 -18.91 37.65
CA ASP M 186 -7.77 -18.62 36.55
C ASP M 186 -6.73 -19.73 36.42
N PRO M 187 -6.65 -20.40 35.27
CA PRO M 187 -5.71 -21.53 35.12
C PRO M 187 -4.26 -21.13 35.34
N ALA M 188 -3.92 -19.87 35.13
CA ALA M 188 -2.57 -19.41 35.36
C ALA M 188 -2.20 -19.36 36.84
N CYS M 189 -3.17 -19.48 37.75
CA CYS M 189 -2.88 -19.36 39.16
C CYS M 189 -2.85 -20.70 39.89
N GLU M 190 -2.97 -21.81 39.15
CA GLU M 190 -2.92 -23.12 39.78
C GLU M 190 -1.58 -23.31 40.46
N LYS M 191 -1.56 -24.18 41.47
CA LYS M 191 -0.39 -24.51 42.29
C LYS M 191 0.14 -23.29 43.04
N LEU M 192 -0.68 -22.26 43.28
CA LEU M 192 -0.20 -21.06 43.97
C LEU M 192 0.34 -21.39 45.35
N TYR M 193 -0.26 -22.39 46.01
CA TYR M 193 0.22 -22.92 47.27
C TYR M 193 0.81 -24.31 47.11
N GLY M 194 1.31 -24.66 45.92
CA GLY M 194 1.86 -25.98 45.72
C GLY M 194 0.80 -27.05 45.90
N GLY M 195 1.14 -28.11 46.64
CA GLY M 195 0.17 -29.15 46.94
C GLY M 195 -0.64 -28.93 48.20
N ALA M 196 -0.45 -27.81 48.90
CA ALA M 196 -1.13 -27.61 50.17
C ALA M 196 -2.61 -27.30 49.99
N VAL M 197 -2.99 -26.65 48.89
CA VAL M 197 -4.38 -26.28 48.66
C VAL M 197 -4.82 -26.78 47.28
N PRO M 198 -5.91 -27.55 47.19
CA PRO M 198 -6.39 -27.97 45.88
C PRO M 198 -6.83 -26.75 45.09
N HIS N 8 -19.86 -12.22 34.22
CA HIS N 8 -18.80 -11.45 33.56
C HIS N 8 -18.78 -10.01 34.06
N HIS N 9 -17.63 -9.58 34.58
CA HIS N 9 -17.48 -8.26 35.16
C HIS N 9 -16.63 -7.31 34.32
N GLY N 10 -16.02 -7.78 33.25
CA GLY N 10 -15.20 -6.93 32.40
C GLY N 10 -14.28 -7.76 31.53
N LYS N 11 -13.32 -7.06 30.91
CA LYS N 11 -12.44 -7.63 29.89
C LYS N 11 -10.98 -7.29 30.18
N LEU N 12 -10.10 -8.27 30.07
CA LEU N 12 -8.68 -8.09 30.35
C LEU N 12 -7.76 -8.47 29.20
N THR N 13 -8.29 -8.70 28.01
CA THR N 13 -7.48 -9.13 26.88
C THR N 13 -7.47 -8.01 25.85
N SER N 14 -6.30 -7.76 25.26
CA SER N 14 -6.20 -6.69 24.28
C SER N 14 -6.76 -7.14 22.93
N ASP N 15 -6.94 -6.17 22.04
CA ASP N 15 -7.56 -6.40 20.75
C ASP N 15 -6.92 -5.45 19.73
N PHE N 16 -5.59 -5.46 19.66
CA PHE N 16 -4.88 -4.44 18.93
C PHE N 16 -5.03 -4.57 17.42
N ASP N 17 -5.42 -5.74 16.92
CA ASP N 17 -5.66 -5.95 15.51
C ASP N 17 -7.10 -5.65 15.10
N ASN N 18 -7.93 -5.25 16.06
CA ASN N 18 -9.30 -4.83 15.74
C ASN N 18 -9.26 -3.54 14.94
N PRO N 19 -9.82 -3.49 13.73
CA PRO N 19 -9.85 -2.22 12.97
C PRO N 19 -10.59 -1.12 13.70
N ARG N 20 -11.54 -1.45 14.56
CA ARG N 20 -12.26 -0.42 15.28
C ARG N 20 -11.41 0.19 16.40
N TRP N 21 -10.43 -0.55 16.92
CA TRP N 21 -9.52 0.02 17.90
C TRP N 21 -8.52 0.96 17.23
N ILE N 22 -7.96 0.52 16.10
CA ILE N 22 -7.01 1.35 15.39
C ILE N 22 -7.68 2.65 14.92
N GLY N 23 -8.90 2.54 14.42
CA GLY N 23 -9.60 3.73 13.96
C GLY N 23 -10.05 4.62 15.10
N ARG N 24 -10.30 4.05 16.27
CA ARG N 24 -10.69 4.85 17.42
C ARG N 24 -9.56 5.79 17.83
N HIS N 25 -8.34 5.27 17.89
CA HIS N 25 -7.21 6.12 18.23
C HIS N 25 -6.71 6.98 17.08
N LYS N 26 -6.99 6.62 15.82
CA LYS N 26 -6.66 7.54 14.74
C LYS N 26 -7.57 8.76 14.80
N HIS N 27 -8.86 8.56 15.11
CA HIS N 27 -9.75 9.70 15.35
C HIS N 27 -9.18 10.61 16.42
N MET N 28 -8.67 10.03 17.53
CA MET N 28 -8.11 10.86 18.58
C MET N 28 -6.84 11.56 18.13
N PHE N 29 -6.01 10.86 17.34
CA PHE N 29 -4.79 11.47 16.82
C PHE N 29 -5.12 12.69 15.98
N ASN N 30 -6.10 12.57 15.08
CA ASN N 30 -6.50 13.71 14.25
C ASN N 30 -7.10 14.82 15.10
N PHE N 31 -7.84 14.45 16.16
CA PHE N 31 -8.41 15.44 17.07
C PHE N 31 -7.32 16.21 17.81
N LEU N 32 -6.23 15.54 18.17
CA LEU N 32 -5.14 16.17 18.90
C LEU N 32 -4.23 16.97 17.98
N ASP N 33 -4.18 16.59 16.70
CA ASP N 33 -3.35 17.24 15.69
C ASP N 33 -4.12 18.43 15.09
N VAL N 34 -4.29 19.47 15.92
CA VAL N 34 -5.15 20.59 15.57
C VAL N 34 -4.63 21.40 14.39
N ASN N 35 -3.32 21.35 14.10
CA ASN N 35 -2.75 22.05 12.96
C ASN N 35 -2.49 21.14 11.77
N HIS N 36 -2.97 19.90 11.82
CA HIS N 36 -2.86 18.94 10.73
C HIS N 36 -1.39 18.77 10.29
N ASN N 37 -0.49 18.65 11.28
CA ASN N 37 0.92 18.42 10.99
C ASN N 37 1.28 16.94 10.80
N GLY N 38 0.35 16.02 11.03
CA GLY N 38 0.69 14.60 11.00
C GLY N 38 1.57 14.13 12.13
N LYS N 39 1.83 14.98 13.11
CA LYS N 39 2.67 14.60 14.23
C LYS N 39 2.29 15.47 15.42
N ILE N 40 2.42 14.91 16.62
CA ILE N 40 2.13 15.62 17.86
C ILE N 40 3.24 15.32 18.85
N SER N 41 3.36 16.19 19.84
CA SER N 41 4.42 16.10 20.85
C SER N 41 3.80 16.08 22.24
N LEU N 42 4.57 15.54 23.18
CA LEU N 42 4.14 15.55 24.58
C LEU N 42 3.97 16.96 25.09
N ASP N 43 4.80 17.89 24.61
CA ASP N 43 4.68 19.29 25.02
C ASP N 43 3.27 19.80 24.75
N GLU N 44 2.73 19.48 23.57
CA GLU N 44 1.40 19.96 23.22
C GLU N 44 0.32 19.31 24.08
N MET N 45 0.44 17.99 24.33
CA MET N 45 -0.56 17.28 25.13
C MET N 45 -0.62 17.84 26.55
N VAL N 46 0.54 18.02 27.18
CA VAL N 46 0.54 18.56 28.53
C VAL N 46 0.13 20.03 28.51
N TYR N 47 0.48 20.77 27.46
CA TYR N 47 -0.01 22.15 27.36
C TYR N 47 -1.52 22.16 27.27
N LYS N 48 -2.08 21.32 26.39
CA LYS N 48 -3.53 21.24 26.24
C LYS N 48 -4.20 20.90 27.55
N ALA N 49 -3.66 19.90 28.26
CA ALA N 49 -4.28 19.45 29.51
C ALA N 49 -4.36 20.57 30.52
N SER N 50 -3.24 21.28 30.71
CA SER N 50 -3.20 22.34 31.71
C SER N 50 -3.97 23.57 31.25
N ASP N 51 -3.96 23.87 29.95
CA ASP N 51 -4.76 24.99 29.46
C ASP N 51 -6.23 24.78 29.80
N ILE N 52 -6.75 23.58 29.54
CA ILE N 52 -8.16 23.29 29.82
C ILE N 52 -8.47 23.49 31.31
N VAL N 53 -7.68 22.87 32.19
CA VAL N 53 -8.06 22.88 33.61
C VAL N 53 -7.80 24.24 34.23
N ILE N 54 -6.74 24.93 33.83
CA ILE N 54 -6.46 26.24 34.41
C ILE N 54 -7.38 27.31 33.80
N ASN N 55 -7.44 27.36 32.46
CA ASN N 55 -8.10 28.48 31.79
C ASN N 55 -9.59 28.26 31.53
N ASN N 56 -10.09 27.04 31.61
CA ASN N 56 -11.51 26.77 31.40
C ASN N 56 -12.22 26.20 32.63
N LEU N 57 -11.51 25.52 33.53
CA LEU N 57 -12.15 24.82 34.64
C LEU N 57 -11.71 25.33 36.00
N GLY N 58 -10.95 26.42 36.07
CA GLY N 58 -10.66 27.06 37.35
C GLY N 58 -9.88 26.20 38.33
N ALA N 59 -8.91 25.44 37.84
CA ALA N 59 -8.11 24.61 38.70
C ALA N 59 -7.09 25.45 39.48
N THR N 60 -6.81 25.04 40.72
CA THR N 60 -5.72 25.67 41.47
C THR N 60 -4.40 25.17 40.91
N PRO N 61 -3.30 25.88 41.18
CA PRO N 61 -2.00 25.42 40.64
C PRO N 61 -1.62 24.00 41.05
N GLU N 62 -1.96 23.59 42.27
CA GLU N 62 -1.67 22.23 42.75
C GLU N 62 -2.52 21.19 42.04
N GLN N 63 -3.81 21.49 41.87
CA GLN N 63 -4.66 20.61 41.07
C GLN N 63 -4.13 20.46 39.66
N ALA N 64 -3.66 21.58 39.07
CA ALA N 64 -3.12 21.54 37.72
C ALA N 64 -1.82 20.76 37.66
N LYS N 65 -0.95 20.91 38.66
CA LYS N 65 0.29 20.12 38.71
C LYS N 65 -0.03 18.63 38.83
N ARG N 66 -0.96 18.27 39.73
CA ARG N 66 -1.40 16.88 39.85
C ARG N 66 -2.01 16.40 38.52
N HIS N 67 -2.88 17.22 37.93
CA HIS N 67 -3.47 16.84 36.65
C HIS N 67 -2.40 16.73 35.57
N LYS N 68 -1.44 17.66 35.56
CA LYS N 68 -0.37 17.64 34.55
C LYS N 68 0.49 16.39 34.64
N ASP N 69 0.89 16.01 35.86
CA ASP N 69 1.68 14.80 36.03
C ASP N 69 0.92 13.58 35.54
N ALA N 70 -0.39 13.54 35.80
CA ALA N 70 -1.18 12.39 35.35
C ALA N 70 -1.22 12.33 33.83
N VAL N 71 -1.46 13.47 33.18
CA VAL N 71 -1.51 13.49 31.72
C VAL N 71 -0.13 13.17 31.16
N GLU N 72 0.91 13.71 31.78
CA GLU N 72 2.28 13.43 31.36
C GLU N 72 2.56 11.93 31.37
N ALA N 73 2.19 11.25 32.46
CA ALA N 73 2.45 9.81 32.55
C ALA N 73 1.63 9.05 31.52
N PHE N 74 0.40 9.50 31.27
CA PHE N 74 -0.47 8.81 30.33
C PHE N 74 0.14 8.82 28.92
N PHE N 75 0.38 10.03 28.37
CA PHE N 75 0.93 10.10 27.03
C PHE N 75 2.39 9.69 26.99
N GLY N 76 3.13 9.87 28.09
CA GLY N 76 4.46 9.30 28.15
C GLY N 76 4.42 7.79 28.08
N GLY N 77 3.41 7.18 28.73
CA GLY N 77 3.24 5.74 28.63
C GLY N 77 2.92 5.26 27.23
N ALA N 78 2.46 6.16 26.36
CA ALA N 78 2.27 5.78 24.97
C ALA N 78 3.52 6.06 24.14
N GLY N 79 4.65 6.34 24.79
CA GLY N 79 5.90 6.54 24.10
C GLY N 79 6.21 7.97 23.69
N MET N 80 5.33 8.93 23.98
CA MET N 80 5.59 10.33 23.66
C MET N 80 6.55 10.95 24.66
N LYS N 81 7.39 11.87 24.16
CA LYS N 81 8.44 12.48 24.97
C LYS N 81 8.48 13.97 24.70
N TYR N 82 9.03 14.72 25.66
CA TYR N 82 9.22 16.14 25.48
C TYR N 82 10.27 16.39 24.38
N GLY N 83 9.99 17.37 23.54
CA GLY N 83 10.90 17.70 22.45
C GLY N 83 10.93 16.72 21.31
N VAL N 84 10.02 15.74 21.27
CA VAL N 84 9.95 14.76 20.19
C VAL N 84 8.57 14.83 19.55
N GLU N 85 8.53 14.73 18.22
CA GLU N 85 7.29 14.70 17.47
C GLU N 85 6.89 13.26 17.16
N THR N 86 5.67 12.89 17.53
CA THR N 86 5.19 11.53 17.36
C THR N 86 4.23 11.52 16.18
N ASP N 87 4.59 10.80 15.13
CA ASP N 87 3.75 10.64 13.96
C ASP N 87 2.74 9.52 14.20
N TRP N 88 1.85 9.32 13.24
CA TRP N 88 0.77 8.34 13.43
C TRP N 88 1.29 6.92 13.60
N PRO N 89 2.20 6.41 12.76
CA PRO N 89 2.74 5.07 13.02
C PRO N 89 3.47 4.93 14.36
N ALA N 90 4.24 5.94 14.76
CA ALA N 90 4.86 5.91 16.09
C ALA N 90 3.82 6.04 17.19
N TYR N 91 2.72 6.74 16.92
CA TYR N 91 1.69 6.93 17.93
C TYR N 91 0.93 5.64 18.21
N ILE N 92 0.46 4.97 17.16
CA ILE N 92 -0.38 3.80 17.38
C ILE N 92 0.41 2.63 17.94
N GLU N 93 1.69 2.51 17.59
CA GLU N 93 2.50 1.47 18.21
C GLU N 93 2.72 1.77 19.68
N GLY N 94 2.92 3.04 20.01
CA GLY N 94 3.04 3.43 21.40
C GLY N 94 1.76 3.21 22.18
N TRP N 95 0.61 3.30 21.51
CA TRP N 95 -0.65 3.04 22.20
C TRP N 95 -0.84 1.56 22.51
N LYS N 96 -0.27 0.67 21.70
CA LYS N 96 -0.24 -0.75 22.07
C LYS N 96 0.59 -0.95 23.32
N LYS N 97 1.71 -0.25 23.44
CA LYS N 97 2.56 -0.35 24.61
C LYS N 97 1.84 0.22 25.84
N LEU N 98 1.17 1.37 25.67
CA LEU N 98 0.43 1.98 26.78
C LEU N 98 -0.70 1.06 27.26
N ALA N 99 -1.50 0.55 26.33
CA ALA N 99 -2.63 -0.31 26.68
C ALA N 99 -2.18 -1.60 27.36
N THR N 100 -1.03 -2.14 26.95
CA THR N 100 -0.51 -3.35 27.58
C THR N 100 -0.10 -3.08 29.01
N ASP N 101 0.61 -1.98 29.26
CA ASP N 101 1.01 -1.66 30.62
C ASP N 101 -0.20 -1.33 31.49
N GLU N 102 -1.23 -0.72 30.91
CA GLU N 102 -2.43 -0.40 31.68
C GLU N 102 -3.17 -1.68 32.08
N LEU N 103 -3.27 -2.64 31.16
CA LEU N 103 -3.94 -3.89 31.48
C LEU N 103 -3.15 -4.69 32.52
N GLU N 104 -1.83 -4.55 32.54
CA GLU N 104 -1.05 -5.19 33.60
C GLU N 104 -1.37 -4.56 34.95
N LYS N 105 -1.38 -3.23 35.03
CA LYS N 105 -1.78 -2.60 36.27
C LYS N 105 -3.20 -2.97 36.65
N TYR N 106 -4.10 -2.99 35.66
CA TYR N 106 -5.50 -3.35 35.89
C TYR N 106 -5.62 -4.73 36.51
N ALA N 107 -4.92 -5.71 35.92
CA ALA N 107 -5.02 -7.10 36.37
C ALA N 107 -4.35 -7.31 37.73
N LYS N 108 -3.37 -6.48 38.06
CA LYS N 108 -2.72 -6.54 39.36
C LYS N 108 -3.46 -5.73 40.41
N ASN N 109 -4.65 -5.21 40.08
CA ASN N 109 -5.43 -4.40 41.01
C ASN N 109 -4.64 -3.18 41.51
N GLU N 110 -3.74 -2.54 40.55
CA GLU N 110 -3.03 -1.30 40.80
C GLU N 110 -3.77 -0.13 40.17
N PRO N 111 -3.66 1.08 40.73
CA PRO N 111 -4.29 2.24 40.06
C PRO N 111 -3.69 2.41 38.68
N THR N 112 -4.55 2.38 37.67
CA THR N 112 -4.10 2.62 36.31
C THR N 112 -3.84 4.11 36.11
N LEU N 113 -3.02 4.42 35.10
CA LEU N 113 -2.76 5.83 34.78
C LEU N 113 -4.06 6.53 34.41
N ILE N 114 -4.97 5.84 33.73
CA ILE N 114 -6.23 6.47 33.37
C ILE N 114 -7.08 6.76 34.61
N ARG N 115 -7.06 5.87 35.61
CA ARG N 115 -7.77 6.19 36.86
C ARG N 115 -7.14 7.39 37.55
N ILE N 116 -5.80 7.40 37.63
CA ILE N 116 -5.09 8.51 38.25
C ILE N 116 -5.39 9.81 37.54
N TRP N 117 -5.48 9.78 36.21
CA TRP N 117 -5.92 10.96 35.47
C TRP N 117 -7.33 11.33 35.89
N GLY N 118 -8.23 10.35 35.96
CA GLY N 118 -9.59 10.64 36.36
C GLY N 118 -9.69 11.24 37.76
N ASP N 119 -8.91 10.73 38.71
CA ASP N 119 -8.92 11.31 40.04
C ASP N 119 -8.53 12.78 40.00
N ALA N 120 -7.43 13.08 39.31
CA ALA N 120 -6.97 14.47 39.24
C ALA N 120 -8.00 15.35 38.55
N LEU N 121 -8.66 14.81 37.52
CA LEU N 121 -9.63 15.60 36.75
C LEU N 121 -10.93 15.81 37.52
N PHE N 122 -11.44 14.76 38.16
CA PHE N 122 -12.70 14.87 38.89
C PHE N 122 -12.57 15.82 40.08
N ASP N 123 -11.40 15.87 40.73
CA ASP N 123 -11.18 16.82 41.81
C ASP N 123 -11.28 18.26 41.31
N ILE N 124 -10.97 18.49 40.04
CA ILE N 124 -11.12 19.81 39.44
C ILE N 124 -12.55 20.04 38.96
N VAL N 125 -13.12 19.05 38.27
CA VAL N 125 -14.41 19.27 37.60
C VAL N 125 -15.54 19.35 38.62
N ASP N 126 -15.49 18.51 39.65
CA ASP N 126 -16.50 18.50 40.69
C ASP N 126 -16.21 19.62 41.70
N LYS N 127 -17.12 20.59 41.83
CA LYS N 127 -16.86 21.68 42.77
C LYS N 127 -16.99 21.21 44.20
N ASP N 128 -17.84 20.21 44.48
CA ASP N 128 -17.90 19.65 45.82
C ASP N 128 -16.69 18.79 46.12
N GLN N 129 -15.90 18.45 45.10
CA GLN N 129 -14.66 17.69 45.26
C GLN N 129 -14.95 16.34 45.92
N ASN N 130 -16.05 15.72 45.49
CA ASN N 130 -16.51 14.44 45.99
C ASN N 130 -16.13 13.28 45.11
N GLY N 131 -15.36 13.53 44.05
CA GLY N 131 -14.94 12.48 43.15
C GLY N 131 -16.04 11.98 42.23
N ALA N 132 -17.13 12.74 42.10
CA ALA N 132 -18.26 12.39 41.25
C ALA N 132 -18.76 13.65 40.55
N ILE N 133 -19.10 13.53 39.28
CA ILE N 133 -19.43 14.73 38.52
C ILE N 133 -20.88 14.68 38.04
N THR N 134 -21.49 15.87 37.96
CA THR N 134 -22.83 15.95 37.42
C THR N 134 -22.76 15.98 35.89
N LEU N 135 -23.92 15.89 35.27
CA LEU N 135 -23.95 15.93 33.81
C LEU N 135 -23.48 17.28 33.29
N ASP N 136 -23.84 18.37 33.98
CA ASP N 136 -23.36 19.68 33.57
C ASP N 136 -21.84 19.77 33.69
N GLU N 137 -21.28 19.14 34.72
CA GLU N 137 -19.82 19.19 34.88
C GLU N 137 -19.14 18.39 33.78
N TRP N 138 -19.74 17.28 33.35
CA TRP N 138 -19.18 16.50 32.25
C TRP N 138 -19.27 17.26 30.93
N LYS N 139 -20.37 17.98 30.69
CA LYS N 139 -20.48 18.80 29.49
C LYS N 139 -19.40 19.88 29.48
N ALA N 140 -19.18 20.53 30.63
CA ALA N 140 -18.22 21.61 30.68
C ALA N 140 -16.83 21.10 30.34
N TYR N 141 -16.45 19.93 30.86
CA TYR N 141 -15.12 19.40 30.60
C TYR N 141 -14.97 18.98 29.15
N THR N 142 -15.85 18.11 28.67
CA THR N 142 -15.66 17.53 27.35
C THR N 142 -15.79 18.58 26.27
N LYS N 143 -16.62 19.60 26.50
CA LYS N 143 -16.72 20.68 25.53
C LYS N 143 -15.51 21.60 25.58
N ALA N 144 -14.93 21.81 26.77
CA ALA N 144 -13.69 22.60 26.83
C ALA N 144 -12.55 21.87 26.16
N ALA N 145 -12.44 20.56 26.41
CA ALA N 145 -11.41 19.76 25.75
C ALA N 145 -11.70 19.59 24.27
N GLY N 146 -12.98 19.64 23.88
CA GLY N 146 -13.38 19.41 22.51
C GLY N 146 -13.61 17.97 22.12
N ILE N 147 -13.41 17.01 23.04
CA ILE N 147 -13.59 15.61 22.67
C ILE N 147 -15.05 15.31 22.37
N ILE N 148 -15.97 16.05 22.99
CA ILE N 148 -17.39 15.98 22.70
C ILE N 148 -17.88 17.38 22.38
N GLN N 149 -18.71 17.52 21.34
CA GLN N 149 -19.29 18.80 20.95
C GLN N 149 -20.76 18.94 21.35
N SER N 150 -21.58 17.92 21.09
CA SER N 150 -23.03 18.02 21.32
C SER N 150 -23.40 17.53 22.71
N SER N 151 -24.40 18.20 23.31
CA SER N 151 -24.82 17.87 24.67
C SER N 151 -25.43 16.48 24.77
N GLU N 152 -26.10 16.01 23.72
CA GLU N 152 -26.73 14.70 23.81
C GLU N 152 -25.70 13.58 23.89
N ASP N 153 -24.53 13.76 23.26
CA ASP N 153 -23.47 12.76 23.44
C ASP N 153 -22.96 12.76 24.88
N CYS N 154 -22.92 13.91 25.53
CA CYS N 154 -22.59 13.93 26.94
C CYS N 154 -23.62 13.14 27.74
N GLU N 155 -24.90 13.24 27.36
CA GLU N 155 -25.96 12.45 27.98
C GLU N 155 -25.80 10.97 27.65
N GLU N 156 -25.26 10.66 26.46
CA GLU N 156 -25.02 9.28 26.06
C GLU N 156 -23.98 8.61 26.96
N THR N 157 -23.02 9.38 27.47
CA THR N 157 -22.07 8.82 28.43
C THR N 157 -22.79 8.31 29.68
N PHE N 158 -23.76 9.10 30.18
CA PHE N 158 -24.48 8.71 31.38
C PHE N 158 -25.36 7.48 31.14
N ARG N 159 -25.87 7.30 29.93
CA ARG N 159 -26.63 6.09 29.63
C ARG N 159 -25.73 4.86 29.65
N VAL N 160 -24.52 4.98 29.10
CA VAL N 160 -23.63 3.83 29.04
C VAL N 160 -23.16 3.47 30.45
N CYS N 161 -22.99 4.45 31.33
CA CYS N 161 -22.60 4.15 32.70
C CYS N 161 -23.80 3.78 33.58
N ASP N 162 -24.99 3.66 32.99
CA ASP N 162 -26.26 3.38 33.69
C ASP N 162 -26.42 4.23 34.94
N ILE N 163 -26.51 5.53 34.68
CA ILE N 163 -26.75 6.54 35.70
C ILE N 163 -27.73 7.56 35.14
N ASP N 164 -28.71 7.98 35.94
CA ASP N 164 -29.63 9.02 35.51
C ASP N 164 -28.90 10.35 35.38
N GLU N 165 -29.47 11.23 34.54
CA GLU N 165 -28.85 12.52 34.27
C GLU N 165 -28.81 13.42 35.49
N SER N 166 -29.69 13.20 36.47
CA SER N 166 -29.64 13.92 37.75
C SER N 166 -28.69 13.29 38.75
N GLY N 167 -28.21 12.07 38.47
CA GLY N 167 -27.31 11.38 39.36
C GLY N 167 -25.85 11.71 39.07
N GLN N 168 -25.04 11.80 40.11
CA GLN N 168 -23.65 12.15 39.90
C GLN N 168 -22.88 10.90 39.53
N LEU N 169 -21.77 11.10 38.84
CA LEU N 169 -20.99 10.04 38.21
C LEU N 169 -19.57 9.98 38.76
N ASP N 170 -19.20 8.82 39.30
CA ASP N 170 -17.92 8.60 40.00
C ASP N 170 -16.83 8.04 39.10
N VAL N 171 -15.58 8.19 39.56
CA VAL N 171 -14.41 7.71 38.83
C VAL N 171 -14.44 6.20 38.70
N ASP N 172 -14.99 5.50 39.68
CA ASP N 172 -14.93 4.03 39.68
C ASP N 172 -15.63 3.44 38.46
N GLU N 173 -16.88 3.86 38.23
CA GLU N 173 -17.61 3.36 37.07
C GLU N 173 -17.03 3.89 35.76
N MET N 174 -16.58 5.14 35.75
CA MET N 174 -16.03 5.68 34.52
C MET N 174 -14.78 4.94 34.13
N THR N 175 -13.93 4.61 35.12
CA THR N 175 -12.70 3.88 34.83
C THR N 175 -13.02 2.55 34.16
N ARG N 176 -14.03 1.84 34.66
CA ARG N 176 -14.39 0.58 34.02
C ARG N 176 -14.74 0.83 32.56
N GLN N 177 -15.53 1.86 32.29
CA GLN N 177 -15.93 2.12 30.91
C GLN N 177 -14.75 2.56 30.05
N HIS N 178 -13.86 3.40 30.61
CA HIS N 178 -12.74 3.90 29.83
C HIS N 178 -11.73 2.81 29.52
N LEU N 179 -11.51 1.89 30.46
CA LEU N 179 -10.66 0.77 30.15
C LEU N 179 -11.21 -0.05 28.99
N GLY N 180 -12.52 -0.32 29.01
CA GLY N 180 -13.10 -1.09 27.93
C GLY N 180 -13.17 -0.31 26.63
N PHE N 181 -13.30 1.02 26.71
CA PHE N 181 -13.44 1.82 25.50
C PHE N 181 -12.09 2.01 24.82
N TRP N 182 -11.05 2.33 25.59
CA TRP N 182 -9.76 2.69 25.00
C TRP N 182 -8.80 1.52 24.84
N TYR N 183 -8.91 0.48 25.68
CA TYR N 183 -7.90 -0.57 25.73
C TYR N 183 -8.36 -1.90 25.15
N THR N 184 -9.58 -2.34 25.45
CA THR N 184 -10.00 -3.72 25.16
C THR N 184 -11.12 -3.85 24.14
N MET N 185 -11.72 -2.75 23.72
CA MET N 185 -12.88 -2.81 22.82
C MET N 185 -14.01 -3.61 23.46
N ASP N 186 -14.21 -3.42 24.76
CA ASP N 186 -15.31 -4.08 25.44
C ASP N 186 -16.62 -3.63 24.81
N PRO N 187 -17.41 -4.54 24.25
CA PRO N 187 -18.66 -4.12 23.59
C PRO N 187 -19.63 -3.41 24.51
N ALA N 188 -19.55 -3.66 25.82
CA ALA N 188 -20.43 -3.00 26.77
C ALA N 188 -20.11 -1.53 26.94
N CYS N 189 -18.95 -1.07 26.45
CA CYS N 189 -18.53 0.30 26.61
C CYS N 189 -18.71 1.14 25.36
N GLU N 190 -19.36 0.59 24.32
CA GLU N 190 -19.57 1.34 23.10
C GLU N 190 -20.42 2.58 23.34
N LYS N 191 -20.20 3.60 22.51
CA LYS N 191 -20.92 4.88 22.57
C LYS N 191 -20.70 5.59 23.91
N LEU N 192 -19.57 5.30 24.57
CA LEU N 192 -19.22 5.98 25.80
C LEU N 192 -19.14 7.48 25.59
N TYR N 193 -18.72 7.92 24.39
CA TYR N 193 -18.77 9.33 24.02
C TYR N 193 -19.85 9.60 22.98
N GLY N 194 -20.86 8.74 22.89
CA GLY N 194 -21.88 8.92 21.87
C GLY N 194 -21.29 8.77 20.48
N GLY N 195 -21.70 9.68 19.58
CA GLY N 195 -21.13 9.65 18.25
C GLY N 195 -19.89 10.48 18.06
N ALA N 196 -19.41 11.13 19.11
CA ALA N 196 -18.25 12.01 19.00
C ALA N 196 -16.96 11.21 18.77
N VAL N 197 -16.89 9.98 19.28
CA VAL N 197 -15.70 9.15 19.09
C VAL N 197 -16.14 7.80 18.57
N PRO N 198 -15.57 7.29 17.47
CA PRO N 198 -15.95 5.99 16.90
C PRO N 198 -15.59 4.82 17.81
N HIS O 8 -6.55 64.72 18.48
CA HIS O 8 -6.04 63.57 19.23
C HIS O 8 -6.79 62.29 18.85
N HIS O 9 -6.21 61.48 17.98
CA HIS O 9 -6.88 60.29 17.48
C HIS O 9 -6.24 58.98 17.90
N GLY O 10 -5.04 59.02 18.47
CA GLY O 10 -4.35 57.81 18.87
C GLY O 10 -2.94 58.13 19.32
N LYS O 11 -2.15 57.07 19.47
CA LYS O 11 -0.78 57.20 19.96
C LYS O 11 0.12 56.34 19.08
N LEU O 12 1.26 56.90 18.67
CA LEU O 12 2.19 56.20 17.79
C LEU O 12 3.56 56.03 18.42
N THR O 13 3.71 56.32 19.70
CA THR O 13 4.99 56.25 20.38
C THR O 13 4.96 55.12 21.40
N SER O 14 6.05 54.35 21.44
CA SER O 14 6.24 53.22 22.35
C SER O 14 6.69 53.70 23.73
N ASP O 15 6.68 52.77 24.68
CA ASP O 15 6.99 53.06 26.08
C ASP O 15 7.63 51.83 26.74
N PHE O 16 8.72 51.31 26.17
CA PHE O 16 9.25 50.02 26.57
C PHE O 16 9.91 50.02 27.95
N ASP O 17 10.27 51.19 28.47
CA ASP O 17 10.80 51.32 29.82
C ASP O 17 9.72 51.56 30.86
N ASN O 18 8.45 51.67 30.44
CA ASN O 18 7.33 51.80 31.37
C ASN O 18 7.18 50.53 32.20
N PRO O 19 7.27 50.61 33.53
CA PRO O 19 7.02 49.42 34.36
C PRO O 19 5.62 48.88 34.19
N ARG O 20 4.70 49.64 33.62
CA ARG O 20 3.40 49.05 33.38
C ARG O 20 3.31 48.21 32.10
N TRP O 21 4.19 48.43 31.12
CA TRP O 21 4.16 47.67 29.87
C TRP O 21 4.75 46.25 29.99
N ILE O 22 5.96 46.14 30.55
CA ILE O 22 6.57 44.83 30.69
C ILE O 22 5.76 43.93 31.67
N GLY O 23 5.18 44.53 32.72
CA GLY O 23 4.34 43.78 33.62
C GLY O 23 3.04 43.37 32.97
N ARG O 24 2.55 44.14 32.00
CA ARG O 24 1.37 43.68 31.27
C ARG O 24 1.71 42.41 30.50
N HIS O 25 2.86 42.43 29.83
CA HIS O 25 3.36 41.27 29.10
C HIS O 25 3.95 40.22 30.04
N LYS O 26 4.33 40.57 31.26
CA LYS O 26 4.73 39.53 32.20
C LYS O 26 3.52 38.71 32.62
N HIS O 27 2.40 39.39 32.89
CA HIS O 27 1.15 38.70 33.17
C HIS O 27 0.79 37.75 32.04
N MET O 28 0.89 38.23 30.79
CA MET O 28 0.55 37.39 29.65
C MET O 28 1.53 36.25 29.50
N PHE O 29 2.81 36.52 29.76
CA PHE O 29 3.77 35.42 29.75
C PHE O 29 3.37 34.35 30.76
N ASN O 30 3.00 34.76 31.96
CA ASN O 30 2.58 33.79 32.98
C ASN O 30 1.29 33.09 32.59
N PHE O 31 0.34 33.82 31.98
CA PHE O 31 -0.91 33.20 31.54
C PHE O 31 -0.65 32.13 30.49
N LEU O 32 0.29 32.37 29.58
CA LEU O 32 0.62 31.42 28.52
C LEU O 32 1.49 30.27 29.03
N ASP O 33 2.25 30.50 30.10
CA ASP O 33 3.14 29.50 30.68
C ASP O 33 2.32 28.60 31.63
N VAL O 34 1.43 27.79 31.02
CA VAL O 34 0.44 27.06 31.81
C VAL O 34 1.09 25.99 32.69
N ASN O 35 2.25 25.48 32.31
CA ASN O 35 2.93 24.47 33.09
C ASN O 35 4.06 25.04 33.95
N HIS O 36 4.17 26.37 34.02
CA HIS O 36 5.16 27.04 34.86
C HIS O 36 6.55 26.51 34.59
N ASN O 37 6.89 26.36 33.29
CA ASN O 37 8.22 25.95 32.87
C ASN O 37 9.18 27.14 32.76
N GLY O 38 8.69 28.36 32.91
CA GLY O 38 9.50 29.53 32.66
C GLY O 38 9.88 29.74 31.21
N LYS O 39 9.35 28.94 30.30
CA LYS O 39 9.63 29.11 28.88
C LYS O 39 8.49 28.51 28.05
N ILE O 40 8.22 29.15 26.91
CA ILE O 40 7.13 28.75 26.02
C ILE O 40 7.66 28.68 24.60
N SER O 41 6.94 27.94 23.76
CA SER O 41 7.37 27.72 22.39
C SER O 41 6.32 28.20 21.40
N LEU O 42 6.77 28.50 20.18
CA LEU O 42 5.83 28.83 19.13
C LEU O 42 4.91 27.64 18.85
N ASP O 43 5.42 26.42 19.03
CA ASP O 43 4.58 25.24 18.89
C ASP O 43 3.38 25.34 19.81
N GLU O 44 3.59 25.77 21.06
CA GLU O 44 2.51 25.85 22.03
C GLU O 44 1.52 26.96 21.68
N MET O 45 2.01 28.13 21.25
CA MET O 45 1.12 29.26 20.96
C MET O 45 0.17 28.94 19.83
N VAL O 46 0.70 28.37 18.73
CA VAL O 46 -0.17 28.02 17.61
C VAL O 46 -1.02 26.80 17.97
N TYR O 47 -0.53 25.90 18.84
CA TYR O 47 -1.40 24.82 19.30
C TYR O 47 -2.60 25.39 20.03
N LYS O 48 -2.35 26.29 20.99
CA LYS O 48 -3.44 26.91 21.73
C LYS O 48 -4.43 27.63 20.80
N ALA O 49 -3.91 28.38 19.83
CA ALA O 49 -4.78 29.14 18.93
C ALA O 49 -5.70 28.22 18.12
N SER O 50 -5.15 27.16 17.53
CA SER O 50 -5.99 26.29 16.73
C SER O 50 -6.90 25.44 17.60
N ASP O 51 -6.43 25.04 18.79
CA ASP O 51 -7.28 24.30 19.72
C ASP O 51 -8.52 25.12 20.06
N ILE O 52 -8.34 26.41 20.36
CA ILE O 52 -9.48 27.25 20.71
C ILE O 52 -10.47 27.33 19.56
N VAL O 53 -10.00 27.67 18.35
CA VAL O 53 -10.95 27.97 17.28
C VAL O 53 -11.57 26.70 16.70
N ILE O 54 -10.83 25.61 16.62
CA ILE O 54 -11.41 24.39 16.06
C ILE O 54 -12.31 23.69 17.08
N ASN O 55 -11.81 23.47 18.29
CA ASN O 55 -12.52 22.64 19.26
C ASN O 55 -13.51 23.38 20.12
N ASN O 56 -13.44 24.70 20.21
CA ASN O 56 -14.39 25.45 21.01
C ASN O 56 -15.26 26.40 20.20
N LEU O 57 -14.80 26.86 19.02
CA LEU O 57 -15.50 27.91 18.29
C LEU O 57 -16.00 27.49 16.91
N GLY O 58 -15.87 26.22 16.55
CA GLY O 58 -16.43 25.73 15.31
C GLY O 58 -15.79 26.30 14.05
N ALA O 59 -14.47 26.47 14.05
CA ALA O 59 -13.81 27.00 12.87
C ALA O 59 -13.75 25.92 11.80
N THR O 60 -13.88 26.34 10.54
CA THR O 60 -13.64 25.43 9.45
C THR O 60 -12.14 25.22 9.31
N PRO O 61 -11.72 24.13 8.66
CA PRO O 61 -10.27 23.94 8.48
C PRO O 61 -9.59 25.12 7.80
N GLU O 62 -10.29 25.75 6.84
CA GLU O 62 -9.75 26.92 6.15
C GLU O 62 -9.61 28.10 7.10
N GLN O 63 -10.65 28.39 7.87
CA GLN O 63 -10.59 29.45 8.87
C GLN O 63 -9.47 29.21 9.88
N ALA O 64 -9.30 27.96 10.32
CA ALA O 64 -8.26 27.67 11.31
C ALA O 64 -6.87 27.88 10.72
N LYS O 65 -6.67 27.49 9.46
CA LYS O 65 -5.39 27.73 8.78
C LYS O 65 -5.09 29.22 8.69
N ARG O 66 -6.07 30.02 8.28
CA ARG O 66 -5.87 31.45 8.22
C ARG O 66 -5.56 32.02 9.59
N HIS O 67 -6.32 31.60 10.61
CA HIS O 67 -6.10 32.09 11.96
C HIS O 67 -4.73 31.66 12.47
N LYS O 68 -4.32 30.42 12.17
CA LYS O 68 -3.03 29.91 12.61
C LYS O 68 -1.88 30.70 12.01
N ASP O 69 -1.96 30.99 10.70
CA ASP O 69 -0.90 31.77 10.06
C ASP O 69 -0.76 33.12 10.74
N ALA O 70 -1.89 33.75 11.10
CA ALA O 70 -1.82 35.06 11.75
C ALA O 70 -1.16 34.94 13.13
N VAL O 71 -1.54 33.92 13.91
CA VAL O 71 -0.93 33.72 15.21
C VAL O 71 0.55 33.39 15.09
N GLU O 72 0.92 32.56 14.11
CA GLU O 72 2.33 32.25 13.87
C GLU O 72 3.13 33.51 13.56
N ALA O 73 2.62 34.36 12.67
CA ALA O 73 3.34 35.58 12.33
C ALA O 73 3.43 36.53 13.50
N PHE O 74 2.39 36.59 14.33
CA PHE O 74 2.36 37.47 15.48
C PHE O 74 3.46 37.11 16.49
N PHE O 75 3.43 35.88 17.01
CA PHE O 75 4.45 35.49 17.99
C PHE O 75 5.81 35.27 17.33
N GLY O 76 5.82 34.88 16.05
CA GLY O 76 7.07 34.86 15.31
C GLY O 76 7.68 36.25 15.21
N GLY O 77 6.83 37.29 15.08
CA GLY O 77 7.35 38.64 15.09
C GLY O 77 7.98 39.02 16.41
N ALA O 78 7.64 38.31 17.48
CA ALA O 78 8.32 38.51 18.75
C ALA O 78 9.51 37.57 18.90
N GLY O 79 9.94 36.92 17.81
CA GLY O 79 11.14 36.11 17.84
C GLY O 79 10.97 34.66 18.26
N MET O 80 9.75 34.21 18.51
CA MET O 80 9.53 32.82 18.87
C MET O 80 9.61 31.95 17.63
N LYS O 81 10.09 30.72 17.80
CA LYS O 81 10.30 29.83 16.68
C LYS O 81 9.84 28.43 17.04
N TYR O 82 9.51 27.65 16.02
CA TYR O 82 9.13 26.26 16.22
C TYR O 82 10.32 25.47 16.71
N GLY O 83 10.09 24.58 17.68
CA GLY O 83 11.16 23.79 18.23
C GLY O 83 12.13 24.56 19.09
N VAL O 84 11.84 25.81 19.44
CA VAL O 84 12.70 26.62 20.30
C VAL O 84 11.92 27.02 21.54
N GLU O 85 12.56 26.93 22.70
CA GLU O 85 11.94 27.32 23.95
C GLU O 85 12.32 28.76 24.26
N THR O 86 11.32 29.61 24.48
CA THR O 86 11.54 31.03 24.72
C THR O 86 11.32 31.34 26.19
N ASP O 87 12.36 31.80 26.87
CA ASP O 87 12.26 32.21 28.26
C ASP O 87 11.76 33.65 28.36
N TRP O 88 11.54 34.11 29.58
CA TRP O 88 10.99 35.45 29.78
C TRP O 88 11.91 36.57 29.28
N PRO O 89 13.20 36.59 29.60
CA PRO O 89 14.06 37.64 29.01
C PRO O 89 14.09 37.61 27.49
N ALA O 90 14.15 36.41 26.87
CA ALA O 90 14.09 36.34 25.42
C ALA O 90 12.71 36.77 24.92
N TYR O 91 11.68 36.54 25.72
CA TYR O 91 10.32 36.90 25.34
C TYR O 91 10.13 38.41 25.34
N ILE O 92 10.50 39.08 26.43
CA ILE O 92 10.26 40.52 26.50
C ILE O 92 11.17 41.27 25.53
N GLU O 93 12.35 40.72 25.26
CA GLU O 93 13.24 41.28 24.25
C GLU O 93 12.61 41.22 22.86
N GLY O 94 12.02 40.07 22.52
CA GLY O 94 11.33 39.97 21.24
C GLY O 94 10.10 40.85 21.16
N TRP O 95 9.43 41.10 22.28
CA TRP O 95 8.23 41.93 22.28
C TRP O 95 8.55 43.40 22.03
N LYS O 96 9.74 43.85 22.44
CA LYS O 96 10.19 45.18 22.05
C LYS O 96 10.34 45.25 20.53
N LYS O 97 10.89 44.18 19.95
CA LYS O 97 11.05 44.10 18.51
C LYS O 97 9.71 44.01 17.79
N LEU O 98 8.77 43.21 18.32
CA LEU O 98 7.44 43.12 17.72
C LEU O 98 6.72 44.45 17.78
N ALA O 99 6.67 45.06 18.96
CA ALA O 99 5.96 46.33 19.10
C ALA O 99 6.61 47.41 18.23
N THR O 100 7.94 47.38 18.08
CA THR O 100 8.62 48.35 17.23
C THR O 100 8.26 48.15 15.77
N ASP O 101 8.28 46.90 15.31
CA ASP O 101 7.92 46.63 13.91
C ASP O 101 6.46 46.89 13.64
N GLU O 102 5.58 46.64 14.61
CA GLU O 102 4.16 46.91 14.45
C GLU O 102 3.87 48.40 14.36
N LEU O 103 4.52 49.19 15.21
CA LEU O 103 4.30 50.63 15.19
C LEU O 103 4.85 51.25 13.91
N GLU O 104 5.89 50.64 13.33
CA GLU O 104 6.39 51.07 12.03
C GLU O 104 5.35 50.84 10.94
N LYS O 105 4.72 49.65 10.92
CA LYS O 105 3.61 49.43 10.00
C LYS O 105 2.46 50.38 10.29
N TYR O 106 2.14 50.54 11.58
CA TYR O 106 1.05 51.43 11.98
C TYR O 106 1.26 52.83 11.42
N ALA O 107 2.48 53.36 11.57
CA ALA O 107 2.75 54.72 11.14
C ALA O 107 2.75 54.87 9.63
N LYS O 108 3.07 53.80 8.90
CA LYS O 108 2.99 53.80 7.45
C LYS O 108 1.61 53.41 6.93
N ASN O 109 0.60 53.31 7.80
CA ASN O 109 -0.75 52.92 7.39
C ASN O 109 -0.76 51.56 6.69
N GLU O 110 0.14 50.64 7.13
CA GLU O 110 0.12 49.26 6.65
C GLU O 110 -0.62 48.37 7.65
N PRO O 111 -1.27 47.30 7.19
CA PRO O 111 -1.92 46.36 8.13
C PRO O 111 -0.93 45.77 9.11
N THR O 112 -1.22 45.94 10.39
CA THR O 112 -0.42 45.37 11.47
C THR O 112 -0.73 43.88 11.67
N LEU O 113 0.23 43.17 12.28
CA LEU O 113 0.02 41.75 12.56
C LEU O 113 -1.16 41.54 13.48
N ILE O 114 -1.38 42.44 14.44
CA ILE O 114 -2.52 42.29 15.33
C ILE O 114 -3.84 42.48 14.55
N ARG O 115 -3.87 43.41 13.60
CA ARG O 115 -5.06 43.57 12.75
C ARG O 115 -5.32 42.30 11.95
N ILE O 116 -4.27 41.73 11.37
CA ILE O 116 -4.41 40.52 10.57
C ILE O 116 -4.93 39.37 11.43
N TRP O 117 -4.45 39.28 12.67
CA TRP O 117 -4.99 38.30 13.61
C TRP O 117 -6.47 38.57 13.88
N GLY O 118 -6.82 39.83 14.15
CA GLY O 118 -8.21 40.15 14.44
C GLY O 118 -9.13 39.80 13.30
N ASP O 119 -8.71 40.08 12.05
CA ASP O 119 -9.51 39.70 10.89
C ASP O 119 -9.75 38.19 10.87
N ALA O 120 -8.70 37.42 11.09
CA ALA O 120 -8.83 35.96 11.05
C ALA O 120 -9.74 35.46 12.16
N LEU O 121 -9.64 36.04 13.34
CA LEU O 121 -10.43 35.58 14.47
C LEU O 121 -11.88 36.02 14.34
N PHE O 122 -12.11 37.27 13.94
CA PHE O 122 -13.49 37.74 13.83
C PHE O 122 -14.24 36.96 12.76
N ASP O 123 -13.55 36.50 11.72
CA ASP O 123 -14.24 35.66 10.73
C ASP O 123 -14.76 34.36 11.36
N ILE O 124 -14.12 33.88 12.42
CA ILE O 124 -14.57 32.68 13.10
C ILE O 124 -15.64 32.98 14.14
N VAL O 125 -15.37 33.95 15.01
CA VAL O 125 -16.25 34.19 16.14
C VAL O 125 -17.56 34.78 15.68
N ASP O 126 -17.51 35.60 14.63
CA ASP O 126 -18.67 36.31 14.09
C ASP O 126 -19.50 35.44 13.16
N LYS O 127 -20.77 35.24 13.52
CA LYS O 127 -21.66 34.40 12.73
C LYS O 127 -22.07 35.05 11.41
N ASP O 128 -22.27 36.39 11.38
CA ASP O 128 -22.66 37.06 10.14
C ASP O 128 -21.50 37.37 9.20
N GLN O 129 -20.27 37.18 9.66
CA GLN O 129 -19.04 37.27 8.86
C GLN O 129 -18.82 38.64 8.24
N ASN O 130 -19.27 39.69 8.93
CA ASN O 130 -19.07 41.08 8.53
C ASN O 130 -18.02 41.78 9.38
N GLY O 131 -17.24 41.02 10.14
CA GLY O 131 -16.19 41.59 10.94
C GLY O 131 -16.63 42.27 12.22
N ALA O 132 -17.79 41.90 12.76
CA ALA O 132 -18.29 42.48 13.99
C ALA O 132 -18.87 41.40 14.90
N ILE O 133 -18.57 41.48 16.18
CA ILE O 133 -18.95 40.43 17.11
C ILE O 133 -19.85 40.99 18.21
N THR O 134 -20.77 40.15 18.67
CA THR O 134 -21.66 40.49 19.78
C THR O 134 -20.93 40.28 21.10
N LEU O 135 -21.58 40.66 22.20
CA LEU O 135 -20.99 40.42 23.52
C LEU O 135 -20.93 38.93 23.85
N ASP O 136 -21.96 38.17 23.47
CA ASP O 136 -21.92 36.72 23.71
C ASP O 136 -20.81 36.08 22.90
N GLU O 137 -20.57 36.56 21.69
CA GLU O 137 -19.49 36.00 20.87
C GLU O 137 -18.12 36.37 21.45
N TRP O 138 -17.99 37.58 22.01
CA TRP O 138 -16.74 37.96 22.69
C TRP O 138 -16.54 37.20 23.99
N LYS O 139 -17.62 36.97 24.74
CA LYS O 139 -17.53 36.17 25.96
C LYS O 139 -17.06 34.77 25.61
N ALA O 140 -17.62 34.19 24.55
CA ALA O 140 -17.26 32.82 24.16
C ALA O 140 -15.79 32.73 23.78
N TYR O 141 -15.27 33.72 23.04
CA TYR O 141 -13.87 33.66 22.65
C TYR O 141 -12.95 33.81 23.84
N THR O 142 -13.12 34.89 24.61
CA THR O 142 -12.19 35.21 25.68
C THR O 142 -12.19 34.17 26.79
N LYS O 143 -13.34 33.53 27.05
CA LYS O 143 -13.40 32.48 28.05
C LYS O 143 -12.81 31.18 27.51
N ALA O 144 -12.95 30.90 26.21
CA ALA O 144 -12.30 29.72 25.65
C ALA O 144 -10.78 29.85 25.73
N ALA O 145 -10.27 31.04 25.40
CA ALA O 145 -8.83 31.28 25.49
C ALA O 145 -8.35 31.34 26.94
N GLY O 146 -9.22 31.76 27.86
CA GLY O 146 -8.84 31.97 29.25
C GLY O 146 -8.31 33.35 29.54
N ILE O 147 -8.21 34.22 28.53
CA ILE O 147 -7.64 35.54 28.74
C ILE O 147 -8.56 36.39 29.63
N ILE O 148 -9.87 36.11 29.60
CA ILE O 148 -10.84 36.73 30.49
C ILE O 148 -11.64 35.60 31.14
N GLN O 149 -11.88 35.71 32.44
CA GLN O 149 -12.67 34.70 33.13
C GLN O 149 -14.08 35.16 33.43
N SER O 150 -14.24 36.37 33.98
CA SER O 150 -15.54 36.87 34.41
C SER O 150 -16.22 37.69 33.31
N SER O 151 -17.55 37.58 33.23
CA SER O 151 -18.32 38.34 32.27
C SER O 151 -18.26 39.85 32.55
N GLU O 152 -18.01 40.22 33.81
CA GLU O 152 -17.92 41.63 34.15
C GLU O 152 -16.76 42.29 33.39
N ASP O 153 -15.65 41.57 33.22
CA ASP O 153 -14.52 42.07 32.43
C ASP O 153 -14.82 42.06 30.92
N CYS O 154 -15.58 41.08 30.41
CA CYS O 154 -15.94 41.10 28.99
C CYS O 154 -16.80 42.31 28.63
N GLU O 155 -17.76 42.67 29.48
CA GLU O 155 -18.55 43.86 29.22
C GLU O 155 -17.68 45.10 29.30
N GLU O 156 -16.60 45.03 30.08
CA GLU O 156 -15.67 46.15 30.22
C GLU O 156 -14.98 46.49 28.90
N THR O 157 -14.80 45.49 28.02
CA THR O 157 -14.24 45.76 26.70
C THR O 157 -15.12 46.71 25.90
N PHE O 158 -16.44 46.52 25.97
CA PHE O 158 -17.37 47.36 25.24
C PHE O 158 -17.38 48.78 25.78
N ARG O 159 -17.12 48.95 27.08
CA ARG O 159 -17.02 50.29 27.66
C ARG O 159 -15.81 51.03 27.10
N VAL O 160 -14.69 50.35 26.95
CA VAL O 160 -13.49 50.99 26.45
C VAL O 160 -13.60 51.27 24.95
N CYS O 161 -14.28 50.39 24.20
CA CYS O 161 -14.45 50.56 22.76
C CYS O 161 -15.59 51.48 22.34
N ASP O 162 -16.38 52.00 23.28
CA ASP O 162 -17.51 52.90 22.99
C ASP O 162 -18.60 52.21 22.19
N ILE O 163 -19.01 51.02 22.64
CA ILE O 163 -20.10 50.27 22.03
C ILE O 163 -21.06 49.79 23.12
N ASP O 164 -22.37 49.93 22.90
CA ASP O 164 -23.29 49.32 23.86
C ASP O 164 -23.30 47.80 23.70
N GLU O 165 -23.75 47.11 24.76
CA GLU O 165 -23.68 45.66 24.83
C GLU O 165 -24.59 44.94 23.83
N SER O 166 -25.70 45.56 23.41
CA SER O 166 -26.54 44.93 22.40
C SER O 166 -26.00 45.18 21.00
N GLY O 167 -25.02 46.05 20.88
CA GLY O 167 -24.40 46.34 19.61
C GLY O 167 -23.21 45.44 19.36
N GLN O 168 -22.68 45.56 18.15
CA GLN O 168 -21.55 44.76 17.74
C GLN O 168 -20.27 45.59 17.80
N LEU O 169 -19.15 44.87 17.81
CA LEU O 169 -17.81 45.42 17.98
C LEU O 169 -16.96 45.05 16.76
N ASP O 170 -16.44 46.07 16.08
CA ASP O 170 -15.75 45.87 14.81
C ASP O 170 -14.24 45.73 14.99
N VAL O 171 -13.61 45.11 13.97
CA VAL O 171 -12.17 44.89 13.97
C VAL O 171 -11.46 46.24 13.98
N ASP O 172 -12.06 47.24 13.34
CA ASP O 172 -11.41 48.54 13.21
C ASP O 172 -11.20 49.19 14.57
N GLU O 173 -12.26 49.28 15.38
CA GLU O 173 -12.11 49.89 16.69
C GLU O 173 -11.27 49.00 17.61
N MET O 174 -11.38 47.68 17.46
CA MET O 174 -10.60 46.77 18.29
C MET O 174 -9.12 46.94 18.01
N THR O 175 -8.76 47.12 16.74
CA THR O 175 -7.36 47.34 16.40
C THR O 175 -6.81 48.59 17.07
N ARG O 176 -7.61 49.67 17.10
CA ARG O 176 -7.16 50.88 17.76
C ARG O 176 -6.85 50.60 19.24
N GLN O 177 -7.78 49.91 19.92
CA GLN O 177 -7.60 49.67 21.34
C GLN O 177 -6.45 48.71 21.62
N HIS O 178 -6.31 47.67 20.79
CA HIS O 178 -5.29 46.66 21.04
C HIS O 178 -3.90 47.19 20.80
N LEU O 179 -3.73 48.02 19.77
CA LEU O 179 -2.45 48.69 19.55
C LEU O 179 -2.09 49.55 20.75
N GLY O 180 -3.08 50.27 21.30
CA GLY O 180 -2.81 51.11 22.45
C GLY O 180 -2.59 50.33 23.72
N PHE O 181 -3.25 49.17 23.84
CA PHE O 181 -3.15 48.38 25.06
C PHE O 181 -1.87 47.57 25.07
N TRP O 182 -1.51 46.95 23.94
CA TRP O 182 -0.36 46.07 23.91
C TRP O 182 0.92 46.78 23.49
N TYR O 183 0.83 47.85 22.69
CA TYR O 183 2.04 48.43 22.11
C TYR O 183 2.43 49.77 22.72
N THR O 184 1.48 50.69 22.92
CA THR O 184 1.84 52.07 23.25
C THR O 184 1.46 52.51 24.65
N MET O 185 0.72 51.70 25.40
CA MET O 185 0.23 52.09 26.73
C MET O 185 -0.60 53.37 26.65
N ASP O 186 -1.45 53.46 25.64
CA ASP O 186 -2.34 54.61 25.50
C ASP O 186 -3.29 54.65 26.70
N PRO O 187 -3.27 55.70 27.52
CA PRO O 187 -4.13 55.72 28.71
C PRO O 187 -5.59 55.54 28.40
N ALA O 188 -6.02 55.88 27.18
CA ALA O 188 -7.39 55.68 26.76
C ALA O 188 -7.75 54.21 26.55
N CYS O 189 -6.76 53.31 26.49
CA CYS O 189 -7.01 51.89 26.28
C CYS O 189 -6.92 51.08 27.57
N GLU O 190 -6.77 51.73 28.71
CA GLU O 190 -6.68 51.02 29.98
C GLU O 190 -7.98 50.25 30.25
N LYS O 191 -7.85 49.16 30.99
CA LYS O 191 -8.97 48.33 31.40
C LYS O 191 -9.71 47.73 30.20
N LEU O 192 -9.01 47.61 29.06
CA LEU O 192 -9.62 47.03 27.85
C LEU O 192 -10.11 45.61 28.11
N TYR O 193 -9.42 44.87 28.98
CA TYR O 193 -9.85 43.56 29.43
C TYR O 193 -10.37 43.59 30.86
N GLY O 194 -10.80 44.77 31.32
CA GLY O 194 -11.25 44.89 32.69
C GLY O 194 -10.13 44.63 33.67
N GLY O 195 -10.42 43.85 34.70
CA GLY O 195 -9.40 43.50 35.65
C GLY O 195 -8.64 42.25 35.30
N ALA O 196 -8.94 41.61 34.17
CA ALA O 196 -8.27 40.36 33.84
C ALA O 196 -6.82 40.57 33.44
N VAL O 197 -6.50 41.74 32.89
CA VAL O 197 -5.14 42.05 32.44
C VAL O 197 -4.68 43.37 33.06
N PRO O 198 -3.50 43.40 33.72
CA PRO O 198 -2.96 44.63 34.33
C PRO O 198 -2.61 45.68 33.30
N LYS P 11 2.78 61.90 14.80
CA LYS P 11 1.57 62.00 15.61
C LYS P 11 0.27 61.68 14.84
N LEU P 12 -0.78 61.56 15.65
CA LEU P 12 -2.13 61.21 15.23
C LEU P 12 -3.10 62.30 15.65
N THR P 13 -2.59 63.50 15.91
CA THR P 13 -3.40 64.61 16.39
C THR P 13 -3.43 65.72 15.34
N SER P 14 -4.60 66.31 15.14
CA SER P 14 -4.73 67.38 14.16
C SER P 14 -4.20 68.69 14.71
N ASP P 15 -4.10 69.68 13.83
CA ASP P 15 -3.55 70.99 14.16
C ASP P 15 -4.21 72.05 13.28
N PHE P 16 -5.55 72.08 13.26
CA PHE P 16 -6.29 72.89 12.28
C PHE P 16 -6.20 74.39 12.53
N ASP P 17 -5.81 74.81 13.73
CA ASP P 17 -5.61 76.22 14.03
C ASP P 17 -4.19 76.68 13.74
N ASN P 18 -3.31 75.77 13.35
CA ASN P 18 -1.98 76.18 12.93
C ASN P 18 -2.11 77.00 11.65
N PRO P 19 -1.69 78.27 11.65
CA PRO P 19 -1.81 79.06 10.41
C PRO P 19 -1.03 78.48 9.24
N ARG P 20 0.05 77.71 9.50
CA ARG P 20 0.80 77.09 8.43
C ARG P 20 0.07 75.91 7.80
N TRP P 21 -0.86 75.29 8.53
CA TRP P 21 -1.71 74.29 7.92
C TRP P 21 -2.74 74.94 7.01
N ILE P 22 -3.35 76.04 7.48
CA ILE P 22 -4.33 76.76 6.67
C ILE P 22 -3.65 77.30 5.42
N GLY P 23 -2.45 77.86 5.56
CA GLY P 23 -1.75 78.41 4.41
C GLY P 23 -1.27 77.34 3.45
N ARG P 24 -0.99 76.14 3.95
CA ARG P 24 -0.62 75.03 3.09
C ARG P 24 -1.77 74.66 2.15
N HIS P 25 -2.98 74.52 2.68
CA HIS P 25 -4.10 74.20 1.83
C HIS P 25 -4.60 75.40 1.05
N LYS P 26 -4.34 76.61 1.54
CA LYS P 26 -4.65 77.80 0.77
C LYS P 26 -3.79 77.85 -0.49
N HIS P 27 -2.51 77.50 -0.37
CA HIS P 27 -1.66 77.39 -1.55
C HIS P 27 -2.24 76.40 -2.56
N MET P 28 -2.72 75.24 -2.08
CA MET P 28 -3.28 74.24 -2.97
C MET P 28 -4.61 74.70 -3.58
N PHE P 29 -5.45 75.37 -2.79
CA PHE P 29 -6.70 75.92 -3.32
C PHE P 29 -6.40 76.85 -4.50
N ASN P 30 -5.45 77.75 -4.32
CA ASN P 30 -5.08 78.67 -5.39
C ASN P 30 -4.46 77.92 -6.55
N PHE P 31 -3.67 76.89 -6.27
CA PHE P 31 -3.08 76.09 -7.34
C PHE P 31 -4.15 75.36 -8.15
N LEU P 32 -5.21 74.89 -7.49
CA LEU P 32 -6.28 74.18 -8.18
C LEU P 32 -7.22 75.14 -8.90
N ASP P 33 -7.34 76.38 -8.42
CA ASP P 33 -8.23 77.39 -8.99
C ASP P 33 -7.51 78.09 -10.14
N VAL P 34 -7.32 77.33 -11.23
CA VAL P 34 -6.46 77.81 -12.31
C VAL P 34 -7.02 79.06 -13.02
N ASN P 35 -8.33 79.29 -12.97
CA ASN P 35 -8.91 80.47 -13.60
C ASN P 35 -9.28 81.58 -12.60
N HIS P 36 -8.87 81.44 -11.35
CA HIS P 36 -9.07 82.49 -10.33
C HIS P 36 -10.54 82.87 -10.20
N ASN P 37 -11.41 81.86 -10.11
CA ASN P 37 -12.83 82.05 -9.84
C ASN P 37 -13.15 82.15 -8.36
N GLY P 38 -12.18 81.91 -7.48
CA GLY P 38 -12.51 81.79 -6.07
C GLY P 38 -13.30 80.54 -5.72
N LYS P 39 -13.48 79.62 -6.65
CA LYS P 39 -14.24 78.41 -6.37
C LYS P 39 -13.85 77.30 -7.34
N ILE P 40 -13.92 76.05 -6.85
CA ILE P 40 -13.58 74.86 -7.61
C ILE P 40 -14.67 73.83 -7.38
N SER P 41 -14.76 72.88 -8.29
CA SER P 41 -15.78 71.85 -8.26
C SER P 41 -15.13 70.47 -8.28
N LEU P 42 -15.89 69.48 -7.82
CA LEU P 42 -15.44 68.09 -7.93
C LEU P 42 -15.26 67.68 -9.38
N ASP P 43 -16.13 68.20 -10.27
CA ASP P 43 -15.98 67.92 -11.70
C ASP P 43 -14.58 68.30 -12.17
N GLU P 44 -14.10 69.46 -11.75
CA GLU P 44 -12.79 69.90 -12.19
C GLU P 44 -11.67 69.05 -11.62
N MET P 45 -11.81 68.65 -10.35
CA MET P 45 -10.76 67.87 -9.72
C MET P 45 -10.59 66.51 -10.38
N VAL P 46 -11.70 65.80 -10.63
CA VAL P 46 -11.56 64.49 -11.26
C VAL P 46 -11.17 64.68 -12.71
N TYR P 47 -11.55 65.79 -13.33
CA TYR P 47 -11.10 66.04 -14.69
C TYR P 47 -9.59 66.17 -14.73
N LYS P 48 -9.04 67.04 -13.87
CA LYS P 48 -7.59 67.20 -13.81
C LYS P 48 -6.90 65.86 -13.55
N ALA P 49 -7.43 65.08 -12.61
CA ALA P 49 -6.82 63.80 -12.26
C ALA P 49 -6.74 62.86 -13.45
N SER P 50 -7.85 62.68 -14.18
CA SER P 50 -7.83 61.75 -15.30
C SER P 50 -7.09 62.30 -16.50
N ASP P 51 -7.18 63.63 -16.73
CA ASP P 51 -6.39 64.24 -17.80
C ASP P 51 -4.90 63.96 -17.59
N ILE P 52 -4.41 64.11 -16.36
CA ILE P 52 -2.98 63.87 -16.10
C ILE P 52 -2.61 62.43 -16.42
N VAL P 53 -3.32 61.47 -15.83
CA VAL P 53 -2.85 60.09 -15.94
C VAL P 53 -3.07 59.52 -17.34
N ILE P 54 -4.16 59.91 -18.00
CA ILE P 54 -4.44 59.39 -19.34
C ILE P 54 -3.58 60.11 -20.38
N ASN P 55 -3.59 61.45 -20.37
CA ASN P 55 -2.96 62.20 -21.45
C ASN P 55 -1.49 62.49 -21.24
N ASN P 56 -0.98 62.40 -20.01
CA ASN P 56 0.43 62.66 -19.74
C ASN P 56 1.19 61.41 -19.29
N LEU P 57 0.54 60.44 -18.65
CA LEU P 57 1.26 59.33 -18.01
C LEU P 57 0.90 57.98 -18.61
N GLY P 58 0.15 57.93 -19.69
CA GLY P 58 -0.11 56.69 -20.38
C GLY P 58 -0.91 55.66 -19.61
N ALA P 59 -1.87 56.09 -18.81
CA ALA P 59 -2.69 55.14 -18.08
C ALA P 59 -3.67 54.41 -19.00
N THR P 60 -3.92 53.13 -18.69
CA THR P 60 -4.99 52.38 -19.35
C THR P 60 -6.33 52.87 -18.82
N PRO P 61 -7.43 52.58 -19.54
CA PRO P 61 -8.74 53.00 -19.03
C PRO P 61 -9.09 52.42 -17.66
N GLU P 62 -8.68 51.19 -17.40
CA GLU P 62 -8.91 50.58 -16.09
C GLU P 62 -8.12 51.28 -14.99
N GLN P 63 -6.83 51.55 -15.25
CA GLN P 63 -6.04 52.30 -14.29
C GLN P 63 -6.64 53.67 -14.02
N ALA P 64 -7.12 54.35 -15.08
CA ALA P 64 -7.65 55.70 -14.89
C ALA P 64 -8.93 55.69 -14.08
N LYS P 65 -9.79 54.70 -14.29
CA LYS P 65 -11.02 54.61 -13.53
C LYS P 65 -10.71 54.35 -12.04
N ARG P 66 -9.76 53.45 -11.77
CA ARG P 66 -9.33 53.22 -10.38
C ARG P 66 -8.78 54.50 -9.77
N HIS P 67 -7.94 55.21 -10.52
CA HIS P 67 -7.40 56.49 -10.03
C HIS P 67 -8.50 57.52 -9.85
N LYS P 68 -9.49 57.55 -10.77
CA LYS P 68 -10.59 58.51 -10.67
C LYS P 68 -11.41 58.29 -9.41
N ASP P 69 -11.75 57.03 -9.13
CA ASP P 69 -12.56 56.74 -7.95
C ASP P 69 -11.84 57.21 -6.69
N ALA P 70 -10.52 57.03 -6.65
CA ALA P 70 -9.74 57.43 -5.48
C ALA P 70 -9.71 58.95 -5.33
N VAL P 71 -9.50 59.67 -6.44
CA VAL P 71 -9.48 61.14 -6.34
C VAL P 71 -10.86 61.65 -5.95
N GLU P 72 -11.90 61.04 -6.54
CA GLU P 72 -13.28 61.40 -6.23
C GLU P 72 -13.57 61.24 -4.73
N ALA P 73 -13.14 60.12 -4.17
CA ALA P 73 -13.36 59.88 -2.75
C ALA P 73 -12.57 60.87 -1.92
N PHE P 74 -11.35 61.20 -2.35
CA PHE P 74 -10.50 62.11 -1.59
C PHE P 74 -11.13 63.49 -1.49
N PHE P 75 -11.38 64.15 -2.64
CA PHE P 75 -11.98 65.46 -2.56
C PHE P 75 -13.43 65.38 -2.12
N GLY P 76 -14.10 64.26 -2.40
CA GLY P 76 -15.43 64.06 -1.84
C GLY P 76 -15.40 64.03 -0.33
N GLY P 77 -14.32 63.47 0.24
CA GLY P 77 -14.17 63.49 1.68
C GLY P 77 -13.99 64.88 2.24
N ALA P 78 -13.58 65.83 1.42
CA ALA P 78 -13.50 67.23 1.85
C ALA P 78 -14.77 68.01 1.54
N GLY P 79 -15.87 67.32 1.20
CA GLY P 79 -17.13 67.99 0.99
C GLY P 79 -17.38 68.50 -0.42
N MET P 80 -16.47 68.27 -1.36
CA MET P 80 -16.71 68.71 -2.73
C MET P 80 -17.68 67.75 -3.40
N LYS P 81 -18.55 68.29 -4.26
CA LYS P 81 -19.61 67.50 -4.87
C LYS P 81 -19.69 67.83 -6.35
N TYR P 82 -20.22 66.88 -7.14
CA TYR P 82 -20.41 67.14 -8.56
C TYR P 82 -21.48 68.22 -8.74
N GLY P 83 -21.25 69.11 -9.69
CA GLY P 83 -22.19 70.19 -9.95
C GLY P 83 -22.26 71.25 -8.88
N VAL P 84 -21.35 71.23 -7.92
CA VAL P 84 -21.32 72.21 -6.83
C VAL P 84 -19.99 72.92 -6.87
N GLU P 85 -20.03 74.23 -6.67
CA GLU P 85 -18.85 75.07 -6.61
C GLU P 85 -18.45 75.28 -5.15
N THR P 86 -17.19 74.99 -4.84
CA THR P 86 -16.68 75.08 -3.48
C THR P 86 -15.75 76.29 -3.40
N ASP P 87 -16.13 77.28 -2.59
CA ASP P 87 -15.28 78.43 -2.37
C ASP P 87 -14.28 78.12 -1.25
N TRP P 88 -13.39 79.07 -0.96
CA TRP P 88 -12.34 78.82 0.02
C TRP P 88 -12.86 78.58 1.43
N PRO P 89 -13.81 79.36 1.97
CA PRO P 89 -14.30 79.02 3.32
C PRO P 89 -14.90 77.63 3.39
N ALA P 90 -15.67 77.22 2.38
CA ALA P 90 -16.20 75.86 2.38
C ALA P 90 -15.10 74.84 2.19
N TYR P 91 -14.05 75.19 1.45
CA TYR P 91 -12.97 74.26 1.15
C TYR P 91 -12.17 73.92 2.41
N ILE P 92 -11.73 74.94 3.15
CA ILE P 92 -10.86 74.67 4.32
C ILE P 92 -11.67 74.03 5.44
N GLU P 93 -12.96 74.37 5.57
CA GLU P 93 -13.80 73.71 6.56
C GLU P 93 -14.00 72.25 6.18
N GLY P 94 -14.18 71.97 4.89
CA GLY P 94 -14.28 70.60 4.44
C GLY P 94 -13.00 69.83 4.61
N TRP P 95 -11.86 70.53 4.53
CA TRP P 95 -10.60 69.85 4.72
C TRP P 95 -10.39 69.42 6.18
N LYS P 96 -10.97 70.15 7.13
CA LYS P 96 -10.93 69.70 8.52
C LYS P 96 -11.68 68.38 8.68
N LYS P 97 -12.84 68.25 8.04
CA LYS P 97 -13.59 67.00 8.10
C LYS P 97 -12.84 65.87 7.40
N LEU P 98 -12.24 66.15 6.25
CA LEU P 98 -11.44 65.13 5.56
C LEU P 98 -10.28 64.67 6.43
N ALA P 99 -9.52 65.63 6.97
CA ALA P 99 -8.36 65.28 7.79
C ALA P 99 -8.78 64.52 9.03
N THR P 100 -9.90 64.91 9.65
CA THR P 100 -10.39 64.22 10.82
C THR P 100 -10.80 62.79 10.50
N ASP P 101 -11.54 62.60 9.40
CA ASP P 101 -11.94 61.26 8.99
C ASP P 101 -10.75 60.40 8.59
N GLU P 102 -9.73 61.01 7.96
CA GLU P 102 -8.54 60.26 7.56
C GLU P 102 -7.73 59.78 8.77
N LEU P 103 -7.58 60.63 9.79
CA LEU P 103 -6.82 60.27 10.98
C LEU P 103 -7.53 59.18 11.78
N GLU P 104 -8.86 59.15 11.74
CA GLU P 104 -9.60 58.07 12.36
C GLU P 104 -9.28 56.75 11.67
N LYS P 105 -9.30 56.73 10.33
CA LYS P 105 -8.85 55.53 9.62
C LYS P 105 -7.40 55.20 9.96
N TYR P 106 -6.55 56.22 9.95
CA TYR P 106 -5.14 56.06 10.25
C TYR P 106 -4.95 55.43 11.63
N ALA P 107 -5.64 55.98 12.62
CA ALA P 107 -5.51 55.49 14.00
C ALA P 107 -6.15 54.12 14.17
N LYS P 108 -7.19 53.80 13.39
CA LYS P 108 -7.80 52.48 13.39
C LYS P 108 -7.10 51.50 12.46
N ASN P 109 -5.95 51.89 11.90
CA ASN P 109 -5.14 51.01 11.03
C ASN P 109 -5.97 50.51 9.84
N GLU P 110 -6.93 51.42 9.30
CA GLU P 110 -7.67 51.17 8.08
C GLU P 110 -7.00 51.87 6.90
N PRO P 111 -7.11 51.33 5.69
CA PRO P 111 -6.55 52.04 4.51
C PRO P 111 -7.17 53.42 4.41
N THR P 112 -6.32 54.45 4.42
CA THR P 112 -6.77 55.83 4.27
C THR P 112 -7.05 56.15 2.79
N LEU P 113 -7.84 57.20 2.58
CA LEU P 113 -8.11 57.64 1.21
C LEU P 113 -6.84 58.08 0.49
N ILE P 114 -5.91 58.69 1.22
CA ILE P 114 -4.68 59.12 0.58
C ILE P 114 -3.86 57.92 0.13
N ARG P 115 -3.86 56.85 0.93
CA ARG P 115 -3.14 55.64 0.56
C ARG P 115 -3.73 55.00 -0.70
N ILE P 116 -5.06 54.87 -0.71
CA ILE P 116 -5.74 54.27 -1.84
C ILE P 116 -5.46 55.06 -3.12
N TRP P 117 -5.44 56.40 -3.00
CA TRP P 117 -5.05 57.23 -4.15
C TRP P 117 -3.62 56.93 -4.55
N GLY P 118 -2.71 56.88 -3.57
CA GLY P 118 -1.33 56.58 -3.88
C GLY P 118 -1.16 55.24 -4.57
N ASP P 119 -1.88 54.20 -4.12
CA ASP P 119 -1.83 52.91 -4.79
C ASP P 119 -2.26 53.02 -6.24
N ALA P 120 -3.37 53.72 -6.49
CA ALA P 120 -3.85 53.83 -7.86
C ALA P 120 -2.87 54.62 -8.74
N LEU P 121 -2.28 55.69 -8.21
CA LEU P 121 -1.38 56.51 -9.01
C LEU P 121 -0.05 55.81 -9.28
N PHE P 122 0.51 55.16 -8.25
CA PHE P 122 1.80 54.50 -8.43
C PHE P 122 1.72 53.33 -9.40
N ASP P 123 0.58 52.63 -9.46
CA ASP P 123 0.44 51.59 -10.48
C ASP P 123 0.53 52.17 -11.88
N ILE P 124 0.16 53.44 -12.06
CA ILE P 124 0.32 54.09 -13.35
C ILE P 124 1.73 54.63 -13.50
N VAL P 125 2.23 55.29 -12.46
CA VAL P 125 3.50 56.01 -12.57
C VAL P 125 4.67 55.03 -12.62
N ASP P 126 4.58 53.91 -11.91
CA ASP P 126 5.64 52.90 -11.92
C ASP P 126 5.53 52.03 -13.17
N LYS P 127 6.55 52.08 -14.04
CA LYS P 127 6.50 51.30 -15.27
C LYS P 127 6.57 49.80 -14.97
N ASP P 128 7.26 49.41 -13.89
CA ASP P 128 7.29 48.01 -13.49
C ASP P 128 6.03 47.59 -12.76
N GLN P 129 5.22 48.56 -12.33
CA GLN P 129 3.92 48.37 -11.67
C GLN P 129 4.03 47.52 -10.41
N ASN P 130 5.13 47.69 -9.67
CA ASN P 130 5.35 47.01 -8.40
C ASN P 130 5.18 47.96 -7.21
N GLY P 131 4.60 49.14 -7.42
CA GLY P 131 4.33 50.05 -6.31
C GLY P 131 5.49 50.86 -5.78
N ALA P 132 6.56 51.05 -6.58
CA ALA P 132 7.68 51.89 -6.20
C ALA P 132 8.13 52.70 -7.41
N ILE P 133 8.38 54.00 -7.21
CA ILE P 133 8.64 54.89 -8.33
C ILE P 133 10.04 55.49 -8.22
N THR P 134 10.65 55.74 -9.37
CA THR P 134 11.95 56.39 -9.41
C THR P 134 11.80 57.91 -9.30
N LEU P 135 12.93 58.60 -9.18
CA LEU P 135 12.90 60.05 -9.11
C LEU P 135 12.40 60.65 -10.42
N ASP P 136 12.79 60.06 -11.55
CA ASP P 136 12.33 60.56 -12.84
C ASP P 136 10.81 60.44 -12.98
N GLU P 137 10.26 59.33 -12.48
CA GLU P 137 8.82 59.12 -12.56
C GLU P 137 8.07 60.09 -11.64
N TRP P 138 8.65 60.39 -10.47
CA TRP P 138 8.06 61.39 -9.58
C TRP P 138 8.14 62.77 -10.22
N LYS P 139 9.23 63.05 -10.94
CA LYS P 139 9.31 64.30 -11.68
C LYS P 139 8.24 64.38 -12.75
N ALA P 140 8.01 63.29 -13.47
CA ALA P 140 7.02 63.31 -14.55
C ALA P 140 5.62 63.56 -13.99
N TYR P 141 5.30 62.91 -12.87
CA TYR P 141 3.98 63.09 -12.29
C TYR P 141 3.80 64.51 -11.77
N THR P 142 4.71 64.97 -10.90
CA THR P 142 4.50 66.23 -10.21
C THR P 142 4.56 67.41 -11.19
N LYS P 143 5.39 67.34 -12.23
CA LYS P 143 5.44 68.41 -13.22
C LYS P 143 4.23 68.38 -14.16
N ALA P 144 3.73 67.19 -14.49
CA ALA P 144 2.51 67.12 -15.28
C ALA P 144 1.34 67.69 -14.50
N ALA P 145 1.26 67.35 -13.20
CA ALA P 145 0.23 67.91 -12.34
C ALA P 145 0.46 69.38 -12.05
N GLY P 146 1.71 69.84 -12.09
CA GLY P 146 2.04 71.19 -11.75
C GLY P 146 2.26 71.45 -10.27
N ILE P 147 2.09 70.44 -9.42
CA ILE P 147 2.27 70.65 -7.98
C ILE P 147 3.72 70.98 -7.67
N ILE P 148 4.65 70.46 -8.47
CA ILE P 148 6.05 70.86 -8.40
C ILE P 148 6.51 71.27 -9.79
N GLN P 149 7.27 72.36 -9.86
CA GLN P 149 7.81 72.83 -11.13
C GLN P 149 9.29 72.51 -11.29
N SER P 150 10.09 72.72 -10.25
CA SER P 150 11.54 72.58 -10.36
C SER P 150 12.00 71.17 -10.00
N SER P 151 13.00 70.70 -10.73
CA SER P 151 13.52 69.37 -10.44
C SER P 151 14.16 69.31 -9.07
N GLU P 152 14.74 70.41 -8.57
CA GLU P 152 15.38 70.38 -7.26
C GLU P 152 14.35 70.13 -6.16
N ASP P 153 13.12 70.64 -6.32
CA ASP P 153 12.07 70.36 -5.36
C ASP P 153 11.68 68.88 -5.38
N CYS P 154 11.65 68.27 -6.57
CA CYS P 154 11.38 66.84 -6.66
C CYS P 154 12.47 66.03 -5.95
N GLU P 155 13.72 66.48 -6.08
CA GLU P 155 14.83 65.79 -5.43
C GLU P 155 14.70 65.88 -3.92
N GLU P 156 14.12 66.96 -3.40
CA GLU P 156 13.93 67.06 -1.97
C GLU P 156 12.94 66.01 -1.44
N THR P 157 11.95 65.61 -2.25
CA THR P 157 11.02 64.59 -1.81
C THR P 157 11.75 63.29 -1.46
N PHE P 158 12.67 62.88 -2.32
CA PHE P 158 13.45 61.67 -2.11
C PHE P 158 14.44 61.81 -0.96
N ARG P 159 14.87 63.03 -0.68
CA ARG P 159 15.68 63.24 0.51
C ARG P 159 14.83 63.13 1.79
N VAL P 160 13.61 63.70 1.77
CA VAL P 160 12.76 63.67 2.97
C VAL P 160 12.21 62.27 3.24
N CYS P 161 11.88 61.52 2.18
CA CYS P 161 11.32 60.18 2.34
C CYS P 161 12.42 59.13 2.53
N ASP P 162 12.02 58.01 3.10
CA ASP P 162 12.93 56.88 3.32
C ASP P 162 12.92 55.96 2.11
N ILE P 163 13.62 56.40 1.05
CA ILE P 163 13.77 55.60 -0.15
C ILE P 163 14.67 54.39 0.13
N ASP P 164 14.32 53.28 -0.50
CA ASP P 164 15.04 52.04 -0.44
C ASP P 164 16.43 52.14 -1.09
N GLU P 165 17.19 51.05 -0.94
CA GLU P 165 18.57 50.92 -1.40
C GLU P 165 18.72 51.06 -2.90
N SER P 166 17.65 50.85 -3.68
CA SER P 166 17.69 51.10 -5.12
C SER P 166 17.37 52.55 -5.49
N GLY P 167 16.95 53.38 -4.53
CA GLY P 167 16.63 54.77 -4.78
C GLY P 167 15.17 55.05 -5.11
N GLN P 168 14.29 54.06 -4.96
CA GLN P 168 12.87 54.14 -5.28
C GLN P 168 12.02 54.39 -4.05
N LEU P 169 10.81 54.90 -4.30
CA LEU P 169 9.87 55.30 -3.26
C LEU P 169 8.57 54.52 -3.40
N ASP P 170 8.18 53.80 -2.35
CA ASP P 170 6.94 53.04 -2.36
C ASP P 170 5.82 53.83 -1.66
N VAL P 171 4.58 53.38 -1.87
CA VAL P 171 3.42 54.05 -1.27
C VAL P 171 3.49 54.00 0.25
N ASP P 172 4.05 52.93 0.81
CA ASP P 172 4.11 52.82 2.27
C ASP P 172 4.90 53.99 2.84
N GLU P 173 6.09 54.23 2.32
CA GLU P 173 6.89 55.34 2.81
C GLU P 173 6.28 56.68 2.48
N MET P 174 5.64 56.80 1.31
CA MET P 174 5.05 58.06 0.93
C MET P 174 3.82 58.40 1.77
N THR P 175 3.01 57.38 2.10
CA THR P 175 1.78 57.62 2.86
C THR P 175 2.07 58.28 4.20
N ARG P 176 3.07 57.78 4.93
CA ARG P 176 3.40 58.37 6.22
C ARG P 176 3.82 59.83 6.09
N GLN P 177 4.62 60.16 5.08
CA GLN P 177 5.02 61.56 4.91
C GLN P 177 3.81 62.43 4.59
N HIS P 178 2.88 61.90 3.77
CA HIS P 178 1.72 62.66 3.35
C HIS P 178 0.74 62.88 4.49
N LEU P 179 0.60 61.88 5.37
CA LEU P 179 -0.21 62.06 6.57
C LEU P 179 0.35 63.20 7.44
N GLY P 180 1.67 63.27 7.57
CA GLY P 180 2.25 64.36 8.32
C GLY P 180 2.22 65.68 7.58
N PHE P 181 2.33 65.65 6.25
CA PHE P 181 2.40 66.91 5.51
C PHE P 181 1.02 67.54 5.35
N TRP P 182 0.01 66.74 5.01
CA TRP P 182 -1.30 67.29 4.73
C TRP P 182 -2.23 67.33 5.94
N TYR P 183 -2.04 66.43 6.92
CA TYR P 183 -3.04 66.29 7.99
C TYR P 183 -2.59 66.81 9.35
N THR P 184 -1.36 66.53 9.80
CA THR P 184 -1.00 66.78 11.19
C THR P 184 0.06 67.85 11.40
N MET P 185 0.65 68.39 10.33
CA MET P 185 1.76 69.35 10.43
C MET P 185 2.96 68.78 11.18
N ASP P 186 3.29 67.52 10.91
CA ASP P 186 4.48 66.89 11.47
C ASP P 186 5.74 67.60 10.96
N PRO P 187 6.57 68.15 11.84
CA PRO P 187 7.79 68.85 11.37
C PRO P 187 8.75 67.96 10.63
N ALA P 188 8.71 66.64 10.86
CA ALA P 188 9.58 65.73 10.13
C ALA P 188 9.18 65.61 8.66
N CYS P 189 8.00 66.09 8.29
CA CYS P 189 7.51 66.00 6.92
C CYS P 189 7.64 67.31 6.17
N GLU P 190 8.26 68.32 6.78
CA GLU P 190 8.46 69.59 6.11
C GLU P 190 9.35 69.39 4.88
N LYS P 191 9.22 70.30 3.92
CA LYS P 191 9.98 70.22 2.67
C LYS P 191 9.68 68.96 1.87
N LEU P 192 8.52 68.32 2.09
CA LEU P 192 8.15 67.14 1.32
C LEU P 192 8.05 67.45 -0.18
N TYR P 193 7.59 68.65 -0.52
CA TYR P 193 7.58 69.13 -1.91
C TYR P 193 8.63 70.22 -2.12
N GLY P 194 9.69 70.21 -1.31
CA GLY P 194 10.73 71.22 -1.45
C GLY P 194 10.16 72.60 -1.20
N GLY P 195 10.53 73.55 -2.07
CA GLY P 195 9.97 74.87 -1.96
C GLY P 195 8.69 75.09 -2.74
N ALA P 196 8.16 74.06 -3.40
CA ALA P 196 6.95 74.22 -4.23
C ALA P 196 5.69 74.37 -3.38
N VAL P 197 5.64 73.74 -2.20
CA VAL P 197 4.44 73.81 -1.37
C VAL P 197 4.82 74.26 0.04
N PRO P 198 4.19 75.31 0.59
CA PRO P 198 4.49 75.80 1.93
C PRO P 198 4.13 74.78 2.99
C14 9A3 Q . -12.84 -41.21 21.79
C12 9A3 Q . -10.42 -41.98 22.15
C10 9A3 Q . -9.18 -48.69 20.95
C11 9A3 Q . -10.05 -43.41 21.94
C13 9A3 Q . -11.44 -41.34 21.18
C15 9A3 Q . -13.05 -40.41 22.91
C01 9A3 Q . -8.84 -45.28 22.52
C02 9A3 Q . -9.73 -45.49 21.22
C03 9A3 Q . -10.72 -46.68 21.34
C04 9A3 Q . -10.01 -47.96 21.81
C05 9A3 Q . -10.16 -48.40 23.11
C06 9A3 Q . -9.51 -49.57 23.55
C07 9A3 Q . -8.70 -50.29 22.68
C08 9A3 Q . -7.98 -51.58 23.19
C09 9A3 Q . -8.53 -49.84 21.37
C16 9A3 Q . -14.33 -40.30 23.47
C17 9A3 Q . -15.39 -41.00 22.87
C18 9A3 Q . -15.19 -41.81 21.75
C19 9A3 Q . -13.92 -41.91 21.20
C20 9A3 Q . -8.99 -41.89 24.05
C21 9A3 Q . -8.58 -43.15 23.91
C22 9A3 Q . -8.47 -40.94 25.08
C23 9A3 Q . -9.22 -39.82 25.40
C24 9A3 Q . -8.75 -38.91 26.30
C25 9A3 Q . -7.52 -39.08 26.91
C26 9A3 Q . -6.75 -40.19 26.61
C27 9A3 Q . -7.22 -41.11 25.69
F01 9A3 Q . -8.30 -51.77 24.50
F02 9A3 Q . -8.28 -52.73 22.51
F03 9A3 Q . -6.61 -51.50 23.15
N01 9A3 Q . -9.11 -43.92 22.87
N02 9A3 Q . -10.46 -44.20 21.04
N03 9A3 Q . -9.92 -41.29 23.12
O01 9A3 Q . -8.09 -46.00 23.16
O02 9A3 Q . -9.03 -45.77 19.98
O03 9A3 Q . -7.64 -45.68 20.19
O04 9A3 Q . -7.02 -38.17 27.83
C14 9A3 R . -27.32 -32.05 12.77
C12 9A3 R . -29.19 -31.76 11.04
C10 9A3 R . -27.83 -27.91 5.57
C11 9A3 R . -29.02 -30.92 9.82
C13 9A3 R . -27.97 -32.57 11.48
C15 9A3 R . -28.04 -31.96 13.96
C01 9A3 R . -29.82 -29.45 8.24
C02 9A3 R . -28.34 -29.91 7.98
C03 9A3 R . -27.34 -28.72 7.90
C04 9A3 R . -27.85 -27.67 6.94
C05 9A3 R . -28.35 -26.47 7.41
C06 9A3 R . -28.83 -25.50 6.55
C07 9A3 R . -28.81 -25.74 5.18
C08 9A3 R . -29.33 -24.65 4.18
C09 9A3 R . -28.31 -26.93 4.71
C16 9A3 R . -27.43 -31.48 15.10
C17 9A3 R . -26.10 -31.08 15.10
C18 9A3 R . -25.37 -31.17 13.92
C19 9A3 R . -25.99 -31.64 12.77
C20 9A3 R . -31.43 -30.98 11.21
C21 9A3 R . -31.36 -30.22 10.13
C22 9A3 R . -32.65 -31.12 12.05
C23 9A3 R . -32.49 -31.57 13.35
C24 9A3 R . -33.59 -31.74 14.18
C25 9A3 R . -34.87 -31.49 13.71
C26 9A3 R . -35.04 -31.04 12.38
C27 9A3 R . -33.93 -30.86 11.56
F01 9A3 R . -29.49 -23.43 4.75
F02 9A3 R . -28.40 -24.44 3.19
F03 9A3 R . -30.57 -24.93 3.64
N01 9A3 R . -30.15 -30.17 9.43
N02 9A3 R . -27.96 -30.81 9.11
N03 9A3 R . -30.30 -31.78 11.68
O01 9A3 R . -30.56 -28.72 7.61
O02 9A3 R . -28.23 -30.68 6.76
O03 9A3 R . -29.55 -30.75 6.32
O04 9A3 R . -36.00 -31.66 14.51
C14 9A3 S . -40.41 6.49 -5.83
C12 9A3 S . -41.93 4.73 -4.84
C10 9A3 S . -39.99 2.00 1.18
C11 9A3 S . -41.55 4.06 -3.57
C13 9A3 S . -41.65 6.24 -4.96
C15 9A3 S . -40.42 6.14 -7.19
C01 9A3 S . -41.41 2.20 -2.23
C02 9A3 S . -40.89 3.51 -1.50
C03 9A3 S . -39.46 3.41 -0.88
C04 9A3 S . -39.32 2.14 -0.03
C05 9A3 S . -38.54 1.09 -0.48
C06 9A3 S . -38.42 -0.05 0.26
C07 9A3 S . -39.08 -0.18 1.47
C08 9A3 S . -38.93 -1.50 2.27
C09 9A3 S . -39.88 0.85 1.95
C16 9A3 S . -39.29 6.36 -7.97
C17 9A3 S . -38.16 6.96 -7.40
C18 9A3 S . -38.15 7.32 -6.06
C19 9A3 S . -39.28 7.08 -5.28
C20 9A3 S . -42.72 2.68 -5.70
C21 9A3 S . -42.43 1.99 -4.59
C22 9A3 S . -43.38 2.10 -6.90
C23 9A3 S . -43.34 2.76 -8.13
C24 9A3 S . -44.00 2.23 -9.25
C25 9A3 S . -44.72 1.05 -9.12
C26 9A3 S . -44.77 0.39 -7.89
C27 9A3 S . -44.12 0.91 -6.80
F01 9A3 S . -38.06 -2.33 1.61
F02 9A3 S . -38.48 -1.33 3.55
F03 9A3 S . -40.14 -2.14 2.35
N01 9A3 S . -41.82 2.68 -3.52
N02 9A3 S . -41.00 4.60 -2.55
N03 9A3 S . -42.47 4.09 -5.80
O01 9A3 S . -41.49 1.04 -1.88
O02 9A3 S . -41.74 3.87 -0.39
O03 9A3 S . -43.02 3.53 -0.80
O04 9A3 S . -45.41 0.43 -10.15
C14 9A3 T . -35.05 24.40 -10.85
C12 9A3 T . -33.99 26.70 -10.54
C10 9A3 T . -38.41 31.93 -9.51
C11 9A3 T . -34.83 27.91 -10.31
C13 9A3 T . -34.48 25.43 -9.87
C15 9A3 T . -34.27 23.86 -11.87
C01 9A3 T . -35.28 30.13 -10.61
C02 9A3 T . -36.34 29.41 -9.68
C03 9A3 T . -37.80 29.57 -10.22
C04 9A3 T . -38.12 31.02 -10.54
C05 9A3 T . -38.12 31.46 -11.85
C06 9A3 T . -38.39 32.79 -12.15
C07 9A3 T . -38.67 33.68 -11.12
C08 9A3 T . -38.99 35.16 -11.46
C09 9A3 T . -38.70 33.25 -9.80
C16 9A3 T . -34.78 22.93 -12.74
C17 9A3 T . -36.10 22.50 -12.58
C18 9A3 T . -36.87 23.02 -11.56
C19 9A3 T . -36.35 23.96 -10.69
C20 9A3 T . -32.49 27.96 -11.85
C21 9A3 T . -33.18 29.09 -11.69
C22 9A3 T . -31.21 27.84 -12.62
C23 9A3 T . -30.83 26.59 -13.11
C24 9A3 T . -29.64 26.42 -13.82
C25 9A3 T . -28.80 27.52 -14.02
C26 9A3 T . -29.17 28.77 -13.52
C27 9A3 T . -30.36 28.93 -12.83
F01 9A3 T . -39.11 35.33 -12.81
F02 9A3 T . -40.18 35.57 -10.89
F03 9A3 T . -37.99 36.02 -11.06
N01 9A3 T . -34.36 29.08 -10.93
N02 9A3 T . -35.91 27.99 -9.64
N03 9A3 T . -32.92 26.73 -11.24
O01 9A3 T . -35.20 31.28 -10.96
O02 9A3 T . -36.35 29.92 -8.33
O03 9A3 T . -35.45 31.00 -8.32
O04 9A3 T . -27.60 27.42 -14.73
C14 9A3 U . 22.35 -54.84 -8.21
C12 9A3 U . 24.82 -55.55 -8.06
C10 9A3 U . 26.40 -62.09 -9.67
C11 9A3 U . 25.24 -56.94 -8.36
C13 9A3 U . 23.70 -54.97 -8.95
C15 9A3 U . 22.24 -54.06 -7.07
C01 9A3 U . 26.55 -58.77 -7.96
C02 9A3 U . 25.60 -58.96 -9.22
C03 9A3 U . 24.69 -60.25 -9.16
C04 9A3 U . 25.50 -61.50 -8.78
C05 9A3 U . 25.32 -62.06 -7.53
C06 9A3 U . 26.03 -63.20 -7.20
C07 9A3 U . 26.93 -63.78 -8.08
C08 9A3 U . 27.73 -65.05 -7.63
C09 9A3 U . 27.12 -63.22 -9.33
C16 9A3 U . 21.01 -53.95 -6.43
C17 9A3 U . 19.90 -54.60 -6.92
C18 9A3 U . 20.01 -55.38 -8.08
C19 9A3 U . 21.22 -55.51 -8.72
C20 9A3 U . 26.43 -55.42 -6.30
C21 9A3 U . 26.86 -56.67 -6.52
C22 9A3 U . 26.99 -54.49 -5.29
C23 9A3 U . 26.24 -53.41 -4.85
C24 9A3 U . 26.73 -52.51 -3.92
C25 9A3 U . 28.03 -52.70 -3.41
C26 9A3 U . 28.80 -53.77 -3.86
C27 9A3 U . 28.28 -54.66 -4.79
F01 9A3 U . 27.55 -65.28 -6.30
F02 9A3 U . 27.38 -66.20 -8.29
F03 9A3 U . 29.09 -64.91 -7.78
N01 9A3 U . 26.27 -57.44 -7.54
N02 9A3 U . 24.75 -57.73 -9.26
N03 9A3 U . 25.37 -54.86 -7.12
O01 9A3 U . 27.35 -59.49 -7.43
O02 9A3 U . 26.28 -59.08 -10.49
O03 9A3 U . 27.65 -59.06 -10.23
O04 9A3 U . 28.59 -51.86 -2.48
C14 9A3 V . 7.13 -45.86 -16.15
C12 9A3 V . 5.07 -45.65 -17.62
C10 9A3 V . 5.92 -41.70 -23.17
C11 9A3 V . 5.13 -44.79 -18.83
C13 9A3 V . 6.35 -46.44 -17.32
C15 9A3 V . 6.53 -45.71 -14.90
C01 9A3 V . 4.19 -43.30 -20.28
C02 9A3 V . 5.64 -43.74 -20.70
C03 9A3 V . 6.62 -42.53 -20.87
C04 9A3 V . 6.01 -41.47 -21.80
C05 9A3 V . 5.52 -40.28 -21.28
C06 9A3 V . 4.97 -39.32 -22.11
C07 9A3 V . 4.88 -39.56 -23.47
C08 9A3 V . 4.27 -38.51 -24.41
C09 9A3 V . 5.36 -40.75 -24.00
C16 9A3 V . 7.26 -45.19 -13.82
C17 9A3 V . 8.58 -44.79 -14.00
C18 9A3 V . 9.18 -44.93 -15.25
C19 9A3 V . 8.46 -45.45 -16.32
C20 9A3 V . 2.85 -44.97 -17.23
C21 9A3 V . 2.83 -44.17 -18.29
C22 9A3 V . 1.71 -45.14 -16.31
C23 9A3 V . 1.93 -45.60 -15.01
C24 9A3 V . 0.88 -45.79 -14.13
C25 9A3 V . -0.42 -45.54 -14.55
C26 9A3 V . -0.65 -45.09 -15.86
C27 9A3 V . 0.39 -44.90 -16.73
F01 9A3 V . 3.73 -37.49 -23.68
F02 9A3 V . 5.17 -37.96 -25.27
F03 9A3 V . 3.26 -39.03 -25.18
N01 9A3 V . 3.97 -44.08 -19.10
N02 9A3 V . 6.13 -44.64 -19.62
N03 9A3 V . 4.03 -45.73 -16.88
O01 9A3 V . 3.40 -42.51 -20.75
O02 9A3 V . 5.62 -44.45 -21.96
O03 9A3 V . 4.34 -45.01 -21.96
O04 9A3 V . -1.51 -45.70 -13.72
C14 9A3 W . -6.66 -7.34 -34.38
C12 9A3 W . -8.19 -9.05 -33.21
C10 9A3 W . -6.24 -11.55 -27.08
C11 9A3 W . -7.82 -9.68 -31.91
C13 9A3 W . -7.88 -7.57 -33.45
C15 9A3 W . -6.70 -7.74 -35.71
C01 9A3 W . -7.75 -11.47 -30.46
C02 9A3 W . -7.23 -10.13 -29.79
C03 9A3 W . -5.79 -10.21 -29.18
C04 9A3 W . -5.64 -11.48 -28.33
C05 9A3 W . -4.93 -12.56 -28.83
C06 9A3 W . -4.81 -13.69 -28.05
C07 9A3 W . -5.40 -13.74 -26.79
C08 9A3 W . -5.25 -15.04 -25.95
C09 9A3 W . -6.13 -12.68 -26.30
C16 9A3 W . -5.61 -7.54 -36.53
C17 9A3 W . -4.45 -6.95 -36.02
C18 9A3 W . -4.42 -6.54 -34.69
C19 9A3 W . -5.52 -6.74 -33.89
C20 9A3 W . -9.05 -11.12 -33.93
C21 9A3 W . -8.77 -11.77 -32.79
C22 9A3 W . -9.74 -11.72 -35.11
C23 9A3 W . -9.66 -11.12 -36.36
C24 9A3 W . -10.33 -11.65 -37.46
C25 9A3 W . -11.10 -12.79 -37.28
C26 9A3 W . -11.18 -13.40 -36.03
C27 9A3 W . -10.52 -12.86 -34.96
F01 9A3 W . -4.43 -15.89 -26.64
F02 9A3 W . -4.69 -14.80 -24.73
F03 9A3 W . -6.48 -15.64 -25.74
N01 9A3 W . -8.15 -11.05 -31.77
N02 9A3 W . -7.26 -9.11 -30.90
N03 9A3 W . -8.76 -9.74 -34.14
O01 9A3 W . -7.83 -12.60 -30.04
O02 9A3 W . -8.05 -9.70 -28.68
O03 9A3 W . -9.35 -10.08 -28.99
O04 9A3 W . -11.80 -13.42 -38.29
C14 9A3 X . -1.25 10.35 -40.19
C12 9A3 X . -0.14 12.64 -39.93
C10 9A3 X . -4.47 17.87 -39.12
C11 9A3 X . -0.89 13.89 -39.68
C13 9A3 X . -0.72 11.41 -39.24
C15 9A3 X . -0.44 9.81 -41.18
C01 9A3 X . -1.24 16.13 -39.93
C02 9A3 X . -2.40 15.43 -39.12
C03 9A3 X . -3.79 15.52 -39.84
C04 9A3 X . -4.14 16.97 -40.15
C05 9A3 X . -4.13 17.42 -41.46
C06 9A3 X . -4.44 18.73 -41.75
C07 9A3 X . -4.77 19.62 -40.74
C08 9A3 X . -5.09 21.08 -41.13
C09 9A3 X . -4.79 19.20 -39.41
C16 9A3 X . -0.92 8.82 -42.03
C17 9A3 X . -2.23 8.38 -41.89
C18 9A3 X . -3.04 8.91 -40.89
C19 9A3 X . -2.56 9.90 -40.03
C20 9A3 X . 1.38 13.81 -41.27
C21 9A3 X . 0.78 14.99 -41.08
C22 9A3 X . 2.65 13.62 -42.04
C23 9A3 X . 3.04 12.35 -42.47
C24 9A3 X . 4.24 12.16 -43.15
C25 9A3 X . 5.08 13.27 -43.38
C26 9A3 X . 4.70 14.54 -42.93
C27 9A3 X . 3.51 14.71 -42.26
F01 9A3 X . -5.62 21.15 -42.39
F02 9A3 X . -6.01 21.72 -40.35
F03 9A3 X . -3.92 21.79 -41.17
N01 9A3 X . -0.38 15.04 -40.30
N02 9A3 X . -1.96 14.01 -38.99
N03 9A3 X . 0.91 12.60 -40.65
O01 9A3 X . -1.03 17.29 -40.20
O02 9A3 X . -2.60 15.90 -37.77
O03 9A3 X . -1.48 16.63 -37.38
O04 9A3 X . 6.30 13.19 -44.03
C14 9A3 Y . 29.01 -31.33 28.07
C12 9A3 Y . 29.25 -31.68 25.55
C10 9A3 Y . 33.44 -27.15 22.33
C11 9A3 Y . 30.11 -30.77 24.73
C13 9A3 Y . 29.73 -32.08 26.94
C15 9A3 Y . 27.63 -31.49 28.28
C01 9A3 Y . 30.54 -29.57 22.82
C02 9A3 Y . 31.71 -29.48 23.88
C03 9A3 Y . 32.07 -28.02 24.29
C04 9A3 Y . 32.28 -27.09 23.08
C05 9A3 Y . 31.29 -26.19 22.73
C06 9A3 Y . 31.47 -25.34 21.62
C07 9A3 Y . 32.65 -25.43 20.89
C08 9A3 Y . 32.87 -24.51 19.68
C09 9A3 Y . 33.63 -26.33 21.23
C16 9A3 Y . 26.99 -30.83 29.31
C17 9A3 Y . 27.69 -29.97 30.12
C18 9A3 Y . 29.06 -29.79 29.92
C19 9A3 Y . 29.72 -30.47 28.91
C20 9A3 Y . 27.67 -31.72 23.79
C21 9A3 Y . 28.39 -30.93 23.00
C22 9A3 Y . 26.39 -32.35 23.38
C23 9A3 Y . 25.55 -32.90 24.33
C24 9A3 Y . 24.39 -33.54 23.99
C25 9A3 Y . 24.07 -33.63 22.63
C26 9A3 Y . 24.91 -33.11 21.65
C27 9A3 Y . 26.07 -32.48 22.02
F01 9A3 Y . 31.92 -23.51 19.64
F02 9A3 Y . 34.08 -23.88 19.77
F03 9A3 Y . 32.82 -25.19 18.49
N01 9A3 Y . 29.61 -30.44 23.46
N02 9A3 Y . 31.25 -30.26 25.06
N03 9A3 Y . 28.12 -32.12 25.09
O01 9A3 Y . 30.35 -29.06 21.73
O02 9A3 Y . 32.95 -30.05 23.45
O03 9A3 Y . 32.64 -30.80 22.31
O04 9A3 Y . 22.92 -34.25 22.19
C14 9A3 Z . 27.06 1.20 -2.77
C12 9A3 Z . 26.00 -1.06 -3.08
C10 9A3 Z . 22.66 -3.35 2.38
C11 9A3 Z . 25.27 -1.68 -1.95
C13 9A3 Z . 25.80 0.46 -3.23
C15 9A3 Z . 28.30 0.92 -3.33
C01 9A3 Z . 24.66 -3.48 -0.68
C02 9A3 Z . 24.00 -2.14 -0.18
C03 9A3 Z . 24.33 -1.76 1.30
C04 9A3 Z . 23.98 -2.93 2.22
C05 9A3 Z . 24.98 -3.60 2.90
C06 9A3 Z . 24.68 -4.66 3.71
C07 9A3 Z . 23.38 -5.07 3.87
C08 9A3 Z . 23.06 -6.28 4.79
C09 9A3 Z . 22.36 -4.42 3.20
C16 9A3 Z . 29.44 1.60 -2.92
C17 9A3 Z . 29.35 2.55 -1.91
C18 9A3 Z . 28.11 2.82 -1.36
C19 9A3 Z . 26.97 2.17 -1.77
C20 9A3 Z . 26.90 -3.17 -3.65
C21 9A3 Z . 26.26 -3.80 -2.67
C22 9A3 Z . 27.76 -3.88 -4.62
C23 9A3 Z . 28.71 -3.17 -5.36
C24 9A3 Z . 29.51 -3.83 -6.28
C25 9A3 Z . 29.36 -5.19 -6.50
C26 9A3 Z . 28.41 -5.92 -5.78
C27 9A3 Z . 27.62 -5.26 -4.86
F01 9A3 Z . 24.14 -6.60 5.59
F02 9A3 Z . 21.97 -6.08 5.60
F03 9A3 Z . 22.81 -7.39 4.01
N01 9A3 Z . 25.45 -3.07 -1.80
N02 9A3 Z . 24.50 -1.08 -1.12
N03 9A3 Z . 26.74 -1.74 -3.87
O01 9A3 Z . 24.57 -4.64 -0.27
O02 9A3 Z . 22.55 -2.18 -0.31
O03 9A3 Z . 22.20 -3.49 -0.59
O04 9A3 Z . 30.13 -5.91 -7.42
C14 9A3 AA . 29.59 20.13 -5.95
C12 9A3 AA . 29.20 22.68 -5.51
C10 9A3 AA . 24.89 26.05 -9.81
C11 9A3 AA . 28.31 23.52 -6.39
C13 9A3 AA . 28.79 21.22 -5.21
C15 9A3 AA . 30.95 19.92 -5.71
C01 9A3 AA . 27.77 25.49 -7.47
C02 9A3 AA . 26.66 24.37 -7.67
C03 9A3 AA . 26.33 24.03 -9.17
C04 9A3 AA . 26.06 25.32 -9.98
C05 9A3 AA . 27.02 25.80 -10.86
C06 9A3 AA . 26.81 26.97 -11.57
C07 9A3 AA . 25.62 27.67 -11.40
C08 9A3 AA . 25.41 28.99 -12.21
C09 9A3 AA . 24.66 27.22 -10.52
C16 9A3 AA . 31.66 18.92 -6.37
C17 9A3 AA . 31.01 18.09 -7.29
C18 9A3 AA . 29.65 18.29 -7.52
C19 9A3 AA . 28.94 19.29 -6.85
C20 9A3 AA . 30.66 24.50 -5.28
C21 9A3 AA . 29.93 25.34 -6.06
C22 9A3 AA . 31.94 24.87 -4.60
C23 9A3 AA . 32.76 23.85 -4.13
C24 9A3 AA . 33.93 24.11 -3.46
C25 9A3 AA . 34.29 25.46 -3.24
C26 9A3 AA . 33.47 26.48 -3.70
C27 9A3 AA . 32.29 26.19 -4.36
F01 9A3 AA . 26.41 29.12 -13.14
F02 9A3 AA . 24.22 29.04 -12.87
F03 9A3 AA . 25.47 30.08 -11.36
N01 9A3 AA . 28.74 24.85 -6.61
N02 9A3 AA . 27.20 23.16 -6.95
N03 9A3 AA . 30.28 23.14 -5.01
O01 9A3 AA . 27.83 26.62 -7.87
O02 9A3 AA . 25.39 24.80 -7.13
O03 9A3 AA . 25.64 25.78 -6.18
O04 9A3 AA . 35.45 25.83 -2.59
C14 9A3 BA . 30.41 52.77 -36.79
C12 9A3 BA . 31.62 52.82 -34.51
C10 9A3 BA . 34.97 47.09 -32.79
C11 9A3 BA . 32.38 51.62 -34.04
C13 9A3 BA . 31.68 53.11 -36.02
C15 9A3 BA . 29.21 53.43 -36.56
C01 9A3 BA . 33.11 50.19 -32.39
C02 9A3 BA . 33.68 49.85 -33.82
C03 9A3 BA . 33.33 48.37 -34.23
C04 9A3 BA . 33.65 47.35 -33.13
C05 9A3 BA . 32.64 46.69 -32.44
C06 9A3 BA . 32.94 45.76 -31.43
C07 9A3 BA . 34.26 45.52 -31.11
C08 9A3 BA . 34.68 44.51 -30.02
C09 9A3 BA . 35.26 46.19 -31.80
C16 9A3 BA . 28.06 53.13 -37.27
C17 9A3 BA . 28.10 52.16 -38.27
C18 9A3 BA . 29.30 51.48 -38.52
C19 9A3 BA . 30.44 51.79 -37.80
C20 9A3 BA . 30.91 53.24 -32.28
C21 9A3 BA . 31.57 52.18 -31.78
C22 9A3 BA . 30.10 54.22 -31.50
C23 9A3 BA . 29.14 54.99 -32.16
C24 9A3 BA . 28.37 55.93 -31.50
C25 9A3 BA . 28.61 56.17 -30.15
C26 9A3 BA . 29.58 55.43 -29.47
C27 9A3 BA . 30.32 54.48 -30.15
F01 9A3 BA . 33.67 43.71 -29.56
F02 9A3 BA . 35.59 43.63 -30.54
F03 9A3 BA . 35.23 45.12 -28.93
N01 9A3 BA . 32.30 51.35 -32.66
N02 9A3 BA . 33.06 50.82 -34.78
N03 9A3 BA . 30.96 53.56 -33.69
O01 9A3 BA . 33.31 49.66 -31.30
O02 9A3 BA . 35.11 50.08 -33.90
O03 9A3 BA . 35.54 50.30 -32.59
O04 9A3 BA . 27.88 57.11 -29.43
C14 9A3 CA . -5.77 -17.28 57.18
C12 9A3 CA . -5.62 -17.57 54.65
C10 9A3 CA . -1.41 -13.23 51.26
C11 9A3 CA . -4.78 -16.68 53.80
C13 9A3 CA . -5.05 -17.96 56.01
C15 9A3 CA . -7.13 -17.52 57.42
C01 9A3 CA . -4.42 -15.50 51.88
C02 9A3 CA . -3.18 -15.44 52.86
C03 9A3 CA . -2.72 -14.01 53.28
C04 9A3 CA . -2.53 -13.10 52.09
C05 9A3 CA . -3.49 -12.15 51.78
C06 9A3 CA . -3.32 -11.33 50.67
C07 9A3 CA . -2.21 -11.46 49.87
C08 9A3 CA . -2.05 -10.54 48.63
C09 9A3 CA . -1.24 -12.41 50.16
C16 9A3 CA . -7.77 -16.89 58.48
C17 9A3 CA . -7.06 -16.05 59.32
C18 9A3 CA . -5.70 -15.83 59.10
C19 9A3 CA . -5.08 -16.44 58.03
C20 9A3 CA . -7.29 -17.64 52.98
C21 9A3 CA . -6.61 -16.85 52.17
C22 9A3 CA . -8.63 -18.25 52.69
C23 9A3 CA . -9.39 -18.78 53.74
C24 9A3 CA . -10.60 -19.41 53.50
C25 9A3 CA . -11.07 -19.49 52.18
C26 9A3 CA . -10.31 -18.96 51.11
C27 9A3 CA . -9.10 -18.35 51.38
F01 9A3 CA . -3.07 -9.63 48.57
F02 9A3 CA . -0.91 -9.81 48.65
F03 9A3 CA . -2.09 -11.26 47.47
N01 9A3 CA . -5.35 -16.35 52.56
N02 9A3 CA . -3.63 -16.19 54.08
N03 9A3 CA . -6.77 -18.01 54.27
O01 9A3 CA . -4.61 -15.01 50.79
O02 9A3 CA . -2.02 -16.08 52.28
O03 9A3 CA . -2.43 -17.37 51.91
O04 9A3 CA . -12.27 -20.07 51.83
C14 9A3 DA . -7.66 15.37 26.42
C12 9A3 DA . -8.92 13.15 26.26
C10 9A3 DA . -12.24 11.02 31.97
C11 9A3 DA . -9.64 12.62 27.44
C13 9A3 DA . -8.98 14.68 26.12
C15 9A3 DA . -6.50 15.06 25.71
C01 9A3 DA . -10.36 10.89 28.77
C02 9A3 DA . -10.93 12.29 29.23
C03 9A3 DA . -10.63 12.58 30.75
C04 9A3 DA . -10.93 11.40 31.67
C05 9A3 DA . -9.88 10.68 32.23
C06 9A3 DA . -10.13 9.60 33.06
C07 9A3 DA . -11.43 9.24 33.37
C08 9A3 DA . -11.70 8.01 34.33
C09 9A3 DA . -12.49 9.96 32.83
C16 9A3 DA . -5.31 15.72 25.99
C17 9A3 DA . -5.28 16.67 27.00
C18 9A3 DA . -6.42 16.99 27.72
C19 9A3 DA . -7.61 16.33 27.44
C20 9A3 DA . -8.31 10.96 25.63
C21 9A3 DA . -8.93 10.39 26.67
C22 9A3 DA . -7.60 10.18 24.59
C23 9A3 DA . -6.64 10.83 23.82
C24 9A3 DA . -5.95 10.16 22.82
C25 9A3 DA . -6.24 8.82 22.57
C26 9A3 DA . -7.21 8.16 23.33
C27 9A3 DA . -7.89 8.84 24.33
F01 9A3 DA . -10.53 7.35 34.58
F02 9A3 DA . -12.20 8.38 35.54
F03 9A3 DA . -12.56 7.09 33.79
N01 9A3 DA . -9.60 11.22 27.60
N02 9A3 DA . -10.26 13.29 28.34
N03 9A3 DA . -8.32 12.40 25.40
O01 9A3 DA . -10.49 9.77 29.21
O02 9A3 DA . -12.35 12.47 29.05
O03 9A3 DA . -12.81 11.37 28.31
O04 9A3 DA . -5.59 8.09 21.57
C14 9A3 EA . -4.22 33.86 22.82
C12 9A3 EA . -4.36 36.36 23.34
C10 9A3 EA . -8.61 40.13 19.31
C11 9A3 EA . -5.24 37.28 22.55
C13 9A3 EA . -4.89 34.97 23.66
C15 9A3 EA . -2.88 33.56 22.99
C01 9A3 EA . -5.65 39.31 21.54
C02 9A3 EA . -6.86 38.33 21.38
C03 9A3 EA . -7.23 38.05 19.88
C04 9A3 EA . -7.47 39.35 19.10
C05 9A3 EA . -6.53 39.78 18.18
C06 9A3 EA . -6.71 40.96 17.48
C07 9A3 EA . -7.86 41.71 17.69
C08 9A3 EA . -8.03 43.01 16.88
C09 9A3 EA . -8.81 41.31 18.60
C16 9A3 EA . -2.28 32.55 22.24
C17 9A3 EA . -3.04 31.84 21.32
C18 9A3 EA . -4.39 32.14 21.14
C19 9A3 EA . -4.98 33.15 21.89
C20 9A3 EA . -2.69 38.02 23.44
C21 9A3 EA . -3.42 38.90 22.76
C22 9A3 EA . -1.33 38.33 23.97
C23 9A3 EA . -0.46 37.32 24.38
C24 9A3 EA . 0.78 37.64 24.90
C25 9A3 EA . 1.17 38.98 25.03
C26 9A3 EA . 0.30 39.99 24.63
C27 9A3 EA . -0.93 39.66 24.11
F01 9A3 EA . -7.35 42.89 15.69
F02 9A3 EA . -9.34 43.24 16.53
F03 9A3 EA . -7.54 44.09 17.58
N01 9A3 EA . -4.69 38.55 22.29
N02 9A3 EA . -6.43 37.06 22.08
N03 9A3 EA . -3.18 36.71 23.75
O01 9A3 EA . -5.48 40.45 21.17
O02 9A3 EA . -8.07 38.87 21.97
O03 9A3 EA . -7.70 39.50 23.16
O04 9A3 EA . 2.40 39.38 25.53
C14 9A3 FA . -3.62 66.74 -7.73
C12 9A3 FA . -2.32 66.75 -5.51
C10 9A3 FA . 0.93 60.94 -4.08
C11 9A3 FA . -1.55 65.55 -5.11
C13 9A3 FA . -2.31 67.03 -7.01
C15 9A3 FA . -4.80 67.44 -7.43
C01 9A3 FA . -0.76 64.13 -3.52
C02 9A3 FA . -0.29 63.75 -4.98
C03 9A3 FA . -0.76 62.31 -5.38
C04 9A3 FA . -0.40 61.28 -4.30
C05 9A3 FA . -1.37 60.66 -3.53
C06 9A3 FA . -1.04 59.74 -2.55
C07 9A3 FA . 0.29 59.41 -2.33
C08 9A3 FA . 0.73 58.36 -1.26
C09 9A3 FA . 1.27 60.02 -3.10
C16 9A3 FA . -5.97 67.17 -8.13
C17 9A3 FA . -5.99 66.20 -9.14
C18 9A3 FA . -4.82 65.52 -9.44
C19 9A3 FA . -3.64 65.79 -8.74
C20 9A3 FA . -2.90 67.15 -3.25
C21 9A3 FA . -2.23 66.10 -2.79
C22 9A3 FA . -3.64 68.15 -2.42
C23 9A3 FA . -4.57 68.97 -3.04
C24 9A3 FA . -5.24 69.95 -2.33
C25 9A3 FA . -4.96 70.13 -0.97
C26 9A3 FA . -4.01 69.31 -0.34
C27 9A3 FA . -3.34 68.34 -1.07
F01 9A3 FA . -0.27 57.51 -0.86
F02 9A3 FA . 1.69 57.52 -1.74
F03 9A3 FA . 1.24 58.97 -0.14
N01 9A3 FA . -1.56 65.29 -3.72
N02 9A3 FA . -0.92 64.76 -5.88
N03 9A3 FA . -2.95 67.48 -4.66
O01 9A3 FA . -0.53 63.64 -2.42
O02 9A3 FA . 1.16 63.83 -5.18
O03 9A3 FA . 1.76 64.17 -3.96
O04 9A3 FA . -5.61 71.11 -0.21
#